data_2L30
#
_entry.id   2L30
#
loop_
_entity.id
_entity.type
_entity.pdbx_description
1 polymer 'Poly [ADP-ribose] polymerase 1'
2 non-polymer 'ZINC ION'
#
_entity_poly.entity_id   1
_entity_poly.type   'polypeptide(L)'
_entity_poly.pdbx_seq_one_letter_code
;MAESSDKLYRVEYAKSGRASCKKCSESIPKDSLRMAIMVQSPMFDGKVPHWYHFSCFWKVGHSIRHPDVEVDGFSELRWD
DQQKVKKTAEAGGVTGKGQDGIGSKAEK
;
_entity_poly.pdbx_strand_id   A
#
# COMPACT_ATOMS: atom_id res chain seq x y z
N MET A 1 13.75 -6.18 -11.16
CA MET A 1 13.69 -7.19 -12.24
C MET A 1 12.98 -6.61 -13.47
N ALA A 2 12.90 -7.38 -14.57
CA ALA A 2 12.13 -6.98 -15.75
C ALA A 2 10.64 -6.81 -15.43
N GLU A 3 10.07 -5.66 -15.80
CA GLU A 3 8.65 -5.29 -15.61
C GLU A 3 8.11 -5.38 -14.17
N SER A 4 9.00 -5.18 -13.18
CA SER A 4 8.67 -5.14 -11.74
C SER A 4 7.57 -4.14 -11.36
N SER A 5 7.37 -3.07 -12.14
CA SER A 5 6.36 -2.01 -11.90
C SER A 5 5.24 -1.98 -12.94
N ASP A 6 5.05 -3.07 -13.69
CA ASP A 6 3.94 -3.23 -14.65
C ASP A 6 2.65 -3.75 -13.97
N LYS A 7 2.37 -3.25 -12.77
CA LYS A 7 1.18 -3.49 -11.93
C LYS A 7 0.43 -2.17 -11.75
N LEU A 8 -0.65 -2.22 -10.98
CA LEU A 8 -1.37 -1.06 -10.48
C LEU A 8 -1.17 -0.87 -8.99
N TYR A 9 -0.87 -1.93 -8.24
CA TYR A 9 -1.02 -1.94 -6.79
C TYR A 9 0.19 -2.62 -6.14
N ARG A 10 0.49 -2.23 -4.90
CA ARG A 10 1.57 -2.77 -4.07
C ARG A 10 1.08 -2.93 -2.63
N VAL A 11 1.52 -3.96 -1.92
CA VAL A 11 1.30 -4.18 -0.48
C VAL A 11 2.58 -4.76 0.16
N GLU A 12 2.90 -4.33 1.38
CA GLU A 12 4.07 -4.81 2.13
C GLU A 12 4.01 -4.37 3.60
N TYR A 13 4.84 -4.99 4.41
CA TYR A 13 5.14 -4.50 5.76
C TYR A 13 6.14 -3.34 5.72
N ALA A 14 5.96 -2.35 6.59
CA ALA A 14 6.81 -1.16 6.69
C ALA A 14 8.05 -1.42 7.56
N LYS A 15 9.25 -1.38 6.95
CA LYS A 15 10.55 -1.59 7.63
C LYS A 15 10.96 -0.38 8.50
N SER A 16 10.58 0.83 8.07
CA SER A 16 10.83 2.10 8.75
C SER A 16 9.87 3.20 8.25
N GLY A 17 9.77 4.30 8.99
CA GLY A 17 8.82 5.40 8.75
C GLY A 17 9.15 6.35 7.59
N ARG A 18 9.84 5.87 6.55
CA ARG A 18 10.33 6.67 5.42
C ARG A 18 9.26 6.97 4.35
N ALA A 19 8.16 6.22 4.34
CA ALA A 19 7.02 6.45 3.47
C ALA A 19 5.93 7.32 4.15
N SER A 20 5.23 8.12 3.34
CA SER A 20 4.19 9.05 3.79
C SER A 20 2.90 8.86 3.01
N CYS A 21 1.75 9.03 3.67
CA CYS A 21 0.44 8.72 3.13
C CYS A 21 -0.01 9.76 2.09
N LYS A 22 -0.09 9.34 0.82
CA LYS A 22 -0.56 10.16 -0.30
C LYS A 22 -2.07 10.41 -0.28
N LYS A 23 -2.81 9.73 0.61
CA LYS A 23 -4.27 9.82 0.71
C LYS A 23 -4.75 10.67 1.90
N CYS A 24 -4.28 10.42 3.14
CA CYS A 24 -4.67 11.20 4.33
C CYS A 24 -3.60 12.22 4.81
N SER A 25 -2.49 12.35 4.07
CA SER A 25 -1.43 13.37 4.23
C SER A 25 -0.67 13.32 5.57
N GLU A 26 -0.73 12.18 6.28
CA GLU A 26 0.12 11.87 7.44
C GLU A 26 1.31 10.98 7.01
N SER A 27 1.99 10.32 7.96
CA SER A 27 3.10 9.39 7.68
C SER A 27 2.83 7.99 8.24
N ILE A 28 3.48 6.98 7.64
CA ILE A 28 3.13 5.57 7.81
C ILE A 28 4.00 4.93 8.93
N PRO A 29 3.40 4.28 9.95
CA PRO A 29 4.14 3.61 11.02
C PRO A 29 4.95 2.41 10.53
N LYS A 30 6.06 2.12 11.22
CA LYS A 30 6.89 0.92 11.00
C LYS A 30 6.41 -0.28 11.83
N ASP A 31 6.80 -1.49 11.40
CA ASP A 31 6.24 -2.77 11.87
C ASP A 31 4.69 -2.82 11.75
N SER A 32 4.17 -2.29 10.63
CA SER A 32 2.76 -2.22 10.27
C SER A 32 2.57 -2.55 8.77
N LEU A 33 1.33 -2.63 8.30
CA LEU A 33 0.98 -2.97 6.92
C LEU A 33 0.65 -1.72 6.11
N ARG A 34 1.15 -1.63 4.87
CA ARG A 34 0.96 -0.50 3.95
C ARG A 34 0.71 -0.96 2.52
N MET A 35 0.08 -0.10 1.75
CA MET A 35 -0.23 -0.28 0.33
C MET A 35 0.26 0.93 -0.47
N ALA A 36 0.37 0.74 -1.78
CA ALA A 36 0.76 1.78 -2.73
C ALA A 36 0.10 1.58 -4.10
N ILE A 37 0.11 2.63 -4.93
CA ILE A 37 -0.40 2.59 -6.30
C ILE A 37 0.70 2.90 -7.30
N MET A 38 0.68 2.23 -8.44
CA MET A 38 1.67 2.38 -9.51
C MET A 38 1.20 3.43 -10.51
N VAL A 39 1.83 4.60 -10.50
CA VAL A 39 1.55 5.71 -11.46
C VAL A 39 2.78 6.07 -12.28
N GLN A 40 2.57 6.44 -13.55
CA GLN A 40 3.62 6.95 -14.43
C GLN A 40 4.10 8.34 -13.97
N SER A 41 5.40 8.49 -13.73
CA SER A 41 5.96 9.67 -13.08
C SER A 41 6.25 10.84 -14.03
N PRO A 42 5.92 12.08 -13.63
CA PRO A 42 6.41 13.28 -14.30
C PRO A 42 7.92 13.55 -14.10
N MET A 43 8.54 12.92 -13.10
CA MET A 43 9.93 13.18 -12.66
C MET A 43 10.90 12.00 -12.89
N PHE A 44 10.37 10.77 -13.02
CA PHE A 44 11.12 9.52 -13.21
C PHE A 44 10.72 8.82 -14.52
N ASP A 45 11.63 8.01 -15.07
CA ASP A 45 11.50 7.36 -16.39
C ASP A 45 10.78 6.00 -16.29
N GLY A 46 9.59 5.98 -15.67
CA GLY A 46 8.81 4.78 -15.41
C GLY A 46 7.69 4.99 -14.41
N LYS A 47 7.26 3.89 -13.79
CA LYS A 47 6.16 3.81 -12.83
C LYS A 47 6.69 3.88 -11.39
N VAL A 48 6.01 4.64 -10.53
CA VAL A 48 6.43 4.91 -9.14
C VAL A 48 5.29 4.62 -8.13
N PRO A 49 5.60 4.17 -6.90
CA PRO A 49 4.59 3.85 -5.89
C PRO A 49 4.08 5.09 -5.12
N HIS A 50 2.75 5.23 -4.99
CA HIS A 50 2.12 6.23 -4.10
C HIS A 50 1.70 5.57 -2.80
N TRP A 51 2.51 5.69 -1.75
CA TRP A 51 2.33 4.97 -0.49
C TRP A 51 1.17 5.54 0.34
N TYR A 52 0.49 4.67 1.08
CA TYR A 52 -0.52 5.01 2.08
C TYR A 52 -0.79 3.83 3.02
N HIS A 53 -1.47 4.10 4.14
CA HIS A 53 -1.90 3.08 5.12
C HIS A 53 -2.73 1.96 4.44
N PHE A 54 -2.78 0.75 5.02
CA PHE A 54 -3.57 -0.36 4.45
C PHE A 54 -5.06 0.01 4.24
N SER A 55 -5.68 0.72 5.18
CA SER A 55 -7.08 1.16 5.08
C SER A 55 -7.27 2.28 4.06
N CYS A 56 -6.24 3.11 3.84
CA CYS A 56 -6.25 4.24 2.92
C CYS A 56 -6.32 3.82 1.44
N PHE A 57 -5.83 2.64 1.03
CA PHE A 57 -6.07 2.09 -0.31
C PHE A 57 -7.57 2.09 -0.64
N TRP A 58 -8.37 1.58 0.30
CA TRP A 58 -9.82 1.44 0.17
C TRP A 58 -10.56 2.78 0.31
N LYS A 59 -9.87 3.84 0.78
CA LYS A 59 -10.34 5.25 0.73
C LYS A 59 -10.03 5.91 -0.62
N VAL A 60 -8.96 5.51 -1.31
CA VAL A 60 -8.74 5.82 -2.74
C VAL A 60 -9.80 5.11 -3.60
N GLY A 61 -10.28 3.93 -3.14
CA GLY A 61 -11.54 3.32 -3.58
C GLY A 61 -11.46 2.47 -4.84
N HIS A 62 -10.26 2.08 -5.26
CA HIS A 62 -10.05 1.14 -6.38
C HIS A 62 -10.51 -0.27 -6.01
N SER A 63 -11.08 -1.00 -6.97
CA SER A 63 -11.34 -2.44 -6.87
C SER A 63 -10.09 -3.26 -7.21
N ILE A 64 -10.04 -4.49 -6.71
CA ILE A 64 -9.00 -5.47 -7.01
C ILE A 64 -9.71 -6.80 -7.29
N ARG A 65 -9.40 -7.42 -8.44
CA ARG A 65 -10.17 -8.54 -9.04
C ARG A 65 -9.32 -9.79 -9.28
N HIS A 66 -7.99 -9.65 -9.29
CA HIS A 66 -7.02 -10.75 -9.22
C HIS A 66 -5.84 -10.34 -8.33
N PRO A 67 -6.06 -10.23 -7.00
CA PRO A 67 -5.17 -9.51 -6.08
C PRO A 67 -3.75 -10.07 -5.99
N ASP A 68 -3.55 -11.38 -6.07
CA ASP A 68 -2.22 -11.99 -6.06
C ASP A 68 -1.43 -11.76 -7.37
N VAL A 69 -2.09 -11.21 -8.40
CA VAL A 69 -1.49 -10.73 -9.65
C VAL A 69 -1.29 -9.21 -9.64
N GLU A 70 -2.32 -8.46 -9.21
CA GLU A 70 -2.35 -6.99 -9.31
C GLU A 70 -1.64 -6.27 -8.15
N VAL A 71 -1.67 -6.85 -6.95
CA VAL A 71 -0.98 -6.38 -5.76
C VAL A 71 0.40 -7.02 -5.70
N ASP A 72 1.36 -6.24 -6.18
CA ASP A 72 2.78 -6.52 -6.03
C ASP A 72 3.21 -6.53 -4.56
N GLY A 73 4.13 -7.40 -4.18
CA GLY A 73 4.65 -7.54 -2.81
C GLY A 73 3.77 -8.39 -1.87
N PHE A 74 2.55 -8.74 -2.29
CA PHE A 74 1.65 -9.68 -1.61
C PHE A 74 2.32 -11.04 -1.28
N SER A 75 3.26 -11.47 -2.13
CA SER A 75 4.06 -12.69 -1.92
C SER A 75 4.95 -12.66 -0.67
N GLU A 76 5.24 -11.47 -0.11
CA GLU A 76 6.03 -11.29 1.11
C GLU A 76 5.19 -11.32 2.40
N LEU A 77 3.87 -11.11 2.29
CA LEU A 77 2.93 -11.16 3.42
C LEU A 77 2.78 -12.58 3.96
N ARG A 78 2.53 -12.70 5.26
CA ARG A 78 2.14 -13.96 5.91
C ARG A 78 0.67 -14.27 5.70
N TRP A 79 0.31 -15.54 5.94
CA TRP A 79 -0.96 -16.10 5.48
C TRP A 79 -2.17 -15.31 6.01
N ASP A 80 -2.14 -14.87 7.27
CA ASP A 80 -3.23 -14.10 7.90
C ASP A 80 -3.46 -12.73 7.25
N ASP A 81 -2.42 -12.11 6.69
CA ASP A 81 -2.49 -10.82 6.00
C ASP A 81 -2.86 -11.02 4.53
N GLN A 82 -2.35 -12.07 3.87
CA GLN A 82 -2.79 -12.46 2.54
C GLN A 82 -4.30 -12.75 2.51
N GLN A 83 -4.79 -13.53 3.47
CA GLN A 83 -6.22 -13.83 3.62
C GLN A 83 -7.07 -12.58 3.89
N LYS A 84 -6.55 -11.59 4.62
CA LYS A 84 -7.24 -10.36 5.00
C LYS A 84 -7.22 -9.37 3.84
N VAL A 85 -6.13 -9.26 3.08
CA VAL A 85 -6.05 -8.42 1.87
C VAL A 85 -6.97 -8.97 0.78
N LYS A 86 -6.97 -10.30 0.53
CA LYS A 86 -7.89 -10.92 -0.44
C LYS A 86 -9.34 -10.83 0.02
N LYS A 87 -9.64 -11.06 1.31
CA LYS A 87 -10.98 -10.88 1.88
C LYS A 87 -11.45 -9.43 1.78
N THR A 88 -10.56 -8.46 2.03
CA THR A 88 -10.88 -7.02 1.90
C THR A 88 -11.19 -6.62 0.45
N ALA A 89 -10.49 -7.21 -0.53
CA ALA A 89 -10.75 -6.99 -1.94
C ALA A 89 -12.10 -7.61 -2.37
N GLU A 90 -12.45 -8.78 -1.82
CA GLU A 90 -13.77 -9.40 -2.03
C GLU A 90 -14.91 -8.63 -1.32
N ALA A 91 -14.61 -8.05 -0.16
CA ALA A 91 -15.52 -7.26 0.67
C ALA A 91 -15.75 -5.82 0.15
N GLY A 92 -15.00 -5.38 -0.87
CA GLY A 92 -15.09 -4.04 -1.45
C GLY A 92 -14.44 -2.94 -0.59
N GLY A 93 -13.48 -3.28 0.27
CA GLY A 93 -12.68 -2.35 1.05
C GLY A 93 -13.04 -2.26 2.54
N VAL A 94 -12.03 -1.89 3.34
CA VAL A 94 -12.15 -1.51 4.76
C VAL A 94 -11.45 -0.17 5.02
N THR A 95 -12.15 0.75 5.69
CA THR A 95 -11.92 2.21 5.54
C THR A 95 -11.71 2.97 6.84
N GLY A 96 -11.38 2.27 7.93
CA GLY A 96 -11.25 2.90 9.23
C GLY A 96 -9.97 3.75 9.42
N LYS A 97 -9.85 4.36 10.61
CA LYS A 97 -8.77 5.31 10.96
C LYS A 97 -7.37 4.69 11.03
N GLY A 98 -7.28 3.37 11.21
CA GLY A 98 -6.02 2.61 11.24
C GLY A 98 -5.20 2.83 12.52
N GLN A 99 -3.87 2.84 12.38
CA GLN A 99 -2.91 2.92 13.48
C GLN A 99 -2.85 4.30 14.16
N ASP A 100 -2.38 4.33 15.41
CA ASP A 100 -2.05 5.56 16.16
C ASP A 100 -0.59 6.02 15.96
N GLY A 101 0.28 5.14 15.43
CA GLY A 101 1.67 5.41 15.07
C GLY A 101 1.81 6.16 13.74
N ILE A 102 3.04 6.61 13.45
CA ILE A 102 3.33 7.57 12.37
C ILE A 102 4.71 7.44 11.72
N GLY A 103 5.61 6.65 12.30
CA GLY A 103 6.90 6.29 11.70
C GLY A 103 8.09 6.20 12.67
N SER A 104 7.86 6.40 13.98
CA SER A 104 8.90 6.53 15.01
C SER A 104 9.42 5.18 15.53
N LYS A 105 10.64 5.18 16.09
CA LYS A 105 11.21 4.01 16.79
C LYS A 105 10.40 3.67 18.05
N ALA A 106 10.17 2.37 18.27
CA ALA A 106 9.42 1.82 19.41
C ALA A 106 8.02 2.45 19.64
N GLU A 107 7.30 2.75 18.55
CA GLU A 107 5.99 3.42 18.59
C GLU A 107 4.79 2.51 18.89
N LYS A 108 5.02 1.20 19.04
CA LYS A 108 4.02 0.15 19.34
C LYS A 108 4.10 -0.32 20.80
N MET A 1 1.89 6.17 -22.70
CA MET A 1 3.17 6.83 -22.30
C MET A 1 3.51 6.50 -20.83
N ALA A 2 4.80 6.54 -20.48
CA ALA A 2 5.33 6.31 -19.13
C ALA A 2 4.83 5.00 -18.46
N GLU A 3 4.85 3.89 -19.21
CA GLU A 3 4.50 2.54 -18.72
C GLU A 3 5.74 1.64 -18.63
N SER A 4 5.78 0.80 -17.59
CA SER A 4 6.90 -0.10 -17.24
C SER A 4 6.50 -1.36 -16.47
N SER A 5 5.26 -1.46 -15.98
CA SER A 5 4.90 -2.32 -14.84
C SER A 5 3.55 -3.01 -15.01
N ASP A 6 3.53 -4.35 -14.94
CA ASP A 6 2.35 -5.20 -15.19
C ASP A 6 1.39 -5.32 -13.97
N LYS A 7 1.54 -4.44 -12.97
CA LYS A 7 0.76 -4.35 -11.74
C LYS A 7 0.47 -2.87 -11.45
N LEU A 8 -0.62 -2.63 -10.72
CA LEU A 8 -1.12 -1.29 -10.39
C LEU A 8 -0.97 -0.98 -8.90
N TYR A 9 -0.67 -2.00 -8.11
CA TYR A 9 -0.78 -1.98 -6.65
C TYR A 9 0.45 -2.65 -6.01
N ARG A 10 0.71 -2.31 -4.76
CA ARG A 10 1.84 -2.80 -3.94
C ARG A 10 1.36 -3.02 -2.51
N VAL A 11 1.92 -3.98 -1.78
CA VAL A 11 1.70 -4.22 -0.34
C VAL A 11 2.96 -4.72 0.36
N GLU A 12 3.15 -4.35 1.63
CA GLU A 12 4.28 -4.79 2.46
C GLU A 12 4.04 -4.45 3.93
N TYR A 13 4.78 -5.14 4.79
CA TYR A 13 5.08 -4.66 6.13
C TYR A 13 6.10 -3.52 6.12
N ALA A 14 5.88 -2.50 6.93
CA ALA A 14 6.77 -1.35 7.06
C ALA A 14 7.98 -1.66 7.96
N LYS A 15 9.17 -1.80 7.37
CA LYS A 15 10.44 -2.04 8.10
C LYS A 15 11.03 -0.76 8.71
N SER A 16 10.71 0.40 8.13
CA SER A 16 11.12 1.74 8.57
C SER A 16 10.07 2.75 8.07
N GLY A 17 9.70 3.73 8.90
CA GLY A 17 8.58 4.64 8.66
C GLY A 17 8.93 5.85 7.77
N ARG A 18 9.56 5.60 6.61
CA ARG A 18 10.04 6.63 5.67
C ARG A 18 8.98 7.14 4.70
N ALA A 19 7.93 6.36 4.45
CA ALA A 19 6.88 6.63 3.47
C ALA A 19 5.81 7.61 4.00
N SER A 20 5.20 8.36 3.10
CA SER A 20 4.18 9.39 3.41
C SER A 20 2.86 9.06 2.73
N CYS A 21 1.75 9.13 3.47
CA CYS A 21 0.43 8.72 3.02
C CYS A 21 -0.17 9.71 2.00
N LYS A 22 -0.93 9.16 1.05
CA LYS A 22 -1.43 9.87 -0.15
C LYS A 22 -2.95 10.13 -0.13
N LYS A 23 -3.62 9.76 0.97
CA LYS A 23 -5.06 9.97 1.22
C LYS A 23 -5.33 10.80 2.48
N CYS A 24 -4.73 10.43 3.62
CA CYS A 24 -4.87 11.19 4.88
C CYS A 24 -3.76 12.25 5.10
N SER A 25 -2.72 12.26 4.27
CA SER A 25 -1.59 13.21 4.27
C SER A 25 -0.75 13.21 5.56
N GLU A 26 -0.76 12.11 6.31
CA GLU A 26 0.17 11.83 7.43
C GLU A 26 1.34 10.96 6.94
N SER A 27 2.08 10.31 7.85
CA SER A 27 3.25 9.48 7.53
C SER A 27 3.12 8.06 8.09
N ILE A 28 3.63 7.08 7.35
CA ILE A 28 3.34 5.65 7.54
C ILE A 28 4.41 5.04 8.45
N PRO A 29 4.09 4.60 9.69
CA PRO A 29 5.07 4.14 10.67
C PRO A 29 5.59 2.73 10.38
N LYS A 30 6.77 2.39 10.91
CA LYS A 30 7.25 0.99 10.95
C LYS A 30 6.38 0.09 11.83
N ASP A 31 6.49 -1.22 11.63
CA ASP A 31 5.64 -2.25 12.25
C ASP A 31 4.13 -2.05 11.98
N SER A 32 3.81 -1.62 10.76
CA SER A 32 2.45 -1.49 10.21
C SER A 32 2.34 -2.21 8.86
N LEU A 33 1.12 -2.35 8.35
CA LEU A 33 0.83 -2.84 7.00
C LEU A 33 0.55 -1.62 6.09
N ARG A 34 1.20 -1.57 4.93
CA ARG A 34 1.11 -0.46 3.96
C ARG A 34 0.96 -0.95 2.54
N MET A 35 0.29 -0.15 1.72
CA MET A 35 0.04 -0.38 0.30
C MET A 35 0.54 0.78 -0.53
N ALA A 36 0.77 0.56 -1.82
CA ALA A 36 1.17 1.60 -2.77
C ALA A 36 0.44 1.44 -4.11
N ILE A 37 0.50 2.46 -4.96
CA ILE A 37 -0.09 2.45 -6.31
C ILE A 37 0.98 2.77 -7.34
N MET A 38 0.99 2.04 -8.45
CA MET A 38 1.87 2.29 -9.58
C MET A 38 1.20 3.30 -10.52
N VAL A 39 1.60 4.58 -10.44
CA VAL A 39 1.10 5.65 -11.32
C VAL A 39 2.14 6.02 -12.38
N GLN A 40 1.69 6.16 -13.63
CA GLN A 40 2.51 6.55 -14.78
C GLN A 40 3.03 7.98 -14.62
N SER A 41 4.35 8.15 -14.55
CA SER A 41 4.98 9.39 -14.08
C SER A 41 5.04 10.49 -15.13
N PRO A 42 4.86 11.76 -14.71
CA PRO A 42 5.21 12.91 -15.53
C PRO A 42 6.72 13.22 -15.56
N MET A 43 7.54 12.58 -14.71
CA MET A 43 8.99 12.82 -14.61
C MET A 43 9.89 11.60 -14.89
N PHE A 44 9.36 10.38 -14.74
CA PHE A 44 10.06 9.11 -14.93
C PHE A 44 9.55 8.33 -16.15
N ASP A 45 10.37 7.44 -16.69
CA ASP A 45 10.14 6.66 -17.91
C ASP A 45 9.31 5.38 -17.66
N GLY A 46 8.31 5.48 -16.77
CA GLY A 46 7.56 4.35 -16.23
C GLY A 46 6.68 4.75 -15.05
N LYS A 47 6.30 3.76 -14.25
CA LYS A 47 5.36 3.92 -13.12
C LYS A 47 6.09 3.98 -11.78
N VAL A 48 5.59 4.83 -10.89
CA VAL A 48 6.21 5.16 -9.60
C VAL A 48 5.25 4.92 -8.42
N PRO A 49 5.73 4.52 -7.22
CA PRO A 49 4.86 4.10 -6.13
C PRO A 49 4.30 5.26 -5.29
N HIS A 50 2.98 5.29 -5.10
CA HIS A 50 2.27 6.19 -4.19
C HIS A 50 1.79 5.43 -2.97
N TRP A 51 2.50 5.57 -1.84
CA TRP A 51 2.23 4.80 -0.61
C TRP A 51 1.04 5.34 0.19
N TYR A 52 0.30 4.47 0.85
CA TYR A 52 -0.72 4.80 1.83
C TYR A 52 -0.71 3.77 2.98
N HIS A 53 -1.29 4.11 4.13
CA HIS A 53 -1.68 3.11 5.14
C HIS A 53 -2.57 2.02 4.50
N PHE A 54 -2.58 0.78 5.03
CA PHE A 54 -3.39 -0.31 4.48
C PHE A 54 -4.88 0.07 4.29
N SER A 55 -5.50 0.72 5.29
CA SER A 55 -6.90 1.14 5.24
C SER A 55 -7.13 2.37 4.38
N CYS A 56 -6.11 3.24 4.23
CA CYS A 56 -6.19 4.42 3.39
C CYS A 56 -6.32 4.06 1.89
N PHE A 57 -5.67 2.99 1.43
CA PHE A 57 -5.86 2.42 0.08
C PHE A 57 -7.35 2.14 -0.21
N TRP A 58 -8.03 1.42 0.70
CA TRP A 58 -9.44 1.05 0.56
C TRP A 58 -10.40 2.22 0.84
N LYS A 59 -9.89 3.33 1.39
CA LYS A 59 -10.58 4.61 1.60
C LYS A 59 -10.44 5.55 0.39
N VAL A 60 -9.46 5.34 -0.49
CA VAL A 60 -9.53 5.79 -1.89
C VAL A 60 -10.51 4.90 -2.68
N GLY A 61 -10.51 3.59 -2.39
CA GLY A 61 -11.48 2.63 -2.91
C GLY A 61 -11.15 2.03 -4.28
N HIS A 62 -9.86 1.85 -4.59
CA HIS A 62 -9.43 1.13 -5.81
C HIS A 62 -9.82 -0.35 -5.75
N SER A 63 -10.34 -0.87 -6.88
CA SER A 63 -10.80 -2.26 -7.01
C SER A 63 -9.71 -3.18 -7.57
N ILE A 64 -9.62 -4.37 -7.00
CA ILE A 64 -8.61 -5.39 -7.30
C ILE A 64 -9.32 -6.72 -7.56
N ARG A 65 -9.01 -7.38 -8.68
CA ARG A 65 -9.76 -8.52 -9.25
C ARG A 65 -8.93 -9.80 -9.39
N HIS A 66 -7.60 -9.67 -9.41
CA HIS A 66 -6.64 -10.76 -9.24
C HIS A 66 -5.48 -10.31 -8.35
N PRO A 67 -5.73 -10.10 -7.04
CA PRO A 67 -4.81 -9.38 -6.15
C PRO A 67 -3.45 -10.06 -5.96
N ASP A 68 -3.36 -11.39 -6.04
CA ASP A 68 -2.08 -12.10 -5.99
C ASP A 68 -1.22 -11.90 -7.26
N VAL A 69 -1.79 -11.28 -8.30
CA VAL A 69 -1.10 -10.81 -9.51
C VAL A 69 -0.89 -9.29 -9.49
N GLU A 70 -1.92 -8.53 -9.10
CA GLU A 70 -1.96 -7.05 -9.21
C GLU A 70 -1.34 -6.31 -8.03
N VAL A 71 -1.33 -6.92 -6.84
CA VAL A 71 -0.68 -6.42 -5.63
C VAL A 71 0.72 -7.00 -5.57
N ASP A 72 1.67 -6.23 -6.07
CA ASP A 72 3.09 -6.48 -5.92
C ASP A 72 3.45 -6.60 -4.42
N GLY A 73 4.27 -7.59 -4.05
CA GLY A 73 4.66 -7.83 -2.65
C GLY A 73 3.65 -8.61 -1.81
N PHE A 74 2.53 -9.08 -2.39
CA PHE A 74 1.59 -9.98 -1.72
C PHE A 74 2.27 -11.26 -1.19
N SER A 75 3.31 -11.73 -1.88
CA SER A 75 4.15 -12.87 -1.49
C SER A 75 5.06 -12.60 -0.28
N GLU A 76 5.24 -11.34 0.14
CA GLU A 76 6.01 -10.95 1.33
C GLU A 76 5.19 -11.03 2.63
N LEU A 77 3.86 -11.15 2.51
CA LEU A 77 2.92 -11.22 3.63
C LEU A 77 2.70 -12.65 4.17
N ARG A 78 2.26 -12.76 5.43
CA ARG A 78 1.72 -13.99 6.03
C ARG A 78 0.36 -14.37 5.44
N TRP A 79 0.03 -15.66 5.51
CA TRP A 79 -1.25 -16.25 5.06
C TRP A 79 -2.49 -15.56 5.68
N ASP A 80 -2.40 -15.08 6.93
CA ASP A 80 -3.46 -14.34 7.63
C ASP A 80 -3.64 -12.87 7.18
N ASP A 81 -2.61 -12.24 6.64
CA ASP A 81 -2.68 -10.92 6.00
C ASP A 81 -3.07 -11.06 4.52
N GLN A 82 -2.55 -12.06 3.82
CA GLN A 82 -2.94 -12.40 2.45
C GLN A 82 -4.45 -12.62 2.32
N GLN A 83 -5.04 -13.48 3.17
CA GLN A 83 -6.48 -13.74 3.13
C GLN A 83 -7.32 -12.51 3.50
N LYS A 84 -6.79 -11.58 4.31
CA LYS A 84 -7.43 -10.33 4.72
C LYS A 84 -7.33 -9.30 3.61
N VAL A 85 -6.20 -9.22 2.89
CA VAL A 85 -6.06 -8.38 1.68
C VAL A 85 -7.00 -8.87 0.57
N LYS A 86 -7.08 -10.19 0.35
CA LYS A 86 -8.02 -10.79 -0.63
C LYS A 86 -9.48 -10.64 -0.22
N LYS A 87 -9.81 -10.79 1.07
CA LYS A 87 -11.15 -10.48 1.63
C LYS A 87 -11.49 -9.02 1.39
N THR A 88 -10.55 -8.11 1.65
CA THR A 88 -10.76 -6.66 1.48
C THR A 88 -10.91 -6.25 0.01
N ALA A 89 -10.23 -6.94 -0.92
CA ALA A 89 -10.39 -6.76 -2.35
C ALA A 89 -11.77 -7.26 -2.84
N GLU A 90 -12.25 -8.37 -2.29
CA GLU A 90 -13.61 -8.86 -2.54
C GLU A 90 -14.69 -7.96 -1.91
N ALA A 91 -14.37 -7.35 -0.77
CA ALA A 91 -15.23 -6.41 -0.03
C ALA A 91 -15.34 -5.04 -0.72
N GLY A 92 -14.33 -4.62 -1.49
CA GLY A 92 -14.27 -3.31 -2.16
C GLY A 92 -14.11 -2.12 -1.19
N GLY A 93 -13.72 -2.40 0.06
CA GLY A 93 -13.71 -1.46 1.18
C GLY A 93 -13.50 -2.21 2.49
N VAL A 94 -12.66 -1.69 3.38
CA VAL A 94 -12.24 -2.37 4.62
C VAL A 94 -13.25 -2.23 5.76
N THR A 95 -13.39 -3.29 6.56
CA THR A 95 -14.41 -3.44 7.62
C THR A 95 -13.90 -3.33 9.05
N GLY A 96 -12.58 -3.41 9.24
CA GLY A 96 -11.96 -3.27 10.56
C GLY A 96 -11.65 -1.82 10.95
N LYS A 97 -10.89 -1.64 12.04
CA LYS A 97 -10.51 -0.32 12.61
C LYS A 97 -9.47 0.46 11.77
N GLY A 98 -8.76 -0.22 10.87
CA GLY A 98 -7.68 0.36 10.05
C GLY A 98 -6.38 0.64 10.82
N GLN A 99 -5.44 1.31 10.16
CA GLN A 99 -4.11 1.64 10.70
C GLN A 99 -3.71 3.10 10.42
N ASP A 100 -2.95 3.70 11.34
CA ASP A 100 -2.59 5.14 11.35
C ASP A 100 -1.23 5.38 12.05
N GLY A 101 -0.62 6.55 11.85
CA GLY A 101 0.62 6.96 12.53
C GLY A 101 1.25 8.25 11.99
N ILE A 102 2.52 8.46 12.33
CA ILE A 102 3.30 9.67 11.97
C ILE A 102 4.75 9.33 11.53
N GLY A 103 4.93 8.16 10.90
CA GLY A 103 6.24 7.71 10.40
C GLY A 103 7.21 7.26 11.51
N SER A 104 8.51 7.29 11.19
CA SER A 104 9.61 7.02 12.14
C SER A 104 10.48 8.27 12.38
N LYS A 105 11.14 8.32 13.54
CA LYS A 105 11.97 9.44 14.03
C LYS A 105 13.32 8.93 14.55
N ALA A 106 14.39 9.69 14.34
CA ALA A 106 15.77 9.35 14.75
C ALA A 106 16.41 10.38 15.69
N GLU A 107 15.80 11.56 15.83
CA GLU A 107 16.34 12.68 16.61
C GLU A 107 16.14 12.48 18.13
N LYS A 108 17.09 12.98 18.93
CA LYS A 108 17.12 12.88 20.40
C LYS A 108 17.69 14.15 21.07
N MET A 1 13.53 -9.63 -11.68
CA MET A 1 14.68 -9.20 -12.53
C MET A 1 14.66 -7.69 -12.79
N ALA A 2 13.66 -7.19 -13.52
CA ALA A 2 13.52 -5.78 -13.94
C ALA A 2 12.06 -5.25 -13.86
N GLU A 3 11.12 -6.03 -13.32
CA GLU A 3 9.67 -5.76 -13.26
C GLU A 3 9.27 -4.76 -12.15
N SER A 4 10.10 -3.75 -11.95
CA SER A 4 10.04 -2.72 -10.91
C SER A 4 8.70 -1.97 -10.84
N SER A 5 8.01 -1.79 -11.98
CA SER A 5 6.77 -1.00 -12.09
C SER A 5 5.69 -1.64 -12.95
N ASP A 6 5.77 -2.95 -13.19
CA ASP A 6 4.87 -3.69 -14.09
C ASP A 6 3.59 -4.21 -13.41
N LYS A 7 3.02 -3.39 -12.52
CA LYS A 7 1.82 -3.62 -11.70
C LYS A 7 1.04 -2.31 -11.53
N LEU A 8 -0.09 -2.36 -10.85
CA LEU A 8 -0.86 -1.21 -10.41
C LEU A 8 -0.76 -0.97 -8.91
N TYR A 9 -0.45 -2.00 -8.13
CA TYR A 9 -0.69 -2.04 -6.70
C TYR A 9 0.50 -2.68 -5.97
N ARG A 10 0.67 -2.31 -4.70
CA ARG A 10 1.75 -2.78 -3.79
C ARG A 10 1.15 -2.99 -2.40
N VAL A 11 1.65 -3.98 -1.65
CA VAL A 11 1.36 -4.21 -0.22
C VAL A 11 2.61 -4.70 0.50
N GLU A 12 2.82 -4.28 1.75
CA GLU A 12 3.89 -4.80 2.60
C GLU A 12 3.70 -4.57 4.09
N TYR A 13 4.42 -5.37 4.87
CA TYR A 13 4.93 -4.97 6.17
C TYR A 13 6.04 -3.92 5.96
N ALA A 14 5.85 -2.74 6.54
CA ALA A 14 6.65 -1.54 6.29
C ALA A 14 8.10 -1.68 6.76
N LYS A 15 9.06 -1.33 5.88
CA LYS A 15 10.50 -1.50 6.10
C LYS A 15 11.15 -0.36 6.91
N SER A 16 10.69 0.87 6.68
CA SER A 16 11.20 2.10 7.31
C SER A 16 10.10 3.19 7.33
N GLY A 17 10.18 4.12 8.28
CA GLY A 17 9.17 5.15 8.54
C GLY A 17 9.13 6.32 7.55
N ARG A 18 9.82 6.23 6.41
CA ARG A 18 10.03 7.32 5.44
C ARG A 18 8.83 7.59 4.52
N ALA A 19 7.92 6.63 4.34
CA ALA A 19 6.76 6.76 3.46
C ALA A 19 5.69 7.68 4.07
N SER A 20 5.02 8.46 3.23
CA SER A 20 3.93 9.37 3.57
C SER A 20 2.61 8.92 2.96
N CYS A 21 1.52 9.02 3.72
CA CYS A 21 0.19 8.63 3.29
C CYS A 21 -0.43 9.72 2.41
N LYS A 22 -0.67 9.39 1.14
CA LYS A 22 -1.16 10.33 0.11
C LYS A 22 -2.65 10.66 0.25
N LYS A 23 -3.35 9.97 1.16
CA LYS A 23 -4.80 10.04 1.39
C LYS A 23 -5.16 10.87 2.64
N CYS A 24 -4.59 10.55 3.79
CA CYS A 24 -4.87 11.23 5.07
C CYS A 24 -3.77 12.24 5.51
N SER A 25 -2.71 12.38 4.71
CA SER A 25 -1.57 13.31 4.89
C SER A 25 -0.75 13.09 6.18
N GLU A 26 -0.85 11.90 6.77
CA GLU A 26 0.03 11.41 7.83
C GLU A 26 1.29 10.73 7.22
N SER A 27 2.17 10.17 8.06
CA SER A 27 3.29 9.33 7.63
C SER A 27 3.26 7.94 8.29
N ILE A 28 3.85 6.96 7.61
CA ILE A 28 3.57 5.53 7.80
C ILE A 28 4.77 4.83 8.48
N PRO A 29 4.67 4.41 9.76
CA PRO A 29 5.76 3.79 10.52
C PRO A 29 6.10 2.37 10.03
N LYS A 30 7.34 1.92 10.32
CA LYS A 30 7.78 0.54 10.07
C LYS A 30 7.09 -0.50 10.97
N ASP A 31 7.18 -1.77 10.57
CA ASP A 31 6.51 -2.91 11.24
C ASP A 31 4.98 -2.74 11.39
N SER A 32 4.37 -2.12 10.38
CA SER A 32 2.92 -1.93 10.19
C SER A 32 2.54 -2.23 8.74
N LEU A 33 1.24 -2.42 8.45
CA LEU A 33 0.76 -2.83 7.12
C LEU A 33 0.44 -1.59 6.27
N ARG A 34 0.98 -1.54 5.05
CA ARG A 34 0.81 -0.43 4.09
C ARG A 34 0.70 -0.93 2.66
N MET A 35 0.15 -0.09 1.80
CA MET A 35 -0.10 -0.34 0.39
C MET A 35 0.40 0.84 -0.46
N ALA A 36 0.60 0.61 -1.75
CA ALA A 36 1.01 1.65 -2.69
C ALA A 36 0.32 1.49 -4.06
N ILE A 37 0.35 2.54 -4.88
CA ILE A 37 -0.21 2.54 -6.24
C ILE A 37 0.84 2.98 -7.26
N MET A 38 0.85 2.34 -8.42
CA MET A 38 1.82 2.60 -9.48
C MET A 38 1.26 3.63 -10.47
N VAL A 39 1.72 4.88 -10.37
CA VAL A 39 1.37 5.97 -11.31
C VAL A 39 2.53 6.27 -12.26
N GLN A 40 2.23 6.47 -13.55
CA GLN A 40 3.21 6.79 -14.59
C GLN A 40 3.84 8.17 -14.36
N SER A 41 5.18 8.22 -14.31
CA SER A 41 5.94 9.42 -13.93
C SER A 41 6.47 10.21 -15.13
N PRO A 42 6.35 11.56 -15.10
CA PRO A 42 7.06 12.42 -16.05
C PRO A 42 8.58 12.50 -15.80
N MET A 43 9.07 12.08 -14.63
CA MET A 43 10.49 12.17 -14.22
C MET A 43 11.23 10.83 -14.30
N PHE A 44 10.55 9.70 -14.06
CA PHE A 44 11.11 8.35 -14.02
C PHE A 44 10.74 7.54 -15.28
N ASP A 45 11.56 6.55 -15.61
CA ASP A 45 11.44 5.71 -16.82
C ASP A 45 10.47 4.51 -16.62
N GLY A 46 9.28 4.81 -16.11
CA GLY A 46 8.26 3.84 -15.71
C GLY A 46 7.26 4.44 -14.73
N LYS A 47 6.79 3.62 -13.78
CA LYS A 47 5.78 4.03 -12.78
C LYS A 47 6.33 4.04 -11.35
N VAL A 48 5.78 4.91 -10.52
CA VAL A 48 6.30 5.25 -9.18
C VAL A 48 5.23 5.06 -8.09
N PRO A 49 5.61 4.67 -6.85
CA PRO A 49 4.65 4.27 -5.82
C PRO A 49 4.04 5.45 -5.04
N HIS A 50 2.72 5.49 -4.94
CA HIS A 50 1.97 6.35 -4.02
C HIS A 50 1.57 5.53 -2.80
N TRP A 51 2.27 5.67 -1.68
CA TRP A 51 2.03 4.89 -0.47
C TRP A 51 0.81 5.42 0.31
N TYR A 52 0.10 4.52 0.96
CA TYR A 52 -0.97 4.84 1.90
C TYR A 52 -1.04 3.75 2.98
N HIS A 53 -1.66 4.04 4.12
CA HIS A 53 -2.03 3.00 5.10
C HIS A 53 -2.91 1.91 4.44
N PHE A 54 -2.94 0.70 5.00
CA PHE A 54 -3.77 -0.41 4.46
C PHE A 54 -5.23 0.02 4.24
N SER A 55 -5.84 0.71 5.21
CA SER A 55 -7.24 1.16 5.14
C SER A 55 -7.42 2.36 4.20
N CYS A 56 -6.42 3.24 4.12
CA CYS A 56 -6.40 4.41 3.25
C CYS A 56 -6.39 4.06 1.75
N PHE A 57 -5.73 2.97 1.34
CA PHE A 57 -5.80 2.43 -0.02
C PHE A 57 -7.26 2.25 -0.48
N TRP A 58 -8.10 1.66 0.37
CA TRP A 58 -9.51 1.42 0.07
C TRP A 58 -10.35 2.71 0.11
N LYS A 59 -9.87 3.78 0.76
CA LYS A 59 -10.43 5.15 0.64
C LYS A 59 -10.11 5.79 -0.72
N VAL A 60 -9.07 5.33 -1.43
CA VAL A 60 -8.82 5.73 -2.85
C VAL A 60 -9.89 5.15 -3.78
N GLY A 61 -10.57 4.07 -3.37
CA GLY A 61 -11.75 3.52 -4.04
C GLY A 61 -11.47 2.45 -5.10
N HIS A 62 -10.26 1.91 -5.17
CA HIS A 62 -9.92 0.78 -6.05
C HIS A 62 -10.48 -0.54 -5.49
N SER A 63 -11.21 -1.28 -6.32
CA SER A 63 -11.58 -2.68 -6.07
C SER A 63 -10.65 -3.59 -6.88
N ILE A 64 -9.91 -4.47 -6.19
CA ILE A 64 -8.83 -5.25 -6.79
C ILE A 64 -9.41 -6.60 -7.23
N ARG A 65 -9.35 -6.88 -8.53
CA ARG A 65 -10.09 -8.01 -9.15
C ARG A 65 -9.32 -9.33 -9.12
N HIS A 66 -8.00 -9.26 -8.99
CA HIS A 66 -7.07 -10.39 -8.88
C HIS A 66 -5.84 -9.99 -8.04
N PRO A 67 -5.97 -9.92 -6.70
CA PRO A 67 -4.96 -9.29 -5.85
C PRO A 67 -3.62 -10.01 -5.84
N ASP A 68 -3.59 -11.34 -5.99
CA ASP A 68 -2.35 -12.11 -6.09
C ASP A 68 -1.57 -11.84 -7.40
N VAL A 69 -2.24 -11.23 -8.39
CA VAL A 69 -1.69 -10.93 -9.72
C VAL A 69 -1.20 -9.48 -9.80
N GLU A 70 -1.93 -8.53 -9.19
CA GLU A 70 -1.66 -7.09 -9.32
C GLU A 70 -1.11 -6.40 -8.06
N VAL A 71 -1.32 -6.95 -6.87
CA VAL A 71 -0.68 -6.46 -5.63
C VAL A 71 0.70 -7.08 -5.48
N ASP A 72 1.71 -6.30 -5.88
CA ASP A 72 3.11 -6.59 -5.62
C ASP A 72 3.39 -6.65 -4.10
N GLY A 73 4.24 -7.57 -3.67
CA GLY A 73 4.59 -7.75 -2.25
C GLY A 73 3.56 -8.53 -1.43
N PHE A 74 2.49 -9.05 -2.05
CA PHE A 74 1.54 -9.97 -1.42
C PHE A 74 2.23 -11.27 -0.92
N SER A 75 3.34 -11.65 -1.55
CA SER A 75 4.26 -12.73 -1.13
C SER A 75 5.06 -12.43 0.15
N GLU A 76 5.21 -11.16 0.54
CA GLU A 76 5.93 -10.74 1.76
C GLU A 76 5.07 -10.84 3.02
N LEU A 77 3.74 -10.92 2.86
CA LEU A 77 2.76 -11.07 3.93
C LEU A 77 2.71 -12.51 4.48
N ARG A 78 2.27 -12.67 5.74
CA ARG A 78 1.86 -13.96 6.30
C ARG A 78 0.43 -14.33 5.89
N TRP A 79 0.09 -15.62 6.05
CA TRP A 79 -1.19 -16.19 5.61
C TRP A 79 -2.42 -15.41 6.12
N ASP A 80 -2.37 -14.89 7.35
CA ASP A 80 -3.51 -14.16 7.94
C ASP A 80 -3.77 -12.79 7.30
N ASP A 81 -2.74 -12.11 6.79
CA ASP A 81 -2.90 -10.88 6.02
C ASP A 81 -3.13 -11.17 4.54
N GLN A 82 -2.58 -12.26 3.99
CA GLN A 82 -2.96 -12.72 2.66
C GLN A 82 -4.46 -12.97 2.56
N GLN A 83 -5.06 -13.70 3.52
CA GLN A 83 -6.50 -13.94 3.51
C GLN A 83 -7.33 -12.68 3.76
N LYS A 84 -6.86 -11.69 4.55
CA LYS A 84 -7.60 -10.46 4.82
C LYS A 84 -7.49 -9.47 3.67
N VAL A 85 -6.35 -9.43 2.98
CA VAL A 85 -6.18 -8.60 1.78
C VAL A 85 -7.01 -9.16 0.62
N LYS A 86 -7.05 -10.50 0.45
CA LYS A 86 -7.96 -11.16 -0.49
C LYS A 86 -9.44 -10.93 -0.14
N LYS A 87 -9.85 -11.10 1.13
CA LYS A 87 -11.22 -10.83 1.58
C LYS A 87 -11.61 -9.37 1.41
N THR A 88 -10.71 -8.43 1.72
CA THR A 88 -10.95 -6.99 1.58
C THR A 88 -11.07 -6.56 0.11
N ALA A 89 -10.31 -7.19 -0.80
CA ALA A 89 -10.42 -6.96 -2.23
C ALA A 89 -11.73 -7.52 -2.79
N GLU A 90 -12.15 -8.70 -2.31
CA GLU A 90 -13.45 -9.30 -2.67
C GLU A 90 -14.64 -8.52 -2.10
N ALA A 91 -14.45 -7.90 -0.94
CA ALA A 91 -15.41 -7.03 -0.25
C ALA A 91 -15.53 -5.62 -0.87
N GLY A 92 -14.69 -5.27 -1.84
CA GLY A 92 -14.65 -3.94 -2.47
C GLY A 92 -14.08 -2.83 -1.57
N GLY A 93 -13.23 -3.20 -0.61
CA GLY A 93 -12.52 -2.29 0.28
C GLY A 93 -13.16 -2.12 1.68
N VAL A 94 -12.29 -1.96 2.67
CA VAL A 94 -12.63 -1.62 4.07
C VAL A 94 -11.77 -0.45 4.55
N THR A 95 -12.41 0.51 5.23
CA THR A 95 -11.82 1.77 5.67
C THR A 95 -11.84 1.91 7.19
N GLY A 96 -11.00 2.79 7.73
CA GLY A 96 -10.82 2.98 9.18
C GLY A 96 -10.03 4.25 9.52
N LYS A 97 -10.10 4.69 10.79
CA LYS A 97 -9.53 5.96 11.28
C LYS A 97 -7.99 5.91 11.43
N GLY A 98 -7.37 7.09 11.47
CA GLY A 98 -5.93 7.28 11.74
C GLY A 98 -5.50 6.92 13.16
N GLN A 99 -4.19 6.95 13.42
CA GLN A 99 -3.56 6.53 14.68
C GLN A 99 -2.38 7.44 15.08
N ASP A 100 -2.08 7.49 16.38
CA ASP A 100 -1.02 8.35 16.96
C ASP A 100 0.42 7.97 16.51
N GLY A 101 0.63 6.73 16.06
CA GLY A 101 1.88 6.27 15.46
C GLY A 101 2.06 6.82 14.03
N ILE A 102 2.67 8.00 13.94
CA ILE A 102 2.84 8.80 12.71
C ILE A 102 4.26 8.73 12.11
N GLY A 103 5.14 7.92 12.69
CA GLY A 103 6.49 7.68 12.17
C GLY A 103 7.35 6.80 13.08
N SER A 104 8.54 6.44 12.60
CA SER A 104 9.48 5.55 13.29
C SER A 104 10.94 5.80 12.88
N LYS A 105 11.89 5.43 13.74
CA LYS A 105 13.35 5.46 13.49
C LYS A 105 14.01 4.21 14.07
N ALA A 106 14.91 3.59 13.30
CA ALA A 106 15.68 2.41 13.64
C ALA A 106 16.93 2.33 12.74
N GLU A 107 17.98 1.70 13.26
CA GLU A 107 19.26 1.48 12.54
C GLU A 107 19.17 0.36 11.47
N LYS A 108 18.13 -0.48 11.54
CA LYS A 108 17.83 -1.59 10.62
C LYS A 108 16.34 -1.64 10.29
N MET A 1 3.66 -6.08 -19.09
CA MET A 1 5.10 -6.37 -19.23
C MET A 1 5.92 -5.09 -19.08
N ALA A 2 6.80 -5.05 -18.07
CA ALA A 2 7.77 -3.98 -17.81
C ALA A 2 8.98 -4.50 -17.01
N GLU A 3 10.05 -3.71 -16.90
CA GLU A 3 11.29 -4.09 -16.20
C GLU A 3 11.09 -4.29 -14.68
N SER A 4 10.22 -3.50 -14.06
CA SER A 4 10.04 -3.50 -12.60
C SER A 4 8.69 -2.94 -12.12
N SER A 5 8.13 -1.94 -12.82
CA SER A 5 6.84 -1.30 -12.52
C SER A 5 5.63 -2.03 -13.12
N ASP A 6 5.70 -3.37 -13.16
CA ASP A 6 4.74 -4.22 -13.89
C ASP A 6 3.49 -4.62 -13.08
N LYS A 7 2.95 -3.67 -12.32
CA LYS A 7 1.77 -3.77 -11.46
C LYS A 7 1.02 -2.43 -11.48
N LEU A 8 -0.16 -2.44 -10.89
CA LEU A 8 -0.92 -1.22 -10.56
C LEU A 8 -1.04 -1.00 -9.05
N TYR A 9 -0.78 -2.04 -8.23
CA TYR A 9 -0.92 -2.03 -6.77
C TYR A 9 0.29 -2.73 -6.12
N ARG A 10 0.57 -2.37 -4.87
CA ARG A 10 1.62 -2.96 -4.03
C ARG A 10 1.10 -3.08 -2.59
N VAL A 11 1.52 -4.11 -1.86
CA VAL A 11 1.36 -4.25 -0.40
C VAL A 11 2.64 -4.77 0.25
N GLU A 12 2.95 -4.35 1.47
CA GLU A 12 4.05 -4.91 2.25
C GLU A 12 3.86 -4.79 3.77
N TYR A 13 4.64 -5.59 4.50
CA TYR A 13 5.09 -5.24 5.84
C TYR A 13 6.15 -4.14 5.75
N ALA A 14 5.92 -3.02 6.45
CA ALA A 14 6.65 -1.77 6.28
C ALA A 14 8.11 -1.85 6.77
N LYS A 15 9.06 -1.50 5.88
CA LYS A 15 10.51 -1.62 6.14
C LYS A 15 11.10 -0.48 6.97
N SER A 16 10.64 0.74 6.71
CA SER A 16 11.18 2.00 7.24
C SER A 16 10.15 3.14 7.11
N GLY A 17 10.26 4.18 7.93
CA GLY A 17 9.34 5.34 7.99
C GLY A 17 9.46 6.36 6.84
N ARG A 18 9.96 5.94 5.67
CA ARG A 18 10.20 6.82 4.50
C ARG A 18 8.94 7.12 3.67
N ALA A 19 7.91 6.27 3.77
CA ALA A 19 6.64 6.42 3.06
C ALA A 19 5.66 7.35 3.81
N SER A 20 4.88 8.14 3.06
CA SER A 20 3.83 9.00 3.60
C SER A 20 2.49 8.60 2.97
N CYS A 21 1.39 8.82 3.69
CA CYS A 21 0.05 8.45 3.26
C CYS A 21 -0.54 9.55 2.38
N LYS A 22 -0.72 9.28 1.07
CA LYS A 22 -1.15 10.30 0.10
C LYS A 22 -2.66 10.62 0.18
N LYS A 23 -3.40 9.94 1.09
CA LYS A 23 -4.85 10.06 1.27
C LYS A 23 -5.25 10.77 2.57
N CYS A 24 -4.76 10.33 3.74
CA CYS A 24 -5.02 11.00 5.02
C CYS A 24 -3.94 12.02 5.46
N SER A 25 -2.88 12.17 4.64
CA SER A 25 -1.78 13.14 4.80
C SER A 25 -0.92 12.99 6.07
N GLU A 26 -0.93 11.80 6.68
CA GLU A 26 -0.02 11.42 7.77
C GLU A 26 1.18 10.60 7.21
N SER A 27 2.01 10.02 8.09
CA SER A 27 3.21 9.23 7.73
C SER A 27 3.13 7.81 8.25
N ILE A 28 3.74 6.87 7.53
CA ILE A 28 3.49 5.43 7.72
C ILE A 28 4.69 4.76 8.42
N PRO A 29 4.52 4.26 9.67
CA PRO A 29 5.62 3.68 10.45
C PRO A 29 6.05 2.29 9.96
N LYS A 30 7.28 1.88 10.27
CA LYS A 30 7.77 0.51 10.06
C LYS A 30 7.03 -0.52 10.93
N ASP A 31 7.11 -1.79 10.54
CA ASP A 31 6.38 -2.92 11.18
C ASP A 31 4.86 -2.71 11.24
N SER A 32 4.30 -2.13 10.18
CA SER A 32 2.87 -1.97 9.90
C SER A 32 2.52 -2.64 8.55
N LEU A 33 1.23 -2.76 8.23
CA LEU A 33 0.78 -3.20 6.89
C LEU A 33 0.43 -1.96 6.06
N ARG A 34 1.02 -1.82 4.87
CA ARG A 34 0.84 -0.66 3.99
C ARG A 34 0.73 -1.06 2.52
N MET A 35 0.02 -0.25 1.75
CA MET A 35 -0.28 -0.45 0.32
C MET A 35 0.22 0.74 -0.50
N ALA A 36 0.41 0.53 -1.80
CA ALA A 36 0.82 1.56 -2.73
C ALA A 36 0.18 1.40 -4.11
N ILE A 37 0.25 2.44 -4.94
CA ILE A 37 -0.27 2.46 -6.31
C ILE A 37 0.83 2.84 -7.29
N MET A 38 0.87 2.15 -8.44
CA MET A 38 1.80 2.44 -9.52
C MET A 38 1.24 3.49 -10.47
N VAL A 39 1.90 4.65 -10.56
CA VAL A 39 1.53 5.73 -11.50
C VAL A 39 2.74 6.30 -12.23
N GLN A 40 2.55 6.64 -13.50
CA GLN A 40 3.56 7.29 -14.36
C GLN A 40 3.79 8.76 -13.92
N SER A 41 5.05 9.11 -13.69
CA SER A 41 5.47 10.36 -13.04
C SER A 41 5.76 11.51 -14.01
N PRO A 42 5.38 12.75 -13.66
CA PRO A 42 5.81 13.95 -14.37
C PRO A 42 7.20 14.45 -13.92
N MET A 43 7.63 14.09 -12.70
CA MET A 43 8.91 14.52 -12.09
C MET A 43 10.06 13.49 -12.21
N PHE A 44 9.75 12.26 -12.62
CA PHE A 44 10.68 11.13 -12.71
C PHE A 44 10.49 10.34 -14.02
N ASP A 45 11.54 9.63 -14.46
CA ASP A 45 11.66 9.03 -15.80
C ASP A 45 11.12 7.58 -15.85
N GLY A 46 9.87 7.40 -15.42
CA GLY A 46 9.19 6.10 -15.34
C GLY A 46 7.91 6.16 -14.52
N LYS A 47 7.77 5.22 -13.58
CA LYS A 47 6.61 5.12 -12.66
C LYS A 47 7.04 5.06 -11.20
N VAL A 48 6.17 5.54 -10.32
CA VAL A 48 6.44 5.80 -8.90
C VAL A 48 5.32 5.24 -8.00
N PRO A 49 5.64 4.73 -6.79
CA PRO A 49 4.65 4.19 -5.86
C PRO A 49 4.01 5.28 -4.99
N HIS A 50 2.68 5.34 -4.97
CA HIS A 50 1.90 6.22 -4.07
C HIS A 50 1.46 5.41 -2.86
N TRP A 51 2.18 5.55 -1.75
CA TRP A 51 1.96 4.78 -0.52
C TRP A 51 0.78 5.29 0.32
N TYR A 52 0.06 4.38 0.97
CA TYR A 52 -0.99 4.68 1.92
C TYR A 52 -1.00 3.62 3.03
N HIS A 53 -1.58 3.93 4.20
CA HIS A 53 -1.94 2.89 5.18
C HIS A 53 -2.82 1.81 4.52
N PHE A 54 -2.84 0.58 5.05
CA PHE A 54 -3.64 -0.51 4.47
C PHE A 54 -5.11 -0.12 4.21
N SER A 55 -5.75 0.54 5.17
CA SER A 55 -7.17 0.92 5.09
C SER A 55 -7.38 2.10 4.14
N CYS A 56 -6.39 3.01 4.05
CA CYS A 56 -6.46 4.22 3.27
C CYS A 56 -6.48 3.98 1.74
N PHE A 57 -5.77 2.96 1.25
CA PHE A 57 -5.82 2.50 -0.14
C PHE A 57 -7.27 2.32 -0.63
N TRP A 58 -8.12 1.71 0.20
CA TRP A 58 -9.52 1.45 -0.11
C TRP A 58 -10.40 2.70 -0.02
N LYS A 59 -9.98 3.73 0.76
CA LYS A 59 -10.58 5.07 0.76
C LYS A 59 -10.32 5.82 -0.55
N VAL A 60 -9.23 5.49 -1.27
CA VAL A 60 -8.97 6.02 -2.64
C VAL A 60 -9.97 5.43 -3.66
N GLY A 61 -10.66 4.33 -3.33
CA GLY A 61 -11.75 3.75 -4.13
C GLY A 61 -11.31 2.79 -5.23
N HIS A 62 -10.06 2.30 -5.20
CA HIS A 62 -9.55 1.26 -6.11
C HIS A 62 -10.05 -0.14 -5.72
N SER A 63 -10.22 -1.01 -6.73
CA SER A 63 -10.77 -2.36 -6.61
C SER A 63 -9.87 -3.40 -7.30
N ILE A 64 -9.87 -4.62 -6.76
CA ILE A 64 -8.88 -5.66 -7.05
C ILE A 64 -9.62 -6.99 -7.24
N ARG A 65 -9.26 -7.75 -8.28
CA ARG A 65 -9.99 -8.95 -8.76
C ARG A 65 -9.12 -10.20 -8.88
N HIS A 66 -7.80 -10.03 -8.99
CA HIS A 66 -6.79 -11.08 -8.84
C HIS A 66 -5.62 -10.56 -8.00
N PRO A 67 -5.84 -10.30 -6.69
CA PRO A 67 -4.93 -9.53 -5.86
C PRO A 67 -3.53 -10.13 -5.69
N ASP A 68 -3.38 -11.46 -5.70
CA ASP A 68 -2.08 -12.12 -5.65
C ASP A 68 -1.27 -11.95 -6.95
N VAL A 69 -1.89 -11.42 -8.01
CA VAL A 69 -1.26 -10.99 -9.27
C VAL A 69 -1.10 -9.47 -9.33
N GLU A 70 -2.12 -8.70 -8.94
CA GLU A 70 -2.18 -7.24 -9.10
C GLU A 70 -1.46 -6.47 -7.99
N VAL A 71 -1.46 -7.00 -6.77
CA VAL A 71 -0.81 -6.46 -5.57
C VAL A 71 0.56 -7.12 -5.43
N ASP A 72 1.56 -6.42 -5.97
CA ASP A 72 2.95 -6.79 -5.82
C ASP A 72 3.38 -6.72 -4.34
N GLY A 73 4.17 -7.69 -3.87
CA GLY A 73 4.64 -7.79 -2.48
C GLY A 73 3.68 -8.51 -1.52
N PHE A 74 2.51 -8.94 -1.98
CA PHE A 74 1.58 -9.82 -1.24
C PHE A 74 2.25 -11.14 -0.80
N SER A 75 3.28 -11.60 -1.51
CA SER A 75 4.15 -12.72 -1.12
C SER A 75 4.96 -12.48 0.16
N GLU A 76 5.24 -11.21 0.53
CA GLU A 76 6.01 -10.85 1.73
C GLU A 76 5.18 -10.92 3.01
N LEU A 77 3.85 -10.83 2.89
CA LEU A 77 2.87 -10.98 3.97
C LEU A 77 2.81 -12.46 4.44
N ARG A 78 2.24 -12.70 5.63
CA ARG A 78 1.81 -14.02 6.11
C ARG A 78 0.31 -14.22 5.98
N TRP A 79 -0.11 -15.48 6.14
CA TRP A 79 -1.43 -15.99 5.75
C TRP A 79 -2.60 -15.16 6.31
N ASP A 80 -2.50 -14.63 7.53
CA ASP A 80 -3.59 -13.88 8.16
C ASP A 80 -3.81 -12.48 7.56
N ASP A 81 -2.75 -11.84 7.04
CA ASP A 81 -2.84 -10.57 6.31
C ASP A 81 -3.19 -10.82 4.85
N GLN A 82 -2.65 -11.88 4.23
CA GLN A 82 -3.04 -12.32 2.90
C GLN A 82 -4.55 -12.59 2.81
N GLN A 83 -5.12 -13.39 3.72
CA GLN A 83 -6.55 -13.69 3.70
C GLN A 83 -7.43 -12.47 3.98
N LYS A 84 -6.94 -11.46 4.71
CA LYS A 84 -7.64 -10.22 5.06
C LYS A 84 -7.54 -9.20 3.92
N VAL A 85 -6.40 -9.12 3.22
CA VAL A 85 -6.27 -8.34 1.97
C VAL A 85 -7.18 -8.91 0.89
N LYS A 86 -7.20 -10.24 0.71
CA LYS A 86 -8.11 -10.90 -0.25
C LYS A 86 -9.58 -10.78 0.17
N LYS A 87 -9.90 -10.87 1.48
CA LYS A 87 -11.24 -10.58 2.01
C LYS A 87 -11.66 -9.14 1.73
N THR A 88 -10.77 -8.17 1.93
CA THR A 88 -11.03 -6.74 1.70
C THR A 88 -11.21 -6.42 0.21
N ALA A 89 -10.49 -7.13 -0.68
CA ALA A 89 -10.68 -7.01 -2.13
C ALA A 89 -12.02 -7.61 -2.57
N GLU A 90 -12.42 -8.74 -1.99
CA GLU A 90 -13.73 -9.37 -2.25
C GLU A 90 -14.89 -8.54 -1.66
N ALA A 91 -14.65 -7.84 -0.56
CA ALA A 91 -15.57 -6.92 0.11
C ALA A 91 -15.70 -5.55 -0.59
N GLY A 92 -14.89 -5.28 -1.63
CA GLY A 92 -14.88 -4.01 -2.35
C GLY A 92 -14.28 -2.83 -1.55
N GLY A 93 -13.40 -3.12 -0.60
CA GLY A 93 -12.68 -2.14 0.21
C GLY A 93 -13.29 -1.86 1.59
N VAL A 94 -12.43 -1.70 2.59
CA VAL A 94 -12.80 -1.17 3.92
C VAL A 94 -12.95 0.36 3.86
N THR A 95 -13.89 0.88 4.64
CA THR A 95 -14.07 2.31 4.88
C THR A 95 -14.30 2.55 6.38
N GLY A 96 -13.92 3.72 6.89
CA GLY A 96 -14.13 4.08 8.29
C GLY A 96 -13.08 3.60 9.30
N LYS A 97 -11.96 3.00 8.84
CA LYS A 97 -10.90 2.42 9.69
C LYS A 97 -9.50 2.95 9.34
N GLY A 98 -8.54 2.75 10.25
CA GLY A 98 -7.16 3.23 10.13
C GLY A 98 -6.20 2.52 11.09
N GLN A 99 -5.00 3.10 11.27
CA GLN A 99 -3.90 2.55 12.08
C GLN A 99 -3.42 3.55 13.14
N ASP A 100 -2.89 3.03 14.26
CA ASP A 100 -2.32 3.82 15.37
C ASP A 100 -0.83 4.17 15.13
N GLY A 101 -0.38 5.31 15.68
CA GLY A 101 0.99 5.82 15.53
C GLY A 101 1.25 6.52 14.18
N ILE A 102 2.46 7.05 14.03
CA ILE A 102 2.90 7.83 12.86
C ILE A 102 4.39 7.59 12.54
N GLY A 103 4.73 7.57 11.25
CA GLY A 103 6.10 7.29 10.76
C GLY A 103 7.12 8.42 10.88
N SER A 104 6.70 9.63 11.23
CA SER A 104 7.53 10.85 11.27
C SER A 104 7.18 11.77 12.45
N LYS A 105 8.17 12.49 12.99
CA LYS A 105 8.02 13.52 14.03
C LYS A 105 9.05 14.64 13.84
N ALA A 106 8.68 15.89 14.15
CA ALA A 106 9.54 17.07 14.08
C ALA A 106 9.97 17.54 15.50
N GLU A 107 11.12 17.05 15.97
CA GLU A 107 11.76 17.52 17.21
C GLU A 107 12.48 18.87 17.03
N LYS A 108 12.61 19.65 18.12
CA LYS A 108 13.26 20.97 18.17
C LYS A 108 13.99 21.18 19.51
N MET A 1 13.11 -4.30 -17.27
CA MET A 1 13.71 -5.42 -18.05
C MET A 1 13.85 -6.67 -17.17
N ALA A 2 14.83 -6.71 -16.26
CA ALA A 2 14.91 -7.75 -15.21
C ALA A 2 13.93 -7.46 -14.06
N GLU A 3 13.66 -6.19 -13.80
CA GLU A 3 12.56 -5.66 -13.00
C GLU A 3 11.31 -5.36 -13.85
N SER A 4 10.13 -5.28 -13.23
CA SER A 4 8.85 -5.04 -13.91
C SER A 4 7.90 -4.14 -13.11
N SER A 5 7.10 -3.34 -13.81
CA SER A 5 6.07 -2.44 -13.24
C SER A 5 4.68 -2.64 -13.87
N ASP A 6 4.41 -3.86 -14.33
CA ASP A 6 3.16 -4.24 -15.00
C ASP A 6 2.03 -4.66 -14.02
N LYS A 7 2.09 -4.16 -12.79
CA LYS A 7 1.12 -4.36 -11.71
C LYS A 7 0.89 -3.03 -11.02
N LEU A 8 -0.38 -2.63 -10.98
CA LEU A 8 -0.88 -1.33 -10.56
C LEU A 8 -0.96 -1.16 -9.04
N TYR A 9 -0.83 -2.23 -8.24
CA TYR A 9 -0.95 -2.18 -6.79
C TYR A 9 0.28 -2.81 -6.12
N ARG A 10 0.52 -2.43 -4.87
CA ARG A 10 1.65 -2.86 -4.04
C ARG A 10 1.14 -3.07 -2.60
N VAL A 11 1.67 -4.04 -1.87
CA VAL A 11 1.45 -4.25 -0.43
C VAL A 11 2.74 -4.72 0.27
N GLU A 12 2.95 -4.32 1.52
CA GLU A 12 4.08 -4.77 2.35
C GLU A 12 3.89 -4.49 3.84
N TYR A 13 4.66 -5.23 4.63
CA TYR A 13 5.04 -4.83 5.97
C TYR A 13 6.09 -3.71 5.93
N ALA A 14 5.85 -2.64 6.67
CA ALA A 14 6.72 -1.47 6.75
C ALA A 14 7.94 -1.74 7.67
N LYS A 15 9.15 -1.77 7.11
CA LYS A 15 10.42 -1.92 7.87
C LYS A 15 10.91 -0.60 8.48
N SER A 16 10.58 0.53 7.87
CA SER A 16 10.91 1.89 8.33
C SER A 16 9.87 2.91 7.84
N GLY A 17 9.73 4.02 8.56
CA GLY A 17 8.71 5.07 8.32
C GLY A 17 9.04 6.04 7.17
N ARG A 18 9.64 5.53 6.07
CA ARG A 18 10.09 6.34 4.91
C ARG A 18 8.96 6.70 3.94
N ALA A 19 7.87 5.96 3.94
CA ALA A 19 6.68 6.21 3.11
C ALA A 19 5.67 7.12 3.83
N SER A 20 4.98 7.97 3.06
CA SER A 20 3.96 8.91 3.55
C SER A 20 2.65 8.78 2.77
N CYS A 21 1.52 9.04 3.43
CA CYS A 21 0.19 8.68 2.95
C CYS A 21 -0.39 9.73 2.01
N LYS A 22 -0.78 9.29 0.80
CA LYS A 22 -1.29 10.17 -0.28
C LYS A 22 -2.77 10.53 -0.13
N LYS A 23 -3.48 9.89 0.81
CA LYS A 23 -4.93 10.06 1.03
C LYS A 23 -5.25 10.93 2.26
N CYS A 24 -4.67 10.62 3.42
CA CYS A 24 -4.89 11.37 4.67
C CYS A 24 -3.79 12.39 5.01
N SER A 25 -2.73 12.45 4.19
CA SER A 25 -1.58 13.39 4.29
C SER A 25 -0.73 13.24 5.57
N GLU A 26 -0.85 12.11 6.28
CA GLU A 26 0.00 11.72 7.41
C GLU A 26 1.22 10.90 6.93
N SER A 27 2.00 10.32 7.83
CA SER A 27 3.15 9.46 7.49
C SER A 27 3.04 8.06 8.10
N ILE A 28 3.53 7.06 7.37
CA ILE A 28 3.15 5.65 7.56
C ILE A 28 4.14 4.96 8.52
N PRO A 29 3.69 4.40 9.66
CA PRO A 29 4.58 3.82 10.66
C PRO A 29 5.15 2.46 10.27
N LYS A 30 6.33 2.12 10.81
CA LYS A 30 6.95 0.77 10.72
C LYS A 30 6.28 -0.25 11.64
N ASP A 31 6.58 -1.53 11.44
CA ASP A 31 5.92 -2.69 12.08
C ASP A 31 4.38 -2.65 11.87
N SER A 32 3.97 -2.27 10.66
CA SER A 32 2.58 -2.05 10.24
C SER A 32 2.39 -2.42 8.76
N LEU A 33 1.15 -2.45 8.27
CA LEU A 33 0.79 -2.89 6.92
C LEU A 33 0.47 -1.68 6.02
N ARG A 34 1.06 -1.62 4.83
CA ARG A 34 0.89 -0.50 3.88
C ARG A 34 0.75 -0.98 2.45
N MET A 35 0.10 -0.16 1.63
CA MET A 35 -0.17 -0.40 0.21
C MET A 35 0.33 0.76 -0.64
N ALA A 36 0.55 0.52 -1.92
CA ALA A 36 0.99 1.53 -2.89
C ALA A 36 0.35 1.34 -4.26
N ILE A 37 0.48 2.34 -5.13
CA ILE A 37 -0.04 2.31 -6.51
C ILE A 37 1.03 2.65 -7.52
N MET A 38 1.07 1.92 -8.64
CA MET A 38 2.02 2.18 -9.72
C MET A 38 1.47 3.17 -10.74
N VAL A 39 2.08 4.36 -10.82
CA VAL A 39 1.72 5.42 -11.78
C VAL A 39 2.94 5.99 -12.50
N GLN A 40 2.78 6.32 -13.77
CA GLN A 40 3.80 6.97 -14.61
C GLN A 40 4.04 8.43 -14.18
N SER A 41 5.30 8.82 -13.98
CA SER A 41 5.67 10.15 -13.49
C SER A 41 5.96 11.16 -14.60
N PRO A 42 5.45 12.40 -14.50
CA PRO A 42 5.90 13.50 -15.34
C PRO A 42 7.33 14.00 -15.03
N MET A 43 7.88 13.66 -13.86
CA MET A 43 9.16 14.19 -13.34
C MET A 43 10.29 13.15 -13.26
N PHE A 44 9.96 11.85 -13.18
CA PHE A 44 10.90 10.73 -13.11
C PHE A 44 10.88 9.90 -14.41
N ASP A 45 11.97 9.17 -14.67
CA ASP A 45 12.23 8.42 -15.91
C ASP A 45 11.53 7.03 -15.97
N GLY A 46 10.30 6.96 -15.45
CA GLY A 46 9.50 5.73 -15.35
C GLY A 46 8.31 5.87 -14.41
N LYS A 47 7.96 4.77 -13.73
CA LYS A 47 6.78 4.68 -12.85
C LYS A 47 7.18 4.67 -11.37
N VAL A 48 6.33 5.29 -10.54
CA VAL A 48 6.60 5.60 -9.13
C VAL A 48 5.49 5.08 -8.21
N PRO A 49 5.80 4.60 -6.99
CA PRO A 49 4.79 4.08 -6.06
C PRO A 49 4.13 5.20 -5.24
N HIS A 50 2.80 5.26 -5.24
CA HIS A 50 2.00 6.14 -4.38
C HIS A 50 1.54 5.38 -3.14
N TRP A 51 2.24 5.55 -2.01
CA TRP A 51 1.97 4.80 -0.77
C TRP A 51 0.75 5.34 -0.01
N TYR A 52 0.04 4.46 0.68
CA TYR A 52 -1.00 4.82 1.63
C TYR A 52 -1.04 3.77 2.76
N HIS A 53 -1.66 4.13 3.90
CA HIS A 53 -2.03 3.14 4.94
C HIS A 53 -2.88 2.00 4.33
N PHE A 54 -2.88 0.82 4.95
CA PHE A 54 -3.64 -0.33 4.43
C PHE A 54 -5.14 0.00 4.25
N SER A 55 -5.75 0.74 5.19
CA SER A 55 -7.14 1.17 5.12
C SER A 55 -7.36 2.32 4.14
N CYS A 56 -6.43 3.27 4.10
CA CYS A 56 -6.49 4.44 3.22
C CYS A 56 -6.56 4.08 1.73
N PHE A 57 -5.89 3.02 1.29
CA PHE A 57 -5.96 2.49 -0.08
C PHE A 57 -7.42 2.28 -0.55
N TRP A 58 -8.23 1.61 0.28
CA TRP A 58 -9.64 1.33 -0.02
C TRP A 58 -10.51 2.57 0.14
N LYS A 59 -10.11 3.49 1.03
CA LYS A 59 -10.71 4.82 1.23
C LYS A 59 -10.49 5.76 0.03
N VAL A 60 -9.51 5.51 -0.86
CA VAL A 60 -9.44 6.19 -2.18
C VAL A 60 -10.55 5.70 -3.14
N GLY A 61 -11.13 4.53 -2.89
CA GLY A 61 -12.17 3.91 -3.72
C GLY A 61 -11.66 2.89 -4.75
N HIS A 62 -10.42 2.40 -4.61
CA HIS A 62 -9.82 1.40 -5.51
C HIS A 62 -10.40 -0.01 -5.29
N SER A 63 -10.40 -0.83 -6.34
CA SER A 63 -10.91 -2.20 -6.36
C SER A 63 -9.93 -3.16 -7.07
N ILE A 64 -9.89 -4.40 -6.59
CA ILE A 64 -8.91 -5.42 -6.98
C ILE A 64 -9.67 -6.73 -7.27
N ARG A 65 -9.37 -7.42 -8.38
CA ARG A 65 -10.13 -8.61 -8.86
C ARG A 65 -9.30 -9.88 -9.08
N HIS A 66 -7.98 -9.76 -9.16
CA HIS A 66 -7.00 -10.85 -9.09
C HIS A 66 -5.80 -10.40 -8.24
N PRO A 67 -6.00 -10.22 -6.91
CA PRO A 67 -5.07 -9.51 -6.05
C PRO A 67 -3.68 -10.16 -5.94
N ASP A 68 -3.57 -11.49 -6.01
CA ASP A 68 -2.27 -12.17 -6.01
C ASP A 68 -1.48 -11.97 -7.32
N VAL A 69 -2.09 -11.38 -8.34
CA VAL A 69 -1.47 -10.93 -9.59
C VAL A 69 -1.24 -9.41 -9.58
N GLU A 70 -2.22 -8.64 -9.13
CA GLU A 70 -2.21 -7.15 -9.22
C GLU A 70 -1.46 -6.47 -8.07
N VAL A 71 -1.52 -7.04 -6.87
CA VAL A 71 -0.84 -6.56 -5.67
C VAL A 71 0.56 -7.17 -5.62
N ASP A 72 1.52 -6.40 -6.14
CA ASP A 72 2.94 -6.66 -5.97
C ASP A 72 3.30 -6.68 -4.48
N GLY A 73 4.18 -7.60 -4.06
CA GLY A 73 4.56 -7.77 -2.65
C GLY A 73 3.57 -8.56 -1.79
N PHE A 74 2.46 -9.04 -2.36
CA PHE A 74 1.55 -9.98 -1.68
C PHE A 74 2.27 -11.27 -1.23
N SER A 75 3.31 -11.68 -1.96
CA SER A 75 4.23 -12.77 -1.61
C SER A 75 5.14 -12.49 -0.39
N GLU A 76 5.32 -11.23 0.00
CA GLU A 76 6.14 -10.84 1.16
C GLU A 76 5.34 -10.90 2.48
N LEU A 77 4.01 -10.93 2.40
CA LEU A 77 3.10 -11.08 3.54
C LEU A 77 3.05 -12.53 4.07
N ARG A 78 2.61 -12.70 5.32
CA ARG A 78 2.20 -14.00 5.89
C ARG A 78 0.75 -14.34 5.53
N TRP A 79 0.43 -15.62 5.68
CA TRP A 79 -0.83 -16.21 5.20
C TRP A 79 -2.08 -15.49 5.73
N ASP A 80 -2.09 -15.05 6.98
CA ASP A 80 -3.25 -14.38 7.61
C ASP A 80 -3.52 -12.97 7.03
N ASP A 81 -2.48 -12.26 6.60
CA ASP A 81 -2.58 -10.95 5.96
C ASP A 81 -2.90 -11.13 4.47
N GLN A 82 -2.38 -12.17 3.82
CA GLN A 82 -2.85 -12.59 2.49
C GLN A 82 -4.37 -12.88 2.50
N GLN A 83 -4.89 -13.62 3.49
CA GLN A 83 -6.33 -13.90 3.57
C GLN A 83 -7.14 -12.61 3.76
N LYS A 84 -6.64 -11.64 4.54
CA LYS A 84 -7.33 -10.40 4.91
C LYS A 84 -7.23 -9.38 3.79
N VAL A 85 -6.12 -9.31 3.06
CA VAL A 85 -5.99 -8.46 1.85
C VAL A 85 -6.94 -8.98 0.76
N LYS A 86 -7.02 -10.30 0.54
CA LYS A 86 -7.98 -10.89 -0.42
C LYS A 86 -9.44 -10.73 0.04
N LYS A 87 -9.72 -10.91 1.33
CA LYS A 87 -11.06 -10.63 1.90
C LYS A 87 -11.46 -9.17 1.79
N THR A 88 -10.52 -8.26 2.00
CA THR A 88 -10.72 -6.81 1.82
C THR A 88 -10.93 -6.43 0.35
N ALA A 89 -10.32 -7.16 -0.60
CA ALA A 89 -10.55 -6.98 -2.03
C ALA A 89 -11.94 -7.50 -2.45
N GLU A 90 -12.40 -8.61 -1.83
CA GLU A 90 -13.79 -9.09 -2.00
C GLU A 90 -14.81 -8.13 -1.36
N ALA A 91 -14.46 -7.52 -0.22
CA ALA A 91 -15.30 -6.61 0.55
C ALA A 91 -15.34 -5.16 -0.01
N GLY A 92 -14.34 -4.77 -0.80
CA GLY A 92 -14.16 -3.40 -1.31
C GLY A 92 -13.71 -2.37 -0.25
N GLY A 93 -13.22 -2.83 0.91
CA GLY A 93 -12.85 -2.00 2.06
C GLY A 93 -12.98 -2.74 3.39
N VAL A 94 -12.07 -2.46 4.32
CA VAL A 94 -11.97 -3.13 5.63
C VAL A 94 -12.97 -2.54 6.65
N THR A 95 -13.57 -3.41 7.47
CA THR A 95 -14.69 -3.08 8.37
C THR A 95 -14.28 -2.77 9.81
N GLY A 96 -13.13 -3.28 10.25
CA GLY A 96 -12.61 -3.04 11.61
C GLY A 96 -11.73 -1.78 11.71
N LYS A 97 -11.64 -1.21 12.92
CA LYS A 97 -10.78 -0.06 13.26
C LYS A 97 -9.38 -0.50 13.69
N GLY A 98 -8.37 0.35 13.47
CA GLY A 98 -6.97 0.08 13.83
C GLY A 98 -5.98 1.07 13.20
N GLN A 99 -4.70 0.68 13.17
CA GLN A 99 -3.58 1.42 12.58
C GLN A 99 -3.44 2.88 13.08
N ASP A 100 -3.38 3.04 14.40
CA ASP A 100 -3.10 4.32 15.08
C ASP A 100 -1.59 4.70 15.01
N GLY A 101 -1.28 5.98 15.23
CA GLY A 101 0.08 6.54 15.23
C GLY A 101 0.55 7.09 13.87
N ILE A 102 1.71 7.75 13.88
CA ILE A 102 2.31 8.46 12.73
C ILE A 102 3.84 8.36 12.74
N GLY A 103 4.44 8.12 11.57
CA GLY A 103 5.91 8.12 11.37
C GLY A 103 6.66 7.05 12.19
N SER A 104 7.98 7.17 12.26
CA SER A 104 8.86 6.24 13.02
C SER A 104 10.21 6.85 13.42
N LYS A 105 10.82 6.30 14.48
CA LYS A 105 12.23 6.53 14.84
C LYS A 105 13.17 5.83 13.85
N ALA A 106 14.24 6.51 13.45
CA ALA A 106 15.21 6.04 12.44
C ALA A 106 16.27 5.07 13.01
N GLU A 107 15.82 3.95 13.56
CA GLU A 107 16.64 2.81 14.07
C GLU A 107 17.67 3.17 15.17
N LYS A 108 17.48 4.30 15.86
CA LYS A 108 18.38 4.83 16.91
C LYS A 108 18.24 4.11 18.26
N MET A 1 13.02 -10.06 -22.71
CA MET A 1 13.12 -9.25 -21.47
C MET A 1 11.76 -9.07 -20.81
N ALA A 2 11.74 -8.87 -19.49
CA ALA A 2 10.53 -8.63 -18.68
C ALA A 2 10.79 -7.62 -17.54
N GLU A 3 9.72 -7.01 -17.01
CA GLU A 3 9.78 -6.00 -15.94
C GLU A 3 8.70 -6.24 -14.86
N SER A 4 9.06 -6.02 -13.60
CA SER A 4 8.19 -6.21 -12.42
C SER A 4 7.18 -5.06 -12.20
N SER A 5 7.23 -4.01 -13.02
CA SER A 5 6.45 -2.77 -12.90
C SER A 5 5.14 -2.75 -13.69
N ASP A 6 4.78 -3.87 -14.31
CA ASP A 6 3.51 -4.04 -15.03
C ASP A 6 2.34 -4.37 -14.09
N LYS A 7 2.21 -3.58 -13.01
CA LYS A 7 1.27 -3.71 -11.90
C LYS A 7 0.55 -2.38 -11.73
N LEU A 8 -0.51 -2.39 -10.92
CA LEU A 8 -1.21 -1.18 -10.46
C LEU A 8 -1.02 -0.95 -8.96
N TYR A 9 -0.69 -2.00 -8.22
CA TYR A 9 -0.87 -2.05 -6.78
C TYR A 9 0.33 -2.69 -6.10
N ARG A 10 0.58 -2.28 -4.86
CA ARG A 10 1.67 -2.73 -3.99
C ARG A 10 1.09 -2.94 -2.58
N VAL A 11 1.56 -3.95 -1.86
CA VAL A 11 1.32 -4.16 -0.42
C VAL A 11 2.58 -4.65 0.26
N GLU A 12 2.82 -4.25 1.51
CA GLU A 12 3.93 -4.77 2.31
C GLU A 12 3.75 -4.61 3.82
N TYR A 13 4.54 -5.38 4.57
CA TYR A 13 5.00 -4.97 5.89
C TYR A 13 6.04 -3.86 5.73
N ALA A 14 5.80 -2.73 6.41
CA ALA A 14 6.52 -1.47 6.24
C ALA A 14 7.97 -1.55 6.76
N LYS A 15 8.93 -1.19 5.90
CA LYS A 15 10.37 -1.33 6.15
C LYS A 15 10.97 -0.22 7.05
N SER A 16 10.46 1.00 6.90
CA SER A 16 10.90 2.21 7.61
C SER A 16 9.78 3.26 7.64
N GLY A 17 9.77 4.13 8.66
CA GLY A 17 8.80 5.21 8.86
C GLY A 17 9.02 6.42 7.94
N ARG A 18 9.20 6.17 6.64
CA ARG A 18 9.66 7.17 5.63
C ARG A 18 8.77 7.27 4.38
N ALA A 19 7.80 6.38 4.21
CA ALA A 19 6.72 6.55 3.25
C ALA A 19 5.64 7.49 3.82
N SER A 20 4.95 8.24 2.95
CA SER A 20 3.93 9.23 3.32
C SER A 20 2.58 8.83 2.77
N CYS A 21 1.55 8.88 3.61
CA CYS A 21 0.18 8.56 3.22
C CYS A 21 -0.40 9.69 2.34
N LYS A 22 -0.66 9.40 1.07
CA LYS A 22 -1.20 10.37 0.10
C LYS A 22 -2.67 10.73 0.35
N LYS A 23 -3.35 10.01 1.25
CA LYS A 23 -4.78 10.12 1.54
C LYS A 23 -5.08 10.92 2.82
N CYS A 24 -4.43 10.59 3.95
CA CYS A 24 -4.62 11.29 5.23
C CYS A 24 -3.43 12.20 5.66
N SER A 25 -2.39 12.30 4.82
CA SER A 25 -1.24 13.21 4.95
C SER A 25 -0.36 13.01 6.21
N GLU A 26 -0.45 11.85 6.86
CA GLU A 26 0.49 11.37 7.88
C GLU A 26 1.66 10.63 7.23
N SER A 27 2.64 10.17 8.02
CA SER A 27 3.67 9.23 7.54
C SER A 27 3.42 7.82 8.06
N ILE A 28 3.73 6.82 7.25
CA ILE A 28 3.29 5.43 7.47
C ILE A 28 4.36 4.70 8.31
N PRO A 29 4.03 4.21 9.52
CA PRO A 29 5.02 3.63 10.45
C PRO A 29 5.54 2.26 9.99
N LYS A 30 6.76 1.92 10.41
CA LYS A 30 7.37 0.60 10.16
C LYS A 30 6.74 -0.52 11.00
N ASP A 31 6.95 -1.77 10.59
CA ASP A 31 6.34 -2.97 11.20
C ASP A 31 4.79 -2.91 11.27
N SER A 32 4.19 -2.28 10.25
CA SER A 32 2.74 -2.14 10.04
C SER A 32 2.40 -2.44 8.58
N LEU A 33 1.11 -2.58 8.23
CA LEU A 33 0.67 -2.99 6.89
C LEU A 33 0.33 -1.75 6.04
N ARG A 34 0.91 -1.66 4.84
CA ARG A 34 0.76 -0.52 3.93
C ARG A 34 0.66 -0.95 2.49
N MET A 35 0.06 -0.09 1.67
CA MET A 35 -0.19 -0.30 0.25
C MET A 35 0.33 0.87 -0.58
N ALA A 36 0.52 0.65 -1.88
CA ALA A 36 0.94 1.68 -2.82
C ALA A 36 0.26 1.51 -4.19
N ILE A 37 0.29 2.56 -5.01
CA ILE A 37 -0.27 2.56 -6.37
C ILE A 37 0.77 2.93 -7.41
N MET A 38 0.75 2.23 -8.54
CA MET A 38 1.75 2.37 -9.59
C MET A 38 1.28 3.35 -10.66
N VAL A 39 1.83 4.58 -10.64
CA VAL A 39 1.57 5.62 -11.65
C VAL A 39 2.80 5.91 -12.49
N GLN A 40 2.60 6.11 -13.80
CA GLN A 40 3.64 6.56 -14.73
C GLN A 40 4.05 8.01 -14.42
N SER A 41 5.33 8.23 -14.08
CA SER A 41 5.77 9.49 -13.47
C SER A 41 5.92 10.64 -14.47
N PRO A 42 5.52 11.86 -14.08
CA PRO A 42 5.94 13.08 -14.76
C PRO A 42 7.44 13.41 -14.62
N MET A 43 8.16 12.79 -13.67
CA MET A 43 9.54 13.13 -13.31
C MET A 43 10.55 11.95 -13.27
N PHE A 44 10.11 10.74 -13.61
CA PHE A 44 10.92 9.51 -13.63
C PHE A 44 10.60 8.66 -14.89
N ASP A 45 11.58 7.88 -15.34
CA ASP A 45 11.54 7.11 -16.58
C ASP A 45 10.83 5.74 -16.42
N GLY A 46 9.66 5.73 -15.77
CA GLY A 46 8.92 4.51 -15.44
C GLY A 46 7.77 4.78 -14.45
N LYS A 47 7.38 3.72 -13.74
CA LYS A 47 6.25 3.70 -12.80
C LYS A 47 6.77 3.90 -11.37
N VAL A 48 6.06 4.70 -10.56
CA VAL A 48 6.44 5.08 -9.19
C VAL A 48 5.29 4.83 -8.20
N PRO A 49 5.59 4.50 -6.92
CA PRO A 49 4.57 4.17 -5.92
C PRO A 49 3.97 5.40 -5.22
N HIS A 50 2.64 5.46 -5.13
CA HIS A 50 1.89 6.35 -4.24
C HIS A 50 1.45 5.56 -3.02
N TRP A 51 2.13 5.71 -1.89
CA TRP A 51 1.89 4.92 -0.67
C TRP A 51 0.69 5.44 0.11
N TYR A 52 -0.03 4.53 0.76
CA TYR A 52 -1.05 4.84 1.74
C TYR A 52 -1.09 3.75 2.81
N HIS A 53 -1.65 4.05 3.98
CA HIS A 53 -1.97 3.03 4.99
C HIS A 53 -2.85 1.91 4.37
N PHE A 54 -2.83 0.69 4.93
CA PHE A 54 -3.67 -0.41 4.44
C PHE A 54 -5.17 -0.01 4.41
N SER A 55 -5.64 0.69 5.45
CA SER A 55 -7.02 1.18 5.56
C SER A 55 -7.28 2.27 4.52
N CYS A 56 -6.35 3.20 4.34
CA CYS A 56 -6.47 4.35 3.47
C CYS A 56 -6.57 4.01 1.97
N PHE A 57 -5.89 2.97 1.48
CA PHE A 57 -6.03 2.47 0.11
C PHE A 57 -7.51 2.30 -0.29
N TRP A 58 -8.29 1.66 0.58
CA TRP A 58 -9.72 1.42 0.37
C TRP A 58 -10.59 2.67 0.61
N LYS A 59 -10.07 3.71 1.29
CA LYS A 59 -10.68 5.06 1.35
C LYS A 59 -10.50 5.82 0.03
N VAL A 60 -9.43 5.56 -0.73
CA VAL A 60 -9.27 6.08 -2.11
C VAL A 60 -10.24 5.39 -3.07
N GLY A 61 -10.61 4.14 -2.79
CA GLY A 61 -11.72 3.43 -3.44
C GLY A 61 -11.33 2.62 -4.69
N HIS A 62 -10.05 2.29 -4.87
CA HIS A 62 -9.56 1.40 -5.94
C HIS A 62 -10.02 -0.04 -5.71
N SER A 63 -10.19 -0.79 -6.81
CA SER A 63 -10.73 -2.16 -6.81
C SER A 63 -9.76 -3.16 -7.43
N ILE A 64 -9.74 -4.38 -6.88
CA ILE A 64 -8.75 -5.42 -7.16
C ILE A 64 -9.50 -6.75 -7.39
N ARG A 65 -9.15 -7.47 -8.47
CA ARG A 65 -9.91 -8.62 -9.00
C ARG A 65 -9.06 -9.89 -9.17
N HIS A 66 -7.74 -9.75 -9.22
CA HIS A 66 -6.78 -10.86 -9.09
C HIS A 66 -5.60 -10.41 -8.21
N PRO A 67 -5.83 -10.25 -6.89
CA PRO A 67 -4.89 -9.55 -6.00
C PRO A 67 -3.51 -10.19 -5.89
N ASP A 68 -3.38 -11.52 -5.98
CA ASP A 68 -2.07 -12.18 -5.97
C ASP A 68 -1.23 -11.87 -7.22
N VAL A 69 -1.87 -11.36 -8.28
CA VAL A 69 -1.25 -10.98 -9.56
C VAL A 69 -1.03 -9.47 -9.63
N GLU A 70 -1.99 -8.67 -9.14
CA GLU A 70 -2.00 -7.21 -9.26
C GLU A 70 -1.29 -6.48 -8.11
N VAL A 71 -1.41 -7.01 -6.89
CA VAL A 71 -0.78 -6.49 -5.68
C VAL A 71 0.60 -7.11 -5.53
N ASP A 72 1.59 -6.39 -6.03
CA ASP A 72 2.99 -6.69 -5.80
C ASP A 72 3.33 -6.64 -4.30
N GLY A 73 4.18 -7.53 -3.83
CA GLY A 73 4.63 -7.61 -2.43
C GLY A 73 3.69 -8.36 -1.49
N PHE A 74 2.55 -8.84 -1.98
CA PHE A 74 1.64 -9.76 -1.26
C PHE A 74 2.35 -11.05 -0.81
N SER A 75 3.42 -11.46 -1.50
CA SER A 75 4.35 -12.54 -1.09
C SER A 75 5.13 -12.26 0.20
N GLU A 76 5.25 -11.00 0.62
CA GLU A 76 5.98 -10.58 1.83
C GLU A 76 5.13 -10.68 3.11
N LEU A 77 3.80 -10.82 2.96
CA LEU A 77 2.81 -10.93 4.03
C LEU A 77 2.72 -12.38 4.56
N ARG A 78 2.31 -12.55 5.83
CA ARG A 78 1.84 -13.84 6.37
C ARG A 78 0.45 -14.20 5.87
N TRP A 79 0.10 -15.48 6.00
CA TRP A 79 -1.17 -16.05 5.56
C TRP A 79 -2.41 -15.28 6.08
N ASP A 80 -2.36 -14.76 7.31
CA ASP A 80 -3.49 -14.03 7.92
C ASP A 80 -3.70 -12.62 7.35
N ASP A 81 -2.65 -11.97 6.84
CA ASP A 81 -2.76 -10.69 6.12
C ASP A 81 -3.07 -10.94 4.64
N GLN A 82 -2.52 -11.99 4.04
CA GLN A 82 -2.88 -12.44 2.69
C GLN A 82 -4.39 -12.74 2.56
N GLN A 83 -4.95 -13.55 3.45
CA GLN A 83 -6.39 -13.87 3.42
C GLN A 83 -7.27 -12.64 3.66
N LYS A 84 -6.80 -11.65 4.43
CA LYS A 84 -7.50 -10.42 4.79
C LYS A 84 -7.40 -9.41 3.65
N VAL A 85 -6.26 -9.29 2.96
CA VAL A 85 -6.12 -8.45 1.75
C VAL A 85 -6.99 -9.01 0.63
N LYS A 86 -6.99 -10.34 0.44
CA LYS A 86 -7.90 -11.01 -0.51
C LYS A 86 -9.37 -10.79 -0.14
N LYS A 87 -9.77 -10.98 1.12
CA LYS A 87 -11.17 -10.76 1.57
C LYS A 87 -11.58 -9.29 1.50
N THR A 88 -10.67 -8.36 1.75
CA THR A 88 -10.91 -6.92 1.60
C THR A 88 -11.09 -6.53 0.13
N ALA A 89 -10.38 -7.17 -0.79
CA ALA A 89 -10.56 -6.96 -2.22
C ALA A 89 -11.89 -7.56 -2.73
N GLU A 90 -12.27 -8.74 -2.21
CA GLU A 90 -13.58 -9.34 -2.48
C GLU A 90 -14.74 -8.50 -1.89
N ALA A 91 -14.50 -7.86 -0.75
CA ALA A 91 -15.42 -6.97 -0.05
C ALA A 91 -15.52 -5.55 -0.67
N GLY A 92 -14.57 -5.17 -1.54
CA GLY A 92 -14.47 -3.83 -2.12
C GLY A 92 -14.03 -2.74 -1.14
N GLY A 93 -13.22 -3.11 -0.13
CA GLY A 93 -12.80 -2.26 0.98
C GLY A 93 -13.46 -2.62 2.31
N VAL A 94 -12.74 -2.39 3.42
CA VAL A 94 -13.23 -2.62 4.79
C VAL A 94 -12.81 -1.55 5.80
N THR A 95 -11.59 -1.00 5.66
CA THR A 95 -10.98 0.01 6.54
C THR A 95 -10.78 -0.45 8.00
N GLY A 96 -10.10 0.37 8.81
CA GLY A 96 -9.77 0.08 10.20
C GLY A 96 -9.23 1.30 10.98
N LYS A 97 -8.82 1.07 12.24
CA LYS A 97 -8.30 2.09 13.16
C LYS A 97 -6.99 2.72 12.67
N GLY A 98 -6.71 3.95 13.13
CA GLY A 98 -5.58 4.77 12.70
C GLY A 98 -4.20 4.13 12.99
N GLN A 99 -3.36 4.06 11.95
CA GLN A 99 -1.99 3.55 12.00
C GLN A 99 -1.00 4.72 12.18
N ASP A 100 -1.09 5.40 13.33
CA ASP A 100 -0.43 6.69 13.62
C ASP A 100 1.09 6.69 13.40
N GLY A 101 1.60 7.72 12.73
CA GLY A 101 3.04 7.92 12.49
C GLY A 101 3.38 9.27 11.84
N ILE A 102 4.65 9.68 11.99
CA ILE A 102 5.24 10.90 11.39
C ILE A 102 6.75 10.69 11.16
N GLY A 103 7.25 11.09 9.98
CA GLY A 103 8.66 10.89 9.60
C GLY A 103 9.09 11.52 8.26
N SER A 104 8.27 12.39 7.68
CA SER A 104 8.58 13.12 6.44
C SER A 104 7.94 14.52 6.42
N LYS A 105 8.50 15.44 5.62
CA LYS A 105 8.05 16.83 5.44
C LYS A 105 8.38 17.37 4.04
N ALA A 106 7.79 18.51 3.69
CA ALA A 106 8.04 19.26 2.45
C ALA A 106 8.08 20.77 2.78
N GLU A 107 9.21 21.42 2.46
CA GLU A 107 9.51 22.81 2.86
C GLU A 107 9.59 23.80 1.67
N LYS A 108 9.41 23.30 0.43
CA LYS A 108 9.47 24.04 -0.83
C LYS A 108 8.43 23.54 -1.84
N MET A 1 10.64 -13.50 -7.68
CA MET A 1 9.26 -13.92 -8.01
C MET A 1 8.50 -12.74 -8.62
N ALA A 2 8.02 -12.88 -9.86
CA ALA A 2 7.27 -11.87 -10.63
C ALA A 2 7.96 -10.48 -10.73
N GLU A 3 9.26 -10.46 -11.03
CA GLU A 3 10.06 -9.24 -11.24
C GLU A 3 9.46 -8.35 -12.35
N SER A 4 8.85 -7.23 -11.96
CA SER A 4 8.14 -6.28 -12.82
C SER A 4 7.80 -4.99 -12.04
N SER A 5 7.71 -3.87 -12.75
CA SER A 5 7.16 -2.59 -12.27
C SER A 5 5.99 -2.11 -13.13
N ASP A 6 5.20 -3.04 -13.66
CA ASP A 6 3.95 -2.77 -14.38
C ASP A 6 2.72 -3.37 -13.69
N LYS A 7 2.84 -3.70 -12.40
CA LYS A 7 1.75 -4.05 -11.50
C LYS A 7 1.11 -2.79 -10.98
N LEU A 8 -0.20 -2.81 -10.76
CA LEU A 8 -0.98 -1.64 -10.33
C LEU A 8 -0.82 -1.34 -8.85
N TYR A 9 -0.52 -2.36 -8.04
CA TYR A 9 -0.72 -2.31 -6.59
C TYR A 9 0.49 -2.91 -5.87
N ARG A 10 0.67 -2.52 -4.61
CA ARG A 10 1.69 -3.01 -3.68
C ARG A 10 1.04 -3.18 -2.31
N VAL A 11 1.43 -4.20 -1.54
CA VAL A 11 1.13 -4.36 -0.12
C VAL A 11 2.36 -4.90 0.61
N GLU A 12 2.63 -4.45 1.83
CA GLU A 12 3.77 -4.91 2.63
C GLU A 12 3.67 -4.50 4.09
N TYR A 13 4.44 -5.21 4.91
CA TYR A 13 4.95 -4.68 6.18
C TYR A 13 6.05 -3.67 5.87
N ALA A 14 5.96 -2.46 6.44
CA ALA A 14 6.82 -1.34 6.11
C ALA A 14 8.30 -1.58 6.49
N LYS A 15 9.20 -1.59 5.49
CA LYS A 15 10.65 -1.78 5.67
C LYS A 15 11.26 -0.69 6.56
N SER A 16 10.88 0.56 6.29
CA SER A 16 11.22 1.76 7.06
C SER A 16 10.09 2.80 6.91
N GLY A 17 9.89 3.65 7.92
CA GLY A 17 8.77 4.59 7.99
C GLY A 17 8.94 5.87 7.16
N ARG A 18 9.64 5.79 6.03
CA ARG A 18 9.94 6.94 5.14
C ARG A 18 8.73 7.39 4.31
N ALA A 19 7.80 6.47 4.03
CA ALA A 19 6.65 6.70 3.15
C ALA A 19 5.60 7.65 3.77
N SER A 20 4.94 8.42 2.90
CA SER A 20 3.87 9.36 3.25
C SER A 20 2.53 8.90 2.68
N CYS A 21 1.48 8.97 3.49
CA CYS A 21 0.13 8.58 3.10
C CYS A 21 -0.51 9.66 2.22
N LYS A 22 -0.87 9.29 0.99
CA LYS A 22 -1.39 10.24 -0.03
C LYS A 22 -2.88 10.59 0.18
N LYS A 23 -3.55 9.92 1.12
CA LYS A 23 -4.99 10.06 1.40
C LYS A 23 -5.29 10.85 2.68
N CYS A 24 -4.68 10.48 3.81
CA CYS A 24 -4.87 11.17 5.10
C CYS A 24 -3.75 12.17 5.48
N SER A 25 -2.72 12.28 4.61
CA SER A 25 -1.61 13.25 4.70
C SER A 25 -0.71 13.13 5.95
N GLU A 26 -0.72 11.97 6.61
CA GLU A 26 0.25 11.60 7.65
C GLU A 26 1.45 10.84 7.01
N SER A 27 2.42 10.40 7.83
CA SER A 27 3.50 9.50 7.39
C SER A 27 3.43 8.14 8.09
N ILE A 28 3.78 7.09 7.35
CA ILE A 28 3.42 5.70 7.63
C ILE A 28 4.52 5.03 8.49
N PRO A 29 4.20 4.41 9.64
CA PRO A 29 5.21 3.82 10.53
C PRO A 29 5.98 2.62 9.95
N LYS A 30 7.22 2.43 10.41
CA LYS A 30 7.99 1.19 10.23
C LYS A 30 7.26 -0.01 10.88
N ASP A 31 7.34 -1.17 10.26
CA ASP A 31 6.68 -2.42 10.70
C ASP A 31 5.15 -2.27 10.93
N SER A 32 4.49 -1.51 10.06
CA SER A 32 3.03 -1.41 9.93
C SER A 32 2.59 -1.90 8.54
N LEU A 33 1.32 -2.27 8.37
CA LEU A 33 0.81 -2.75 7.09
C LEU A 33 0.40 -1.57 6.21
N ARG A 34 0.97 -1.50 5.00
CA ARG A 34 0.79 -0.42 4.04
C ARG A 34 0.61 -0.93 2.62
N MET A 35 0.06 -0.10 1.76
CA MET A 35 -0.21 -0.36 0.35
C MET A 35 0.32 0.77 -0.53
N ALA A 36 0.54 0.49 -1.81
CA ALA A 36 0.97 1.49 -2.79
C ALA A 36 0.31 1.28 -4.16
N ILE A 37 0.40 2.28 -5.04
CA ILE A 37 -0.19 2.25 -6.39
C ILE A 37 0.83 2.68 -7.44
N MET A 38 0.86 2.02 -8.60
CA MET A 38 1.78 2.38 -9.67
C MET A 38 1.22 3.45 -10.62
N VAL A 39 1.97 4.54 -10.77
CA VAL A 39 1.69 5.60 -11.76
C VAL A 39 2.96 6.14 -12.41
N GLN A 40 2.89 6.51 -13.69
CA GLN A 40 3.96 7.19 -14.43
C GLN A 40 4.14 8.64 -13.93
N SER A 41 5.37 9.01 -13.56
CA SER A 41 5.63 10.25 -12.82
C SER A 41 5.66 11.51 -13.67
N PRO A 42 5.07 12.61 -13.19
CA PRO A 42 5.33 13.94 -13.71
C PRO A 42 6.77 14.46 -13.46
N MET A 43 7.52 13.83 -12.53
CA MET A 43 8.82 14.34 -12.03
C MET A 43 9.99 13.33 -12.02
N PHE A 44 9.79 12.11 -12.53
CA PHE A 44 10.78 11.03 -12.57
C PHE A 44 10.76 10.28 -13.91
N ASP A 45 11.86 9.64 -14.27
CA ASP A 45 12.10 8.99 -15.57
C ASP A 45 11.54 7.54 -15.61
N GLY A 46 10.31 7.36 -15.13
CA GLY A 46 9.64 6.06 -15.00
C GLY A 46 8.40 6.14 -14.09
N LYS A 47 8.05 5.00 -13.49
CA LYS A 47 6.84 4.85 -12.66
C LYS A 47 7.18 4.77 -11.18
N VAL A 48 6.30 5.33 -10.35
CA VAL A 48 6.53 5.64 -8.93
C VAL A 48 5.36 5.14 -8.06
N PRO A 49 5.63 4.60 -6.85
CA PRO A 49 4.59 4.09 -5.97
C PRO A 49 3.92 5.20 -5.16
N HIS A 50 2.59 5.28 -5.17
CA HIS A 50 1.80 6.15 -4.31
C HIS A 50 1.40 5.39 -3.06
N TRP A 51 2.09 5.63 -1.95
CA TRP A 51 1.89 4.91 -0.68
C TRP A 51 0.67 5.41 0.09
N TYR A 52 -0.01 4.50 0.76
CA TYR A 52 -1.05 4.81 1.73
C TYR A 52 -1.05 3.75 2.83
N HIS A 53 -1.65 4.03 3.99
CA HIS A 53 -1.97 2.99 4.97
C HIS A 53 -2.82 1.88 4.33
N PHE A 54 -2.79 0.66 4.88
CA PHE A 54 -3.63 -0.44 4.36
C PHE A 54 -5.12 -0.03 4.28
N SER A 55 -5.63 0.67 5.29
CA SER A 55 -7.02 1.13 5.38
C SER A 55 -7.30 2.26 4.40
N CYS A 56 -6.35 3.18 4.21
CA CYS A 56 -6.45 4.34 3.35
C CYS A 56 -6.54 3.99 1.86
N PHE A 57 -5.88 2.93 1.40
CA PHE A 57 -6.06 2.37 0.05
C PHE A 57 -7.56 2.16 -0.26
N TRP A 58 -8.29 1.57 0.68
CA TRP A 58 -9.73 1.31 0.54
C TRP A 58 -10.61 2.56 0.75
N LYS A 59 -10.07 3.64 1.34
CA LYS A 59 -10.70 4.97 1.37
C LYS A 59 -10.56 5.69 0.01
N VAL A 60 -9.49 5.42 -0.74
CA VAL A 60 -9.39 5.82 -2.17
C VAL A 60 -10.31 4.93 -3.04
N GLY A 61 -10.45 3.65 -2.68
CA GLY A 61 -11.52 2.77 -3.15
C GLY A 61 -11.26 2.08 -4.50
N HIS A 62 -10.00 1.82 -4.85
CA HIS A 62 -9.65 1.03 -6.05
C HIS A 62 -10.09 -0.44 -5.88
N SER A 63 -10.82 -0.95 -6.87
CA SER A 63 -11.26 -2.35 -6.90
C SER A 63 -10.17 -3.25 -7.49
N ILE A 64 -9.70 -4.20 -6.68
CA ILE A 64 -8.66 -5.15 -7.06
C ILE A 64 -9.36 -6.45 -7.50
N ARG A 65 -9.19 -6.83 -8.77
CA ARG A 65 -9.97 -7.90 -9.42
C ARG A 65 -9.27 -9.27 -9.42
N HIS A 66 -7.95 -9.27 -9.27
CA HIS A 66 -7.10 -10.45 -9.06
C HIS A 66 -5.90 -10.08 -8.17
N PRO A 67 -6.09 -9.99 -6.84
CA PRO A 67 -5.09 -9.44 -5.94
C PRO A 67 -3.78 -10.25 -5.88
N ASP A 68 -3.85 -11.56 -6.08
CA ASP A 68 -2.69 -12.45 -6.12
C ASP A 68 -1.78 -12.16 -7.34
N VAL A 69 -2.33 -11.49 -8.36
CA VAL A 69 -1.68 -11.15 -9.63
C VAL A 69 -1.15 -9.71 -9.62
N GLU A 70 -1.92 -8.78 -9.04
CA GLU A 70 -1.67 -7.33 -9.17
C GLU A 70 -1.12 -6.63 -7.91
N VAL A 71 -1.35 -7.18 -6.72
CA VAL A 71 -0.72 -6.70 -5.48
C VAL A 71 0.69 -7.30 -5.35
N ASP A 72 1.67 -6.49 -5.74
CA ASP A 72 3.08 -6.72 -5.48
C ASP A 72 3.39 -6.76 -3.97
N GLY A 73 4.33 -7.59 -3.52
CA GLY A 73 4.75 -7.68 -2.11
C GLY A 73 3.81 -8.49 -1.21
N PHE A 74 2.63 -8.87 -1.71
CA PHE A 74 1.70 -9.83 -1.09
C PHE A 74 2.37 -11.19 -0.78
N SER A 75 3.41 -11.56 -1.53
CA SER A 75 4.29 -12.70 -1.28
C SER A 75 5.05 -12.64 0.06
N GLU A 76 5.24 -11.45 0.63
CA GLU A 76 5.95 -11.23 1.90
C GLU A 76 5.01 -11.26 3.12
N LEU A 77 3.69 -11.14 2.91
CA LEU A 77 2.66 -11.22 3.95
C LEU A 77 2.51 -12.65 4.50
N ARG A 78 2.14 -12.76 5.78
CA ARG A 78 1.67 -14.01 6.38
C ARG A 78 0.26 -14.36 5.94
N TRP A 79 -0.12 -15.62 6.13
CA TRP A 79 -1.38 -16.19 5.66
C TRP A 79 -2.61 -15.38 6.13
N ASP A 80 -2.58 -14.84 7.36
CA ASP A 80 -3.69 -14.07 7.93
C ASP A 80 -3.87 -12.68 7.31
N ASP A 81 -2.80 -12.06 6.82
CA ASP A 81 -2.85 -10.78 6.09
C ASP A 81 -3.16 -11.04 4.61
N GLN A 82 -2.64 -12.12 4.02
CA GLN A 82 -3.01 -12.56 2.67
C GLN A 82 -4.52 -12.81 2.55
N GLN A 83 -5.12 -13.60 3.45
CA GLN A 83 -6.55 -13.89 3.41
C GLN A 83 -7.41 -12.65 3.70
N LYS A 84 -6.90 -11.67 4.46
CA LYS A 84 -7.57 -10.41 4.79
C LYS A 84 -7.48 -9.45 3.62
N VAL A 85 -6.34 -9.38 2.91
CA VAL A 85 -6.20 -8.55 1.69
C VAL A 85 -7.09 -9.11 0.57
N LYS A 86 -7.07 -10.43 0.36
CA LYS A 86 -7.96 -11.11 -0.60
C LYS A 86 -9.44 -10.89 -0.25
N LYS A 87 -9.82 -11.09 1.03
CA LYS A 87 -11.20 -10.87 1.50
C LYS A 87 -11.62 -9.40 1.37
N THR A 88 -10.75 -8.45 1.69
CA THR A 88 -11.01 -7.01 1.59
C THR A 88 -11.21 -6.56 0.14
N ALA A 89 -10.47 -7.15 -0.81
CA ALA A 89 -10.64 -6.90 -2.24
C ALA A 89 -11.97 -7.48 -2.76
N GLU A 90 -12.37 -8.65 -2.27
CA GLU A 90 -13.69 -9.22 -2.57
C GLU A 90 -14.86 -8.44 -1.93
N ALA A 91 -14.61 -7.89 -0.74
CA ALA A 91 -15.56 -7.09 0.05
C ALA A 91 -15.72 -5.63 -0.45
N GLY A 92 -14.84 -5.17 -1.36
CA GLY A 92 -14.85 -3.81 -1.88
C GLY A 92 -14.32 -2.74 -0.91
N GLY A 93 -13.43 -3.13 0.02
CA GLY A 93 -12.81 -2.25 1.01
C GLY A 93 -13.37 -2.37 2.42
N VAL A 94 -12.49 -2.15 3.42
CA VAL A 94 -12.79 -2.25 4.87
C VAL A 94 -12.52 -0.96 5.66
N THR A 95 -11.56 -0.14 5.23
CA THR A 95 -11.18 1.15 5.84
C THR A 95 -10.75 1.04 7.33
N GLY A 96 -10.99 2.06 8.15
CA GLY A 96 -10.54 2.14 9.56
C GLY A 96 -9.37 3.10 9.81
N LYS A 97 -9.06 3.36 11.08
CA LYS A 97 -8.02 4.31 11.55
C LYS A 97 -7.26 3.79 12.77
N GLY A 98 -6.03 4.26 12.97
CA GLY A 98 -5.23 4.05 14.19
C GLY A 98 -3.72 4.20 13.96
N GLN A 99 -3.10 5.20 14.61
CA GLN A 99 -1.65 5.44 14.62
C GLN A 99 -1.23 6.24 15.87
N ASP A 100 0.00 6.01 16.34
CA ASP A 100 0.75 6.87 17.27
C ASP A 100 2.17 7.10 16.74
N GLY A 101 2.71 8.32 16.90
CA GLY A 101 3.98 8.75 16.30
C GLY A 101 3.87 9.04 14.80
N ILE A 102 5.00 9.35 14.16
CA ILE A 102 5.08 9.82 12.76
C ILE A 102 6.06 8.99 11.89
N GLY A 103 6.35 7.76 12.32
CA GLY A 103 7.21 6.84 11.58
C GLY A 103 8.69 7.26 11.59
N SER A 104 9.29 7.27 10.40
CA SER A 104 10.72 7.55 10.16
C SER A 104 10.91 8.75 9.21
N LYS A 105 10.02 9.76 9.31
CA LYS A 105 9.95 10.93 8.43
C LYS A 105 11.31 11.63 8.26
N ALA A 106 11.66 11.98 7.02
CA ALA A 106 13.03 12.33 6.62
C ALA A 106 13.54 13.67 7.20
N GLU A 107 12.63 14.58 7.55
CA GLU A 107 12.88 15.79 8.34
C GLU A 107 11.87 15.85 9.51
N LYS A 108 12.20 16.56 10.60
CA LYS A 108 11.37 16.65 11.82
C LYS A 108 10.26 17.70 11.68
N MET A 1 19.98 -1.86 -4.25
CA MET A 1 18.86 -2.72 -4.77
C MET A 1 17.78 -1.84 -5.40
N ALA A 2 17.03 -2.39 -6.35
CA ALA A 2 15.92 -1.73 -7.06
C ALA A 2 14.78 -2.72 -7.41
N GLU A 3 13.60 -2.19 -7.74
CA GLU A 3 12.40 -2.96 -8.11
C GLU A 3 11.72 -2.38 -9.37
N SER A 4 11.09 -3.25 -10.17
CA SER A 4 10.30 -2.89 -11.36
C SER A 4 8.90 -2.38 -11.01
N SER A 5 8.33 -1.53 -11.86
CA SER A 5 7.04 -0.83 -11.65
C SER A 5 5.98 -1.18 -12.68
N ASP A 6 5.98 -2.44 -13.10
CA ASP A 6 5.11 -3.00 -14.14
C ASP A 6 3.72 -3.46 -13.65
N LYS A 7 3.38 -3.15 -12.39
CA LYS A 7 2.12 -3.46 -11.72
C LYS A 7 1.23 -2.21 -11.71
N LEU A 8 0.11 -2.32 -11.00
CA LEU A 8 -0.75 -1.19 -10.65
C LEU A 8 -0.88 -1.01 -9.13
N TYR A 9 -0.64 -2.07 -8.33
CA TYR A 9 -0.84 -2.06 -6.89
C TYR A 9 0.34 -2.72 -6.17
N ARG A 10 0.52 -2.37 -4.90
CA ARG A 10 1.59 -2.82 -4.00
C ARG A 10 1.04 -2.99 -2.59
N VAL A 11 1.52 -3.97 -1.83
CA VAL A 11 1.27 -4.18 -0.40
C VAL A 11 2.51 -4.74 0.28
N GLU A 12 2.80 -4.31 1.51
CA GLU A 12 3.91 -4.85 2.30
C GLU A 12 3.82 -4.53 3.79
N TYR A 13 4.59 -5.27 4.59
CA TYR A 13 5.01 -4.86 5.92
C TYR A 13 6.11 -3.79 5.80
N ALA A 14 5.94 -2.67 6.50
CA ALA A 14 6.77 -1.48 6.35
C ALA A 14 8.20 -1.67 6.88
N LYS A 15 9.19 -1.59 5.98
CA LYS A 15 10.63 -1.79 6.30
C LYS A 15 11.19 -0.71 7.22
N SER A 16 10.78 0.54 6.96
CA SER A 16 11.10 1.74 7.72
C SER A 16 10.07 2.84 7.42
N GLY A 17 9.98 3.85 8.28
CA GLY A 17 9.03 4.98 8.20
C GLY A 17 9.38 6.04 7.16
N ARG A 18 9.88 5.64 5.99
CA ARG A 18 10.29 6.52 4.87
C ARG A 18 9.14 6.86 3.91
N ALA A 19 8.04 6.09 3.94
CA ALA A 19 6.83 6.33 3.16
C ALA A 19 5.80 7.17 3.96
N SER A 20 5.03 8.00 3.26
CA SER A 20 3.98 8.84 3.85
C SER A 20 2.67 8.72 3.06
N CYS A 21 1.55 8.86 3.77
CA CYS A 21 0.23 8.53 3.28
C CYS A 21 -0.33 9.67 2.40
N LYS A 22 -0.62 9.36 1.14
CA LYS A 22 -1.12 10.34 0.15
C LYS A 22 -2.58 10.72 0.35
N LYS A 23 -3.33 9.96 1.17
CA LYS A 23 -4.79 10.08 1.34
C LYS A 23 -5.21 10.81 2.62
N CYS A 24 -4.65 10.44 3.78
CA CYS A 24 -4.93 11.10 5.07
C CYS A 24 -3.83 12.09 5.52
N SER A 25 -2.76 12.24 4.72
CA SER A 25 -1.66 13.20 4.89
C SER A 25 -0.83 13.04 6.18
N GLU A 26 -0.84 11.85 6.78
CA GLU A 26 0.06 11.43 7.86
C GLU A 26 1.27 10.64 7.30
N SER A 27 2.16 10.14 8.16
CA SER A 27 3.31 9.32 7.77
C SER A 27 3.17 7.88 8.26
N ILE A 28 3.68 6.93 7.49
CA ILE A 28 3.37 5.51 7.68
C ILE A 28 4.43 4.87 8.61
N PRO A 29 4.04 4.29 9.76
CA PRO A 29 5.00 3.74 10.73
C PRO A 29 5.64 2.43 10.24
N LYS A 30 6.85 2.14 10.76
CA LYS A 30 7.60 0.90 10.58
C LYS A 30 6.86 -0.29 11.21
N ASP A 31 7.02 -1.47 10.63
CA ASP A 31 6.37 -2.73 11.05
C ASP A 31 4.83 -2.63 11.13
N SER A 32 4.22 -1.92 10.17
CA SER A 32 2.77 -1.84 9.93
C SER A 32 2.45 -2.29 8.50
N LEU A 33 1.18 -2.52 8.18
CA LEU A 33 0.75 -2.91 6.85
C LEU A 33 0.43 -1.67 6.01
N ARG A 34 1.04 -1.57 4.82
CA ARG A 34 0.92 -0.44 3.89
C ARG A 34 0.70 -0.93 2.47
N MET A 35 0.05 -0.11 1.67
CA MET A 35 -0.22 -0.33 0.25
C MET A 35 0.31 0.83 -0.60
N ALA A 36 0.51 0.59 -1.89
CA ALA A 36 0.97 1.61 -2.84
C ALA A 36 0.30 1.44 -4.21
N ILE A 37 0.38 2.48 -5.04
CA ILE A 37 -0.16 2.49 -6.41
C ILE A 37 0.92 2.92 -7.40
N MET A 38 0.97 2.27 -8.55
CA MET A 38 1.96 2.55 -9.59
C MET A 38 1.38 3.57 -10.59
N VAL A 39 1.81 4.83 -10.49
CA VAL A 39 1.43 5.90 -11.44
C VAL A 39 2.61 6.33 -12.32
N GLN A 40 2.32 6.61 -13.58
CA GLN A 40 3.31 7.05 -14.58
C GLN A 40 3.87 8.44 -14.24
N SER A 41 5.20 8.55 -14.19
CA SER A 41 5.90 9.77 -13.72
C SER A 41 6.26 10.74 -14.85
N PRO A 42 6.07 12.05 -14.64
CA PRO A 42 6.65 13.07 -15.50
C PRO A 42 8.17 13.27 -15.33
N MET A 43 8.76 12.77 -14.23
CA MET A 43 10.16 12.99 -13.84
C MET A 43 11.04 11.73 -13.87
N PHE A 44 10.44 10.55 -13.71
CA PHE A 44 11.11 9.24 -13.72
C PHE A 44 10.81 8.46 -15.01
N ASP A 45 11.71 7.54 -15.37
CA ASP A 45 11.68 6.76 -16.63
C ASP A 45 10.77 5.51 -16.53
N GLY A 46 9.54 5.71 -16.04
CA GLY A 46 8.56 4.66 -15.77
C GLY A 46 7.52 5.10 -14.73
N LYS A 47 7.09 4.16 -13.88
CA LYS A 47 6.05 4.38 -12.87
C LYS A 47 6.63 4.42 -11.45
N VAL A 48 5.95 5.15 -10.57
CA VAL A 48 6.39 5.48 -9.20
C VAL A 48 5.31 5.15 -8.16
N PRO A 49 5.66 4.73 -6.93
CA PRO A 49 4.69 4.30 -5.92
C PRO A 49 4.07 5.47 -5.16
N HIS A 50 2.73 5.49 -5.07
CA HIS A 50 1.96 6.35 -4.16
C HIS A 50 1.54 5.52 -2.96
N TRP A 51 2.22 5.69 -1.83
CA TRP A 51 2.01 4.89 -0.62
C TRP A 51 0.81 5.39 0.20
N TYR A 52 0.11 4.47 0.83
CA TYR A 52 -0.95 4.77 1.80
C TYR A 52 -1.00 3.68 2.88
N HIS A 53 -1.62 3.96 4.02
CA HIS A 53 -1.98 2.92 5.01
C HIS A 53 -2.86 1.83 4.35
N PHE A 54 -2.92 0.63 4.94
CA PHE A 54 -3.75 -0.48 4.41
C PHE A 54 -5.23 -0.06 4.18
N SER A 55 -5.83 0.68 5.13
CA SER A 55 -7.21 1.20 5.04
C SER A 55 -7.32 2.30 3.98
N CYS A 56 -6.32 3.17 3.92
CA CYS A 56 -6.33 4.36 3.08
C CYS A 56 -6.36 4.04 1.58
N PHE A 57 -5.71 2.96 1.12
CA PHE A 57 -5.81 2.46 -0.26
C PHE A 57 -7.27 2.27 -0.71
N TRP A 58 -8.07 1.57 0.09
CA TRP A 58 -9.49 1.31 -0.20
C TRP A 58 -10.32 2.59 -0.09
N LYS A 59 -9.89 3.52 0.77
CA LYS A 59 -10.49 4.85 0.98
C LYS A 59 -10.21 5.82 -0.18
N VAL A 60 -9.21 5.55 -1.04
CA VAL A 60 -9.09 6.23 -2.37
C VAL A 60 -10.24 5.83 -3.31
N GLY A 61 -10.84 4.64 -3.10
CA GLY A 61 -11.92 4.08 -3.92
C GLY A 61 -11.46 3.01 -4.93
N HIS A 62 -10.21 2.55 -4.85
CA HIS A 62 -9.69 1.43 -5.67
C HIS A 62 -10.24 0.08 -5.22
N SER A 63 -10.34 -0.85 -6.18
CA SER A 63 -10.82 -2.23 -6.01
C SER A 63 -9.99 -3.19 -6.87
N ILE A 64 -9.94 -4.47 -6.48
CA ILE A 64 -8.94 -5.45 -6.94
C ILE A 64 -9.65 -6.78 -7.24
N ARG A 65 -9.32 -7.43 -8.37
CA ARG A 65 -10.06 -8.58 -8.93
C ARG A 65 -9.22 -9.86 -9.10
N HIS A 66 -7.89 -9.73 -9.15
CA HIS A 66 -6.94 -10.83 -9.06
C HIS A 66 -5.75 -10.41 -8.18
N PRO A 67 -5.97 -10.23 -6.85
CA PRO A 67 -5.06 -9.50 -5.98
C PRO A 67 -3.67 -10.09 -5.83
N ASP A 68 -3.50 -11.41 -5.87
CA ASP A 68 -2.17 -12.04 -5.83
C ASP A 68 -1.37 -11.86 -7.14
N VAL A 69 -2.01 -11.35 -8.20
CA VAL A 69 -1.40 -10.95 -9.47
C VAL A 69 -1.17 -9.43 -9.52
N GLU A 70 -2.16 -8.63 -9.10
CA GLU A 70 -2.14 -7.17 -9.21
C GLU A 70 -1.38 -6.47 -8.09
N VAL A 71 -1.46 -7.02 -6.87
CA VAL A 71 -0.82 -6.49 -5.67
C VAL A 71 0.54 -7.15 -5.48
N ASP A 72 1.54 -6.40 -5.90
CA ASP A 72 2.95 -6.72 -5.69
C ASP A 72 3.34 -6.65 -4.21
N GLY A 73 4.22 -7.52 -3.75
CA GLY A 73 4.69 -7.59 -2.36
C GLY A 73 3.76 -8.34 -1.40
N PHE A 74 2.59 -8.80 -1.87
CA PHE A 74 1.68 -9.72 -1.18
C PHE A 74 2.37 -11.03 -0.75
N SER A 75 3.44 -11.42 -1.45
CA SER A 75 4.35 -12.52 -1.08
C SER A 75 5.11 -12.31 0.24
N GLU A 76 5.25 -11.08 0.72
CA GLU A 76 5.94 -10.77 1.99
C GLU A 76 5.02 -10.90 3.22
N LEU A 77 3.70 -10.91 3.02
CA LEU A 77 2.68 -10.99 4.08
C LEU A 77 2.58 -12.41 4.66
N ARG A 78 2.24 -12.51 5.96
CA ARG A 78 1.79 -13.75 6.59
C ARG A 78 0.42 -14.17 6.02
N TRP A 79 0.08 -15.46 6.13
CA TRP A 79 -1.19 -16.01 5.65
C TRP A 79 -2.42 -15.24 6.18
N ASP A 80 -2.36 -14.73 7.41
CA ASP A 80 -3.48 -14.00 8.04
C ASP A 80 -3.73 -12.61 7.43
N ASP A 81 -2.70 -11.94 6.92
CA ASP A 81 -2.83 -10.69 6.18
C ASP A 81 -3.13 -10.97 4.71
N GLN A 82 -2.57 -12.03 4.11
CA GLN A 82 -2.94 -12.47 2.76
C GLN A 82 -4.44 -12.78 2.64
N GLN A 83 -4.99 -13.60 3.55
CA GLN A 83 -6.42 -13.96 3.52
C GLN A 83 -7.34 -12.74 3.75
N LYS A 84 -6.89 -11.74 4.53
CA LYS A 84 -7.64 -10.54 4.87
C LYS A 84 -7.52 -9.46 3.79
N VAL A 85 -6.37 -9.34 3.12
CA VAL A 85 -6.22 -8.49 1.91
C VAL A 85 -7.08 -9.04 0.78
N LYS A 86 -7.07 -10.37 0.54
CA LYS A 86 -7.94 -11.01 -0.45
C LYS A 86 -9.43 -10.94 -0.08
N LYS A 87 -9.79 -11.11 1.19
CA LYS A 87 -11.16 -10.91 1.69
C LYS A 87 -11.61 -9.46 1.52
N THR A 88 -10.74 -8.48 1.79
CA THR A 88 -11.00 -7.06 1.61
C THR A 88 -11.19 -6.69 0.13
N ALA A 89 -10.43 -7.32 -0.79
CA ALA A 89 -10.59 -7.13 -2.22
C ALA A 89 -11.93 -7.72 -2.71
N GLU A 90 -12.32 -8.88 -2.18
CA GLU A 90 -13.63 -9.49 -2.46
C GLU A 90 -14.81 -8.71 -1.85
N ALA A 91 -14.57 -8.07 -0.70
CA ALA A 91 -15.52 -7.22 0.03
C ALA A 91 -15.66 -5.80 -0.57
N GLY A 92 -14.81 -5.42 -1.54
CA GLY A 92 -14.81 -4.10 -2.17
C GLY A 92 -14.21 -2.98 -1.31
N GLY A 93 -13.34 -3.31 -0.36
CA GLY A 93 -12.61 -2.36 0.48
C GLY A 93 -13.13 -2.22 1.92
N VAL A 94 -12.20 -1.89 2.83
CA VAL A 94 -12.48 -1.48 4.21
C VAL A 94 -11.69 -0.20 4.55
N THR A 95 -12.35 0.77 5.18
CA THR A 95 -11.92 2.19 5.17
C THR A 95 -11.83 2.87 6.53
N GLY A 96 -12.03 2.12 7.63
CA GLY A 96 -12.09 2.68 8.98
C GLY A 96 -11.84 1.66 10.10
N LYS A 97 -12.04 2.08 11.35
CA LYS A 97 -11.84 1.31 12.60
C LYS A 97 -10.41 0.74 12.79
N GLY A 98 -9.41 1.35 12.14
CA GLY A 98 -7.99 0.96 12.25
C GLY A 98 -7.32 1.42 13.56
N GLN A 99 -6.13 0.87 13.84
CA GLN A 99 -5.32 1.21 15.02
C GLN A 99 -4.47 2.48 14.80
N ASP A 100 -4.11 3.16 15.89
CA ASP A 100 -3.30 4.39 15.88
C ASP A 100 -1.79 4.12 15.71
N GLY A 101 -1.10 4.98 14.94
CA GLY A 101 0.35 4.96 14.73
C GLY A 101 0.79 5.86 13.59
N ILE A 102 1.93 6.55 13.74
CA ILE A 102 2.46 7.53 12.76
C ILE A 102 3.99 7.54 12.72
N GLY A 103 4.55 7.44 11.51
CA GLY A 103 5.94 7.80 11.13
C GLY A 103 7.12 7.04 11.74
N SER A 104 7.00 6.43 12.93
CA SER A 104 8.09 5.80 13.70
C SER A 104 9.33 6.70 13.89
N LYS A 105 9.11 7.99 14.20
CA LYS A 105 10.12 9.05 14.30
C LYS A 105 11.16 8.86 15.42
N ALA A 106 10.99 7.85 16.27
CA ALA A 106 12.02 7.38 17.21
C ALA A 106 13.28 6.84 16.50
N GLU A 107 13.16 6.37 15.25
CA GLU A 107 14.27 6.14 14.32
C GLU A 107 14.41 7.31 13.32
N LYS A 108 15.65 7.68 13.01
CA LYS A 108 16.02 8.86 12.19
C LYS A 108 17.15 8.53 11.20
N MET A 1 20.98 -4.68 -14.30
CA MET A 1 19.74 -5.38 -13.87
C MET A 1 18.69 -4.37 -13.41
N ALA A 2 17.41 -4.64 -13.68
CA ALA A 2 16.26 -3.82 -13.30
C ALA A 2 15.03 -4.67 -12.90
N GLU A 3 14.04 -4.04 -12.25
CA GLU A 3 12.77 -4.67 -11.82
C GLU A 3 11.55 -4.01 -12.47
N SER A 4 10.48 -4.78 -12.69
CA SER A 4 9.27 -4.33 -13.39
C SER A 4 8.35 -3.45 -12.53
N SER A 5 7.80 -2.40 -13.15
CA SER A 5 6.72 -1.55 -12.61
C SER A 5 5.40 -1.71 -13.35
N ASP A 6 5.21 -2.86 -14.02
CA ASP A 6 4.00 -3.18 -14.79
C ASP A 6 2.87 -3.79 -13.94
N LYS A 7 2.61 -3.21 -12.76
CA LYS A 7 1.50 -3.51 -11.86
C LYS A 7 0.54 -2.31 -11.77
N LEU A 8 -0.49 -2.44 -10.96
CA LEU A 8 -1.36 -1.35 -10.51
C LEU A 8 -1.19 -1.03 -9.03
N TYR A 9 -0.75 -2.01 -8.24
CA TYR A 9 -0.90 -2.00 -6.78
C TYR A 9 0.34 -2.60 -6.10
N ARG A 10 0.53 -2.26 -4.83
CA ARG A 10 1.63 -2.71 -3.96
C ARG A 10 1.10 -2.92 -2.54
N VAL A 11 1.64 -3.89 -1.80
CA VAL A 11 1.38 -4.14 -0.37
C VAL A 11 2.65 -4.62 0.32
N GLU A 12 2.88 -4.22 1.57
CA GLU A 12 3.98 -4.74 2.39
C GLU A 12 3.78 -4.56 3.90
N TYR A 13 4.56 -5.34 4.66
CA TYR A 13 4.99 -4.95 5.99
C TYR A 13 6.07 -3.86 5.88
N ALA A 14 5.92 -2.79 6.67
CA ALA A 14 6.75 -1.60 6.64
C ALA A 14 8.15 -1.84 7.25
N LYS A 15 9.21 -1.65 6.45
CA LYS A 15 10.61 -1.86 6.86
C LYS A 15 11.04 -0.82 7.91
N SER A 16 10.72 0.44 7.64
CA SER A 16 10.92 1.63 8.48
C SER A 16 9.88 2.70 8.12
N GLY A 17 9.74 3.73 8.97
CA GLY A 17 8.93 4.92 8.69
C GLY A 17 9.56 5.81 7.61
N ARG A 18 9.43 5.39 6.35
CA ARG A 18 10.07 6.01 5.16
C ARG A 18 9.09 6.31 4.01
N ALA A 19 7.79 6.14 4.25
CA ALA A 19 6.71 6.43 3.31
C ALA A 19 5.65 7.36 3.94
N SER A 20 4.99 8.18 3.11
CA SER A 20 3.96 9.13 3.53
C SER A 20 2.60 8.79 2.90
N CYS A 21 1.52 8.97 3.65
CA CYS A 21 0.18 8.65 3.21
C CYS A 21 -0.38 9.76 2.32
N LYS A 22 -0.57 9.46 1.04
CA LYS A 22 -1.08 10.42 0.03
C LYS A 22 -2.56 10.77 0.24
N LYS A 23 -3.26 10.01 1.09
CA LYS A 23 -4.72 10.09 1.31
C LYS A 23 -5.10 10.91 2.55
N CYS A 24 -4.49 10.63 3.71
CA CYS A 24 -4.76 11.33 4.97
C CYS A 24 -3.64 12.28 5.45
N SER A 25 -2.55 12.41 4.66
CA SER A 25 -1.41 13.32 4.83
C SER A 25 -0.55 13.13 6.10
N GLU A 26 -0.69 12.00 6.78
CA GLU A 26 0.24 11.53 7.82
C GLU A 26 1.39 10.71 7.18
N SER A 27 2.24 10.09 8.01
CA SER A 27 3.30 9.17 7.54
C SER A 27 3.16 7.77 8.14
N ILE A 28 3.59 6.76 7.37
CA ILE A 28 3.18 5.37 7.54
C ILE A 28 4.25 4.60 8.35
N PRO A 29 3.97 4.19 9.61
CA PRO A 29 4.97 3.77 10.57
C PRO A 29 5.60 2.39 10.31
N LYS A 30 6.80 2.19 10.86
CA LYS A 30 7.56 0.93 10.92
C LYS A 30 6.73 -0.22 11.53
N ASP A 31 6.96 -1.45 11.05
CA ASP A 31 6.33 -2.69 11.54
C ASP A 31 4.79 -2.63 11.55
N SER A 32 4.21 -2.11 10.46
CA SER A 32 2.77 -2.01 10.20
C SER A 32 2.47 -2.38 8.73
N LEU A 33 1.20 -2.57 8.36
CA LEU A 33 0.77 -2.94 7.01
C LEU A 33 0.48 -1.67 6.18
N ARG A 34 1.04 -1.61 4.97
CA ARG A 34 0.90 -0.48 4.04
C ARG A 34 0.65 -0.97 2.61
N MET A 35 0.04 -0.12 1.79
CA MET A 35 -0.24 -0.34 0.37
C MET A 35 0.22 0.83 -0.47
N ALA A 36 0.42 0.61 -1.77
CA ALA A 36 0.79 1.65 -2.73
C ALA A 36 0.07 1.45 -4.08
N ILE A 37 0.09 2.48 -4.92
CA ILE A 37 -0.48 2.44 -6.28
C ILE A 37 0.56 2.80 -7.32
N MET A 38 0.49 2.13 -8.47
CA MET A 38 1.47 2.23 -9.54
C MET A 38 1.00 3.25 -10.60
N VAL A 39 1.59 4.45 -10.57
CA VAL A 39 1.27 5.54 -11.52
C VAL A 39 2.50 5.92 -12.37
N GLN A 40 2.27 6.22 -13.65
CA GLN A 40 3.30 6.64 -14.59
C GLN A 40 3.88 8.01 -14.20
N SER A 41 5.21 8.12 -14.13
CA SER A 41 5.90 9.30 -13.61
C SER A 41 6.26 10.32 -14.70
N PRO A 42 6.06 11.62 -14.43
CA PRO A 42 6.65 12.69 -15.24
C PRO A 42 8.17 12.87 -15.06
N MET A 43 8.75 12.29 -14.00
CA MET A 43 10.16 12.50 -13.59
C MET A 43 11.04 11.23 -13.68
N PHE A 44 10.43 10.04 -13.61
CA PHE A 44 11.10 8.73 -13.63
C PHE A 44 10.77 7.94 -14.91
N ASP A 45 11.65 7.00 -15.28
CA ASP A 45 11.62 6.23 -16.54
C ASP A 45 10.70 4.99 -16.46
N GLY A 46 9.53 5.13 -15.84
CA GLY A 46 8.56 4.07 -15.57
C GLY A 46 7.48 4.52 -14.58
N LYS A 47 6.94 3.56 -13.81
CA LYS A 47 5.87 3.83 -12.84
C LYS A 47 6.39 3.82 -11.40
N VAL A 48 5.77 4.64 -10.56
CA VAL A 48 6.20 4.95 -9.19
C VAL A 48 5.09 4.68 -8.17
N PRO A 49 5.42 4.24 -6.94
CA PRO A 49 4.43 3.88 -5.93
C PRO A 49 3.88 5.11 -5.16
N HIS A 50 2.56 5.24 -5.08
CA HIS A 50 1.87 6.21 -4.22
C HIS A 50 1.38 5.50 -2.97
N TRP A 51 2.06 5.69 -1.84
CA TRP A 51 1.84 4.92 -0.61
C TRP A 51 0.66 5.44 0.21
N TYR A 52 -0.04 4.54 0.87
CA TYR A 52 -1.08 4.86 1.83
C TYR A 52 -1.14 3.79 2.92
N HIS A 53 -1.77 4.10 4.06
CA HIS A 53 -2.13 3.09 5.07
C HIS A 53 -2.97 1.96 4.42
N PHE A 54 -3.00 0.76 5.02
CA PHE A 54 -3.76 -0.38 4.49
C PHE A 54 -5.23 -0.03 4.20
N SER A 55 -5.91 0.72 5.08
CA SER A 55 -7.31 1.16 4.90
C SER A 55 -7.41 2.33 3.93
N CYS A 56 -6.48 3.29 3.99
CA CYS A 56 -6.45 4.47 3.15
C CYS A 56 -6.43 4.14 1.64
N PHE A 57 -5.75 3.07 1.23
CA PHE A 57 -5.77 2.54 -0.15
C PHE A 57 -7.21 2.33 -0.66
N TRP A 58 -8.06 1.67 0.13
CA TRP A 58 -9.44 1.39 -0.23
C TRP A 58 -10.32 2.65 -0.14
N LYS A 59 -9.94 3.60 0.73
CA LYS A 59 -10.56 4.94 0.83
C LYS A 59 -10.26 5.83 -0.38
N VAL A 60 -9.23 5.54 -1.19
CA VAL A 60 -9.06 6.16 -2.53
C VAL A 60 -10.17 5.73 -3.51
N GLY A 61 -10.82 4.59 -3.26
CA GLY A 61 -11.94 4.07 -4.05
C GLY A 61 -11.57 2.97 -5.06
N HIS A 62 -10.32 2.49 -5.06
CA HIS A 62 -9.89 1.37 -5.91
C HIS A 62 -10.37 0.01 -5.39
N SER A 63 -10.64 -0.91 -6.32
CA SER A 63 -10.98 -2.32 -6.06
C SER A 63 -10.11 -3.23 -6.92
N ILE A 64 -9.83 -4.45 -6.42
CA ILE A 64 -8.79 -5.34 -6.95
C ILE A 64 -9.44 -6.68 -7.36
N ARG A 65 -9.34 -7.03 -8.65
CA ARG A 65 -10.02 -8.19 -9.25
C ARG A 65 -9.25 -9.51 -9.12
N HIS A 66 -7.93 -9.43 -9.01
CA HIS A 66 -7.00 -10.56 -8.83
C HIS A 66 -5.76 -10.11 -8.04
N PRO A 67 -5.86 -10.00 -6.69
CA PRO A 67 -4.85 -9.31 -5.90
C PRO A 67 -3.49 -10.00 -5.88
N ASP A 68 -3.42 -11.33 -5.95
CA ASP A 68 -2.14 -12.04 -6.03
C ASP A 68 -1.45 -11.90 -7.41
N VAL A 69 -2.14 -11.30 -8.40
CA VAL A 69 -1.60 -10.95 -9.72
C VAL A 69 -1.16 -9.49 -9.78
N GLU A 70 -1.95 -8.55 -9.23
CA GLU A 70 -1.74 -7.10 -9.39
C GLU A 70 -1.20 -6.35 -8.17
N VAL A 71 -1.33 -6.91 -6.97
CA VAL A 71 -0.69 -6.40 -5.74
C VAL A 71 0.72 -6.96 -5.64
N ASP A 72 1.68 -6.16 -6.08
CA ASP A 72 3.11 -6.38 -5.85
C ASP A 72 3.41 -6.47 -4.34
N GLY A 73 4.31 -7.36 -3.93
CA GLY A 73 4.74 -7.50 -2.53
C GLY A 73 3.83 -8.32 -1.62
N PHE A 74 2.69 -8.81 -2.12
CA PHE A 74 1.80 -9.75 -1.40
C PHE A 74 2.53 -11.04 -0.97
N SER A 75 3.59 -11.44 -1.67
CA SER A 75 4.48 -12.55 -1.31
C SER A 75 5.39 -12.27 -0.10
N GLU A 76 5.53 -11.01 0.32
CA GLU A 76 6.32 -10.58 1.49
C GLU A 76 5.51 -10.68 2.81
N LEU A 77 4.17 -10.73 2.71
CA LEU A 77 3.23 -10.90 3.82
C LEU A 77 3.25 -12.35 4.37
N ARG A 78 2.50 -12.60 5.45
CA ARG A 78 2.12 -13.94 5.91
C ARG A 78 0.62 -14.19 5.77
N TRP A 79 0.24 -15.46 5.92
CA TRP A 79 -1.06 -15.98 5.47
C TRP A 79 -2.26 -15.21 6.04
N ASP A 80 -2.18 -14.72 7.27
CA ASP A 80 -3.28 -13.99 7.92
C ASP A 80 -3.54 -12.59 7.34
N ASP A 81 -2.50 -11.93 6.84
CA ASP A 81 -2.63 -10.64 6.15
C ASP A 81 -2.94 -10.85 4.67
N GLN A 82 -2.39 -11.89 4.04
CA GLN A 82 -2.77 -12.32 2.69
C GLN A 82 -4.28 -12.61 2.61
N GLN A 83 -4.84 -13.44 3.49
CA GLN A 83 -6.27 -13.77 3.48
C GLN A 83 -7.17 -12.57 3.80
N LYS A 84 -6.68 -11.58 4.56
CA LYS A 84 -7.37 -10.34 4.93
C LYS A 84 -7.32 -9.33 3.79
N VAL A 85 -6.19 -9.24 3.07
CA VAL A 85 -6.07 -8.43 1.84
C VAL A 85 -6.96 -9.00 0.73
N LYS A 86 -6.95 -10.33 0.53
CA LYS A 86 -7.85 -10.99 -0.43
C LYS A 86 -9.32 -10.84 -0.03
N LYS A 87 -9.67 -11.02 1.25
CA LYS A 87 -11.01 -10.73 1.78
C LYS A 87 -11.43 -9.29 1.51
N THR A 88 -10.54 -8.33 1.75
CA THR A 88 -10.82 -6.89 1.56
C THR A 88 -11.00 -6.53 0.08
N ALA A 89 -10.30 -7.21 -0.82
CA ALA A 89 -10.47 -7.08 -2.27
C ALA A 89 -11.82 -7.68 -2.73
N GLU A 90 -12.23 -8.81 -2.16
CA GLU A 90 -13.56 -9.39 -2.41
C GLU A 90 -14.71 -8.56 -1.81
N ALA A 91 -14.46 -7.93 -0.66
CA ALA A 91 -15.38 -7.08 0.08
C ALA A 91 -15.55 -5.67 -0.54
N GLY A 92 -14.70 -5.29 -1.50
CA GLY A 92 -14.72 -3.97 -2.14
C GLY A 92 -14.19 -2.84 -1.25
N GLY A 93 -13.27 -3.15 -0.32
CA GLY A 93 -12.60 -2.19 0.56
C GLY A 93 -13.04 -2.22 2.02
N VAL A 94 -12.13 -1.79 2.89
CA VAL A 94 -12.35 -1.47 4.31
C VAL A 94 -11.96 -0.02 4.60
N THR A 95 -12.71 0.65 5.49
CA THR A 95 -12.54 2.08 5.81
C THR A 95 -12.34 2.31 7.31
N GLY A 96 -11.68 3.43 7.65
CA GLY A 96 -11.32 3.79 9.02
C GLY A 96 -10.53 5.11 9.09
N LYS A 97 -10.60 5.81 10.23
CA LYS A 97 -9.93 7.10 10.47
C LYS A 97 -8.56 6.91 11.14
N GLY A 98 -7.54 7.61 10.64
CA GLY A 98 -6.16 7.54 11.17
C GLY A 98 -6.05 8.09 12.60
N GLN A 99 -5.39 7.33 13.48
CA GLN A 99 -5.23 7.66 14.90
C GLN A 99 -3.83 8.23 15.22
N ASP A 100 -2.79 7.71 14.57
CA ASP A 100 -1.39 8.10 14.73
C ASP A 100 -0.54 7.67 13.51
N GLY A 101 0.56 8.39 13.24
CA GLY A 101 1.50 8.07 12.17
C GLY A 101 2.79 8.89 12.25
N ILE A 102 3.91 8.30 11.83
CA ILE A 102 5.25 8.91 11.80
C ILE A 102 6.11 8.29 10.68
N GLY A 103 6.99 9.10 10.09
CA GLY A 103 7.92 8.67 9.04
C GLY A 103 8.43 9.83 8.18
N SER A 104 9.61 9.66 7.58
CA SER A 104 10.31 10.62 6.71
C SER A 104 10.54 12.03 7.31
N LYS A 105 10.48 12.17 8.64
CA LYS A 105 10.52 13.45 9.35
C LYS A 105 11.96 13.93 9.59
N ALA A 106 12.62 14.36 8.51
CA ALA A 106 14.01 14.84 8.52
C ALA A 106 14.15 16.38 8.63
N GLU A 107 13.06 17.14 8.48
CA GLU A 107 13.02 18.61 8.56
C GLU A 107 11.83 19.08 9.42
N LYS A 108 12.00 20.21 10.12
CA LYS A 108 11.03 20.76 11.09
C LYS A 108 9.73 21.26 10.44
N MET A 1 14.89 -7.77 -19.79
CA MET A 1 14.63 -6.76 -18.73
C MET A 1 14.47 -7.45 -17.37
N ALA A 2 15.17 -6.97 -16.34
CA ALA A 2 15.13 -7.51 -14.98
C ALA A 2 14.14 -6.79 -14.03
N GLU A 3 13.72 -5.55 -14.37
CA GLU A 3 12.79 -4.73 -13.57
C GLU A 3 11.32 -4.89 -14.02
N SER A 4 10.38 -4.42 -13.20
CA SER A 4 8.93 -4.47 -13.46
C SER A 4 8.21 -3.18 -13.02
N SER A 5 7.33 -2.69 -13.88
CA SER A 5 6.35 -1.63 -13.63
C SER A 5 4.92 -2.07 -13.94
N ASP A 6 4.71 -3.38 -14.03
CA ASP A 6 3.64 -3.99 -14.84
C ASP A 6 2.39 -4.37 -14.01
N LYS A 7 2.08 -3.54 -13.01
CA LYS A 7 0.98 -3.64 -12.05
C LYS A 7 0.33 -2.26 -11.84
N LEU A 8 -0.73 -2.22 -11.05
CA LEU A 8 -1.39 -0.99 -10.61
C LEU A 8 -1.16 -0.73 -9.12
N TYR A 9 -0.85 -1.79 -8.35
CA TYR A 9 -0.98 -1.80 -6.91
C TYR A 9 0.22 -2.49 -6.27
N ARG A 10 0.51 -2.11 -5.04
CA ARG A 10 1.66 -2.56 -4.25
C ARG A 10 1.23 -2.74 -2.80
N VAL A 11 1.81 -3.69 -2.09
CA VAL A 11 1.67 -3.88 -0.63
C VAL A 11 3.01 -4.28 -0.02
N GLU A 12 3.26 -3.92 1.24
CA GLU A 12 4.33 -4.52 2.05
C GLU A 12 4.02 -4.48 3.55
N TYR A 13 4.71 -5.34 4.31
CA TYR A 13 5.04 -5.03 5.71
C TYR A 13 6.11 -3.95 5.73
N ALA A 14 5.86 -2.87 6.46
CA ALA A 14 6.62 -1.63 6.45
C ALA A 14 8.03 -1.78 7.08
N LYS A 15 9.08 -1.46 6.30
CA LYS A 15 10.48 -1.65 6.70
C LYS A 15 11.02 -0.56 7.65
N SER A 16 10.62 0.68 7.41
CA SER A 16 11.08 1.90 8.10
C SER A 16 10.01 3.00 7.96
N GLY A 17 9.91 3.89 8.94
CA GLY A 17 8.83 4.91 9.06
C GLY A 17 8.97 6.13 8.14
N ARG A 18 9.35 5.91 6.87
CA ARG A 18 9.77 6.97 5.91
C ARG A 18 8.77 7.25 4.78
N ALA A 19 7.78 6.35 4.57
CA ALA A 19 6.73 6.52 3.58
C ALA A 19 5.59 7.41 4.14
N SER A 20 5.04 8.29 3.30
CA SER A 20 4.01 9.26 3.68
C SER A 20 2.69 8.98 2.99
N CYS A 21 1.58 9.14 3.70
CA CYS A 21 0.23 8.85 3.19
C CYS A 21 -0.20 9.85 2.11
N LYS A 22 -0.90 9.34 1.10
CA LYS A 22 -1.35 10.09 -0.09
C LYS A 22 -2.86 10.37 -0.09
N LYS A 23 -3.55 9.98 0.99
CA LYS A 23 -5.00 10.18 1.23
C LYS A 23 -5.28 10.99 2.50
N CYS A 24 -4.68 10.62 3.63
CA CYS A 24 -4.86 11.32 4.91
C CYS A 24 -3.65 12.19 5.34
N SER A 25 -2.59 12.19 4.53
CA SER A 25 -1.42 13.09 4.60
C SER A 25 -0.55 13.01 5.87
N GLU A 26 -0.71 11.93 6.66
CA GLU A 26 0.17 11.58 7.79
C GLU A 26 1.35 10.70 7.29
N SER A 27 2.06 10.02 8.20
CA SER A 27 3.18 9.13 7.88
C SER A 27 2.89 7.69 8.31
N ILE A 28 3.55 6.74 7.66
CA ILE A 28 3.22 5.32 7.71
C ILE A 28 4.31 4.56 8.50
N PRO A 29 4.04 4.11 9.74
CA PRO A 29 5.06 3.52 10.63
C PRO A 29 5.53 2.13 10.19
N LYS A 30 6.74 1.75 10.63
CA LYS A 30 7.32 0.41 10.45
C LYS A 30 6.62 -0.67 11.28
N ASP A 31 6.82 -1.94 10.91
CA ASP A 31 6.17 -3.11 11.51
C ASP A 31 4.63 -3.06 11.48
N SER A 32 4.09 -2.42 10.44
CA SER A 32 2.66 -2.31 10.10
C SER A 32 2.46 -2.61 8.61
N LEU A 33 1.21 -2.66 8.13
CA LEU A 33 0.89 -2.98 6.74
C LEU A 33 0.61 -1.69 5.94
N ARG A 34 1.19 -1.57 4.75
CA ARG A 34 1.06 -0.41 3.85
C ARG A 34 0.81 -0.84 2.41
N MET A 35 0.07 -0.03 1.65
CA MET A 35 -0.30 -0.25 0.25
C MET A 35 0.09 0.95 -0.60
N ALA A 36 0.39 0.73 -1.88
CA ALA A 36 0.83 1.75 -2.82
C ALA A 36 0.15 1.59 -4.19
N ILE A 37 0.26 2.63 -5.03
CA ILE A 37 -0.31 2.66 -6.38
C ILE A 37 0.75 3.05 -7.40
N MET A 38 0.68 2.44 -8.59
CA MET A 38 1.69 2.60 -9.63
C MET A 38 1.35 3.74 -10.58
N VAL A 39 2.01 4.89 -10.41
CA VAL A 39 1.82 6.09 -11.24
C VAL A 39 2.84 6.12 -12.37
N GLN A 40 2.41 6.39 -13.61
CA GLN A 40 3.33 6.60 -14.75
C GLN A 40 4.17 7.86 -14.52
N SER A 41 5.50 7.69 -14.41
CA SER A 41 6.37 8.71 -13.80
C SER A 41 6.82 9.80 -14.76
N PRO A 42 6.92 11.06 -14.26
CA PRO A 42 7.67 12.11 -14.93
C PRO A 42 9.18 12.06 -14.66
N MET A 43 9.66 11.23 -13.71
CA MET A 43 11.08 11.16 -13.30
C MET A 43 11.77 9.80 -13.51
N PHE A 44 11.00 8.71 -13.60
CA PHE A 44 11.47 7.33 -13.66
C PHE A 44 11.11 6.65 -14.99
N ASP A 45 11.85 5.59 -15.34
CA ASP A 45 11.75 4.84 -16.61
C ASP A 45 10.64 3.75 -16.57
N GLY A 46 9.49 4.11 -15.99
CA GLY A 46 8.38 3.20 -15.69
C GLY A 46 7.40 3.84 -14.72
N LYS A 47 6.87 3.05 -13.77
CA LYS A 47 5.85 3.49 -12.80
C LYS A 47 6.35 3.48 -11.36
N VAL A 48 5.90 4.46 -10.57
CA VAL A 48 6.38 4.79 -9.21
C VAL A 48 5.29 4.57 -8.14
N PRO A 49 5.65 4.08 -6.93
CA PRO A 49 4.67 3.80 -5.87
C PRO A 49 4.25 5.06 -5.10
N HIS A 50 2.93 5.29 -5.00
CA HIS A 50 2.33 6.27 -4.08
C HIS A 50 1.77 5.53 -2.88
N TRP A 51 2.47 5.59 -1.73
CA TRP A 51 2.13 4.82 -0.53
C TRP A 51 0.98 5.43 0.27
N TYR A 52 0.20 4.59 0.93
CA TYR A 52 -0.82 4.93 1.89
C TYR A 52 -0.82 3.89 3.03
N HIS A 53 -1.47 4.21 4.15
CA HIS A 53 -1.86 3.20 5.15
C HIS A 53 -2.73 2.11 4.50
N PHE A 54 -2.74 0.88 5.06
CA PHE A 54 -3.54 -0.23 4.49
C PHE A 54 -5.02 0.16 4.26
N SER A 55 -5.64 0.86 5.22
CA SER A 55 -7.06 1.24 5.13
C SER A 55 -7.28 2.40 4.16
N CYS A 56 -6.33 3.33 4.06
CA CYS A 56 -6.38 4.52 3.21
C CYS A 56 -6.48 4.19 1.71
N PHE A 57 -5.83 3.13 1.25
CA PHE A 57 -6.00 2.59 -0.11
C PHE A 57 -7.49 2.39 -0.45
N TRP A 58 -8.24 1.75 0.45
CA TRP A 58 -9.68 1.49 0.27
C TRP A 58 -10.56 2.72 0.56
N LYS A 59 -10.01 3.77 1.20
CA LYS A 59 -10.65 5.11 1.29
C LYS A 59 -10.55 5.88 -0.03
N VAL A 60 -9.53 5.61 -0.85
CA VAL A 60 -9.50 6.04 -2.27
C VAL A 60 -10.43 5.15 -3.11
N GLY A 61 -10.50 3.85 -2.78
CA GLY A 61 -11.53 2.93 -3.29
C GLY A 61 -11.21 2.27 -4.62
N HIS A 62 -9.93 2.10 -4.96
CA HIS A 62 -9.50 1.35 -6.16
C HIS A 62 -9.91 -0.13 -6.11
N SER A 63 -10.37 -0.65 -7.24
CA SER A 63 -10.87 -2.03 -7.38
C SER A 63 -9.78 -3.04 -7.75
N ILE A 64 -9.89 -4.24 -7.21
CA ILE A 64 -8.94 -5.35 -7.31
C ILE A 64 -9.76 -6.66 -7.44
N ARG A 65 -9.40 -7.53 -8.38
CA ARG A 65 -10.15 -8.75 -8.75
C ARG A 65 -9.29 -10.01 -8.89
N HIS A 66 -7.98 -9.86 -9.03
CA HIS A 66 -6.96 -10.91 -8.89
C HIS A 66 -5.79 -10.38 -8.06
N PRO A 67 -5.99 -10.14 -6.74
CA PRO A 67 -5.09 -9.36 -5.90
C PRO A 67 -3.67 -9.91 -5.79
N ASP A 68 -3.47 -11.22 -5.79
CA ASP A 68 -2.12 -11.82 -5.75
C ASP A 68 -1.34 -11.64 -7.07
N VAL A 69 -2.01 -11.16 -8.12
CA VAL A 69 -1.43 -10.76 -9.41
C VAL A 69 -1.28 -9.24 -9.50
N GLU A 70 -2.30 -8.48 -9.08
CA GLU A 70 -2.37 -7.02 -9.24
C GLU A 70 -1.64 -6.23 -8.14
N VAL A 71 -1.62 -6.76 -6.91
CA VAL A 71 -0.92 -6.22 -5.75
C VAL A 71 0.46 -6.88 -5.66
N ASP A 72 1.47 -6.17 -6.12
CA ASP A 72 2.86 -6.61 -6.03
C ASP A 72 3.38 -6.47 -4.60
N GLY A 73 4.20 -7.42 -4.14
CA GLY A 73 4.69 -7.50 -2.76
C GLY A 73 3.77 -8.24 -1.79
N PHE A 74 2.62 -8.74 -2.25
CA PHE A 74 1.72 -9.62 -1.51
C PHE A 74 2.43 -10.89 -1.00
N SER A 75 3.44 -11.35 -1.72
CA SER A 75 4.33 -12.47 -1.34
C SER A 75 5.17 -12.21 -0.07
N GLU A 76 5.28 -10.95 0.38
CA GLU A 76 5.99 -10.58 1.63
C GLU A 76 5.13 -10.75 2.90
N LEU A 77 3.80 -10.89 2.75
CA LEU A 77 2.83 -10.85 3.86
C LEU A 77 2.73 -12.19 4.61
N ARG A 78 2.45 -12.12 5.91
CA ARG A 78 2.03 -13.24 6.75
C ARG A 78 0.69 -13.81 6.24
N TRP A 79 0.51 -15.13 6.27
CA TRP A 79 -0.59 -15.79 5.52
C TRP A 79 -2.00 -15.32 5.91
N ASP A 80 -2.22 -14.98 7.18
CA ASP A 80 -3.51 -14.45 7.67
C ASP A 80 -3.82 -13.05 7.11
N ASP A 81 -2.79 -12.26 6.82
CA ASP A 81 -2.90 -10.94 6.22
C ASP A 81 -2.95 -11.01 4.70
N GLN A 82 -2.33 -12.02 4.08
CA GLN A 82 -2.71 -12.44 2.72
C GLN A 82 -4.22 -12.74 2.66
N GLN A 83 -4.79 -13.48 3.63
CA GLN A 83 -6.23 -13.76 3.64
C GLN A 83 -7.08 -12.48 3.84
N LYS A 84 -6.66 -11.52 4.67
CA LYS A 84 -7.43 -10.29 4.93
C LYS A 84 -7.32 -9.32 3.78
N VAL A 85 -6.18 -9.25 3.10
CA VAL A 85 -6.03 -8.39 1.91
C VAL A 85 -6.84 -8.94 0.73
N LYS A 86 -6.85 -10.27 0.52
CA LYS A 86 -7.73 -10.89 -0.49
C LYS A 86 -9.21 -10.78 -0.12
N LYS A 87 -9.58 -10.99 1.15
CA LYS A 87 -10.96 -10.80 1.65
C LYS A 87 -11.40 -9.36 1.52
N THR A 88 -10.53 -8.38 1.79
CA THR A 88 -10.82 -6.95 1.62
C THR A 88 -11.03 -6.55 0.16
N ALA A 89 -10.30 -7.17 -0.78
CA ALA A 89 -10.49 -6.96 -2.21
C ALA A 89 -11.82 -7.57 -2.68
N GLU A 90 -12.17 -8.75 -2.17
CA GLU A 90 -13.48 -9.39 -2.42
C GLU A 90 -14.65 -8.61 -1.79
N ALA A 91 -14.39 -7.96 -0.65
CA ALA A 91 -15.31 -7.08 0.08
C ALA A 91 -15.48 -5.68 -0.57
N GLY A 92 -14.62 -5.34 -1.54
CA GLY A 92 -14.61 -4.03 -2.21
C GLY A 92 -14.10 -2.87 -1.33
N GLY A 93 -13.33 -3.17 -0.29
CA GLY A 93 -12.80 -2.21 0.69
C GLY A 93 -13.14 -2.56 2.14
N VAL A 94 -12.26 -2.19 3.06
CA VAL A 94 -12.37 -2.47 4.50
C VAL A 94 -13.37 -1.54 5.20
N THR A 95 -13.98 -2.02 6.28
CA THR A 95 -15.02 -1.31 7.07
C THR A 95 -14.47 -0.27 8.05
N GLY A 96 -13.15 -0.18 8.22
CA GLY A 96 -12.53 0.77 9.13
C GLY A 96 -12.56 2.23 8.61
N LYS A 97 -12.60 3.18 9.55
CA LYS A 97 -12.78 4.62 9.31
C LYS A 97 -11.74 5.48 10.06
N GLY A 98 -11.60 6.74 9.66
CA GLY A 98 -10.69 7.70 10.28
C GLY A 98 -9.21 7.46 9.95
N GLN A 99 -8.33 7.86 10.87
CA GLN A 99 -6.87 7.83 10.70
C GLN A 99 -6.15 7.03 11.80
N ASP A 100 -5.07 6.36 11.43
CA ASP A 100 -4.05 5.78 12.32
C ASP A 100 -2.69 5.80 11.59
N GLY A 101 -1.61 6.16 12.30
CA GLY A 101 -0.30 6.40 11.69
C GLY A 101 0.70 7.06 12.65
N ILE A 102 1.69 7.75 12.09
CA ILE A 102 2.76 8.45 12.83
C ILE A 102 3.06 9.84 12.24
N GLY A 103 3.73 10.70 13.00
CA GLY A 103 4.42 11.90 12.53
C GLY A 103 5.93 11.70 12.57
N SER A 104 6.58 11.62 11.40
CA SER A 104 8.01 11.26 11.28
C SER A 104 8.99 12.43 11.34
N LYS A 105 8.50 13.68 11.35
CA LYS A 105 9.32 14.91 11.44
C LYS A 105 10.02 15.02 12.81
N ALA A 106 11.31 15.35 12.81
CA ALA A 106 12.13 15.44 14.03
C ALA A 106 11.73 16.58 14.99
N GLU A 107 10.97 17.57 14.51
CA GLU A 107 10.49 18.71 15.30
C GLU A 107 9.13 18.46 15.99
N LYS A 108 8.49 17.30 15.75
CA LYS A 108 7.18 16.93 16.30
C LYS A 108 7.25 16.56 17.80
N MET A 1 17.15 3.82 -7.59
CA MET A 1 16.51 2.48 -7.64
C MET A 1 15.82 2.26 -8.99
N ALA A 2 15.76 1.00 -9.46
CA ALA A 2 15.04 0.60 -10.67
C ALA A 2 14.43 -0.81 -10.52
N GLU A 3 13.25 -1.03 -11.10
CA GLU A 3 12.51 -2.29 -11.10
C GLU A 3 11.51 -2.37 -12.27
N SER A 4 10.96 -3.55 -12.54
CA SER A 4 9.80 -3.70 -13.43
C SER A 4 8.53 -3.17 -12.75
N SER A 5 7.90 -2.16 -13.35
CA SER A 5 6.72 -1.45 -12.80
C SER A 5 5.39 -1.93 -13.38
N ASP A 6 5.35 -3.18 -13.85
CA ASP A 6 4.22 -3.78 -14.55
C ASP A 6 3.14 -4.38 -13.62
N LYS A 7 2.71 -3.59 -12.64
CA LYS A 7 1.60 -3.81 -11.70
C LYS A 7 0.81 -2.51 -11.55
N LEU A 8 -0.28 -2.54 -10.78
CA LEU A 8 -1.05 -1.36 -10.41
C LEU A 8 -0.94 -1.06 -8.92
N TYR A 9 -0.56 -2.05 -8.12
CA TYR A 9 -0.71 -2.04 -6.66
C TYR A 9 0.51 -2.65 -5.98
N ARG A 10 0.71 -2.31 -4.70
CA ARG A 10 1.82 -2.75 -3.84
C ARG A 10 1.31 -2.95 -2.42
N VAL A 11 1.87 -3.91 -1.67
CA VAL A 11 1.64 -4.14 -0.24
C VAL A 11 2.93 -4.56 0.47
N GLU A 12 3.08 -4.20 1.75
CA GLU A 12 4.19 -4.64 2.60
C GLU A 12 3.89 -4.37 4.07
N TYR A 13 4.54 -5.15 4.92
CA TYR A 13 4.90 -4.68 6.26
C TYR A 13 6.02 -3.64 6.16
N ALA A 14 5.86 -2.50 6.84
CA ALA A 14 6.78 -1.37 6.77
C ALA A 14 8.16 -1.71 7.38
N LYS A 15 9.17 -1.89 6.52
CA LYS A 15 10.56 -2.15 6.94
C LYS A 15 11.19 -0.93 7.62
N SER A 16 10.77 0.27 7.22
CA SER A 16 11.18 1.57 7.78
C SER A 16 10.09 2.63 7.58
N GLY A 17 10.13 3.70 8.37
CA GLY A 17 9.16 4.82 8.35
C GLY A 17 9.35 5.82 7.20
N ARG A 18 9.83 5.38 6.03
CA ARG A 18 10.24 6.22 4.89
C ARG A 18 9.14 6.54 3.87
N ALA A 19 7.91 6.07 4.09
CA ALA A 19 6.74 6.36 3.25
C ALA A 19 5.66 7.15 4.03
N SER A 20 4.88 7.98 3.31
CA SER A 20 3.84 8.83 3.89
C SER A 20 2.55 8.76 3.07
N CYS A 21 1.42 8.97 3.75
CA CYS A 21 0.09 8.70 3.22
C CYS A 21 -0.40 9.83 2.32
N LYS A 22 -0.71 9.49 1.06
CA LYS A 22 -1.21 10.44 0.05
C LYS A 22 -2.69 10.78 0.25
N LYS A 23 -3.40 10.04 1.11
CA LYS A 23 -4.87 10.10 1.27
C LYS A 23 -5.31 10.86 2.53
N CYS A 24 -4.72 10.55 3.70
CA CYS A 24 -5.01 11.25 4.96
C CYS A 24 -3.89 12.24 5.42
N SER A 25 -2.83 12.37 4.62
CA SER A 25 -1.73 13.35 4.78
C SER A 25 -0.89 13.21 6.07
N GLU A 26 -0.94 12.03 6.72
CA GLU A 26 -0.03 11.62 7.80
C GLU A 26 1.13 10.77 7.25
N SER A 27 1.97 10.19 8.11
CA SER A 27 3.08 9.33 7.74
C SER A 27 2.85 7.89 8.21
N ILE A 28 3.52 6.93 7.56
CA ILE A 28 3.23 5.51 7.69
C ILE A 28 4.38 4.82 8.46
N PRO A 29 4.17 4.42 9.73
CA PRO A 29 5.26 3.98 10.62
C PRO A 29 5.82 2.59 10.29
N LYS A 30 7.06 2.35 10.73
CA LYS A 30 7.72 1.03 10.77
C LYS A 30 6.86 0.00 11.52
N ASP A 31 6.93 -1.27 11.10
CA ASP A 31 6.20 -2.41 11.68
C ASP A 31 4.65 -2.23 11.69
N SER A 32 4.12 -1.63 10.62
CA SER A 32 2.69 -1.53 10.31
C SER A 32 2.43 -1.91 8.85
N LEU A 33 1.19 -2.25 8.49
CA LEU A 33 0.82 -2.70 7.14
C LEU A 33 0.50 -1.49 6.24
N ARG A 34 1.08 -1.46 5.04
CA ARG A 34 0.92 -0.37 4.06
C ARG A 34 0.72 -0.91 2.65
N MET A 35 0.13 -0.09 1.80
CA MET A 35 -0.11 -0.34 0.37
C MET A 35 0.33 0.84 -0.48
N ALA A 36 0.55 0.62 -1.76
CA ALA A 36 0.91 1.66 -2.73
C ALA A 36 0.21 1.46 -4.09
N ILE A 37 0.21 2.49 -4.92
CA ILE A 37 -0.37 2.46 -6.28
C ILE A 37 0.65 2.89 -7.32
N MET A 38 0.65 2.24 -8.46
CA MET A 38 1.60 2.49 -9.55
C MET A 38 1.00 3.47 -10.55
N VAL A 39 1.44 4.73 -10.49
CA VAL A 39 1.05 5.78 -11.47
C VAL A 39 2.19 6.06 -12.44
N GLN A 40 1.86 6.23 -13.72
CA GLN A 40 2.83 6.53 -14.79
C GLN A 40 3.42 7.94 -14.62
N SER A 41 4.75 8.04 -14.59
CA SER A 41 5.47 9.28 -14.30
C SER A 41 5.87 10.06 -15.55
N PRO A 42 5.69 11.40 -15.56
CA PRO A 42 6.27 12.27 -16.56
C PRO A 42 7.81 12.41 -16.46
N MET A 43 8.41 12.03 -15.33
CA MET A 43 9.83 12.27 -15.00
C MET A 43 10.68 10.98 -14.89
N PHE A 44 10.05 9.82 -14.62
CA PHE A 44 10.69 8.51 -14.49
C PHE A 44 10.31 7.58 -15.67
N ASP A 45 11.17 6.60 -15.96
CA ASP A 45 11.08 5.69 -17.10
C ASP A 45 10.14 4.48 -16.84
N GLY A 46 8.96 4.75 -16.30
CA GLY A 46 7.97 3.77 -15.87
C GLY A 46 6.98 4.35 -14.86
N LYS A 47 6.49 3.49 -13.95
CA LYS A 47 5.49 3.86 -12.95
C LYS A 47 6.06 3.92 -11.53
N VAL A 48 5.51 4.81 -10.71
CA VAL A 48 6.04 5.22 -9.41
C VAL A 48 5.00 5.04 -8.29
N PRO A 49 5.39 4.69 -7.05
CA PRO A 49 4.46 4.30 -6.00
C PRO A 49 3.84 5.49 -5.23
N HIS A 50 2.52 5.50 -5.09
CA HIS A 50 1.77 6.37 -4.17
C HIS A 50 1.36 5.56 -2.95
N TRP A 51 2.05 5.76 -1.82
CA TRP A 51 1.85 4.97 -0.60
C TRP A 51 0.67 5.46 0.22
N TYR A 52 -0.02 4.54 0.88
CA TYR A 52 -1.07 4.84 1.84
C TYR A 52 -1.12 3.76 2.93
N HIS A 53 -1.78 4.06 4.06
CA HIS A 53 -2.13 3.04 5.07
C HIS A 53 -2.97 1.92 4.43
N PHE A 54 -2.97 0.71 5.00
CA PHE A 54 -3.71 -0.44 4.47
C PHE A 54 -5.20 -0.13 4.20
N SER A 55 -5.87 0.60 5.09
CA SER A 55 -7.27 1.02 4.95
C SER A 55 -7.43 2.20 3.99
N CYS A 56 -6.50 3.16 4.02
CA CYS A 56 -6.51 4.33 3.17
C CYS A 56 -6.50 3.99 1.66
N PHE A 57 -5.81 2.93 1.24
CA PHE A 57 -5.81 2.40 -0.14
C PHE A 57 -7.24 2.23 -0.67
N TRP A 58 -8.11 1.56 0.09
CA TRP A 58 -9.50 1.29 -0.29
C TRP A 58 -10.38 2.54 -0.17
N LYS A 59 -10.02 3.45 0.74
CA LYS A 59 -10.60 4.78 0.91
C LYS A 59 -10.29 5.73 -0.26
N VAL A 60 -9.26 5.47 -1.08
CA VAL A 60 -9.08 6.15 -2.39
C VAL A 60 -10.19 5.75 -3.41
N GLY A 61 -10.86 4.61 -3.18
CA GLY A 61 -11.90 4.07 -4.07
C GLY A 61 -11.41 3.05 -5.10
N HIS A 62 -10.15 2.60 -5.00
CA HIS A 62 -9.59 1.53 -5.85
C HIS A 62 -10.06 0.14 -5.42
N SER A 63 -10.11 -0.78 -6.38
CA SER A 63 -10.52 -2.18 -6.21
C SER A 63 -9.63 -3.11 -7.04
N ILE A 64 -9.50 -4.37 -6.61
CA ILE A 64 -8.49 -5.33 -7.08
C ILE A 64 -9.18 -6.66 -7.42
N ARG A 65 -9.05 -7.12 -8.67
CA ARG A 65 -9.74 -8.31 -9.19
C ARG A 65 -8.98 -9.62 -8.94
N HIS A 66 -7.67 -9.53 -8.78
CA HIS A 66 -6.75 -10.65 -8.45
C HIS A 66 -5.49 -10.11 -7.75
N PRO A 67 -5.50 -9.90 -6.42
CA PRO A 67 -4.37 -9.27 -5.73
C PRO A 67 -3.10 -10.12 -5.75
N ASP A 68 -3.19 -11.44 -5.88
CA ASP A 68 -2.02 -12.32 -6.03
C ASP A 68 -1.28 -12.07 -7.36
N VAL A 69 -1.94 -11.41 -8.32
CA VAL A 69 -1.39 -11.04 -9.65
C VAL A 69 -0.95 -9.57 -9.68
N GLU A 70 -1.71 -8.67 -9.05
CA GLU A 70 -1.57 -7.21 -9.24
C GLU A 70 -1.09 -6.42 -8.02
N VAL A 71 -1.14 -6.99 -6.82
CA VAL A 71 -0.49 -6.46 -5.60
C VAL A 71 0.93 -7.02 -5.51
N ASP A 72 1.89 -6.19 -5.90
CA ASP A 72 3.31 -6.43 -5.69
C ASP A 72 3.64 -6.53 -4.18
N GLY A 73 4.53 -7.43 -3.78
CA GLY A 73 4.89 -7.68 -2.38
C GLY A 73 3.88 -8.51 -1.58
N PHE A 74 2.76 -8.94 -2.19
CA PHE A 74 1.77 -9.84 -1.56
C PHE A 74 2.39 -11.19 -1.10
N SER A 75 3.44 -11.64 -1.78
CA SER A 75 4.25 -12.81 -1.43
C SER A 75 5.04 -12.66 -0.10
N GLU A 76 5.28 -11.44 0.37
CA GLU A 76 6.01 -11.17 1.62
C GLU A 76 5.11 -11.18 2.87
N LEU A 77 3.78 -11.12 2.68
CA LEU A 77 2.78 -11.18 3.75
C LEU A 77 2.63 -12.60 4.33
N ARG A 78 2.23 -12.68 5.60
CA ARG A 78 1.78 -13.94 6.22
C ARG A 78 0.39 -14.34 5.72
N TRP A 79 0.07 -15.63 5.88
CA TRP A 79 -1.15 -16.23 5.37
C TRP A 79 -2.42 -15.49 5.84
N ASP A 80 -2.51 -15.08 7.11
CA ASP A 80 -3.66 -14.36 7.67
C ASP A 80 -3.88 -12.96 7.04
N ASP A 81 -2.81 -12.30 6.59
CA ASP A 81 -2.87 -11.01 5.90
C ASP A 81 -3.14 -11.21 4.40
N GLN A 82 -2.64 -12.28 3.79
CA GLN A 82 -3.04 -12.69 2.43
C GLN A 82 -4.54 -12.97 2.36
N GLN A 83 -5.11 -13.75 3.29
CA GLN A 83 -6.55 -14.02 3.35
C GLN A 83 -7.38 -12.73 3.50
N LYS A 84 -6.90 -11.75 4.27
CA LYS A 84 -7.60 -10.51 4.59
C LYS A 84 -7.42 -9.47 3.50
N VAL A 85 -6.27 -9.40 2.83
CA VAL A 85 -6.09 -8.58 1.61
C VAL A 85 -6.98 -9.12 0.48
N LYS A 86 -7.03 -10.45 0.28
CA LYS A 86 -7.95 -11.09 -0.67
C LYS A 86 -9.42 -10.83 -0.31
N LYS A 87 -9.81 -10.97 0.97
CA LYS A 87 -11.17 -10.67 1.44
C LYS A 87 -11.52 -9.19 1.28
N THR A 88 -10.59 -8.28 1.58
CA THR A 88 -10.78 -6.83 1.41
C THR A 88 -10.88 -6.43 -0.06
N ALA A 89 -10.21 -7.15 -0.97
CA ALA A 89 -10.32 -6.95 -2.41
C ALA A 89 -11.69 -7.40 -2.94
N GLU A 90 -12.26 -8.46 -2.36
CA GLU A 90 -13.65 -8.88 -2.66
C GLU A 90 -14.70 -7.96 -2.01
N ALA A 91 -14.42 -7.44 -0.81
CA ALA A 91 -15.30 -6.58 -0.03
C ALA A 91 -15.29 -5.10 -0.47
N GLY A 92 -14.25 -4.66 -1.17
CA GLY A 92 -14.06 -3.27 -1.61
C GLY A 92 -13.55 -2.30 -0.53
N GLY A 93 -13.13 -2.81 0.63
CA GLY A 93 -12.58 -2.01 1.74
C GLY A 93 -12.91 -2.55 3.14
N VAL A 94 -11.97 -2.39 4.06
CA VAL A 94 -12.08 -2.68 5.50
C VAL A 94 -11.16 -1.75 6.31
N THR A 95 -11.38 -1.63 7.61
CA THR A 95 -10.63 -0.74 8.51
C THR A 95 -10.04 -1.48 9.72
N GLY A 96 -8.89 -1.02 10.21
CA GLY A 96 -8.13 -1.61 11.31
C GLY A 96 -8.60 -1.18 12.72
N LYS A 97 -7.91 -1.72 13.74
CA LYS A 97 -8.10 -1.42 15.18
C LYS A 97 -6.75 -1.12 15.86
N GLY A 98 -6.79 -0.45 17.01
CA GLY A 98 -5.61 0.01 17.74
C GLY A 98 -4.90 1.23 17.10
N GLN A 99 -3.73 1.57 17.62
CA GLN A 99 -2.96 2.74 17.16
C GLN A 99 -2.19 2.46 15.85
N ASP A 100 -2.22 3.42 14.93
CA ASP A 100 -1.48 3.42 13.66
C ASP A 100 -1.22 4.86 13.17
N GLY A 101 -0.27 5.05 12.26
CA GLY A 101 0.16 6.35 11.74
C GLY A 101 1.19 7.07 12.64
N ILE A 102 1.97 7.97 12.03
CA ILE A 102 2.95 8.84 12.70
C ILE A 102 2.99 10.23 12.05
N GLY A 103 3.42 11.27 12.79
CA GLY A 103 3.51 12.65 12.30
C GLY A 103 4.75 12.91 11.42
N SER A 104 4.61 13.81 10.45
CA SER A 104 5.71 14.34 9.62
C SER A 104 5.34 15.74 9.07
N LYS A 105 6.34 16.52 8.63
CA LYS A 105 6.17 17.88 8.08
C LYS A 105 7.21 18.17 6.98
N ALA A 106 6.79 18.91 5.94
CA ALA A 106 7.64 19.29 4.80
C ALA A 106 8.67 20.41 5.08
N GLU A 107 8.72 20.92 6.32
CA GLU A 107 9.67 21.95 6.74
C GLU A 107 11.05 21.39 7.15
N LYS A 108 11.20 20.07 7.26
CA LYS A 108 12.44 19.36 7.60
C LYS A 108 13.46 19.38 6.45
N MET A 1 10.87 -9.29 -21.76
CA MET A 1 10.67 -8.25 -20.71
C MET A 1 11.99 -7.67 -20.23
N ALA A 2 11.99 -6.39 -19.82
CA ALA A 2 13.15 -5.67 -19.30
C ALA A 2 12.81 -4.67 -18.16
N GLU A 3 11.52 -4.51 -17.84
CA GLU A 3 10.97 -3.54 -16.86
C GLU A 3 10.44 -4.21 -15.58
N SER A 4 10.43 -3.45 -14.48
CA SER A 4 10.04 -3.91 -13.13
C SER A 4 8.79 -3.23 -12.54
N SER A 5 8.14 -2.34 -13.31
CA SER A 5 6.94 -1.56 -12.91
C SER A 5 5.64 -2.09 -13.51
N ASP A 6 5.57 -3.39 -13.78
CA ASP A 6 4.47 -4.02 -14.53
C ASP A 6 3.34 -4.59 -13.64
N LYS A 7 3.06 -3.93 -12.50
CA LYS A 7 2.01 -4.27 -11.54
C LYS A 7 1.48 -2.98 -10.90
N LEU A 8 0.15 -2.83 -10.85
CA LEU A 8 -0.56 -1.62 -10.43
C LEU A 8 -0.51 -1.39 -8.93
N TYR A 9 -0.32 -2.43 -8.12
CA TYR A 9 -0.61 -2.41 -6.70
C TYR A 9 0.56 -3.01 -5.92
N ARG A 10 0.69 -2.63 -4.65
CA ARG A 10 1.73 -3.07 -3.72
C ARG A 10 1.12 -3.23 -2.32
N VAL A 11 1.59 -4.21 -1.55
CA VAL A 11 1.27 -4.41 -0.12
C VAL A 11 2.51 -4.90 0.63
N GLU A 12 2.71 -4.45 1.87
CA GLU A 12 3.83 -4.89 2.71
C GLU A 12 3.68 -4.54 4.19
N TYR A 13 4.38 -5.33 5.01
CA TYR A 13 4.82 -4.92 6.33
C TYR A 13 5.95 -3.88 6.17
N ALA A 14 5.73 -2.67 6.68
CA ALA A 14 6.63 -1.54 6.54
C ALA A 14 7.97 -1.77 7.28
N LYS A 15 9.09 -1.71 6.55
CA LYS A 15 10.45 -1.92 7.10
C LYS A 15 11.16 -0.62 7.50
N SER A 16 10.79 0.51 6.89
CA SER A 16 11.32 1.85 7.14
C SER A 16 10.26 2.92 6.84
N GLY A 17 10.31 4.05 7.55
CA GLY A 17 9.27 5.09 7.55
C GLY A 17 9.32 6.09 6.39
N ARG A 18 10.00 5.78 5.28
CA ARG A 18 10.16 6.67 4.11
C ARG A 18 8.85 6.99 3.36
N ALA A 19 7.86 6.10 3.43
CA ALA A 19 6.59 6.25 2.75
C ALA A 19 5.61 7.18 3.51
N SER A 20 4.85 7.98 2.78
CA SER A 20 3.82 8.89 3.32
C SER A 20 2.48 8.70 2.63
N CYS A 21 1.39 8.87 3.40
CA CYS A 21 0.05 8.51 2.99
C CYS A 21 -0.58 9.59 2.10
N LYS A 22 -0.92 9.23 0.86
CA LYS A 22 -1.50 10.14 -0.14
C LYS A 22 -2.97 10.48 0.11
N LYS A 23 -3.62 9.80 1.06
CA LYS A 23 -5.07 9.92 1.36
C LYS A 23 -5.35 10.73 2.63
N CYS A 24 -4.70 10.42 3.75
CA CYS A 24 -4.87 11.16 5.03
C CYS A 24 -3.73 12.15 5.36
N SER A 25 -2.72 12.26 4.49
CA SER A 25 -1.60 13.22 4.54
C SER A 25 -0.67 13.10 5.76
N GLU A 26 -0.72 11.97 6.47
CA GLU A 26 0.24 11.58 7.51
C GLU A 26 1.42 10.79 6.89
N SER A 27 2.40 10.39 7.70
CA SER A 27 3.52 9.54 7.27
C SER A 27 3.49 8.16 7.93
N ILE A 28 3.89 7.13 7.21
CA ILE A 28 3.56 5.74 7.52
C ILE A 28 4.69 5.08 8.35
N PRO A 29 4.46 4.67 9.61
CA PRO A 29 5.49 4.07 10.46
C PRO A 29 5.88 2.66 10.02
N LYS A 30 7.09 2.23 10.40
CA LYS A 30 7.53 0.83 10.29
C LYS A 30 6.83 -0.08 11.30
N ASP A 31 6.89 -1.39 11.07
CA ASP A 31 6.14 -2.43 11.79
C ASP A 31 4.60 -2.23 11.77
N SER A 32 4.09 -1.79 10.62
CA SER A 32 2.66 -1.64 10.32
C SER A 32 2.38 -2.06 8.86
N LEU A 33 1.11 -2.24 8.49
CA LEU A 33 0.70 -2.73 7.17
C LEU A 33 0.35 -1.54 6.25
N ARG A 34 0.92 -1.53 5.03
CA ARG A 34 0.74 -0.46 4.04
C ARG A 34 0.60 -1.01 2.62
N MET A 35 0.08 -0.18 1.73
CA MET A 35 -0.14 -0.46 0.31
C MET A 35 0.35 0.69 -0.56
N ALA A 36 0.59 0.43 -1.84
CA ALA A 36 1.02 1.44 -2.81
C ALA A 36 0.39 1.22 -4.20
N ILE A 37 0.47 2.23 -5.07
CA ILE A 37 -0.05 2.19 -6.45
C ILE A 37 1.02 2.60 -7.46
N MET A 38 1.11 1.91 -8.60
CA MET A 38 2.03 2.25 -9.67
C MET A 38 1.40 3.22 -10.68
N VAL A 39 1.98 4.42 -10.81
CA VAL A 39 1.57 5.42 -11.80
C VAL A 39 2.77 6.05 -12.52
N GLN A 40 2.60 6.36 -13.81
CA GLN A 40 3.58 7.09 -14.63
C GLN A 40 3.66 8.57 -14.22
N SER A 41 4.88 9.07 -13.97
CA SER A 41 5.10 10.43 -13.48
C SER A 41 5.26 11.45 -14.60
N PRO A 42 4.63 12.64 -14.48
CA PRO A 42 4.95 13.79 -15.32
C PRO A 42 6.28 14.48 -14.99
N MET A 43 6.88 14.19 -13.82
CA MET A 43 8.08 14.88 -13.29
C MET A 43 9.31 13.97 -13.16
N PHE A 44 9.11 12.65 -13.02
CA PHE A 44 10.16 11.63 -12.92
C PHE A 44 10.27 10.80 -14.22
N ASP A 45 11.44 10.21 -14.46
CA ASP A 45 11.80 9.50 -15.69
C ASP A 45 11.31 8.03 -15.71
N GLY A 46 10.05 7.81 -15.32
CA GLY A 46 9.42 6.49 -15.22
C GLY A 46 8.19 6.49 -14.31
N LYS A 47 7.94 5.36 -13.65
CA LYS A 47 6.75 5.13 -12.80
C LYS A 47 7.11 5.15 -11.31
N VAL A 48 6.19 5.64 -10.49
CA VAL A 48 6.40 5.98 -9.08
C VAL A 48 5.30 5.37 -8.18
N PRO A 49 5.64 4.90 -6.96
CA PRO A 49 4.68 4.31 -6.04
C PRO A 49 3.94 5.37 -5.21
N HIS A 50 2.60 5.33 -5.22
CA HIS A 50 1.74 6.16 -4.36
C HIS A 50 1.33 5.36 -3.13
N TRP A 51 1.98 5.60 -1.99
CA TRP A 51 1.78 4.85 -0.75
C TRP A 51 0.55 5.34 0.03
N TYR A 52 -0.11 4.42 0.71
CA TYR A 52 -1.17 4.72 1.67
C TYR A 52 -1.20 3.66 2.78
N HIS A 53 -1.80 3.96 3.94
CA HIS A 53 -2.11 2.95 4.95
C HIS A 53 -3.00 1.83 4.37
N PHE A 54 -2.98 0.63 4.96
CA PHE A 54 -3.77 -0.52 4.47
C PHE A 54 -5.27 -0.17 4.29
N SER A 55 -5.87 0.56 5.22
CA SER A 55 -7.29 0.97 5.17
C SER A 55 -7.50 2.15 4.22
N CYS A 56 -6.61 3.15 4.25
CA CYS A 56 -6.63 4.32 3.40
C CYS A 56 -6.65 3.98 1.89
N PHE A 57 -5.96 2.91 1.47
CA PHE A 57 -5.96 2.40 0.09
C PHE A 57 -7.39 2.21 -0.44
N TRP A 58 -8.22 1.50 0.31
CA TRP A 58 -9.62 1.23 -0.05
C TRP A 58 -10.51 2.45 0.17
N LYS A 59 -10.11 3.35 1.08
CA LYS A 59 -10.72 4.66 1.31
C LYS A 59 -10.57 5.61 0.10
N VAL A 60 -9.59 5.38 -0.78
CA VAL A 60 -9.52 6.06 -2.10
C VAL A 60 -10.67 5.63 -3.04
N GLY A 61 -11.27 4.46 -2.80
CA GLY A 61 -12.36 3.87 -3.60
C GLY A 61 -11.93 2.75 -4.56
N HIS A 62 -10.69 2.26 -4.46
CA HIS A 62 -10.18 1.16 -5.29
C HIS A 62 -10.81 -0.19 -4.94
N SER A 63 -10.91 -1.08 -5.94
CA SER A 63 -11.26 -2.51 -5.79
C SER A 63 -10.37 -3.35 -6.70
N ILE A 64 -9.82 -4.45 -6.17
CA ILE A 64 -8.77 -5.25 -6.82
C ILE A 64 -9.37 -6.60 -7.26
N ARG A 65 -9.34 -6.87 -8.57
CA ARG A 65 -10.08 -8.00 -9.19
C ARG A 65 -9.30 -9.31 -9.27
N HIS A 66 -7.97 -9.24 -9.18
CA HIS A 66 -7.04 -10.37 -9.13
C HIS A 66 -5.81 -10.03 -8.26
N PRO A 67 -5.98 -9.99 -6.93
CA PRO A 67 -5.00 -9.38 -6.03
C PRO A 67 -3.65 -10.10 -5.98
N ASP A 68 -3.61 -11.43 -6.06
CA ASP A 68 -2.33 -12.17 -6.08
C ASP A 68 -1.58 -12.02 -7.41
N VAL A 69 -2.21 -11.43 -8.44
CA VAL A 69 -1.60 -11.10 -9.73
C VAL A 69 -1.06 -9.67 -9.75
N GLU A 70 -1.83 -8.70 -9.21
CA GLU A 70 -1.49 -7.27 -9.32
C GLU A 70 -0.91 -6.61 -8.06
N VAL A 71 -1.17 -7.16 -6.86
CA VAL A 71 -0.55 -6.72 -5.60
C VAL A 71 0.84 -7.34 -5.46
N ASP A 72 1.85 -6.54 -5.81
CA ASP A 72 3.25 -6.77 -5.51
C ASP A 72 3.51 -6.80 -3.99
N GLY A 73 4.43 -7.64 -3.53
CA GLY A 73 4.76 -7.80 -2.10
C GLY A 73 3.76 -8.63 -1.30
N PHE A 74 2.66 -9.10 -1.91
CA PHE A 74 1.69 -10.01 -1.30
C PHE A 74 2.34 -11.32 -0.81
N SER A 75 3.38 -11.78 -1.49
CA SER A 75 4.19 -12.95 -1.12
C SER A 75 5.07 -12.75 0.13
N GLU A 76 5.29 -11.50 0.56
CA GLU A 76 6.09 -11.16 1.75
C GLU A 76 5.25 -11.09 3.04
N LEU A 77 3.92 -11.06 2.92
CA LEU A 77 2.96 -11.17 4.02
C LEU A 77 2.95 -12.59 4.62
N ARG A 78 2.14 -12.80 5.68
CA ARG A 78 1.73 -14.12 6.17
C ARG A 78 0.25 -14.40 5.92
N TRP A 79 -0.14 -15.67 6.08
CA TRP A 79 -1.38 -16.21 5.54
C TRP A 79 -2.64 -15.45 6.03
N ASP A 80 -2.63 -14.95 7.27
CA ASP A 80 -3.77 -14.24 7.85
C ASP A 80 -3.98 -12.83 7.25
N ASP A 81 -2.90 -12.16 6.82
CA ASP A 81 -2.96 -10.90 6.10
C ASP A 81 -3.22 -11.14 4.61
N GLN A 82 -2.69 -12.22 4.02
CA GLN A 82 -3.00 -12.61 2.64
C GLN A 82 -4.51 -12.88 2.47
N GLN A 83 -5.12 -13.72 3.32
CA GLN A 83 -6.55 -14.03 3.20
C GLN A 83 -7.44 -12.81 3.46
N LYS A 84 -7.01 -11.86 4.29
CA LYS A 84 -7.75 -10.63 4.62
C LYS A 84 -7.52 -9.54 3.58
N VAL A 85 -6.35 -9.41 2.97
CA VAL A 85 -6.13 -8.55 1.79
C VAL A 85 -6.98 -9.05 0.62
N LYS A 86 -7.03 -10.37 0.37
CA LYS A 86 -7.90 -10.96 -0.66
C LYS A 86 -9.39 -10.79 -0.32
N LYS A 87 -9.79 -10.95 0.95
CA LYS A 87 -11.19 -10.68 1.38
C LYS A 87 -11.56 -9.21 1.27
N THR A 88 -10.64 -8.30 1.60
CA THR A 88 -10.81 -6.85 1.43
C THR A 88 -10.89 -6.44 -0.05
N ALA A 89 -10.21 -7.17 -0.94
CA ALA A 89 -10.27 -6.99 -2.38
C ALA A 89 -11.64 -7.43 -2.94
N GLU A 90 -12.22 -8.50 -2.38
CA GLU A 90 -13.60 -8.91 -2.68
C GLU A 90 -14.64 -7.94 -2.09
N ALA A 91 -14.40 -7.45 -0.88
CA ALA A 91 -15.30 -6.60 -0.10
C ALA A 91 -15.31 -5.11 -0.54
N GLY A 92 -14.24 -4.65 -1.20
CA GLY A 92 -14.05 -3.25 -1.60
C GLY A 92 -13.61 -2.31 -0.47
N GLY A 93 -13.19 -2.84 0.70
CA GLY A 93 -12.65 -2.07 1.81
C GLY A 93 -12.94 -2.64 3.21
N VAL A 94 -11.98 -2.43 4.11
CA VAL A 94 -12.05 -2.71 5.55
C VAL A 94 -11.19 -1.68 6.32
N THR A 95 -11.43 -1.52 7.61
CA THR A 95 -10.76 -0.52 8.47
C THR A 95 -10.13 -1.14 9.73
N GLY A 96 -9.12 -0.47 10.28
CA GLY A 96 -8.34 -0.92 11.45
C GLY A 96 -7.30 0.12 11.90
N LYS A 97 -6.67 -0.11 13.05
CA LYS A 97 -5.76 0.85 13.72
C LYS A 97 -4.26 0.63 13.44
N GLY A 98 -3.86 -0.55 12.97
CA GLY A 98 -2.44 -0.94 12.82
C GLY A 98 -1.72 -0.92 14.17
N GLN A 99 -0.52 -0.31 14.21
CA GLN A 99 0.20 0.05 15.44
C GLN A 99 0.48 1.56 15.50
N ASP A 100 0.51 2.13 16.71
CA ASP A 100 0.70 3.56 16.93
C ASP A 100 2.14 4.03 16.61
N GLY A 101 2.25 5.17 15.93
CA GLY A 101 3.52 5.77 15.51
C GLY A 101 3.36 6.79 14.36
N ILE A 102 4.49 7.27 13.85
CA ILE A 102 4.57 8.16 12.68
C ILE A 102 5.79 7.79 11.80
N GLY A 103 5.65 7.90 10.48
CA GLY A 103 6.76 7.70 9.54
C GLY A 103 7.83 8.79 9.62
N SER A 104 9.09 8.41 9.41
CA SER A 104 10.26 9.29 9.32
C SER A 104 11.37 8.68 8.45
N LYS A 105 12.19 9.54 7.84
CA LYS A 105 13.31 9.13 6.96
C LYS A 105 14.57 8.80 7.77
N ALA A 106 15.36 7.84 7.28
CA ALA A 106 16.64 7.42 7.81
C ALA A 106 17.55 7.01 6.62
N GLU A 107 18.82 7.40 6.70
CA GLU A 107 19.84 7.31 5.62
C GLU A 107 19.48 8.14 4.35
N LYS A 108 20.38 8.13 3.36
CA LYS A 108 20.27 8.90 2.10
C LYS A 108 19.12 8.42 1.21
N MET A 1 19.13 -8.50 -15.12
CA MET A 1 17.96 -7.91 -14.41
C MET A 1 16.68 -8.09 -15.23
N ALA A 2 15.53 -8.10 -14.57
CA ALA A 2 14.20 -8.19 -15.19
C ALA A 2 13.17 -7.30 -14.46
N GLU A 3 12.09 -6.93 -15.15
CA GLU A 3 11.03 -6.03 -14.64
C GLU A 3 9.65 -6.36 -15.25
N SER A 4 8.59 -6.13 -14.48
CA SER A 4 7.18 -6.25 -14.90
C SER A 4 6.35 -5.06 -14.41
N SER A 5 5.31 -4.69 -15.15
CA SER A 5 4.55 -3.43 -14.96
C SER A 5 3.03 -3.56 -14.97
N ASP A 6 2.51 -4.79 -14.84
CA ASP A 6 1.11 -5.07 -14.54
C ASP A 6 0.76 -4.96 -13.05
N LYS A 7 1.63 -4.31 -12.26
CA LYS A 7 1.60 -4.20 -10.79
C LYS A 7 1.11 -2.83 -10.35
N LEU A 8 -0.09 -2.51 -10.83
CA LEU A 8 -0.82 -1.30 -10.50
C LEU A 8 -1.07 -1.12 -9.00
N TYR A 9 -0.97 -2.20 -8.20
CA TYR A 9 -1.07 -2.18 -6.75
C TYR A 9 0.17 -2.84 -6.12
N ARG A 10 0.51 -2.45 -4.88
CA ARG A 10 1.52 -3.08 -4.03
C ARG A 10 1.02 -3.16 -2.59
N VAL A 11 1.42 -4.16 -1.83
CA VAL A 11 1.21 -4.29 -0.37
C VAL A 11 2.47 -4.82 0.32
N GLU A 12 2.76 -4.38 1.53
CA GLU A 12 3.89 -4.86 2.32
C GLU A 12 3.75 -4.59 3.82
N TYR A 13 4.50 -5.35 4.63
CA TYR A 13 4.82 -4.93 5.99
C TYR A 13 5.82 -3.77 5.94
N ALA A 14 5.54 -2.69 6.67
CA ALA A 14 6.37 -1.50 6.75
C ALA A 14 7.63 -1.77 7.59
N LYS A 15 8.80 -1.82 6.94
CA LYS A 15 10.11 -2.08 7.60
C LYS A 15 10.77 -0.80 8.13
N SER A 16 10.45 0.36 7.54
CA SER A 16 10.99 1.68 7.88
C SER A 16 9.94 2.79 7.68
N GLY A 17 10.08 3.88 8.42
CA GLY A 17 9.12 5.01 8.44
C GLY A 17 9.23 5.99 7.26
N ARG A 18 9.83 5.56 6.13
CA ARG A 18 10.23 6.44 5.00
C ARG A 18 9.09 6.84 4.06
N ALA A 19 8.04 6.03 3.96
CA ALA A 19 6.90 6.27 3.06
C ALA A 19 5.92 7.31 3.64
N SER A 20 5.32 8.11 2.76
CA SER A 20 4.30 9.12 3.11
C SER A 20 2.93 8.76 2.54
N CYS A 21 1.88 8.95 3.33
CA CYS A 21 0.51 8.62 2.94
C CYS A 21 -0.10 9.72 2.05
N LYS A 22 -0.56 9.34 0.86
CA LYS A 22 -1.05 10.25 -0.19
C LYS A 22 -2.53 10.62 -0.03
N LYS A 23 -3.22 10.02 0.95
CA LYS A 23 -4.68 10.18 1.19
C LYS A 23 -5.00 10.97 2.46
N CYS A 24 -4.40 10.62 3.60
CA CYS A 24 -4.60 11.32 4.88
C CYS A 24 -3.45 12.31 5.24
N SER A 25 -2.42 12.40 4.40
CA SER A 25 -1.31 13.37 4.47
C SER A 25 -0.43 13.28 5.73
N GLU A 26 -0.37 12.11 6.36
CA GLU A 26 0.61 11.75 7.40
C GLU A 26 1.76 10.93 6.79
N SER A 27 2.72 10.49 7.61
CA SER A 27 3.78 9.54 7.19
C SER A 27 3.61 8.18 7.85
N ILE A 28 3.93 7.11 7.12
CA ILE A 28 3.50 5.74 7.46
C ILE A 28 4.52 5.09 8.40
N PRO A 29 4.13 4.64 9.61
CA PRO A 29 5.05 4.04 10.59
C PRO A 29 5.47 2.62 10.18
N LYS A 30 6.63 2.19 10.70
CA LYS A 30 7.09 0.79 10.64
C LYS A 30 6.32 -0.13 11.61
N ASP A 31 6.46 -1.44 11.43
CA ASP A 31 5.69 -2.49 12.13
C ASP A 31 4.16 -2.33 11.95
N SER A 32 3.76 -2.03 10.71
CA SER A 32 2.38 -1.84 10.25
C SER A 32 2.20 -2.40 8.83
N LEU A 33 0.98 -2.39 8.29
CA LEU A 33 0.66 -2.86 6.94
C LEU A 33 0.36 -1.64 6.03
N ARG A 34 0.96 -1.60 4.84
CA ARG A 34 0.84 -0.48 3.88
C ARG A 34 0.68 -0.96 2.45
N MET A 35 0.09 -0.13 1.61
CA MET A 35 -0.21 -0.37 0.20
C MET A 35 0.31 0.77 -0.69
N ALA A 36 0.47 0.50 -1.98
CA ALA A 36 0.93 1.48 -2.96
C ALA A 36 0.21 1.34 -4.31
N ILE A 37 0.31 2.36 -5.17
CA ILE A 37 -0.28 2.38 -6.51
C ILE A 37 0.77 2.78 -7.56
N MET A 38 0.75 2.15 -8.73
CA MET A 38 1.62 2.54 -9.85
C MET A 38 1.02 3.67 -10.68
N VAL A 39 1.71 4.81 -10.76
CA VAL A 39 1.34 5.97 -11.60
C VAL A 39 2.56 6.61 -12.26
N GLN A 40 2.38 7.26 -13.42
CA GLN A 40 3.40 8.07 -14.07
C GLN A 40 3.68 9.36 -13.28
N SER A 41 4.95 9.69 -13.04
CA SER A 41 5.34 10.78 -12.15
C SER A 41 5.23 12.16 -12.77
N PRO A 42 4.84 13.18 -11.98
CA PRO A 42 5.02 14.58 -12.33
C PRO A 42 6.45 15.11 -12.08
N MET A 43 7.33 14.34 -11.40
CA MET A 43 8.71 14.76 -11.08
C MET A 43 9.82 13.85 -11.62
N PHE A 44 9.51 12.58 -11.92
CA PHE A 44 10.45 11.55 -12.37
C PHE A 44 10.16 11.10 -13.82
N ASP A 45 11.16 10.52 -14.47
CA ASP A 45 11.14 10.09 -15.88
C ASP A 45 10.63 8.63 -16.04
N GLY A 46 9.50 8.33 -15.40
CA GLY A 46 8.93 6.98 -15.34
C GLY A 46 7.78 6.84 -14.35
N LYS A 47 7.53 5.59 -13.92
CA LYS A 47 6.43 5.18 -13.06
C LYS A 47 6.90 5.09 -11.60
N VAL A 48 6.08 5.57 -10.67
CA VAL A 48 6.40 5.75 -9.24
C VAL A 48 5.28 5.18 -8.33
N PRO A 49 5.63 4.60 -7.17
CA PRO A 49 4.65 4.07 -6.23
C PRO A 49 4.04 5.16 -5.33
N HIS A 50 2.71 5.26 -5.29
CA HIS A 50 1.97 6.15 -4.37
C HIS A 50 1.57 5.37 -3.14
N TRP A 51 2.30 5.55 -2.03
CA TRP A 51 2.09 4.80 -0.79
C TRP A 51 0.91 5.35 0.02
N TYR A 52 0.20 4.45 0.71
CA TYR A 52 -0.81 4.80 1.69
C TYR A 52 -0.86 3.74 2.80
N HIS A 53 -1.46 4.06 3.95
CA HIS A 53 -1.85 3.07 4.97
C HIS A 53 -2.76 1.98 4.34
N PHE A 54 -2.84 0.79 4.96
CA PHE A 54 -3.71 -0.30 4.49
C PHE A 54 -5.16 0.17 4.22
N SER A 55 -5.78 0.90 5.16
CA SER A 55 -7.16 1.39 5.01
C SER A 55 -7.26 2.58 4.05
N CYS A 56 -6.21 3.40 3.96
CA CYS A 56 -6.18 4.55 3.06
C CYS A 56 -6.26 4.16 1.58
N PHE A 57 -5.64 3.04 1.17
CA PHE A 57 -5.87 2.44 -0.15
C PHE A 57 -7.36 2.16 -0.40
N TRP A 58 -8.07 1.62 0.59
CA TRP A 58 -9.50 1.33 0.50
C TRP A 58 -10.40 2.58 0.62
N LYS A 59 -9.86 3.72 1.09
CA LYS A 59 -10.50 5.05 1.04
C LYS A 59 -10.32 5.70 -0.34
N VAL A 60 -9.26 5.36 -1.07
CA VAL A 60 -9.09 5.67 -2.50
C VAL A 60 -9.97 4.74 -3.36
N GLY A 61 -10.19 3.50 -2.89
CA GLY A 61 -11.30 2.64 -3.34
C GLY A 61 -11.08 1.91 -4.67
N HIS A 62 -9.82 1.71 -5.08
CA HIS A 62 -9.48 0.96 -6.30
C HIS A 62 -9.78 -0.54 -6.15
N SER A 63 -10.44 -1.14 -7.13
CA SER A 63 -10.90 -2.53 -7.11
C SER A 63 -9.84 -3.53 -7.57
N ILE A 64 -9.79 -4.68 -6.90
CA ILE A 64 -8.80 -5.73 -7.10
C ILE A 64 -9.55 -7.05 -7.32
N ARG A 65 -9.20 -7.80 -8.36
CA ARG A 65 -9.95 -8.98 -8.86
C ARG A 65 -9.09 -10.24 -9.00
N HIS A 66 -7.77 -10.10 -9.08
CA HIS A 66 -6.79 -11.18 -8.92
C HIS A 66 -5.62 -10.69 -8.04
N PRO A 67 -5.85 -10.50 -6.73
CA PRO A 67 -4.93 -9.79 -5.84
C PRO A 67 -3.54 -10.41 -5.72
N ASP A 68 -3.42 -11.74 -5.77
CA ASP A 68 -2.11 -12.41 -5.75
C ASP A 68 -1.26 -12.10 -7.00
N VAL A 69 -1.89 -11.59 -8.05
CA VAL A 69 -1.26 -11.19 -9.32
C VAL A 69 -1.05 -9.68 -9.40
N GLU A 70 -2.05 -8.90 -8.96
CA GLU A 70 -2.09 -7.43 -9.13
C GLU A 70 -1.40 -6.65 -8.00
N VAL A 71 -1.46 -7.18 -6.78
CA VAL A 71 -0.80 -6.65 -5.59
C VAL A 71 0.59 -7.26 -5.49
N ASP A 72 1.57 -6.51 -5.98
CA ASP A 72 2.98 -6.81 -5.80
C ASP A 72 3.37 -6.72 -4.30
N GLY A 73 4.27 -7.57 -3.83
CA GLY A 73 4.71 -7.63 -2.43
C GLY A 73 3.77 -8.40 -1.49
N PHE A 74 2.60 -8.82 -1.98
CA PHE A 74 1.69 -9.76 -1.32
C PHE A 74 2.37 -11.10 -0.96
N SER A 75 3.42 -11.48 -1.69
CA SER A 75 4.32 -12.59 -1.35
C SER A 75 5.11 -12.39 -0.05
N GLU A 76 5.39 -11.14 0.34
CA GLU A 76 6.11 -10.78 1.57
C GLU A 76 5.20 -10.80 2.82
N LEU A 77 3.88 -10.75 2.63
CA LEU A 77 2.88 -11.02 3.66
C LEU A 77 2.83 -12.52 4.00
N ARG A 78 2.16 -12.88 5.10
CA ARG A 78 1.80 -14.26 5.49
C ARG A 78 0.30 -14.50 5.44
N TRP A 79 -0.08 -15.78 5.52
CA TRP A 79 -1.41 -16.29 5.17
C TRP A 79 -2.58 -15.50 5.80
N ASP A 80 -2.49 -15.11 7.08
CA ASP A 80 -3.57 -14.38 7.77
C ASP A 80 -3.79 -12.95 7.23
N ASP A 81 -2.74 -12.31 6.73
CA ASP A 81 -2.76 -10.96 6.15
C ASP A 81 -3.09 -11.02 4.65
N GLN A 82 -2.55 -12.03 3.94
CA GLN A 82 -2.92 -12.37 2.57
C GLN A 82 -4.43 -12.62 2.46
N GLN A 83 -5.00 -13.48 3.30
CA GLN A 83 -6.43 -13.80 3.31
C GLN A 83 -7.29 -12.61 3.72
N LYS A 84 -6.79 -11.68 4.54
CA LYS A 84 -7.46 -10.44 4.92
C LYS A 84 -7.43 -9.44 3.78
N VAL A 85 -6.34 -9.34 3.04
CA VAL A 85 -6.25 -8.48 1.83
C VAL A 85 -7.15 -9.02 0.72
N LYS A 86 -7.15 -10.34 0.48
CA LYS A 86 -8.06 -11.01 -0.45
C LYS A 86 -9.53 -10.81 -0.06
N LYS A 87 -9.88 -11.03 1.21
CA LYS A 87 -11.25 -10.81 1.72
C LYS A 87 -11.66 -9.34 1.66
N THR A 88 -10.76 -8.42 1.96
CA THR A 88 -11.01 -6.97 1.88
C THR A 88 -11.25 -6.51 0.43
N ALA A 89 -10.57 -7.11 -0.55
CA ALA A 89 -10.81 -6.84 -1.97
C ALA A 89 -12.19 -7.37 -2.41
N GLU A 90 -12.59 -8.56 -1.92
CA GLU A 90 -13.92 -9.11 -2.17
C GLU A 90 -15.04 -8.32 -1.47
N ALA A 91 -14.74 -7.76 -0.29
CA ALA A 91 -15.61 -6.94 0.53
C ALA A 91 -15.74 -5.47 0.04
N GLY A 92 -14.93 -5.06 -0.94
CA GLY A 92 -14.93 -3.70 -1.51
C GLY A 92 -14.30 -2.64 -0.58
N GLY A 93 -13.37 -3.03 0.28
CA GLY A 93 -12.61 -2.15 1.18
C GLY A 93 -13.03 -2.21 2.65
N VAL A 94 -12.04 -2.02 3.53
CA VAL A 94 -12.17 -1.95 5.00
C VAL A 94 -11.43 -0.73 5.55
N THR A 95 -12.00 -0.14 6.60
CA THR A 95 -11.44 0.97 7.39
C THR A 95 -11.41 0.64 8.89
N GLY A 96 -10.69 1.44 9.69
CA GLY A 96 -10.49 1.19 11.13
C GLY A 96 -9.20 0.45 11.49
N LYS A 97 -8.33 0.18 10.52
CA LYS A 97 -7.00 -0.46 10.69
C LYS A 97 -5.91 0.39 10.03
N GLY A 98 -4.74 0.49 10.65
CA GLY A 98 -3.75 1.53 10.32
C GLY A 98 -4.22 2.94 10.75
N GLN A 99 -3.65 3.98 10.13
CA GLN A 99 -3.91 5.39 10.46
C GLN A 99 -3.74 5.72 11.97
N ASP A 100 -2.68 5.17 12.57
CA ASP A 100 -2.30 5.33 13.97
C ASP A 100 -0.78 5.24 14.12
N GLY A 101 -0.17 6.13 14.91
CA GLY A 101 1.27 6.40 14.89
C GLY A 101 1.72 7.15 13.62
N ILE A 102 3.03 7.42 13.52
CA ILE A 102 3.64 8.15 12.39
C ILE A 102 5.06 7.68 12.08
N GLY A 103 5.44 7.68 10.80
CA GLY A 103 6.83 7.46 10.36
C GLY A 103 7.72 8.67 10.65
N SER A 104 8.89 8.44 11.26
CA SER A 104 9.77 9.49 11.81
C SER A 104 11.24 9.33 11.39
N LYS A 105 11.97 10.46 11.37
CA LYS A 105 13.42 10.54 11.12
C LYS A 105 14.27 10.06 12.30
N ALA A 106 15.54 9.73 12.03
CA ALA A 106 16.57 9.36 12.98
C ALA A 106 17.95 9.75 12.42
N GLU A 107 18.83 10.22 13.29
CA GLU A 107 20.20 10.66 12.98
C GLU A 107 21.22 10.32 14.10
N LYS A 108 22.51 10.33 13.76
CA LYS A 108 23.63 10.04 14.68
C LYS A 108 23.98 11.22 15.59
N MET A 1 12.80 -7.75 -19.33
CA MET A 1 13.83 -8.73 -18.90
C MET A 1 13.43 -9.43 -17.60
N ALA A 2 13.36 -8.70 -16.48
CA ALA A 2 13.08 -9.24 -15.13
C ALA A 2 12.26 -8.27 -14.23
N GLU A 3 11.79 -7.14 -14.78
CA GLU A 3 11.12 -6.06 -14.04
C GLU A 3 9.73 -6.46 -13.48
N SER A 4 9.35 -5.88 -12.33
CA SER A 4 8.11 -6.17 -11.59
C SER A 4 7.10 -5.01 -11.58
N SER A 5 7.28 -4.02 -12.46
CA SER A 5 6.53 -2.74 -12.46
C SER A 5 5.29 -2.72 -13.35
N ASP A 6 4.95 -3.85 -14.00
CA ASP A 6 3.74 -3.99 -14.82
C ASP A 6 2.49 -4.31 -13.97
N LYS A 7 2.29 -3.51 -12.91
CA LYS A 7 1.30 -3.66 -11.85
C LYS A 7 0.55 -2.34 -11.68
N LEU A 8 -0.47 -2.36 -10.84
CA LEU A 8 -1.21 -1.18 -10.40
C LEU A 8 -1.06 -0.93 -8.90
N TYR A 9 -0.71 -1.95 -8.13
CA TYR A 9 -0.90 -1.99 -6.68
C TYR A 9 0.29 -2.65 -6.00
N ARG A 10 0.54 -2.28 -4.74
CA ARG A 10 1.60 -2.78 -3.86
C ARG A 10 1.04 -3.00 -2.45
N VAL A 11 1.51 -4.00 -1.73
CA VAL A 11 1.24 -4.24 -0.29
C VAL A 11 2.50 -4.76 0.41
N GLU A 12 2.73 -4.37 1.65
CA GLU A 12 3.89 -4.80 2.45
C GLU A 12 3.75 -4.40 3.92
N TYR A 13 4.48 -5.12 4.76
CA TYR A 13 4.86 -4.63 6.08
C TYR A 13 5.95 -3.54 5.96
N ALA A 14 5.77 -2.43 6.66
CA ALA A 14 6.66 -1.28 6.62
C ALA A 14 7.97 -1.57 7.39
N LYS A 15 9.08 -1.76 6.66
CA LYS A 15 10.42 -2.01 7.24
C LYS A 15 11.08 -0.74 7.80
N SER A 16 10.69 0.43 7.28
CA SER A 16 11.17 1.76 7.66
C SER A 16 10.11 2.81 7.33
N GLY A 17 9.96 3.84 8.17
CA GLY A 17 8.84 4.78 8.15
C GLY A 17 8.96 5.94 7.15
N ARG A 18 9.63 5.73 6.01
CA ARG A 18 9.98 6.78 5.02
C ARG A 18 8.85 7.12 4.04
N ALA A 19 7.84 6.25 3.91
CA ALA A 19 6.67 6.48 3.07
C ALA A 19 5.70 7.50 3.70
N SER A 20 5.02 8.27 2.85
CA SER A 20 4.03 9.28 3.25
C SER A 20 2.65 8.93 2.70
N CYS A 21 1.62 9.00 3.55
CA CYS A 21 0.25 8.67 3.18
C CYS A 21 -0.36 9.78 2.31
N LYS A 22 -0.63 9.48 1.05
CA LYS A 22 -1.16 10.45 0.07
C LYS A 22 -2.65 10.79 0.32
N LYS A 23 -3.33 10.05 1.21
CA LYS A 23 -4.77 10.15 1.48
C LYS A 23 -5.09 10.95 2.75
N CYS A 24 -4.45 10.63 3.89
CA CYS A 24 -4.67 11.32 5.17
C CYS A 24 -3.52 12.27 5.60
N SER A 25 -2.48 12.40 4.77
CA SER A 25 -1.37 13.37 4.88
C SER A 25 -0.49 13.23 6.14
N GLU A 26 -0.49 12.05 6.77
CA GLU A 26 0.51 11.64 7.77
C GLU A 26 1.66 10.87 7.10
N SER A 27 2.69 10.48 7.86
CA SER A 27 3.74 9.58 7.37
C SER A 27 3.64 8.20 8.02
N ILE A 28 3.82 7.16 7.23
CA ILE A 28 3.42 5.79 7.57
C ILE A 28 4.49 5.15 8.47
N PRO A 29 4.16 4.72 9.71
CA PRO A 29 5.15 4.17 10.64
C PRO A 29 5.60 2.76 10.24
N LYS A 30 6.84 2.40 10.64
CA LYS A 30 7.36 1.03 10.52
C LYS A 30 6.66 0.05 11.47
N ASP A 31 6.80 -1.24 11.20
CA ASP A 31 6.11 -2.34 11.90
C ASP A 31 4.56 -2.24 11.83
N SER A 32 4.06 -1.75 10.69
CA SER A 32 2.63 -1.64 10.34
C SER A 32 2.40 -2.07 8.88
N LEU A 33 1.15 -2.26 8.47
CA LEU A 33 0.78 -2.69 7.11
C LEU A 33 0.45 -1.48 6.22
N ARG A 34 0.98 -1.47 4.99
CA ARG A 34 0.83 -0.39 4.01
C ARG A 34 0.63 -0.93 2.61
N MET A 35 0.06 -0.08 1.75
CA MET A 35 -0.20 -0.31 0.34
C MET A 35 0.29 0.86 -0.50
N ALA A 36 0.48 0.63 -1.80
CA ALA A 36 0.88 1.67 -2.75
C ALA A 36 0.16 1.50 -4.09
N ILE A 37 0.18 2.56 -4.92
CA ILE A 37 -0.36 2.55 -6.27
C ILE A 37 0.71 2.88 -7.30
N MET A 38 0.68 2.20 -8.43
CA MET A 38 1.72 2.24 -9.46
C MET A 38 1.30 3.15 -10.61
N VAL A 39 1.87 4.36 -10.65
CA VAL A 39 1.54 5.39 -11.67
C VAL A 39 2.78 5.81 -12.46
N GLN A 40 2.59 6.06 -13.77
CA GLN A 40 3.64 6.58 -14.65
C GLN A 40 4.00 8.03 -14.28
N SER A 41 5.29 8.30 -14.04
CA SER A 41 5.72 9.58 -13.46
C SER A 41 5.92 10.69 -14.50
N PRO A 42 5.50 11.93 -14.17
CA PRO A 42 5.93 13.12 -14.88
C PRO A 42 7.43 13.45 -14.70
N MET A 43 8.11 12.85 -13.72
CA MET A 43 9.49 13.22 -13.31
C MET A 43 10.49 12.05 -13.20
N PHE A 44 10.09 10.83 -13.57
CA PHE A 44 10.92 9.62 -13.54
C PHE A 44 10.69 8.74 -14.79
N ASP A 45 11.69 7.93 -15.15
CA ASP A 45 11.74 7.14 -16.39
C ASP A 45 11.04 5.78 -16.26
N GLY A 46 9.84 5.78 -15.66
CA GLY A 46 9.06 4.57 -15.35
C GLY A 46 7.88 4.87 -14.42
N LYS A 47 7.44 3.84 -13.69
CA LYS A 47 6.31 3.92 -12.75
C LYS A 47 6.83 4.14 -11.32
N VAL A 48 6.06 4.87 -10.51
CA VAL A 48 6.40 5.23 -9.11
C VAL A 48 5.25 4.91 -8.14
N PRO A 49 5.55 4.55 -6.87
CA PRO A 49 4.54 4.17 -5.88
C PRO A 49 3.90 5.38 -5.18
N HIS A 50 2.57 5.41 -5.07
CA HIS A 50 1.81 6.33 -4.21
C HIS A 50 1.37 5.57 -2.96
N TRP A 51 2.05 5.80 -1.84
CA TRP A 51 1.87 5.03 -0.61
C TRP A 51 0.65 5.50 0.21
N TYR A 52 -0.03 4.56 0.85
CA TYR A 52 -1.06 4.85 1.83
C TYR A 52 -1.10 3.75 2.90
N HIS A 53 -1.68 4.05 4.07
CA HIS A 53 -2.03 3.02 5.06
C HIS A 53 -2.92 1.92 4.44
N PHE A 54 -2.95 0.72 5.04
CA PHE A 54 -3.80 -0.38 4.52
C PHE A 54 -5.27 0.05 4.33
N SER A 55 -5.86 0.77 5.29
CA SER A 55 -7.24 1.25 5.22
C SER A 55 -7.40 2.44 4.28
N CYS A 56 -6.38 3.30 4.18
CA CYS A 56 -6.35 4.46 3.29
C CYS A 56 -6.41 4.07 1.80
N PHE A 57 -5.79 2.95 1.39
CA PHE A 57 -5.98 2.40 0.04
C PHE A 57 -7.47 2.18 -0.28
N TRP A 58 -8.23 1.59 0.63
CA TRP A 58 -9.67 1.34 0.45
C TRP A 58 -10.54 2.59 0.62
N LYS A 59 -10.02 3.69 1.19
CA LYS A 59 -10.63 5.03 1.19
C LYS A 59 -10.34 5.82 -0.09
N VAL A 60 -9.26 5.47 -0.81
CA VAL A 60 -9.03 5.88 -2.21
C VAL A 60 -9.92 5.06 -3.17
N GLY A 61 -10.21 3.80 -2.82
CA GLY A 61 -11.34 3.03 -3.36
C GLY A 61 -11.11 2.36 -4.71
N HIS A 62 -9.85 2.18 -5.13
CA HIS A 62 -9.51 1.43 -6.35
C HIS A 62 -9.82 -0.07 -6.16
N SER A 63 -10.46 -0.69 -7.16
CA SER A 63 -10.87 -2.10 -7.10
C SER A 63 -9.74 -3.05 -7.49
N ILE A 64 -9.76 -4.25 -6.89
CA ILE A 64 -8.78 -5.31 -7.10
C ILE A 64 -9.56 -6.61 -7.34
N ARG A 65 -9.22 -7.33 -8.42
CA ARG A 65 -10.02 -8.43 -8.99
C ARG A 65 -9.21 -9.71 -9.21
N HIS A 66 -7.87 -9.60 -9.25
CA HIS A 66 -6.92 -10.71 -9.15
C HIS A 66 -5.75 -10.30 -8.23
N PRO A 67 -6.00 -10.15 -6.91
CA PRO A 67 -5.09 -9.46 -6.00
C PRO A 67 -3.69 -10.05 -5.88
N ASP A 68 -3.53 -11.38 -5.93
CA ASP A 68 -2.21 -12.01 -5.88
C ASP A 68 -1.40 -11.81 -7.18
N VAL A 69 -2.04 -11.29 -8.23
CA VAL A 69 -1.41 -10.89 -9.50
C VAL A 69 -1.15 -9.37 -9.56
N GLU A 70 -2.12 -8.56 -9.12
CA GLU A 70 -2.10 -7.09 -9.25
C GLU A 70 -1.39 -6.38 -8.10
N VAL A 71 -1.49 -6.92 -6.89
CA VAL A 71 -0.83 -6.42 -5.67
C VAL A 71 0.55 -7.06 -5.56
N ASP A 72 1.53 -6.30 -6.00
CA ASP A 72 2.95 -6.59 -5.80
C ASP A 72 3.32 -6.57 -4.31
N GLY A 73 4.22 -7.46 -3.88
CA GLY A 73 4.64 -7.61 -2.48
C GLY A 73 3.68 -8.45 -1.62
N PHE A 74 2.54 -8.88 -2.16
CA PHE A 74 1.60 -9.81 -1.52
C PHE A 74 2.26 -11.15 -1.12
N SER A 75 3.27 -11.59 -1.88
CA SER A 75 4.12 -12.75 -1.60
C SER A 75 4.95 -12.63 -0.31
N GLU A 76 5.19 -11.41 0.19
CA GLU A 76 5.98 -11.14 1.40
C GLU A 76 5.12 -11.04 2.68
N LEU A 77 3.80 -11.01 2.54
CA LEU A 77 2.85 -11.09 3.66
C LEU A 77 2.76 -12.50 4.26
N ARG A 78 2.38 -12.62 5.53
CA ARG A 78 1.96 -13.89 6.15
C ARG A 78 0.57 -14.31 5.67
N TRP A 79 0.27 -15.60 5.80
CA TRP A 79 -0.99 -16.21 5.36
C TRP A 79 -2.23 -15.48 5.91
N ASP A 80 -2.18 -14.97 7.14
CA ASP A 80 -3.31 -14.28 7.77
C ASP A 80 -3.60 -12.89 7.16
N ASP A 81 -2.57 -12.19 6.66
CA ASP A 81 -2.76 -10.94 5.92
C ASP A 81 -3.02 -11.20 4.43
N GLN A 82 -2.48 -12.26 3.85
CA GLN A 82 -2.87 -12.70 2.50
C GLN A 82 -4.38 -12.96 2.43
N GLN A 83 -4.94 -13.73 3.38
CA GLN A 83 -6.37 -13.98 3.40
C GLN A 83 -7.23 -12.75 3.73
N LYS A 84 -6.74 -11.76 4.52
CA LYS A 84 -7.49 -10.54 4.84
C LYS A 84 -7.43 -9.54 3.70
N VAL A 85 -6.31 -9.44 3.00
CA VAL A 85 -6.16 -8.55 1.83
C VAL A 85 -6.99 -9.08 0.66
N LYS A 86 -6.98 -10.39 0.41
CA LYS A 86 -7.87 -11.00 -0.60
C LYS A 86 -9.35 -10.90 -0.21
N LYS A 87 -9.71 -11.17 1.06
CA LYS A 87 -11.09 -11.00 1.54
C LYS A 87 -11.55 -9.55 1.45
N THR A 88 -10.69 -8.59 1.76
CA THR A 88 -10.98 -7.15 1.66
C THR A 88 -11.18 -6.71 0.21
N ALA A 89 -10.44 -7.28 -0.74
CA ALA A 89 -10.61 -7.00 -2.17
C ALA A 89 -11.93 -7.60 -2.69
N GLU A 90 -12.32 -8.79 -2.20
CA GLU A 90 -13.61 -9.40 -2.50
C GLU A 90 -14.79 -8.64 -1.85
N ALA A 91 -14.56 -8.07 -0.67
CA ALA A 91 -15.50 -7.27 0.11
C ALA A 91 -15.63 -5.81 -0.40
N GLY A 92 -14.78 -5.37 -1.34
CA GLY A 92 -14.79 -4.02 -1.90
C GLY A 92 -14.23 -2.92 -0.98
N GLY A 93 -13.33 -3.28 -0.06
CA GLY A 93 -12.68 -2.37 0.88
C GLY A 93 -13.18 -2.46 2.32
N VAL A 94 -12.30 -2.16 3.26
CA VAL A 94 -12.56 -2.11 4.71
C VAL A 94 -11.81 -0.97 5.41
N THR A 95 -12.36 -0.49 6.52
CA THR A 95 -11.80 0.57 7.38
C THR A 95 -11.90 0.21 8.87
N GLY A 96 -11.16 0.91 9.73
CA GLY A 96 -11.11 0.64 11.18
C GLY A 96 -10.33 1.69 11.97
N LYS A 97 -9.97 1.36 13.22
CA LYS A 97 -9.23 2.22 14.15
C LYS A 97 -7.79 2.47 13.70
N GLY A 98 -7.19 3.57 14.17
CA GLY A 98 -5.80 3.96 13.91
C GLY A 98 -4.75 3.08 14.61
N GLN A 99 -3.48 3.42 14.41
CA GLN A 99 -2.31 2.74 15.00
C GLN A 99 -1.32 3.76 15.62
N ASP A 100 -0.48 3.29 16.55
CA ASP A 100 0.49 4.13 17.28
C ASP A 100 1.72 4.52 16.44
N GLY A 101 2.28 5.69 16.71
CA GLY A 101 3.46 6.24 16.04
C GLY A 101 3.19 6.91 14.68
N ILE A 102 4.19 7.65 14.18
CA ILE A 102 4.16 8.36 12.89
C ILE A 102 5.59 8.43 12.29
N GLY A 103 5.70 8.19 10.98
CA GLY A 103 6.96 8.25 10.23
C GLY A 103 8.07 7.32 10.75
N SER A 104 9.32 7.64 10.43
CA SER A 104 10.51 6.88 10.86
C SER A 104 10.91 7.15 12.32
N LYS A 105 10.71 8.38 12.80
CA LYS A 105 10.96 8.83 14.18
C LYS A 105 10.09 10.04 14.54
N ALA A 106 9.82 10.24 15.83
CA ALA A 106 8.87 11.24 16.35
C ALA A 106 9.49 12.17 17.44
N GLU A 107 10.76 12.54 17.30
CA GLU A 107 11.40 13.55 18.18
C GLU A 107 10.89 14.97 17.91
N LYS A 108 10.95 15.82 18.95
CA LYS A 108 10.56 17.25 18.92
C LYS A 108 11.64 18.13 18.27
N MET A 1 12.86 -0.04 -20.65
CA MET A 1 11.39 -0.04 -20.41
C MET A 1 10.82 -1.45 -20.59
N ALA A 2 9.69 -1.74 -19.95
CA ALA A 2 8.99 -3.03 -20.00
C ALA A 2 7.45 -2.86 -20.01
N GLU A 3 6.72 -3.94 -20.31
CA GLU A 3 5.24 -3.95 -20.34
C GLU A 3 4.60 -3.80 -18.95
N SER A 4 5.30 -4.22 -17.90
CA SER A 4 4.86 -4.10 -16.50
C SER A 4 6.05 -4.19 -15.53
N SER A 5 5.92 -3.60 -14.34
CA SER A 5 6.88 -3.60 -13.24
C SER A 5 6.15 -3.14 -11.97
N ASP A 6 6.39 -3.82 -10.86
CA ASP A 6 5.79 -3.58 -9.54
C ASP A 6 4.24 -3.64 -9.42
N LYS A 7 3.55 -3.92 -10.54
CA LYS A 7 2.10 -4.00 -10.76
C LYS A 7 1.34 -2.74 -10.34
N LEU A 8 0.07 -2.65 -10.76
CA LEU A 8 -0.81 -1.52 -10.41
C LEU A 8 -0.86 -1.28 -8.91
N TYR A 9 -0.68 -2.34 -8.11
CA TYR A 9 -0.93 -2.35 -6.68
C TYR A 9 0.22 -3.07 -5.96
N ARG A 10 0.55 -2.60 -4.77
CA ARG A 10 1.64 -3.08 -3.91
C ARG A 10 1.10 -3.24 -2.49
N VAL A 11 1.60 -4.20 -1.72
CA VAL A 11 1.33 -4.40 -0.29
C VAL A 11 2.59 -4.87 0.44
N GLU A 12 2.80 -4.45 1.68
CA GLU A 12 3.87 -4.96 2.54
C GLU A 12 3.68 -4.63 4.02
N TYR A 13 4.41 -5.40 4.83
CA TYR A 13 4.88 -4.93 6.13
C TYR A 13 5.98 -3.87 5.92
N ALA A 14 5.86 -2.73 6.61
CA ALA A 14 6.69 -1.55 6.41
C ALA A 14 8.10 -1.68 7.04
N LYS A 15 9.15 -1.41 6.25
CA LYS A 15 10.58 -1.58 6.65
C LYS A 15 11.10 -0.40 7.47
N SER A 16 10.71 0.82 7.10
CA SER A 16 11.18 2.10 7.63
C SER A 16 10.10 3.17 7.43
N GLY A 17 10.02 4.16 8.32
CA GLY A 17 8.93 5.14 8.43
C GLY A 17 8.93 6.28 7.39
N ARG A 18 9.53 6.03 6.21
CA ARG A 18 9.96 7.04 5.23
C ARG A 18 8.88 7.52 4.26
N ALA A 19 7.85 6.70 4.05
CA ALA A 19 6.76 6.93 3.11
C ALA A 19 5.68 7.87 3.68
N SER A 20 4.95 8.56 2.81
CA SER A 20 3.90 9.52 3.16
C SER A 20 2.58 9.11 2.54
N CYS A 21 1.51 9.12 3.35
CA CYS A 21 0.20 8.63 2.96
C CYS A 21 -0.53 9.63 2.05
N LYS A 22 -0.79 9.24 0.80
CA LYS A 22 -1.32 10.14 -0.24
C LYS A 22 -2.83 10.41 -0.11
N LYS A 23 -3.49 9.81 0.90
CA LYS A 23 -4.93 9.97 1.20
C LYS A 23 -5.18 10.76 2.48
N CYS A 24 -4.63 10.34 3.62
CA CYS A 24 -4.83 11.03 4.92
C CYS A 24 -3.75 12.09 5.27
N SER A 25 -2.73 12.24 4.42
CA SER A 25 -1.63 13.22 4.50
C SER A 25 -0.69 13.10 5.72
N GLU A 26 -0.75 11.98 6.44
CA GLU A 26 0.20 11.60 7.49
C GLU A 26 1.42 10.87 6.89
N SER A 27 2.32 10.33 7.73
CA SER A 27 3.45 9.49 7.30
C SER A 27 3.33 8.07 7.85
N ILE A 28 3.76 7.07 7.09
CA ILE A 28 3.42 5.66 7.32
C ILE A 28 4.52 5.00 8.17
N PRO A 29 4.24 4.50 9.39
CA PRO A 29 5.24 3.94 10.29
C PRO A 29 5.75 2.56 9.88
N LYS A 30 6.97 2.20 10.32
CA LYS A 30 7.50 0.83 10.20
C LYS A 30 6.76 -0.16 11.10
N ASP A 31 6.87 -1.45 10.77
CA ASP A 31 6.13 -2.55 11.42
C ASP A 31 4.59 -2.34 11.42
N SER A 32 4.08 -1.74 10.35
CA SER A 32 2.66 -1.60 10.03
C SER A 32 2.37 -2.16 8.62
N LEU A 33 1.10 -2.31 8.25
CA LEU A 33 0.69 -2.81 6.94
C LEU A 33 0.37 -1.61 6.03
N ARG A 34 0.99 -1.58 4.84
CA ARG A 34 0.88 -0.49 3.86
C ARG A 34 0.73 -1.01 2.44
N MET A 35 0.13 -0.19 1.58
CA MET A 35 -0.13 -0.48 0.16
C MET A 35 0.38 0.65 -0.73
N ALA A 36 0.66 0.39 -2.01
CA ALA A 36 1.14 1.39 -2.96
C ALA A 36 0.52 1.24 -4.36
N ILE A 37 0.68 2.27 -5.22
CA ILE A 37 0.09 2.30 -6.57
C ILE A 37 1.10 2.73 -7.63
N MET A 38 1.07 2.14 -8.82
CA MET A 38 1.85 2.63 -9.98
C MET A 38 1.17 3.81 -10.68
N VAL A 39 1.75 5.01 -10.52
CA VAL A 39 1.41 6.23 -11.27
C VAL A 39 2.64 6.82 -11.96
N GLN A 40 2.45 7.48 -13.11
CA GLN A 40 3.52 8.16 -13.85
C GLN A 40 3.96 9.46 -13.15
N SER A 41 5.28 9.68 -13.05
CA SER A 41 5.88 10.78 -12.30
C SER A 41 6.04 12.07 -13.11
N PRO A 42 5.78 13.24 -12.49
CA PRO A 42 6.21 14.53 -13.02
C PRO A 42 7.72 14.80 -12.90
N MET A 43 8.44 14.05 -12.06
CA MET A 43 9.86 14.27 -11.71
C MET A 43 10.80 13.14 -12.18
N PHE A 44 10.28 11.92 -12.34
CA PHE A 44 11.02 10.71 -12.73
C PHE A 44 10.62 10.22 -14.14
N ASP A 45 11.51 9.48 -14.79
CA ASP A 45 11.40 9.03 -16.19
C ASP A 45 10.63 7.71 -16.33
N GLY A 46 9.50 7.58 -15.63
CA GLY A 46 8.70 6.35 -15.53
C GLY A 46 7.64 6.42 -14.44
N LYS A 47 7.35 5.28 -13.83
CA LYS A 47 6.29 5.09 -12.84
C LYS A 47 6.88 5.05 -11.42
N VAL A 48 6.16 5.62 -10.45
CA VAL A 48 6.57 5.76 -9.05
C VAL A 48 5.48 5.26 -8.09
N PRO A 49 5.84 4.62 -6.96
CA PRO A 49 4.86 4.03 -6.04
C PRO A 49 4.22 5.08 -5.12
N HIS A 50 2.90 5.21 -5.18
CA HIS A 50 2.11 6.05 -4.26
C HIS A 50 1.68 5.25 -3.05
N TRP A 51 2.45 5.32 -1.96
CA TRP A 51 2.21 4.57 -0.74
C TRP A 51 1.08 5.19 0.09
N TYR A 52 0.23 4.35 0.67
CA TYR A 52 -0.77 4.72 1.67
C TYR A 52 -0.76 3.68 2.80
N HIS A 53 -1.35 3.98 3.96
CA HIS A 53 -1.74 2.94 4.92
C HIS A 53 -2.62 1.88 4.21
N PHE A 54 -2.59 0.62 4.65
CA PHE A 54 -3.42 -0.44 4.04
C PHE A 54 -4.92 -0.06 4.01
N SER A 55 -5.45 0.53 5.09
CA SER A 55 -6.85 0.94 5.18
C SER A 55 -7.15 2.13 4.26
N CYS A 56 -6.18 3.04 4.11
CA CYS A 56 -6.29 4.23 3.28
C CYS A 56 -6.41 3.91 1.77
N PHE A 57 -5.75 2.86 1.28
CA PHE A 57 -5.94 2.34 -0.08
C PHE A 57 -7.44 2.12 -0.40
N TRP A 58 -8.17 1.49 0.51
CA TRP A 58 -9.60 1.23 0.36
C TRP A 58 -10.49 2.45 0.68
N LYS A 59 -9.94 3.50 1.30
CA LYS A 59 -10.57 4.83 1.41
C LYS A 59 -10.45 5.62 0.09
N VAL A 60 -9.42 5.37 -0.73
CA VAL A 60 -9.38 5.81 -2.13
C VAL A 60 -10.33 4.97 -2.99
N GLY A 61 -10.47 3.68 -2.66
CA GLY A 61 -11.52 2.80 -3.20
C GLY A 61 -11.18 2.10 -4.51
N HIS A 62 -9.89 1.89 -4.81
CA HIS A 62 -9.47 1.09 -5.97
C HIS A 62 -9.92 -0.38 -5.82
N SER A 63 -10.47 -0.94 -6.90
CA SER A 63 -10.91 -2.35 -6.96
C SER A 63 -9.80 -3.25 -7.51
N ILE A 64 -9.76 -4.49 -7.02
CA ILE A 64 -8.73 -5.50 -7.35
C ILE A 64 -9.48 -6.82 -7.59
N ARG A 65 -9.24 -7.45 -8.74
CA ARG A 65 -10.04 -8.59 -9.27
C ARG A 65 -9.26 -9.91 -9.34
N HIS A 66 -7.93 -9.85 -9.35
CA HIS A 66 -7.03 -10.98 -9.14
C HIS A 66 -5.85 -10.57 -8.25
N PRO A 67 -6.09 -10.28 -6.95
CA PRO A 67 -5.11 -9.67 -6.06
C PRO A 67 -3.84 -10.50 -5.85
N ASP A 68 -3.90 -11.83 -6.01
CA ASP A 68 -2.74 -12.71 -5.95
C ASP A 68 -1.73 -12.43 -7.09
N VAL A 69 -2.22 -11.82 -8.19
CA VAL A 69 -1.47 -11.42 -9.38
C VAL A 69 -1.20 -9.91 -9.38
N GLU A 70 -2.18 -9.10 -8.95
CA GLU A 70 -2.15 -7.64 -9.10
C GLU A 70 -1.50 -6.90 -7.93
N VAL A 71 -1.56 -7.47 -6.72
CA VAL A 71 -0.90 -6.92 -5.54
C VAL A 71 0.49 -7.52 -5.41
N ASP A 72 1.47 -6.73 -5.81
CA ASP A 72 2.88 -7.00 -5.61
C ASP A 72 3.24 -6.98 -4.11
N GLY A 73 4.15 -7.85 -3.67
CA GLY A 73 4.54 -7.97 -2.26
C GLY A 73 3.53 -8.74 -1.39
N PHE A 74 2.44 -9.24 -1.98
CA PHE A 74 1.51 -10.18 -1.33
C PHE A 74 2.23 -11.47 -0.87
N SER A 75 3.32 -11.85 -1.55
CA SER A 75 4.25 -12.92 -1.17
C SER A 75 5.09 -12.64 0.10
N GLU A 76 5.25 -11.36 0.48
CA GLU A 76 5.99 -10.95 1.68
C GLU A 76 5.11 -11.00 2.95
N LEU A 77 3.79 -11.07 2.79
CA LEU A 77 2.80 -11.21 3.86
C LEU A 77 2.69 -12.65 4.39
N ARG A 78 2.21 -12.80 5.63
CA ARG A 78 1.73 -14.08 6.19
C ARG A 78 0.28 -14.37 5.78
N TRP A 79 -0.12 -15.63 5.96
CA TRP A 79 -1.41 -16.16 5.52
C TRP A 79 -2.62 -15.35 6.03
N ASP A 80 -2.56 -14.82 7.25
CA ASP A 80 -3.66 -14.06 7.85
C ASP A 80 -3.87 -12.67 7.23
N ASP A 81 -2.80 -12.03 6.72
CA ASP A 81 -2.88 -10.77 6.00
C ASP A 81 -3.18 -11.02 4.52
N GLN A 82 -2.67 -12.11 3.93
CA GLN A 82 -3.07 -12.57 2.59
C GLN A 82 -4.58 -12.80 2.48
N GLN A 83 -5.17 -13.58 3.40
CA GLN A 83 -6.61 -13.86 3.36
C GLN A 83 -7.46 -12.60 3.63
N LYS A 84 -6.93 -11.61 4.37
CA LYS A 84 -7.60 -10.34 4.69
C LYS A 84 -7.45 -9.35 3.53
N VAL A 85 -6.32 -9.32 2.82
CA VAL A 85 -6.17 -8.51 1.60
C VAL A 85 -7.06 -9.06 0.48
N LYS A 86 -7.12 -10.40 0.31
CA LYS A 86 -8.07 -11.05 -0.61
C LYS A 86 -9.52 -10.77 -0.21
N LYS A 87 -9.87 -10.91 1.07
CA LYS A 87 -11.22 -10.58 1.61
C LYS A 87 -11.58 -9.13 1.37
N THR A 88 -10.66 -8.20 1.62
CA THR A 88 -10.87 -6.76 1.45
C THR A 88 -11.02 -6.35 -0.01
N ALA A 89 -10.35 -7.04 -0.94
CA ALA A 89 -10.52 -6.84 -2.38
C ALA A 89 -11.90 -7.33 -2.86
N GLU A 90 -12.43 -8.41 -2.26
CA GLU A 90 -13.81 -8.84 -2.51
C GLU A 90 -14.86 -7.92 -1.85
N ALA A 91 -14.54 -7.38 -0.66
CA ALA A 91 -15.42 -6.53 0.14
C ALA A 91 -15.48 -5.06 -0.31
N GLY A 92 -14.43 -4.55 -0.97
CA GLY A 92 -14.27 -3.15 -1.36
C GLY A 92 -13.94 -2.21 -0.18
N GLY A 93 -13.61 -2.77 1.00
CA GLY A 93 -13.38 -2.06 2.25
C GLY A 93 -13.37 -3.03 3.44
N VAL A 94 -12.43 -2.84 4.37
CA VAL A 94 -12.17 -3.77 5.49
C VAL A 94 -13.20 -3.63 6.61
N THR A 95 -13.51 -4.73 7.30
CA THR A 95 -14.53 -4.80 8.37
C THR A 95 -14.08 -4.25 9.71
N GLY A 96 -12.77 -4.14 9.94
CA GLY A 96 -12.22 -3.52 11.15
C GLY A 96 -12.07 -2.00 11.07
N LYS A 97 -11.62 -1.39 12.17
CA LYS A 97 -11.35 0.06 12.27
C LYS A 97 -10.09 0.48 11.50
N GLY A 98 -10.00 1.77 11.15
CA GLY A 98 -8.83 2.36 10.47
C GLY A 98 -7.54 2.35 11.32
N GLN A 99 -6.40 2.46 10.65
CA GLN A 99 -5.07 2.41 11.27
C GLN A 99 -4.70 3.71 12.02
N ASP A 100 -3.72 3.62 12.92
CA ASP A 100 -3.25 4.70 13.80
C ASP A 100 -1.71 4.71 13.94
N GLY A 101 -1.15 5.82 14.40
CA GLY A 101 0.29 6.07 14.51
C GLY A 101 0.91 6.71 13.25
N ILE A 102 2.11 7.29 13.40
CA ILE A 102 2.80 8.07 12.36
C ILE A 102 4.29 7.70 12.27
N GLY A 103 4.81 7.63 11.04
CA GLY A 103 6.21 7.33 10.72
C GLY A 103 7.15 8.53 10.88
N SER A 104 8.46 8.24 10.93
CA SER A 104 9.56 9.22 11.01
C SER A 104 10.76 8.81 10.15
N LYS A 105 11.62 9.77 9.81
CA LYS A 105 12.78 9.63 8.93
C LYS A 105 14.05 10.21 9.59
N ALA A 106 15.17 9.48 9.50
CA ALA A 106 16.44 9.80 10.15
C ALA A 106 17.67 9.73 9.21
N GLU A 107 17.44 9.63 7.89
CA GLU A 107 18.46 9.49 6.85
C GLU A 107 18.04 10.21 5.56
N LYS A 108 19.00 10.85 4.87
CA LYS A 108 18.81 11.65 3.64
C LYS A 108 19.98 11.47 2.67
N MET A 1 15.86 4.11 -17.01
CA MET A 1 14.47 3.57 -17.03
C MET A 1 14.27 2.57 -15.89
N ALA A 2 13.07 2.55 -15.30
CA ALA A 2 12.65 1.58 -14.29
C ALA A 2 12.61 0.12 -14.83
N GLU A 3 12.62 -0.85 -13.91
CA GLU A 3 12.58 -2.29 -14.19
C GLU A 3 11.49 -3.01 -13.38
N SER A 4 10.88 -4.04 -13.96
CA SER A 4 9.92 -4.94 -13.31
C SER A 4 8.71 -4.25 -12.66
N SER A 5 8.31 -3.08 -13.19
CA SER A 5 7.26 -2.20 -12.67
C SER A 5 5.87 -2.42 -13.27
N ASP A 6 5.64 -3.58 -13.86
CA ASP A 6 4.42 -3.90 -14.61
C ASP A 6 3.27 -4.44 -13.73
N LYS A 7 2.90 -3.64 -12.72
CA LYS A 7 1.75 -3.81 -11.82
C LYS A 7 1.02 -2.49 -11.64
N LEU A 8 -0.11 -2.52 -10.94
CA LEU A 8 -0.89 -1.37 -10.50
C LEU A 8 -0.77 -1.11 -9.00
N TYR A 9 -0.42 -2.14 -8.22
CA TYR A 9 -0.63 -2.15 -6.78
C TYR A 9 0.57 -2.77 -6.04
N ARG A 10 0.74 -2.40 -4.77
CA ARG A 10 1.80 -2.86 -3.86
C ARG A 10 1.22 -3.07 -2.47
N VAL A 11 1.73 -4.05 -1.71
CA VAL A 11 1.44 -4.28 -0.28
C VAL A 11 2.68 -4.77 0.46
N GLU A 12 2.87 -4.33 1.71
CA GLU A 12 4.00 -4.76 2.55
C GLU A 12 3.81 -4.45 4.03
N TYR A 13 4.52 -5.25 4.84
CA TYR A 13 4.97 -4.83 6.16
C TYR A 13 6.09 -3.80 6.04
N ALA A 14 5.89 -2.63 6.63
CA ALA A 14 6.78 -1.48 6.53
C ALA A 14 8.11 -1.69 7.28
N LYS A 15 9.23 -1.62 6.54
CA LYS A 15 10.59 -1.82 7.08
C LYS A 15 11.18 -0.55 7.72
N SER A 16 10.80 0.62 7.22
CA SER A 16 11.24 1.94 7.70
C SER A 16 10.17 3.02 7.50
N GLY A 17 10.15 4.02 8.37
CA GLY A 17 9.21 5.16 8.34
C GLY A 17 9.61 6.21 7.30
N ARG A 18 9.60 5.83 6.01
CA ARG A 18 10.07 6.65 4.87
C ARG A 18 9.05 6.73 3.72
N ALA A 19 7.77 6.52 4.03
CA ALA A 19 6.64 6.63 3.12
C ALA A 19 5.54 7.52 3.71
N SER A 20 4.92 8.36 2.87
CA SER A 20 3.87 9.32 3.27
C SER A 20 2.52 8.92 2.69
N CYS A 21 1.46 9.06 3.48
CA CYS A 21 0.11 8.63 3.10
C CYS A 21 -0.55 9.68 2.19
N LYS A 22 -0.86 9.27 0.95
CA LYS A 22 -1.39 10.17 -0.09
C LYS A 22 -2.88 10.51 0.10
N LYS A 23 -3.57 9.84 1.04
CA LYS A 23 -5.01 9.98 1.29
C LYS A 23 -5.31 10.79 2.56
N CYS A 24 -4.73 10.44 3.71
CA CYS A 24 -4.93 11.16 4.98
C CYS A 24 -3.85 12.22 5.29
N SER A 25 -2.83 12.35 4.43
CA SER A 25 -1.71 13.32 4.48
C SER A 25 -0.75 13.21 5.67
N GLU A 26 -0.79 12.08 6.40
CA GLU A 26 0.14 11.73 7.48
C GLU A 26 1.36 10.94 6.93
N SER A 27 2.21 10.41 7.82
CA SER A 27 3.33 9.54 7.47
C SER A 27 3.14 8.13 8.02
N ILE A 28 3.68 7.14 7.33
CA ILE A 28 3.39 5.73 7.56
C ILE A 28 4.52 5.09 8.40
N PRO A 29 4.23 4.54 9.59
CA PRO A 29 5.23 3.97 10.49
C PRO A 29 5.74 2.59 10.03
N LYS A 30 6.94 2.21 10.51
CA LYS A 30 7.45 0.84 10.38
C LYS A 30 6.75 -0.15 11.34
N ASP A 31 6.93 -1.45 11.10
CA ASP A 31 6.22 -2.54 11.79
C ASP A 31 4.69 -2.41 11.72
N SER A 32 4.20 -1.98 10.55
CA SER A 32 2.79 -1.75 10.22
C SER A 32 2.50 -2.14 8.76
N LEU A 33 1.23 -2.28 8.38
CA LEU A 33 0.82 -2.72 7.05
C LEU A 33 0.50 -1.50 6.16
N ARG A 34 1.08 -1.47 4.95
CA ARG A 34 0.91 -0.39 3.97
C ARG A 34 0.77 -0.92 2.56
N MET A 35 0.17 -0.12 1.70
CA MET A 35 -0.08 -0.39 0.29
C MET A 35 0.39 0.78 -0.57
N ALA A 36 0.58 0.54 -1.86
CA ALA A 36 0.98 1.57 -2.81
C ALA A 36 0.30 1.38 -4.17
N ILE A 37 0.33 2.42 -5.01
CA ILE A 37 -0.21 2.41 -6.37
C ILE A 37 0.84 2.81 -7.39
N MET A 38 0.85 2.13 -8.53
CA MET A 38 1.87 2.29 -9.56
C MET A 38 1.39 3.23 -10.66
N VAL A 39 1.87 4.48 -10.64
CA VAL A 39 1.55 5.52 -11.63
C VAL A 39 2.78 5.94 -12.44
N GLN A 40 2.60 6.19 -13.73
CA GLN A 40 3.64 6.73 -14.62
C GLN A 40 3.96 8.19 -14.25
N SER A 41 5.25 8.49 -14.03
CA SER A 41 5.69 9.79 -13.51
C SER A 41 5.97 10.81 -14.62
N PRO A 42 5.55 12.08 -14.43
CA PRO A 42 6.00 13.19 -15.26
C PRO A 42 7.46 13.63 -15.00
N MET A 43 8.05 13.22 -13.86
CA MET A 43 9.37 13.67 -13.38
C MET A 43 10.43 12.55 -13.35
N PHE A 44 10.01 11.29 -13.24
CA PHE A 44 10.86 10.09 -13.18
C PHE A 44 10.69 9.21 -14.43
N ASP A 45 11.73 8.46 -14.77
CA ASP A 45 11.85 7.67 -16.01
C ASP A 45 11.22 6.27 -15.88
N GLY A 46 9.93 6.22 -15.52
CA GLY A 46 9.17 5.00 -15.29
C GLY A 46 7.96 5.22 -14.39
N LYS A 47 7.57 4.17 -13.66
CA LYS A 47 6.44 4.14 -12.73
C LYS A 47 6.94 4.39 -11.30
N VAL A 48 6.13 5.07 -10.48
CA VAL A 48 6.42 5.39 -9.07
C VAL A 48 5.30 4.94 -8.14
N PRO A 49 5.61 4.54 -6.88
CA PRO A 49 4.62 4.13 -5.90
C PRO A 49 3.99 5.31 -5.15
N HIS A 50 2.65 5.35 -5.11
CA HIS A 50 1.87 6.24 -4.24
C HIS A 50 1.43 5.46 -3.02
N TRP A 51 2.13 5.63 -1.89
CA TRP A 51 1.92 4.85 -0.67
C TRP A 51 0.70 5.34 0.13
N TYR A 52 0.04 4.43 0.82
CA TYR A 52 -1.00 4.75 1.80
C TYR A 52 -0.99 3.69 2.93
N HIS A 53 -1.56 4.03 4.10
CA HIS A 53 -1.90 3.00 5.11
C HIS A 53 -2.82 1.92 4.50
N PHE A 54 -2.85 0.71 5.06
CA PHE A 54 -3.69 -0.38 4.53
C PHE A 54 -5.15 0.03 4.30
N SER A 55 -5.80 0.68 5.28
CA SER A 55 -7.20 1.09 5.18
C SER A 55 -7.37 2.29 4.25
N CYS A 56 -6.37 3.18 4.19
CA CYS A 56 -6.38 4.36 3.36
C CYS A 56 -6.44 4.06 1.86
N PHE A 57 -5.78 2.98 1.40
CA PHE A 57 -5.88 2.46 0.04
C PHE A 57 -7.35 2.26 -0.38
N TRP A 58 -8.14 1.59 0.47
CA TRP A 58 -9.54 1.31 0.20
C TRP A 58 -10.44 2.56 0.35
N LYS A 59 -10.04 3.52 1.21
CA LYS A 59 -10.68 4.86 1.28
C LYS A 59 -10.46 5.71 0.03
N VAL A 60 -9.45 5.43 -0.81
CA VAL A 60 -9.35 6.04 -2.16
C VAL A 60 -10.51 5.59 -3.08
N GLY A 61 -11.11 4.42 -2.80
CA GLY A 61 -12.20 3.84 -3.60
C GLY A 61 -11.74 2.82 -4.66
N HIS A 62 -10.47 2.40 -4.63
CA HIS A 62 -9.95 1.30 -5.46
C HIS A 62 -10.54 -0.06 -5.04
N SER A 63 -10.69 -0.96 -6.01
CA SER A 63 -11.12 -2.35 -5.81
C SER A 63 -10.31 -3.27 -6.73
N ILE A 64 -9.85 -4.40 -6.19
CA ILE A 64 -8.79 -5.20 -6.78
C ILE A 64 -9.40 -6.53 -7.27
N ARG A 65 -9.30 -6.77 -8.58
CA ARG A 65 -10.04 -7.84 -9.29
C ARG A 65 -9.31 -9.20 -9.30
N HIS A 66 -7.99 -9.17 -9.17
CA HIS A 66 -7.08 -10.32 -9.12
C HIS A 66 -5.88 -10.00 -8.24
N PRO A 67 -6.05 -9.95 -6.90
CA PRO A 67 -5.10 -9.32 -6.00
C PRO A 67 -3.74 -10.01 -5.91
N ASP A 68 -3.68 -11.34 -5.97
CA ASP A 68 -2.40 -12.07 -5.96
C ASP A 68 -1.63 -11.94 -7.29
N VAL A 69 -2.26 -11.37 -8.33
CA VAL A 69 -1.65 -11.07 -9.64
C VAL A 69 -1.15 -9.62 -9.71
N GLU A 70 -1.94 -8.66 -9.21
CA GLU A 70 -1.65 -7.22 -9.35
C GLU A 70 -1.07 -6.53 -8.12
N VAL A 71 -1.29 -7.05 -6.91
CA VAL A 71 -0.67 -6.55 -5.68
C VAL A 71 0.72 -7.16 -5.53
N ASP A 72 1.72 -6.38 -5.96
CA ASP A 72 3.14 -6.66 -5.72
C ASP A 72 3.42 -6.72 -4.21
N GLY A 73 4.22 -7.68 -3.77
CA GLY A 73 4.54 -7.89 -2.35
C GLY A 73 3.50 -8.66 -1.55
N PHE A 74 2.43 -9.15 -2.19
CA PHE A 74 1.48 -10.10 -1.56
C PHE A 74 2.19 -11.35 -1.02
N SER A 75 3.26 -11.79 -1.68
CA SER A 75 4.14 -12.91 -1.25
C SER A 75 5.07 -12.57 -0.07
N GLU A 76 5.19 -11.29 0.31
CA GLU A 76 5.98 -10.83 1.47
C GLU A 76 5.14 -10.83 2.77
N LEU A 77 3.83 -10.97 2.67
CA LEU A 77 2.89 -11.08 3.80
C LEU A 77 2.84 -12.51 4.38
N ARG A 78 2.37 -12.63 5.63
CA ARG A 78 1.95 -13.91 6.22
C ARG A 78 0.57 -14.34 5.72
N TRP A 79 0.28 -15.63 5.88
CA TRP A 79 -0.94 -16.27 5.39
C TRP A 79 -2.23 -15.56 5.87
N ASP A 80 -2.26 -15.06 7.11
CA ASP A 80 -3.44 -14.41 7.69
C ASP A 80 -3.75 -13.03 7.06
N ASP A 81 -2.72 -12.29 6.62
CA ASP A 81 -2.90 -11.05 5.89
C ASP A 81 -3.13 -11.31 4.39
N GLN A 82 -2.58 -12.39 3.83
CA GLN A 82 -3.01 -12.88 2.51
C GLN A 82 -4.51 -13.21 2.51
N GLN A 83 -5.07 -13.75 3.60
CA GLN A 83 -6.53 -13.96 3.72
C GLN A 83 -7.30 -12.63 3.81
N LYS A 84 -6.83 -11.64 4.59
CA LYS A 84 -7.56 -10.40 4.85
C LYS A 84 -7.45 -9.43 3.70
N VAL A 85 -6.31 -9.39 3.00
CA VAL A 85 -6.14 -8.54 1.83
C VAL A 85 -6.99 -9.06 0.66
N LYS A 86 -7.05 -10.39 0.45
CA LYS A 86 -7.97 -10.98 -0.54
C LYS A 86 -9.45 -10.84 -0.14
N LYS A 87 -9.79 -11.05 1.14
CA LYS A 87 -11.14 -10.80 1.67
C LYS A 87 -11.57 -9.34 1.49
N THR A 88 -10.66 -8.40 1.74
CA THR A 88 -10.91 -6.95 1.57
C THR A 88 -11.06 -6.56 0.10
N ALA A 89 -10.33 -7.23 -0.80
CA ALA A 89 -10.42 -7.01 -2.24
C ALA A 89 -11.74 -7.50 -2.81
N GLU A 90 -12.27 -8.65 -2.33
CA GLU A 90 -13.60 -9.10 -2.75
C GLU A 90 -14.74 -8.34 -2.06
N ALA A 91 -14.50 -7.85 -0.83
CA ALA A 91 -15.42 -7.01 -0.08
C ALA A 91 -15.53 -5.57 -0.63
N GLY A 92 -14.59 -5.14 -1.49
CA GLY A 92 -14.52 -3.79 -2.05
C GLY A 92 -14.07 -2.72 -1.04
N GLY A 93 -13.23 -3.11 -0.06
CA GLY A 93 -12.76 -2.26 1.03
C GLY A 93 -13.38 -2.61 2.39
N VAL A 94 -12.59 -2.41 3.45
CA VAL A 94 -12.97 -2.58 4.87
C VAL A 94 -12.18 -1.61 5.76
N THR A 95 -12.67 -1.38 6.97
CA THR A 95 -11.99 -0.60 8.02
C THR A 95 -11.85 -1.41 9.31
N GLY A 96 -10.89 -1.04 10.17
CA GLY A 96 -10.61 -1.74 11.44
C GLY A 96 -9.66 -2.94 11.34
N LYS A 97 -9.28 -3.36 10.12
CA LYS A 97 -8.38 -4.52 9.84
C LYS A 97 -6.90 -4.10 9.63
N GLY A 98 -6.62 -2.80 9.63
CA GLY A 98 -5.26 -2.23 9.63
C GLY A 98 -4.67 -2.08 11.05
N GLN A 99 -3.75 -1.13 11.20
CA GLN A 99 -3.12 -0.76 12.48
C GLN A 99 -2.95 0.78 12.58
N ASP A 100 -3.17 1.34 13.78
CA ASP A 100 -3.02 2.77 14.06
C ASP A 100 -1.57 3.16 14.40
N GLY A 101 -1.10 4.29 13.87
CA GLY A 101 0.23 4.86 14.13
C GLY A 101 0.66 5.89 13.08
N ILE A 102 1.76 6.61 13.36
CA ILE A 102 2.32 7.65 12.49
C ILE A 102 3.86 7.59 12.43
N GLY A 103 4.41 7.78 11.23
CA GLY A 103 5.86 7.72 10.94
C GLY A 103 6.62 9.05 11.07
N SER A 104 5.94 10.16 11.37
CA SER A 104 6.46 11.53 11.22
C SER A 104 7.57 11.93 12.20
N LYS A 105 7.67 11.25 13.36
CA LYS A 105 8.65 11.55 14.42
C LYS A 105 9.08 10.29 15.18
N ALA A 106 10.32 10.26 15.64
CA ALA A 106 10.92 9.19 16.48
C ALA A 106 11.36 9.75 17.84
N GLU A 107 10.39 10.26 18.61
CA GLU A 107 10.62 11.01 19.86
C GLU A 107 11.17 10.14 21.02
N LYS A 108 10.78 8.85 21.05
CA LYS A 108 11.22 7.84 22.03
C LYS A 108 11.25 6.42 21.44
N MET A 1 17.16 -8.20 -7.97
CA MET A 1 17.17 -8.60 -9.40
C MET A 1 15.77 -8.97 -9.88
N ALA A 2 15.53 -8.90 -11.20
CA ALA A 2 14.26 -9.22 -11.86
C ALA A 2 13.04 -8.42 -11.34
N GLU A 3 13.24 -7.15 -10.98
CA GLU A 3 12.18 -6.20 -10.60
C GLU A 3 11.17 -5.94 -11.75
N SER A 4 9.94 -5.57 -11.39
CA SER A 4 8.85 -5.23 -12.33
C SER A 4 8.00 -4.06 -11.83
N SER A 5 7.47 -3.27 -12.77
CA SER A 5 6.52 -2.16 -12.53
C SER A 5 5.30 -2.22 -13.46
N ASP A 6 5.05 -3.38 -14.08
CA ASP A 6 3.87 -3.64 -14.90
C ASP A 6 2.65 -4.05 -14.05
N LYS A 7 2.41 -3.29 -12.97
CA LYS A 7 1.39 -3.46 -11.94
C LYS A 7 0.63 -2.14 -11.78
N LEU A 8 -0.42 -2.17 -10.97
CA LEU A 8 -1.16 -0.99 -10.53
C LEU A 8 -1.00 -0.72 -9.05
N TYR A 9 -0.63 -1.73 -8.27
CA TYR A 9 -0.82 -1.77 -6.83
C TYR A 9 0.39 -2.44 -6.15
N ARG A 10 0.59 -2.12 -4.87
CA ARG A 10 1.65 -2.63 -4.00
C ARG A 10 1.09 -2.84 -2.59
N VAL A 11 1.57 -3.85 -1.87
CA VAL A 11 1.32 -4.08 -0.44
C VAL A 11 2.58 -4.62 0.23
N GLU A 12 2.82 -4.27 1.50
CA GLU A 12 3.91 -4.84 2.29
C GLU A 12 3.70 -4.74 3.80
N TYR A 13 4.43 -5.58 4.53
CA TYR A 13 4.92 -5.22 5.87
C TYR A 13 5.99 -4.13 5.71
N ALA A 14 5.80 -3.01 6.42
CA ALA A 14 6.56 -1.78 6.26
C ALA A 14 8.01 -1.89 6.76
N LYS A 15 8.98 -1.53 5.89
CA LYS A 15 10.42 -1.71 6.13
C LYS A 15 11.03 -0.62 7.03
N SER A 16 10.60 0.62 6.85
CA SER A 16 11.10 1.83 7.52
C SER A 16 10.05 2.95 7.45
N GLY A 17 10.06 3.88 8.40
CA GLY A 17 9.08 4.97 8.55
C GLY A 17 9.19 6.12 7.55
N ARG A 18 9.74 5.86 6.35
CA ARG A 18 10.02 6.87 5.30
C ARG A 18 8.83 7.17 4.37
N ALA A 19 7.85 6.26 4.29
CA ALA A 19 6.68 6.42 3.42
C ALA A 19 5.62 7.35 4.04
N SER A 20 5.07 8.26 3.24
CA SER A 20 4.02 9.21 3.62
C SER A 20 2.69 8.84 2.98
N CYS A 21 1.59 9.07 3.71
CA CYS A 21 0.24 8.71 3.26
C CYS A 21 -0.34 9.77 2.32
N LYS A 22 -0.74 9.34 1.13
CA LYS A 22 -1.18 10.22 0.03
C LYS A 22 -2.69 10.56 0.09
N LYS A 23 -3.39 10.04 1.09
CA LYS A 23 -4.85 10.18 1.28
C LYS A 23 -5.23 10.96 2.55
N CYS A 24 -4.66 10.61 3.71
CA CYS A 24 -4.89 11.31 4.98
C CYS A 24 -3.76 12.31 5.38
N SER A 25 -2.71 12.42 4.54
CA SER A 25 -1.58 13.35 4.68
C SER A 25 -0.70 13.15 5.93
N GLU A 26 -0.78 11.98 6.57
CA GLU A 26 0.07 11.57 7.70
C GLU A 26 1.29 10.76 7.20
N SER A 27 1.95 10.02 8.09
CA SER A 27 3.12 9.17 7.80
C SER A 27 2.91 7.72 8.26
N ILE A 28 3.59 6.78 7.61
CA ILE A 28 3.32 5.35 7.71
C ILE A 28 4.48 4.63 8.43
N PRO A 29 4.29 4.16 9.68
CA PRO A 29 5.35 3.55 10.49
C PRO A 29 5.77 2.16 9.99
N LYS A 30 6.99 1.74 10.37
CA LYS A 30 7.52 0.38 10.11
C LYS A 30 6.84 -0.70 10.96
N ASP A 31 7.04 -1.97 10.56
CA ASP A 31 6.43 -3.16 11.19
C ASP A 31 4.88 -3.10 11.27
N SER A 32 4.27 -2.44 10.27
CA SER A 32 2.83 -2.25 10.07
C SER A 32 2.47 -2.58 8.63
N LEU A 33 1.17 -2.67 8.30
CA LEU A 33 0.69 -3.04 6.96
C LEU A 33 0.38 -1.78 6.14
N ARG A 34 0.94 -1.69 4.91
CA ARG A 34 0.79 -0.55 4.02
C ARG A 34 0.69 -0.95 2.56
N MET A 35 0.10 -0.09 1.75
CA MET A 35 -0.16 -0.29 0.32
C MET A 35 0.33 0.89 -0.50
N ALA A 36 0.53 0.70 -1.80
CA ALA A 36 0.95 1.74 -2.73
C ALA A 36 0.27 1.60 -4.10
N ILE A 37 0.33 2.65 -4.93
CA ILE A 37 -0.22 2.68 -6.29
C ILE A 37 0.84 3.05 -7.31
N MET A 38 0.81 2.40 -8.47
CA MET A 38 1.79 2.59 -9.54
C MET A 38 1.32 3.66 -10.52
N VAL A 39 1.88 4.87 -10.42
CA VAL A 39 1.66 5.97 -11.37
C VAL A 39 2.88 6.20 -12.25
N GLN A 40 2.65 6.48 -13.54
CA GLN A 40 3.70 6.78 -14.52
C GLN A 40 4.38 8.14 -14.21
N SER A 41 5.71 8.13 -14.12
CA SER A 41 6.50 9.30 -13.73
C SER A 41 7.06 10.08 -14.93
N PRO A 42 7.06 11.43 -14.86
CA PRO A 42 7.79 12.27 -15.80
C PRO A 42 9.28 12.40 -15.45
N MET A 43 9.71 11.99 -14.25
CA MET A 43 11.09 12.07 -13.76
C MET A 43 11.85 10.74 -13.83
N PHE A 44 11.16 9.62 -13.59
CA PHE A 44 11.69 8.25 -13.61
C PHE A 44 11.31 7.50 -14.89
N ASP A 45 12.11 6.50 -15.25
CA ASP A 45 12.00 5.71 -16.50
C ASP A 45 10.98 4.55 -16.38
N GLY A 46 9.79 4.84 -15.84
CA GLY A 46 8.74 3.88 -15.53
C GLY A 46 7.70 4.42 -14.54
N LYS A 47 7.16 3.53 -13.71
CA LYS A 47 6.11 3.86 -12.73
C LYS A 47 6.64 3.84 -11.29
N VAL A 48 6.07 4.69 -10.44
CA VAL A 48 6.54 5.01 -9.08
C VAL A 48 5.41 4.82 -8.04
N PRO A 49 5.71 4.41 -6.80
CA PRO A 49 4.69 4.08 -5.81
C PRO A 49 4.16 5.30 -5.04
N HIS A 50 2.83 5.42 -4.96
CA HIS A 50 2.12 6.34 -4.06
C HIS A 50 1.62 5.56 -2.85
N TRP A 51 2.30 5.68 -1.71
CA TRP A 51 2.02 4.88 -0.51
C TRP A 51 0.81 5.42 0.28
N TYR A 52 0.11 4.52 0.96
CA TYR A 52 -0.93 4.86 1.93
C TYR A 52 -0.99 3.79 3.03
N HIS A 53 -1.59 4.12 4.18
CA HIS A 53 -1.98 3.11 5.19
C HIS A 53 -2.86 2.02 4.54
N PHE A 54 -2.92 0.82 5.13
CA PHE A 54 -3.76 -0.27 4.61
C PHE A 54 -5.22 0.17 4.37
N SER A 55 -5.83 0.89 5.31
CA SER A 55 -7.23 1.33 5.20
C SER A 55 -7.38 2.51 4.25
N CYS A 56 -6.38 3.39 4.16
CA CYS A 56 -6.38 4.56 3.28
C CYS A 56 -6.40 4.18 1.79
N PHE A 57 -5.73 3.09 1.40
CA PHE A 57 -5.87 2.49 0.07
C PHE A 57 -7.34 2.19 -0.28
N TRP A 58 -8.08 1.60 0.67
CA TRP A 58 -9.51 1.31 0.51
C TRP A 58 -10.41 2.55 0.66
N LYS A 59 -9.89 3.68 1.17
CA LYS A 59 -10.55 5.01 1.10
C LYS A 59 -10.39 5.66 -0.28
N VAL A 60 -9.33 5.31 -1.04
CA VAL A 60 -9.24 5.57 -2.49
C VAL A 60 -10.15 4.60 -3.27
N GLY A 61 -10.26 3.35 -2.80
CA GLY A 61 -11.39 2.45 -3.11
C GLY A 61 -11.32 1.75 -4.47
N HIS A 62 -10.13 1.29 -4.88
CA HIS A 62 -9.97 0.49 -6.11
C HIS A 62 -10.61 -0.90 -6.00
N SER A 63 -11.24 -1.36 -7.08
CA SER A 63 -11.84 -2.71 -7.17
C SER A 63 -10.81 -3.71 -7.71
N ILE A 64 -10.46 -4.71 -6.90
CA ILE A 64 -9.35 -5.65 -7.15
C ILE A 64 -9.92 -7.06 -6.98
N ARG A 65 -9.87 -7.85 -8.05
CA ARG A 65 -10.37 -9.24 -8.11
C ARG A 65 -9.27 -10.25 -8.48
N HIS A 66 -8.03 -9.76 -8.45
CA HIS A 66 -6.76 -10.39 -8.83
C HIS A 66 -5.60 -9.88 -7.97
N PRO A 67 -5.75 -9.76 -6.63
CA PRO A 67 -4.75 -9.10 -5.82
C PRO A 67 -3.39 -9.82 -5.85
N ASP A 68 -3.37 -11.14 -6.01
CA ASP A 68 -2.11 -11.90 -6.12
C ASP A 68 -1.42 -11.74 -7.50
N VAL A 69 -2.09 -11.11 -8.47
CA VAL A 69 -1.57 -10.75 -9.80
C VAL A 69 -1.11 -9.29 -9.84
N GLU A 70 -1.91 -8.36 -9.29
CA GLU A 70 -1.74 -6.91 -9.49
C GLU A 70 -1.26 -6.14 -8.26
N VAL A 71 -1.56 -6.60 -7.04
CA VAL A 71 -0.92 -6.13 -5.80
C VAL A 71 0.45 -6.79 -5.65
N ASP A 72 1.49 -6.07 -6.09
CA ASP A 72 2.89 -6.43 -5.85
C ASP A 72 3.19 -6.53 -4.34
N GLY A 73 4.03 -7.47 -3.93
CA GLY A 73 4.52 -7.59 -2.55
C GLY A 73 3.58 -8.31 -1.59
N PHE A 74 2.42 -8.78 -2.06
CA PHE A 74 1.51 -9.70 -1.36
C PHE A 74 2.22 -11.00 -0.91
N SER A 75 3.28 -11.39 -1.61
CA SER A 75 4.21 -12.47 -1.23
C SER A 75 5.01 -12.21 0.06
N GLU A 76 5.14 -10.96 0.49
CA GLU A 76 5.90 -10.54 1.69
C GLU A 76 5.05 -10.55 2.98
N LEU A 77 3.73 -10.72 2.87
CA LEU A 77 2.77 -10.68 3.97
C LEU A 77 2.71 -12.00 4.76
N ARG A 78 2.26 -11.90 6.02
CA ARG A 78 1.83 -13.06 6.82
C ARG A 78 0.57 -13.72 6.26
N TRP A 79 0.39 -15.00 6.58
CA TRP A 79 -0.72 -15.83 6.09
C TRP A 79 -2.11 -15.26 6.46
N ASP A 80 -2.27 -14.63 7.63
CA ASP A 80 -3.52 -13.96 8.04
C ASP A 80 -3.80 -12.67 7.27
N ASP A 81 -2.75 -11.98 6.82
CA ASP A 81 -2.81 -10.68 6.14
C ASP A 81 -3.05 -10.87 4.64
N GLN A 82 -2.47 -11.92 4.03
CA GLN A 82 -2.84 -12.36 2.69
C GLN A 82 -4.35 -12.65 2.60
N GLN A 83 -4.89 -13.44 3.53
CA GLN A 83 -6.32 -13.78 3.55
C GLN A 83 -7.22 -12.55 3.74
N LYS A 84 -6.79 -11.57 4.54
CA LYS A 84 -7.51 -10.34 4.84
C LYS A 84 -7.39 -9.35 3.68
N VAL A 85 -6.26 -9.29 2.99
CA VAL A 85 -6.11 -8.47 1.77
C VAL A 85 -6.95 -9.03 0.64
N LYS A 86 -6.94 -10.35 0.41
CA LYS A 86 -7.82 -10.98 -0.59
C LYS A 86 -9.29 -10.77 -0.23
N LYS A 87 -9.69 -11.01 1.02
CA LYS A 87 -11.08 -10.80 1.48
C LYS A 87 -11.51 -9.34 1.35
N THR A 88 -10.64 -8.39 1.72
CA THR A 88 -10.91 -6.94 1.61
C THR A 88 -11.01 -6.48 0.15
N ALA A 89 -10.22 -7.07 -0.75
CA ALA A 89 -10.27 -6.77 -2.18
C ALA A 89 -11.55 -7.34 -2.80
N GLU A 90 -11.98 -8.53 -2.39
CA GLU A 90 -13.27 -9.12 -2.78
C GLU A 90 -14.47 -8.33 -2.22
N ALA A 91 -14.31 -7.78 -1.01
CA ALA A 91 -15.28 -6.93 -0.33
C ALA A 91 -15.34 -5.48 -0.88
N GLY A 92 -14.44 -5.10 -1.80
CA GLY A 92 -14.36 -3.76 -2.39
C GLY A 92 -13.85 -2.68 -1.43
N GLY A 93 -13.07 -3.06 -0.41
CA GLY A 93 -12.48 -2.18 0.59
C GLY A 93 -13.18 -2.21 1.95
N VAL A 94 -12.38 -1.99 3.01
CA VAL A 94 -12.83 -1.78 4.40
C VAL A 94 -12.06 -0.64 5.05
N THR A 95 -12.69 0.07 5.99
CA THR A 95 -12.14 1.26 6.66
C THR A 95 -12.14 1.13 8.19
N GLY A 96 -11.12 1.71 8.84
CA GLY A 96 -10.98 1.75 10.29
C GLY A 96 -11.54 3.02 10.94
N LYS A 97 -11.21 3.23 12.23
CA LYS A 97 -11.57 4.41 13.04
C LYS A 97 -10.33 5.01 13.74
N GLY A 98 -10.44 6.26 14.18
CA GLY A 98 -9.36 7.00 14.85
C GLY A 98 -8.29 7.55 13.91
N GLN A 99 -7.10 7.82 14.47
CA GLN A 99 -5.96 8.46 13.80
C GLN A 99 -4.64 7.76 14.20
N ASP A 100 -3.72 7.57 13.25
CA ASP A 100 -2.44 6.88 13.45
C ASP A 100 -1.31 7.46 12.57
N GLY A 101 -0.07 7.43 13.06
CA GLY A 101 1.08 8.07 12.44
C GLY A 101 1.09 9.60 12.56
N ILE A 102 2.14 10.24 12.02
CA ILE A 102 2.30 11.71 12.04
C ILE A 102 3.09 12.23 10.83
N GLY A 103 2.47 13.08 10.02
CA GLY A 103 3.12 13.76 8.89
C GLY A 103 3.98 14.97 9.27
N SER A 104 4.26 15.84 8.29
CA SER A 104 5.10 17.04 8.45
C SER A 104 4.51 18.26 7.73
N LYS A 105 4.99 19.47 8.10
CA LYS A 105 4.52 20.77 7.61
C LYS A 105 4.85 21.00 6.13
N ALA A 106 3.86 21.42 5.35
CA ALA A 106 3.96 21.79 3.94
C ALA A 106 2.85 22.80 3.59
N GLU A 107 3.21 23.90 2.93
CA GLU A 107 2.31 25.06 2.73
C GLU A 107 1.41 24.95 1.49
N LYS A 108 1.73 24.06 0.55
CA LYS A 108 0.99 23.78 -0.70
C LYS A 108 1.09 22.30 -1.10
N MET A 1 19.61 -9.35 -16.45
CA MET A 1 18.47 -9.51 -15.51
C MET A 1 17.50 -8.35 -15.60
N ALA A 2 17.88 -7.15 -15.11
CA ALA A 2 17.04 -5.94 -15.02
C ALA A 2 15.72 -6.12 -14.22
N GLU A 3 14.87 -5.09 -14.20
CA GLU A 3 13.59 -5.04 -13.47
C GLU A 3 12.45 -4.53 -14.36
N SER A 4 11.22 -4.96 -14.08
CA SER A 4 9.99 -4.56 -14.79
C SER A 4 8.75 -4.68 -13.88
N SER A 5 7.64 -4.03 -14.27
CA SER A 5 6.35 -4.06 -13.57
C SER A 5 5.17 -4.27 -14.53
N ASP A 6 4.28 -5.21 -14.16
CA ASP A 6 3.01 -5.50 -14.85
C ASP A 6 1.83 -5.56 -13.84
N LYS A 7 1.92 -4.74 -12.79
CA LYS A 7 1.01 -4.62 -11.65
C LYS A 7 0.91 -3.15 -11.27
N LEU A 8 -0.28 -2.76 -10.80
CA LEU A 8 -0.66 -1.39 -10.47
C LEU A 8 -0.83 -1.19 -8.96
N TYR A 9 -0.75 -2.24 -8.15
CA TYR A 9 -0.92 -2.19 -6.70
C TYR A 9 0.28 -2.85 -6.01
N ARG A 10 0.50 -2.48 -4.75
CA ARG A 10 1.57 -2.95 -3.86
C ARG A 10 1.01 -3.11 -2.45
N VAL A 11 1.47 -4.10 -1.70
CA VAL A 11 1.21 -4.30 -0.25
C VAL A 11 2.46 -4.85 0.43
N GLU A 12 2.75 -4.42 1.66
CA GLU A 12 3.92 -4.84 2.42
C GLU A 12 3.85 -4.41 3.88
N TYR A 13 4.58 -5.12 4.73
CA TYR A 13 4.90 -4.66 6.08
C TYR A 13 5.98 -3.56 6.02
N ALA A 14 5.76 -2.48 6.76
CA ALA A 14 6.66 -1.34 6.82
C ALA A 14 7.88 -1.65 7.72
N LYS A 15 9.05 -1.89 7.11
CA LYS A 15 10.32 -2.13 7.81
C LYS A 15 10.99 -0.84 8.33
N SER A 16 10.71 0.28 7.67
CA SER A 16 11.16 1.63 8.04
C SER A 16 10.09 2.66 7.66
N GLY A 17 9.97 3.73 8.45
CA GLY A 17 8.96 4.78 8.31
C GLY A 17 9.32 5.81 7.24
N ARG A 18 9.47 5.37 5.99
CA ARG A 18 10.04 6.14 4.86
C ARG A 18 9.11 6.21 3.63
N ALA A 19 7.81 6.16 3.88
CA ALA A 19 6.73 6.32 2.88
C ALA A 19 5.70 7.35 3.37
N SER A 20 5.01 8.04 2.45
CA SER A 20 4.04 9.09 2.77
C SER A 20 2.64 8.73 2.28
N CYS A 21 1.66 8.83 3.18
CA CYS A 21 0.27 8.51 2.89
C CYS A 21 -0.37 9.61 2.03
N LYS A 22 -0.65 9.31 0.76
CA LYS A 22 -1.20 10.28 -0.20
C LYS A 22 -2.68 10.62 0.04
N LYS A 23 -3.36 9.90 0.96
CA LYS A 23 -4.80 10.03 1.25
C LYS A 23 -5.09 10.84 2.52
N CYS A 24 -4.45 10.53 3.65
CA CYS A 24 -4.65 11.24 4.92
C CYS A 24 -3.50 12.22 5.30
N SER A 25 -2.48 12.33 4.44
CA SER A 25 -1.38 13.31 4.52
C SER A 25 -0.50 13.22 5.77
N GLU A 26 -0.40 12.03 6.37
CA GLU A 26 0.65 11.67 7.34
C GLU A 26 1.78 10.89 6.64
N SER A 27 2.89 10.64 7.33
CA SER A 27 3.92 9.69 6.86
C SER A 27 3.83 8.38 7.64
N ILE A 28 4.00 7.26 6.94
CA ILE A 28 3.56 5.93 7.37
C ILE A 28 4.59 5.33 8.35
N PRO A 29 4.21 4.91 9.58
CA PRO A 29 5.11 4.32 10.56
C PRO A 29 5.55 2.90 10.20
N LYS A 30 6.69 2.46 10.74
CA LYS A 30 7.13 1.05 10.69
C LYS A 30 6.35 0.14 11.65
N ASP A 31 6.51 -1.18 11.48
CA ASP A 31 5.75 -2.23 12.18
C ASP A 31 4.22 -2.12 11.97
N SER A 32 3.82 -1.67 10.78
CA SER A 32 2.43 -1.52 10.30
C SER A 32 2.31 -2.06 8.87
N LEU A 33 1.09 -2.21 8.35
CA LEU A 33 0.82 -2.66 6.98
C LEU A 33 0.49 -1.45 6.09
N ARG A 34 1.08 -1.42 4.89
CA ARG A 34 0.91 -0.34 3.90
C ARG A 34 0.70 -0.89 2.50
N MET A 35 0.09 -0.08 1.65
CA MET A 35 -0.17 -0.34 0.24
C MET A 35 0.38 0.79 -0.62
N ALA A 36 0.58 0.54 -1.91
CA ALA A 36 1.05 1.54 -2.86
C ALA A 36 0.40 1.36 -4.25
N ILE A 37 0.53 2.37 -5.11
CA ILE A 37 0.00 2.34 -6.49
C ILE A 37 1.08 2.73 -7.49
N MET A 38 1.19 2.01 -8.60
CA MET A 38 2.14 2.33 -9.67
C MET A 38 1.52 3.32 -10.67
N VAL A 39 1.96 4.58 -10.62
CA VAL A 39 1.47 5.68 -11.49
C VAL A 39 2.64 6.38 -12.20
N GLN A 40 2.40 6.86 -13.42
CA GLN A 40 3.35 7.65 -14.20
C GLN A 40 3.51 9.07 -13.61
N SER A 41 4.75 9.50 -13.38
CA SER A 41 5.06 10.75 -12.68
C SER A 41 5.15 11.96 -13.62
N PRO A 42 4.64 13.13 -13.18
CA PRO A 42 4.93 14.40 -13.82
C PRO A 42 6.27 15.01 -13.38
N MET A 43 6.89 14.50 -12.30
CA MET A 43 8.16 14.98 -11.73
C MET A 43 9.36 14.09 -12.09
N PHE A 44 9.12 12.78 -12.31
CA PHE A 44 10.13 11.75 -12.57
C PHE A 44 9.91 11.09 -13.96
N ASP A 45 10.98 10.55 -14.53
CA ASP A 45 11.02 9.99 -15.90
C ASP A 45 10.63 8.50 -15.93
N GLY A 46 9.46 8.17 -15.36
CA GLY A 46 8.98 6.80 -15.22
C GLY A 46 7.80 6.67 -14.24
N LYS A 47 7.65 5.46 -13.69
CA LYS A 47 6.56 5.05 -12.78
C LYS A 47 7.03 5.16 -11.33
N VAL A 48 6.16 5.65 -10.45
CA VAL A 48 6.45 5.93 -9.03
C VAL A 48 5.37 5.32 -8.11
N PRO A 49 5.72 4.89 -6.89
CA PRO A 49 4.76 4.34 -5.93
C PRO A 49 4.03 5.44 -5.14
N HIS A 50 2.69 5.45 -5.20
CA HIS A 50 1.85 6.26 -4.33
C HIS A 50 1.44 5.45 -3.12
N TRP A 51 2.13 5.66 -2.00
CA TRP A 51 1.93 4.90 -0.77
C TRP A 51 0.70 5.38 0.00
N TYR A 52 0.03 4.48 0.69
CA TYR A 52 -1.03 4.79 1.63
C TYR A 52 -1.05 3.72 2.74
N HIS A 53 -1.58 4.05 3.92
CA HIS A 53 -1.87 3.03 4.95
C HIS A 53 -2.77 1.92 4.37
N PHE A 54 -2.73 0.70 4.91
CA PHE A 54 -3.59 -0.40 4.42
C PHE A 54 -5.06 -0.01 4.34
N SER A 55 -5.60 0.71 5.34
CA SER A 55 -7.01 1.12 5.38
C SER A 55 -7.30 2.31 4.46
N CYS A 56 -6.31 3.15 4.19
CA CYS A 56 -6.42 4.34 3.35
C CYS A 56 -6.55 4.01 1.86
N PHE A 57 -5.89 2.95 1.37
CA PHE A 57 -6.02 2.45 0.00
C PHE A 57 -7.50 2.27 -0.40
N TRP A 58 -8.29 1.65 0.48
CA TRP A 58 -9.71 1.38 0.26
C TRP A 58 -10.59 2.65 0.43
N LYS A 59 -10.05 3.72 1.03
CA LYS A 59 -10.66 5.07 1.07
C LYS A 59 -10.36 5.88 -0.20
N VAL A 60 -9.27 5.58 -0.92
CA VAL A 60 -9.07 6.05 -2.31
C VAL A 60 -10.05 5.33 -3.25
N GLY A 61 -10.38 4.07 -2.94
CA GLY A 61 -11.50 3.33 -3.54
C GLY A 61 -11.16 2.54 -4.81
N HIS A 62 -9.89 2.18 -5.00
CA HIS A 62 -9.46 1.29 -6.10
C HIS A 62 -9.94 -0.15 -5.87
N SER A 63 -10.31 -0.83 -6.96
CA SER A 63 -10.84 -2.20 -6.94
C SER A 63 -9.82 -3.21 -7.45
N ILE A 64 -9.79 -4.38 -6.81
CA ILE A 64 -8.82 -5.45 -7.06
C ILE A 64 -9.60 -6.76 -7.30
N ARG A 65 -9.28 -7.46 -8.38
CA ARG A 65 -10.05 -8.60 -8.92
C ARG A 65 -9.24 -9.88 -9.10
N HIS A 66 -7.91 -9.77 -9.15
CA HIS A 66 -6.96 -10.87 -9.02
C HIS A 66 -5.78 -10.45 -8.14
N PRO A 67 -6.00 -10.27 -6.81
CA PRO A 67 -5.06 -9.59 -5.92
C PRO A 67 -3.69 -10.26 -5.80
N ASP A 68 -3.58 -11.58 -5.95
CA ASP A 68 -2.29 -12.28 -5.93
C ASP A 68 -1.42 -11.94 -7.17
N VAL A 69 -2.04 -11.41 -8.21
CA VAL A 69 -1.40 -10.98 -9.47
C VAL A 69 -1.19 -9.46 -9.48
N GLU A 70 -2.18 -8.69 -9.00
CA GLU A 70 -2.21 -7.23 -9.11
C GLU A 70 -1.52 -6.50 -7.95
N VAL A 71 -1.55 -7.10 -6.75
CA VAL A 71 -0.89 -6.60 -5.56
C VAL A 71 0.50 -7.22 -5.46
N ASP A 72 1.48 -6.44 -5.88
CA ASP A 72 2.90 -6.70 -5.70
C ASP A 72 3.27 -6.71 -4.20
N GLY A 73 4.20 -7.55 -3.78
CA GLY A 73 4.63 -7.69 -2.38
C GLY A 73 3.70 -8.54 -1.49
N PHE A 74 2.49 -8.86 -1.96
CA PHE A 74 1.56 -9.82 -1.34
C PHE A 74 2.21 -11.20 -1.10
N SER A 75 3.16 -11.58 -1.95
CA SER A 75 3.96 -12.80 -1.82
C SER A 75 4.83 -12.86 -0.55
N GLU A 76 5.09 -11.70 0.09
CA GLU A 76 5.86 -11.58 1.34
C GLU A 76 4.98 -11.48 2.60
N LEU A 77 3.67 -11.24 2.45
CA LEU A 77 2.71 -11.26 3.55
C LEU A 77 2.56 -12.69 4.11
N ARG A 78 2.32 -12.79 5.42
CA ARG A 78 1.97 -14.06 6.08
C ARG A 78 0.51 -14.43 5.84
N TRP A 79 0.19 -15.70 6.08
CA TRP A 79 -1.04 -16.31 5.56
C TRP A 79 -2.30 -15.58 6.02
N ASP A 80 -2.34 -15.10 7.27
CA ASP A 80 -3.49 -14.36 7.83
C ASP A 80 -3.73 -12.99 7.15
N ASP A 81 -2.67 -12.34 6.66
CA ASP A 81 -2.76 -11.08 5.93
C ASP A 81 -3.01 -11.30 4.44
N GLN A 82 -2.48 -12.37 3.84
CA GLN A 82 -2.90 -12.81 2.52
C GLN A 82 -4.41 -13.07 2.50
N GLN A 83 -4.94 -13.76 3.51
CA GLN A 83 -6.38 -13.98 3.69
C GLN A 83 -7.17 -12.68 3.87
N LYS A 84 -6.67 -11.67 4.61
CA LYS A 84 -7.40 -10.43 4.89
C LYS A 84 -7.34 -9.47 3.73
N VAL A 85 -6.23 -9.43 2.99
CA VAL A 85 -6.11 -8.59 1.79
C VAL A 85 -6.96 -9.14 0.65
N LYS A 86 -6.99 -10.48 0.46
CA LYS A 86 -7.95 -11.14 -0.46
C LYS A 86 -9.40 -10.90 -0.04
N LYS A 87 -9.72 -11.10 1.26
CA LYS A 87 -11.07 -10.87 1.81
C LYS A 87 -11.51 -9.41 1.65
N THR A 88 -10.62 -8.45 1.89
CA THR A 88 -10.92 -7.02 1.76
C THR A 88 -11.15 -6.61 0.30
N ALA A 89 -10.44 -7.24 -0.64
CA ALA A 89 -10.60 -6.98 -2.07
C ALA A 89 -11.96 -7.52 -2.58
N GLU A 90 -12.41 -8.68 -2.09
CA GLU A 90 -13.76 -9.17 -2.44
C GLU A 90 -14.89 -8.47 -1.67
N ALA A 91 -14.59 -7.98 -0.46
CA ALA A 91 -15.50 -7.19 0.37
C ALA A 91 -15.73 -5.76 -0.17
N GLY A 92 -14.91 -5.30 -1.13
CA GLY A 92 -14.99 -3.97 -1.71
C GLY A 92 -14.41 -2.86 -0.83
N GLY A 93 -13.46 -3.19 0.04
CA GLY A 93 -12.78 -2.25 0.94
C GLY A 93 -13.14 -2.41 2.42
N VAL A 94 -12.15 -2.16 3.29
CA VAL A 94 -12.30 -2.22 4.75
C VAL A 94 -12.94 -0.95 5.33
N THR A 95 -13.63 -1.09 6.46
CA THR A 95 -14.29 0.00 7.18
C THR A 95 -13.53 0.35 8.48
N GLY A 96 -13.66 1.59 8.95
CA GLY A 96 -12.82 2.13 10.03
C GLY A 96 -11.42 2.53 9.56
N LYS A 97 -10.53 2.84 10.52
CA LYS A 97 -9.14 3.31 10.28
C LYS A 97 -8.11 2.42 10.97
N GLY A 98 -7.00 2.13 10.27
CA GLY A 98 -5.83 1.44 10.79
C GLY A 98 -4.62 2.37 10.86
N GLN A 99 -4.17 2.71 12.07
CA GLN A 99 -3.02 3.58 12.36
C GLN A 99 -2.39 3.24 13.73
N ASP A 100 -1.12 3.60 13.91
CA ASP A 100 -0.32 3.34 15.12
C ASP A 100 0.64 4.48 15.54
N GLY A 101 1.02 5.37 14.62
CA GLY A 101 2.03 6.42 14.86
C GLY A 101 2.36 7.23 13.60
N ILE A 102 3.59 7.75 13.50
CA ILE A 102 4.05 8.49 12.31
C ILE A 102 5.51 8.13 11.96
N GLY A 103 5.80 8.02 10.67
CA GLY A 103 7.15 7.85 10.12
C GLY A 103 7.95 9.16 10.06
N SER A 104 9.14 9.11 9.45
CA SER A 104 9.89 10.30 9.04
C SER A 104 9.16 11.04 7.90
N LYS A 105 9.29 12.37 7.81
CA LYS A 105 8.66 13.19 6.77
C LYS A 105 9.07 12.71 5.37
N ALA A 106 8.11 12.18 4.61
CA ALA A 106 8.33 11.54 3.30
C ALA A 106 7.56 12.21 2.14
N GLU A 107 6.97 13.40 2.38
CA GLU A 107 6.34 14.26 1.36
C GLU A 107 6.66 15.74 1.64
N LYS A 108 6.69 16.58 0.59
CA LYS A 108 7.06 18.00 0.67
C LYS A 108 6.03 18.84 1.44
N MET A 1 3.77 -1.40 -27.84
CA MET A 1 3.66 -1.04 -26.40
C MET A 1 4.80 -1.65 -25.59
N ALA A 2 5.15 -1.03 -24.45
CA ALA A 2 6.19 -1.50 -23.52
C ALA A 2 5.79 -1.25 -22.05
N GLU A 3 6.34 -2.03 -21.12
CA GLU A 3 6.05 -1.98 -19.68
C GLU A 3 7.26 -2.44 -18.85
N SER A 4 7.40 -1.89 -17.64
CA SER A 4 8.46 -2.22 -16.66
C SER A 4 7.91 -2.62 -15.28
N SER A 5 6.62 -2.40 -15.01
CA SER A 5 5.92 -2.72 -13.77
C SER A 5 4.49 -3.15 -14.11
N ASP A 6 4.31 -4.44 -14.40
CA ASP A 6 3.08 -5.01 -15.00
C ASP A 6 1.93 -5.26 -13.98
N LYS A 7 1.82 -4.36 -13.00
CA LYS A 7 0.86 -4.34 -11.88
C LYS A 7 0.67 -2.89 -11.49
N LEU A 8 -0.51 -2.57 -10.96
CA LEU A 8 -0.95 -1.22 -10.62
C LEU A 8 -1.07 -1.00 -9.11
N TYR A 9 -0.91 -2.05 -8.30
CA TYR A 9 -1.00 -1.99 -6.84
C TYR A 9 0.22 -2.65 -6.20
N ARG A 10 0.47 -2.30 -4.94
CA ARG A 10 1.62 -2.70 -4.13
C ARG A 10 1.16 -2.87 -2.67
N VAL A 11 1.72 -3.83 -1.94
CA VAL A 11 1.53 -4.01 -0.49
C VAL A 11 2.83 -4.44 0.19
N GLU A 12 3.05 -4.01 1.43
CA GLU A 12 4.16 -4.50 2.26
C GLU A 12 3.91 -4.35 3.77
N TYR A 13 4.66 -5.12 4.54
CA TYR A 13 4.98 -4.79 5.93
C TYR A 13 6.01 -3.66 5.96
N ALA A 14 5.71 -2.60 6.69
CA ALA A 14 6.53 -1.40 6.80
C ALA A 14 7.82 -1.65 7.63
N LYS A 15 8.99 -1.56 7.00
CA LYS A 15 10.30 -1.75 7.64
C LYS A 15 10.84 -0.48 8.32
N SER A 16 10.49 0.69 7.78
CA SER A 16 10.89 2.02 8.27
C SER A 16 9.83 3.07 7.97
N GLY A 17 9.82 4.15 8.76
CA GLY A 17 8.95 5.33 8.60
C GLY A 17 9.39 6.24 7.45
N ARG A 18 9.40 5.70 6.23
CA ARG A 18 9.92 6.33 5.00
C ARG A 18 8.95 6.25 3.80
N ALA A 19 7.66 6.03 4.07
CA ALA A 19 6.56 6.19 3.13
C ALA A 19 5.50 7.14 3.71
N SER A 20 4.96 8.02 2.87
CA SER A 20 3.99 9.05 3.26
C SER A 20 2.62 8.78 2.66
N CYS A 21 1.57 8.94 3.45
CA CYS A 21 0.20 8.66 3.04
C CYS A 21 -0.37 9.77 2.14
N LYS A 22 -0.78 9.40 0.94
CA LYS A 22 -1.30 10.31 -0.11
C LYS A 22 -2.76 10.72 0.12
N LYS A 23 -3.47 10.01 1.00
CA LYS A 23 -4.91 10.19 1.28
C LYS A 23 -5.18 11.01 2.55
N CYS A 24 -4.56 10.66 3.68
CA CYS A 24 -4.75 11.39 4.96
C CYS A 24 -3.59 12.34 5.34
N SER A 25 -2.57 12.46 4.46
CA SER A 25 -1.45 13.40 4.54
C SER A 25 -0.55 13.25 5.78
N GLU A 26 -0.55 12.06 6.41
CA GLU A 26 0.38 11.64 7.46
C GLU A 26 1.58 10.87 6.87
N SER A 27 2.51 10.44 7.72
CA SER A 27 3.50 9.41 7.39
C SER A 27 3.06 8.05 7.93
N ILE A 28 3.60 6.99 7.35
CA ILE A 28 3.19 5.62 7.61
C ILE A 28 4.28 4.89 8.44
N PRO A 29 4.02 4.54 9.72
CA PRO A 29 5.00 3.98 10.64
C PRO A 29 5.38 2.52 10.32
N LYS A 30 6.55 2.11 10.80
CA LYS A 30 7.04 0.71 10.73
C LYS A 30 6.25 -0.26 11.63
N ASP A 31 6.42 -1.56 11.37
CA ASP A 31 5.69 -2.67 12.00
C ASP A 31 4.15 -2.55 11.82
N SER A 32 3.74 -2.14 10.61
CA SER A 32 2.35 -1.98 10.17
C SER A 32 2.19 -2.40 8.70
N LEU A 33 0.96 -2.53 8.21
CA LEU A 33 0.63 -2.91 6.83
C LEU A 33 0.32 -1.66 5.99
N ARG A 34 0.90 -1.55 4.80
CA ARG A 34 0.74 -0.40 3.89
C ARG A 34 0.68 -0.82 2.42
N MET A 35 0.02 0.00 1.61
CA MET A 35 -0.28 -0.26 0.20
C MET A 35 0.13 0.93 -0.68
N ALA A 36 0.45 0.67 -1.93
CA ALA A 36 0.88 1.68 -2.90
C ALA A 36 0.21 1.46 -4.27
N ILE A 37 0.31 2.47 -5.13
CA ILE A 37 -0.20 2.44 -6.50
C ILE A 37 0.92 2.77 -7.48
N MET A 38 1.01 2.04 -8.60
CA MET A 38 2.07 2.23 -9.59
C MET A 38 1.64 3.23 -10.68
N VAL A 39 2.15 4.46 -10.58
CA VAL A 39 1.88 5.55 -11.53
C VAL A 39 3.01 5.66 -12.56
N GLN A 40 2.70 5.87 -13.83
CA GLN A 40 3.71 6.27 -14.83
C GLN A 40 4.09 7.74 -14.62
N SER A 41 5.37 8.01 -14.38
CA SER A 41 5.86 9.35 -14.00
C SER A 41 6.30 10.18 -15.21
N PRO A 42 5.97 11.48 -15.23
CA PRO A 42 6.57 12.43 -16.16
C PRO A 42 7.89 13.03 -15.63
N MET A 43 8.24 12.80 -14.35
CA MET A 43 9.46 13.31 -13.70
C MET A 43 10.55 12.24 -13.54
N PHE A 44 10.15 11.00 -13.26
CA PHE A 44 11.02 9.83 -13.09
C PHE A 44 11.03 8.95 -14.35
N ASP A 45 12.11 8.20 -14.56
CA ASP A 45 12.35 7.37 -15.75
C ASP A 45 11.69 5.98 -15.67
N GLY A 46 10.40 5.94 -15.30
CA GLY A 46 9.64 4.71 -15.10
C GLY A 46 8.38 4.91 -14.25
N LYS A 47 8.03 3.87 -13.49
CA LYS A 47 6.82 3.80 -12.65
C LYS A 47 7.16 4.06 -11.18
N VAL A 48 6.28 4.79 -10.47
CA VAL A 48 6.48 5.28 -9.10
C VAL A 48 5.37 4.83 -8.13
N PRO A 49 5.68 4.48 -6.86
CA PRO A 49 4.68 4.11 -5.86
C PRO A 49 4.05 5.33 -5.19
N HIS A 50 2.72 5.41 -5.20
CA HIS A 50 1.93 6.32 -4.36
C HIS A 50 1.45 5.55 -3.14
N TRP A 51 2.13 5.71 -2.01
CA TRP A 51 1.82 4.98 -0.77
C TRP A 51 0.62 5.55 -0.03
N TYR A 52 -0.09 4.67 0.66
CA TYR A 52 -1.14 4.98 1.61
C TYR A 52 -1.15 3.91 2.72
N HIS A 53 -1.78 4.20 3.86
CA HIS A 53 -2.11 3.15 4.86
C HIS A 53 -2.93 2.02 4.21
N PHE A 54 -2.90 0.81 4.78
CA PHE A 54 -3.72 -0.31 4.31
C PHE A 54 -5.21 0.07 4.21
N SER A 55 -5.75 0.79 5.20
CA SER A 55 -7.16 1.25 5.21
C SER A 55 -7.39 2.38 4.22
N CYS A 56 -6.42 3.29 4.10
CA CYS A 56 -6.52 4.46 3.23
C CYS A 56 -6.61 4.08 1.74
N PHE A 57 -5.92 3.02 1.29
CA PHE A 57 -6.04 2.48 -0.07
C PHE A 57 -7.50 2.24 -0.48
N TRP A 58 -8.28 1.55 0.38
CA TRP A 58 -9.69 1.26 0.13
C TRP A 58 -10.58 2.51 0.30
N LYS A 59 -10.13 3.49 1.09
CA LYS A 59 -10.77 4.80 1.31
C LYS A 59 -10.58 5.75 0.12
N VAL A 60 -9.60 5.49 -0.76
CA VAL A 60 -9.49 6.14 -2.09
C VAL A 60 -10.54 5.57 -3.07
N GLY A 61 -11.12 4.41 -2.79
CA GLY A 61 -12.19 3.78 -3.57
C GLY A 61 -11.73 2.75 -4.61
N HIS A 62 -10.47 2.30 -4.56
CA HIS A 62 -9.96 1.24 -5.43
C HIS A 62 -10.52 -0.15 -5.08
N SER A 63 -10.63 -1.01 -6.09
CA SER A 63 -11.03 -2.42 -6.00
C SER A 63 -10.06 -3.30 -6.79
N ILE A 64 -9.94 -4.57 -6.42
CA ILE A 64 -8.92 -5.50 -6.92
C ILE A 64 -9.61 -6.85 -7.23
N ARG A 65 -9.31 -7.44 -8.39
CA ARG A 65 -10.04 -8.61 -8.96
C ARG A 65 -9.18 -9.84 -9.18
N HIS A 66 -7.85 -9.69 -9.27
CA HIS A 66 -6.85 -10.76 -9.21
C HIS A 66 -5.66 -10.33 -8.35
N PRO A 67 -5.86 -10.17 -7.02
CA PRO A 67 -4.91 -9.48 -6.14
C PRO A 67 -3.52 -10.12 -6.04
N ASP A 68 -3.40 -11.44 -6.23
CA ASP A 68 -2.09 -12.12 -6.25
C ASP A 68 -1.25 -11.74 -7.49
N VAL A 69 -1.92 -11.20 -8.53
CA VAL A 69 -1.31 -10.69 -9.75
C VAL A 69 -1.15 -9.16 -9.70
N GLU A 70 -2.16 -8.45 -9.18
CA GLU A 70 -2.24 -6.98 -9.23
C GLU A 70 -1.53 -6.28 -8.07
N VAL A 71 -1.49 -6.91 -6.89
CA VAL A 71 -0.81 -6.42 -5.69
C VAL A 71 0.59 -7.01 -5.64
N ASP A 72 1.54 -6.21 -6.08
CA ASP A 72 2.97 -6.47 -5.95
C ASP A 72 3.39 -6.48 -4.47
N GLY A 73 4.32 -7.36 -4.07
CA GLY A 73 4.79 -7.51 -2.68
C GLY A 73 3.88 -8.36 -1.77
N PHE A 74 2.70 -8.77 -2.25
CA PHE A 74 1.77 -9.68 -1.56
C PHE A 74 2.40 -11.04 -1.23
N SER A 75 3.41 -11.47 -1.99
CA SER A 75 4.24 -12.65 -1.73
C SER A 75 5.06 -12.58 -0.43
N GLU A 76 5.30 -11.37 0.11
CA GLU A 76 6.10 -11.15 1.31
C GLU A 76 5.27 -11.14 2.61
N LEU A 77 3.93 -11.07 2.50
CA LEU A 77 2.98 -11.11 3.61
C LEU A 77 2.87 -12.53 4.19
N ARG A 78 2.51 -12.65 5.47
CA ARG A 78 2.11 -13.92 6.10
C ARG A 78 0.71 -14.35 5.66
N TRP A 79 0.40 -15.63 5.88
CA TRP A 79 -0.81 -16.27 5.39
C TRP A 79 -2.09 -15.52 5.80
N ASP A 80 -2.18 -14.99 7.02
CA ASP A 80 -3.36 -14.28 7.53
C ASP A 80 -3.61 -12.92 6.82
N ASP A 81 -2.56 -12.20 6.44
CA ASP A 81 -2.65 -10.97 5.66
C ASP A 81 -2.90 -11.29 4.18
N GLN A 82 -2.40 -12.42 3.68
CA GLN A 82 -2.81 -12.94 2.37
C GLN A 82 -4.31 -13.33 2.36
N GLN A 83 -4.88 -13.80 3.46
CA GLN A 83 -6.34 -14.02 3.56
C GLN A 83 -7.11 -12.69 3.63
N LYS A 84 -6.61 -11.70 4.38
CA LYS A 84 -7.32 -10.46 4.69
C LYS A 84 -7.18 -9.45 3.56
N VAL A 85 -6.06 -9.37 2.86
CA VAL A 85 -5.94 -8.53 1.64
C VAL A 85 -6.84 -9.07 0.53
N LYS A 86 -6.93 -10.40 0.35
CA LYS A 86 -7.87 -11.02 -0.60
C LYS A 86 -9.33 -10.82 -0.16
N LYS A 87 -9.66 -11.01 1.12
CA LYS A 87 -11.01 -10.77 1.65
C LYS A 87 -11.41 -9.31 1.54
N THR A 88 -10.49 -8.38 1.84
CA THR A 88 -10.71 -6.93 1.75
C THR A 88 -10.89 -6.46 0.31
N ALA A 89 -10.26 -7.12 -0.67
CA ALA A 89 -10.48 -6.88 -2.09
C ALA A 89 -11.89 -7.33 -2.54
N GLU A 90 -12.38 -8.46 -2.00
CA GLU A 90 -13.75 -8.92 -2.24
C GLU A 90 -14.81 -8.06 -1.51
N ALA A 91 -14.45 -7.56 -0.31
CA ALA A 91 -15.31 -6.74 0.55
C ALA A 91 -15.37 -5.25 0.13
N GLY A 92 -14.39 -4.76 -0.64
CA GLY A 92 -14.26 -3.36 -1.03
C GLY A 92 -13.80 -2.43 0.10
N GLY A 93 -12.95 -2.94 1.01
CA GLY A 93 -12.49 -2.24 2.21
C GLY A 93 -13.02 -2.85 3.52
N VAL A 94 -12.20 -2.74 4.58
CA VAL A 94 -12.48 -3.29 5.93
C VAL A 94 -12.23 -2.28 7.06
N THR A 95 -11.27 -1.36 6.88
CA THR A 95 -10.87 -0.30 7.85
C THR A 95 -10.33 -0.81 9.20
N GLY A 96 -9.98 0.10 10.12
CA GLY A 96 -9.43 -0.21 11.44
C GLY A 96 -9.63 0.92 12.47
N LYS A 97 -9.08 0.74 13.67
CA LYS A 97 -9.25 1.63 14.84
C LYS A 97 -7.90 2.03 15.46
N GLY A 98 -7.90 3.11 16.25
CA GLY A 98 -6.72 3.71 16.89
C GLY A 98 -5.91 4.63 15.97
N GLN A 99 -4.74 5.08 16.45
CA GLN A 99 -3.82 5.96 15.71
C GLN A 99 -2.88 5.14 14.79
N ASP A 100 -2.79 5.54 13.52
CA ASP A 100 -1.91 4.92 12.51
C ASP A 100 -0.95 5.91 11.82
N GLY A 101 -1.13 7.22 11.99
CA GLY A 101 -0.31 8.27 11.35
C GLY A 101 0.84 8.73 12.24
N ILE A 102 1.97 9.09 11.62
CA ILE A 102 3.16 9.61 12.30
C ILE A 102 3.74 10.85 11.60
N GLY A 103 4.55 11.65 12.33
CA GLY A 103 5.08 12.95 11.90
C GLY A 103 6.39 12.91 11.08
N SER A 104 6.90 11.73 10.73
CA SER A 104 8.19 11.57 10.02
C SER A 104 8.20 12.10 8.58
N LYS A 105 7.05 12.56 8.06
CA LYS A 105 6.90 13.39 6.85
C LYS A 105 7.72 14.70 6.91
N ALA A 106 8.03 15.17 8.12
CA ALA A 106 8.84 16.37 8.40
C ALA A 106 9.91 16.12 9.48
N GLU A 107 10.59 14.96 9.41
CA GLU A 107 11.57 14.54 10.42
C GLU A 107 12.84 15.41 10.45
N LYS A 108 13.25 15.97 9.30
CA LYS A 108 14.43 16.84 9.11
C LYS A 108 14.15 17.92 8.06
N MET A 1 13.46 -0.05 -19.21
CA MET A 1 12.03 0.34 -19.34
C MET A 1 11.24 -0.05 -18.09
N ALA A 2 10.15 0.66 -17.80
CA ALA A 2 9.21 0.37 -16.71
C ALA A 2 7.75 0.63 -17.12
N GLU A 3 6.82 -0.20 -16.62
CA GLU A 3 5.38 -0.13 -16.93
C GLU A 3 4.52 -0.40 -15.70
N SER A 4 4.67 -1.58 -15.11
CA SER A 4 3.93 -2.07 -13.93
C SER A 4 4.88 -2.85 -13.02
N SER A 5 6.06 -2.27 -12.83
CA SER A 5 7.30 -2.92 -12.37
C SER A 5 7.41 -3.02 -10.84
N ASP A 6 6.52 -2.33 -10.12
CA ASP A 6 6.19 -2.55 -8.70
C ASP A 6 4.69 -2.87 -8.54
N LYS A 7 4.04 -3.22 -9.67
CA LYS A 7 2.63 -3.48 -9.96
C LYS A 7 1.67 -2.32 -9.73
N LEU A 8 0.60 -2.34 -10.52
CA LEU A 8 -0.51 -1.40 -10.48
C LEU A 8 -1.13 -1.30 -9.08
N TYR A 9 -0.98 -2.34 -8.27
CA TYR A 9 -1.26 -2.35 -6.84
C TYR A 9 -0.08 -3.02 -6.12
N ARG A 10 0.11 -2.70 -4.85
CA ARG A 10 1.28 -3.10 -4.05
C ARG A 10 0.87 -3.26 -2.59
N VAL A 11 1.52 -4.17 -1.87
CA VAL A 11 1.39 -4.32 -0.42
C VAL A 11 2.73 -4.69 0.22
N GLU A 12 2.96 -4.30 1.47
CA GLU A 12 4.04 -4.81 2.32
C GLU A 12 3.81 -4.45 3.80
N TYR A 13 4.48 -5.15 4.71
CA TYR A 13 4.87 -4.53 5.98
C TYR A 13 6.04 -3.57 5.75
N ALA A 14 5.91 -2.35 6.27
CA ALA A 14 6.80 -1.22 6.00
C ALA A 14 8.26 -1.49 6.40
N LYS A 15 9.17 -1.49 5.41
CA LYS A 15 10.61 -1.72 5.61
C LYS A 15 11.30 -0.57 6.37
N SER A 16 10.80 0.66 6.19
CA SER A 16 11.19 1.85 6.97
C SER A 16 10.06 2.89 7.04
N GLY A 17 10.05 3.69 8.10
CA GLY A 17 9.05 4.73 8.38
C GLY A 17 9.30 6.02 7.59
N ARG A 18 9.38 5.93 6.25
CA ARG A 18 9.78 7.02 5.35
C ARG A 18 8.80 7.28 4.19
N ALA A 19 7.72 6.51 4.10
CA ALA A 19 6.63 6.73 3.15
C ALA A 19 5.58 7.71 3.72
N SER A 20 4.89 8.43 2.84
CA SER A 20 3.85 9.41 3.20
C SER A 20 2.52 9.03 2.57
N CYS A 21 1.48 9.01 3.40
CA CYS A 21 0.15 8.53 3.01
C CYS A 21 -0.56 9.52 2.08
N LYS A 22 -0.86 9.11 0.85
CA LYS A 22 -1.39 9.99 -0.22
C LYS A 22 -2.90 10.31 -0.07
N LYS A 23 -3.58 9.74 0.94
CA LYS A 23 -5.01 9.93 1.22
C LYS A 23 -5.29 10.75 2.48
N CYS A 24 -4.68 10.37 3.63
CA CYS A 24 -4.87 11.10 4.89
C CYS A 24 -3.77 12.14 5.21
N SER A 25 -2.74 12.24 4.36
CA SER A 25 -1.62 13.21 4.44
C SER A 25 -0.75 13.10 5.69
N GLU A 26 -0.78 11.96 6.39
CA GLU A 26 0.16 11.58 7.45
C GLU A 26 1.38 10.84 6.88
N SER A 27 2.26 10.31 7.73
CA SER A 27 3.36 9.41 7.32
C SER A 27 3.19 8.02 7.92
N ILE A 28 3.69 7.02 7.20
CA ILE A 28 3.41 5.60 7.46
C ILE A 28 4.59 4.99 8.25
N PRO A 29 4.35 4.43 9.46
CA PRO A 29 5.42 3.95 10.35
C PRO A 29 6.00 2.59 9.92
N LYS A 30 7.24 2.31 10.37
CA LYS A 30 7.95 1.04 10.16
C LYS A 30 7.21 -0.15 10.80
N ASP A 31 7.32 -1.33 10.19
CA ASP A 31 6.68 -2.59 10.62
C ASP A 31 5.15 -2.47 10.82
N SER A 32 4.50 -1.70 9.95
CA SER A 32 3.03 -1.58 9.83
C SER A 32 2.61 -1.83 8.38
N LEU A 33 1.37 -2.25 8.15
CA LEU A 33 0.88 -2.72 6.86
C LEU A 33 0.50 -1.53 5.96
N ARG A 34 1.03 -1.51 4.73
CA ARG A 34 0.85 -0.45 3.74
C ARG A 34 0.66 -0.98 2.33
N MET A 35 -0.01 -0.20 1.50
CA MET A 35 -0.35 -0.52 0.11
C MET A 35 0.00 0.63 -0.83
N ALA A 36 0.33 0.34 -2.08
CA ALA A 36 0.78 1.34 -3.06
C ALA A 36 0.13 1.20 -4.45
N ILE A 37 0.28 2.23 -5.30
CA ILE A 37 -0.25 2.27 -6.67
C ILE A 37 0.79 2.76 -7.67
N MET A 38 0.75 2.26 -8.90
CA MET A 38 1.69 2.67 -9.95
C MET A 38 1.23 3.92 -10.71
N VAL A 39 2.08 4.95 -10.75
CA VAL A 39 1.89 6.17 -11.54
C VAL A 39 3.22 6.69 -12.12
N GLN A 40 3.18 7.42 -13.23
CA GLN A 40 4.33 8.14 -13.79
C GLN A 40 4.67 9.39 -12.98
N SER A 41 5.96 9.56 -12.65
CA SER A 41 6.42 10.57 -11.69
C SER A 41 6.49 11.99 -12.25
N PRO A 42 6.06 13.01 -11.48
CA PRO A 42 6.37 14.40 -11.75
C PRO A 42 7.85 14.77 -11.52
N MET A 43 8.61 13.94 -10.77
CA MET A 43 9.98 14.22 -10.31
C MET A 43 11.05 13.27 -10.89
N PHE A 44 10.64 12.12 -11.44
CA PHE A 44 11.50 11.03 -11.93
C PHE A 44 11.13 10.58 -13.35
N ASP A 45 12.04 9.86 -14.02
CA ASP A 45 11.96 9.45 -15.42
C ASP A 45 11.44 8.00 -15.57
N GLY A 46 10.29 7.71 -14.94
CA GLY A 46 9.72 6.37 -14.85
C GLY A 46 8.49 6.32 -13.94
N LYS A 47 8.15 5.10 -13.50
CA LYS A 47 6.95 4.79 -12.71
C LYS A 47 7.32 4.64 -11.23
N VAL A 48 6.50 5.20 -10.35
CA VAL A 48 6.76 5.33 -8.90
C VAL A 48 5.54 4.90 -8.06
N PRO A 49 5.73 4.26 -6.90
CA PRO A 49 4.63 3.77 -6.06
C PRO A 49 4.05 4.86 -5.16
N HIS A 50 2.71 5.00 -5.14
CA HIS A 50 1.97 5.91 -4.25
C HIS A 50 1.49 5.17 -3.01
N TRP A 51 2.25 5.24 -1.92
CA TRP A 51 1.99 4.50 -0.68
C TRP A 51 0.88 5.14 0.17
N TYR A 52 -0.01 4.32 0.69
CA TYR A 52 -1.02 4.68 1.69
C TYR A 52 -1.01 3.64 2.83
N HIS A 53 -1.57 3.98 3.99
CA HIS A 53 -1.92 2.96 5.01
C HIS A 53 -2.83 1.88 4.39
N PHE A 54 -2.82 0.65 4.95
CA PHE A 54 -3.67 -0.45 4.46
C PHE A 54 -5.15 -0.04 4.30
N SER A 55 -5.75 0.61 5.30
CA SER A 55 -7.16 1.03 5.25
C SER A 55 -7.38 2.23 4.35
N CYS A 56 -6.40 3.15 4.29
CA CYS A 56 -6.46 4.34 3.45
C CYS A 56 -6.54 4.00 1.95
N PHE A 57 -5.87 2.94 1.50
CA PHE A 57 -5.95 2.41 0.14
C PHE A 57 -7.39 2.11 -0.28
N TRP A 58 -8.13 1.37 0.56
CA TRP A 58 -9.52 1.02 0.30
C TRP A 58 -10.46 2.22 0.50
N LYS A 59 -10.08 3.19 1.34
CA LYS A 59 -10.74 4.48 1.54
C LYS A 59 -10.61 5.43 0.33
N VAL A 60 -9.66 5.21 -0.58
CA VAL A 60 -9.68 5.87 -1.91
C VAL A 60 -10.81 5.34 -2.81
N GLY A 61 -11.37 4.17 -2.48
CA GLY A 61 -12.45 3.51 -3.24
C GLY A 61 -11.97 2.49 -4.28
N HIS A 62 -10.70 2.05 -4.20
CA HIS A 62 -10.13 1.05 -5.13
C HIS A 62 -10.71 -0.35 -4.91
N SER A 63 -10.74 -1.15 -5.99
CA SER A 63 -11.08 -2.57 -6.00
C SER A 63 -10.07 -3.37 -6.82
N ILE A 64 -9.83 -4.63 -6.45
CA ILE A 64 -8.78 -5.50 -7.00
C ILE A 64 -9.40 -6.88 -7.26
N ARG A 65 -9.39 -7.31 -8.54
CA ARG A 65 -10.13 -8.49 -9.02
C ARG A 65 -9.39 -9.83 -8.83
N HIS A 66 -8.07 -9.76 -8.69
CA HIS A 66 -7.16 -10.89 -8.38
C HIS A 66 -5.87 -10.37 -7.72
N PRO A 67 -5.88 -10.12 -6.40
CA PRO A 67 -4.76 -9.48 -5.72
C PRO A 67 -3.47 -10.32 -5.71
N ASP A 68 -3.57 -11.64 -5.76
CA ASP A 68 -2.38 -12.52 -5.88
C ASP A 68 -1.71 -12.42 -7.26
N VAL A 69 -2.35 -11.75 -8.23
CA VAL A 69 -1.81 -11.42 -9.56
C VAL A 69 -1.33 -9.97 -9.62
N GLU A 70 -2.08 -9.02 -9.05
CA GLU A 70 -1.90 -7.57 -9.28
C GLU A 70 -1.39 -6.76 -8.06
N VAL A 71 -1.41 -7.31 -6.85
CA VAL A 71 -0.75 -6.78 -5.65
C VAL A 71 0.64 -7.41 -5.52
N ASP A 72 1.67 -6.75 -6.06
CA ASP A 72 3.05 -7.11 -5.74
C ASP A 72 3.36 -6.95 -4.24
N GLY A 73 4.20 -7.83 -3.71
CA GLY A 73 4.55 -7.92 -2.28
C GLY A 73 3.55 -8.68 -1.42
N PHE A 74 2.47 -9.22 -2.02
CA PHE A 74 1.54 -10.15 -1.36
C PHE A 74 2.24 -11.43 -0.86
N SER A 75 3.37 -11.80 -1.48
CA SER A 75 4.28 -12.87 -1.05
C SER A 75 5.06 -12.57 0.25
N GLU A 76 5.24 -11.30 0.62
CA GLU A 76 5.91 -10.92 1.87
C GLU A 76 4.99 -11.11 3.09
N LEU A 77 3.67 -10.96 2.89
CA LEU A 77 2.64 -11.09 3.92
C LEU A 77 2.50 -12.54 4.40
N ARG A 78 2.14 -12.71 5.68
CA ARG A 78 1.73 -14.02 6.23
C ARG A 78 0.26 -14.31 5.93
N TRP A 79 -0.11 -15.58 6.11
CA TRP A 79 -1.37 -16.14 5.63
C TRP A 79 -2.61 -15.35 6.11
N ASP A 80 -2.58 -14.81 7.33
CA ASP A 80 -3.70 -14.06 7.91
C ASP A 80 -3.90 -12.67 7.27
N ASP A 81 -2.82 -12.03 6.80
CA ASP A 81 -2.89 -10.77 6.06
C ASP A 81 -3.16 -11.02 4.57
N GLN A 82 -2.65 -12.11 4.00
CA GLN A 82 -3.05 -12.56 2.65
C GLN A 82 -4.56 -12.79 2.57
N GLN A 83 -5.16 -13.59 3.46
CA GLN A 83 -6.59 -13.89 3.41
C GLN A 83 -7.48 -12.66 3.68
N LYS A 84 -6.98 -11.67 4.43
CA LYS A 84 -7.68 -10.42 4.75
C LYS A 84 -7.50 -9.37 3.65
N VAL A 85 -6.35 -9.33 2.97
CA VAL A 85 -6.20 -8.55 1.71
C VAL A 85 -7.11 -9.14 0.64
N LYS A 86 -7.18 -10.47 0.48
CA LYS A 86 -8.10 -11.13 -0.46
C LYS A 86 -9.57 -10.86 -0.09
N LYS A 87 -9.94 -10.95 1.19
CA LYS A 87 -11.28 -10.59 1.68
C LYS A 87 -11.61 -9.13 1.41
N THR A 88 -10.68 -8.22 1.67
CA THR A 88 -10.89 -6.77 1.49
C THR A 88 -10.94 -6.37 0.00
N ALA A 89 -10.22 -7.07 -0.87
CA ALA A 89 -10.25 -6.91 -2.32
C ALA A 89 -11.59 -7.40 -2.89
N GLU A 90 -12.12 -8.52 -2.36
CA GLU A 90 -13.46 -9.02 -2.68
C GLU A 90 -14.57 -8.11 -2.14
N ALA A 91 -14.34 -7.50 -0.97
CA ALA A 91 -15.24 -6.56 -0.31
C ALA A 91 -15.33 -5.20 -1.01
N GLY A 92 -14.27 -4.80 -1.74
CA GLY A 92 -14.16 -3.48 -2.40
C GLY A 92 -14.10 -2.30 -1.41
N GLY A 93 -13.74 -2.57 -0.15
CA GLY A 93 -13.82 -1.64 0.97
C GLY A 93 -13.65 -2.35 2.31
N VAL A 94 -12.85 -1.76 3.21
CA VAL A 94 -12.50 -2.35 4.53
C VAL A 94 -13.49 -2.04 5.64
N THR A 95 -14.24 -0.93 5.51
CA THR A 95 -15.16 -0.34 6.52
C THR A 95 -14.47 0.17 7.79
N GLY A 96 -15.17 1.01 8.56
CA GLY A 96 -14.60 1.76 9.69
C GLY A 96 -13.86 3.05 9.25
N LYS A 97 -13.45 3.86 10.23
CA LYS A 97 -12.80 5.17 10.04
C LYS A 97 -11.62 5.38 11.01
N GLY A 98 -10.71 6.29 10.64
CA GLY A 98 -9.55 6.71 11.42
C GLY A 98 -8.31 5.82 11.25
N GLN A 99 -7.13 6.45 11.15
CA GLN A 99 -5.79 5.85 11.11
C GLN A 99 -4.78 6.75 11.87
N ASP A 100 -3.61 6.21 12.18
CA ASP A 100 -2.51 6.89 12.90
C ASP A 100 -1.13 6.54 12.31
N GLY A 101 -0.15 7.43 12.44
CA GLY A 101 1.21 7.19 11.95
C GLY A 101 2.21 8.33 12.21
N ILE A 102 3.48 8.03 11.94
CA ILE A 102 4.65 8.92 12.05
C ILE A 102 5.70 8.49 11.02
N GLY A 103 6.59 9.39 10.59
CA GLY A 103 7.66 9.05 9.65
C GLY A 103 8.39 10.25 9.07
N SER A 104 8.32 10.43 7.75
CA SER A 104 8.93 11.54 7.00
C SER A 104 8.40 12.92 7.42
N LYS A 105 7.13 13.00 7.85
CA LYS A 105 6.52 14.16 8.53
C LYS A 105 6.49 13.93 10.04
N ALA A 106 6.77 14.98 10.82
CA ALA A 106 6.77 14.98 12.29
C ALA A 106 5.95 16.16 12.91
N GLU A 107 5.12 16.83 12.09
CA GLU A 107 4.25 17.95 12.46
C GLU A 107 2.84 17.77 11.83
N LYS A 108 1.91 18.70 12.08
CA LYS A 108 0.56 18.70 11.46
C LYS A 108 0.61 18.92 9.94
N MET A 1 14.98 -8.26 -18.59
CA MET A 1 14.15 -7.15 -18.05
C MET A 1 14.66 -6.71 -16.68
N ALA A 2 14.54 -5.42 -16.35
CA ALA A 2 15.00 -4.83 -15.08
C ALA A 2 14.07 -3.73 -14.52
N GLU A 3 13.00 -3.36 -15.23
CA GLU A 3 12.13 -2.23 -14.91
C GLU A 3 11.23 -2.48 -13.69
N SER A 4 10.79 -3.73 -13.49
CA SER A 4 10.10 -4.23 -12.28
C SER A 4 8.91 -3.39 -11.79
N SER A 5 8.19 -2.72 -12.71
CA SER A 5 7.15 -1.72 -12.42
C SER A 5 5.88 -1.94 -13.25
N ASP A 6 5.52 -3.20 -13.48
CA ASP A 6 4.47 -3.62 -14.41
C ASP A 6 3.21 -4.18 -13.69
N LYS A 7 2.99 -3.76 -12.44
CA LYS A 7 1.92 -4.19 -11.53
C LYS A 7 1.41 -2.97 -10.77
N LEU A 8 0.13 -2.68 -10.90
CA LEU A 8 -0.47 -1.39 -10.54
C LEU A 8 -0.77 -1.23 -9.04
N TYR A 9 -0.67 -2.30 -8.24
CA TYR A 9 -0.85 -2.28 -6.79
C TYR A 9 0.33 -2.94 -6.08
N ARG A 10 0.55 -2.59 -4.82
CA ARG A 10 1.57 -3.15 -3.91
C ARG A 10 0.99 -3.25 -2.50
N VAL A 11 1.37 -4.27 -1.73
CA VAL A 11 1.12 -4.43 -0.28
C VAL A 11 2.36 -4.96 0.42
N GLU A 12 2.62 -4.54 1.65
CA GLU A 12 3.74 -5.02 2.47
C GLU A 12 3.63 -4.60 3.93
N TYR A 13 4.43 -5.21 4.81
CA TYR A 13 4.89 -4.54 6.02
C TYR A 13 6.03 -3.56 5.70
N ALA A 14 5.98 -2.38 6.32
CA ALA A 14 6.87 -1.25 6.04
C ALA A 14 8.33 -1.51 6.43
N LYS A 15 9.25 -1.35 5.47
CA LYS A 15 10.70 -1.51 5.68
C LYS A 15 11.26 -0.40 6.58
N SER A 16 10.81 0.84 6.39
CA SER A 16 11.11 2.00 7.23
C SER A 16 9.99 3.03 7.22
N GLY A 17 9.91 3.84 8.27
CA GLY A 17 8.88 4.86 8.50
C GLY A 17 9.13 6.18 7.76
N ARG A 18 9.38 6.08 6.45
CA ARG A 18 9.73 7.22 5.56
C ARG A 18 8.70 7.47 4.44
N ALA A 19 7.72 6.59 4.26
CA ALA A 19 6.61 6.78 3.34
C ALA A 19 5.54 7.74 3.92
N SER A 20 4.86 8.47 3.05
CA SER A 20 3.79 9.41 3.42
C SER A 20 2.47 8.99 2.76
N CYS A 21 1.39 9.02 3.54
CA CYS A 21 0.08 8.56 3.10
C CYS A 21 -0.57 9.60 2.18
N LYS A 22 -0.78 9.24 0.91
CA LYS A 22 -1.29 10.17 -0.12
C LYS A 22 -2.80 10.47 0.01
N LYS A 23 -3.51 9.81 0.94
CA LYS A 23 -4.95 9.96 1.19
C LYS A 23 -5.25 10.81 2.43
N CYS A 24 -4.73 10.41 3.61
CA CYS A 24 -4.99 11.13 4.87
C CYS A 24 -3.91 12.16 5.27
N SER A 25 -2.85 12.28 4.46
CA SER A 25 -1.74 13.26 4.58
C SER A 25 -0.90 13.13 5.87
N GLU A 26 -0.98 12.00 6.55
CA GLU A 26 -0.07 11.61 7.64
C GLU A 26 1.14 10.82 7.08
N SER A 27 2.00 10.29 7.94
CA SER A 27 3.15 9.46 7.53
C SER A 27 3.08 8.05 8.10
N ILE A 28 3.54 7.06 7.34
CA ILE A 28 3.31 5.64 7.62
C ILE A 28 4.47 5.09 8.48
N PRO A 29 4.20 4.43 9.62
CA PRO A 29 5.24 3.93 10.52
C PRO A 29 5.94 2.65 10.01
N LYS A 30 7.16 2.40 10.51
CA LYS A 30 7.95 1.17 10.29
C LYS A 30 7.23 -0.07 10.86
N ASP A 31 7.43 -1.23 10.24
CA ASP A 31 6.91 -2.53 10.67
C ASP A 31 5.37 -2.55 10.88
N SER A 32 4.65 -1.87 9.98
CA SER A 32 3.18 -1.80 9.93
C SER A 32 2.70 -1.99 8.49
N LEU A 33 1.42 -2.35 8.31
CA LEU A 33 0.87 -2.81 7.04
C LEU A 33 0.49 -1.62 6.15
N ARG A 34 0.99 -1.60 4.92
CA ARG A 34 0.80 -0.51 3.94
C ARG A 34 0.58 -1.05 2.53
N MET A 35 -0.03 -0.23 1.69
CA MET A 35 -0.31 -0.48 0.27
C MET A 35 0.20 0.66 -0.59
N ALA A 36 0.42 0.41 -1.88
CA ALA A 36 0.92 1.39 -2.82
C ALA A 36 0.34 1.21 -4.23
N ILE A 37 0.52 2.23 -5.09
CA ILE A 37 0.04 2.24 -6.47
C ILE A 37 1.18 2.60 -7.42
N MET A 38 1.28 1.89 -8.55
CA MET A 38 2.32 2.13 -9.55
C MET A 38 1.86 3.11 -10.64
N VAL A 39 2.45 4.31 -10.67
CA VAL A 39 2.11 5.39 -11.62
C VAL A 39 3.35 6.04 -12.22
N GLN A 40 3.24 6.52 -13.47
CA GLN A 40 4.29 7.30 -14.15
C GLN A 40 4.40 8.70 -13.55
N SER A 41 5.62 9.12 -13.17
CA SER A 41 5.83 10.34 -12.38
C SER A 41 5.84 11.62 -13.18
N PRO A 42 5.24 12.70 -12.65
CA PRO A 42 5.49 14.06 -13.12
C PRO A 42 6.92 14.57 -12.85
N MET A 43 7.70 13.92 -11.97
CA MET A 43 9.01 14.40 -11.48
C MET A 43 10.17 13.39 -11.56
N PHE A 44 9.94 12.20 -12.13
CA PHE A 44 10.92 11.12 -12.29
C PHE A 44 10.79 10.44 -13.65
N ASP A 45 11.88 9.84 -14.13
CA ASP A 45 12.03 9.27 -15.49
C ASP A 45 11.53 7.82 -15.58
N GLY A 46 10.35 7.54 -15.03
CA GLY A 46 9.78 6.21 -14.91
C GLY A 46 8.58 6.17 -13.95
N LYS A 47 8.40 5.00 -13.33
CA LYS A 47 7.26 4.67 -12.47
C LYS A 47 7.63 4.82 -10.99
N VAL A 48 6.69 5.30 -10.18
CA VAL A 48 6.87 5.59 -8.75
C VAL A 48 5.71 5.02 -7.91
N PRO A 49 5.97 4.53 -6.68
CA PRO A 49 4.93 4.01 -5.79
C PRO A 49 4.23 5.14 -5.00
N HIS A 50 2.89 5.18 -5.04
CA HIS A 50 2.07 6.05 -4.21
C HIS A 50 1.61 5.28 -2.97
N TRP A 51 2.31 5.46 -1.84
CA TRP A 51 2.06 4.71 -0.60
C TRP A 51 0.86 5.26 0.18
N TYR A 52 0.06 4.38 0.76
CA TYR A 52 -1.01 4.71 1.70
C TYR A 52 -1.07 3.65 2.81
N HIS A 53 -1.69 3.98 3.96
CA HIS A 53 -2.04 2.97 4.97
C HIS A 53 -2.91 1.85 4.35
N PHE A 54 -2.94 0.67 4.97
CA PHE A 54 -3.75 -0.47 4.51
C PHE A 54 -5.22 -0.09 4.23
N SER A 55 -5.87 0.66 5.12
CA SER A 55 -7.27 1.08 4.98
C SER A 55 -7.43 2.22 3.99
N CYS A 56 -6.48 3.16 3.96
CA CYS A 56 -6.48 4.34 3.11
C CYS A 56 -6.52 4.01 1.60
N PHE A 57 -5.87 2.94 1.16
CA PHE A 57 -5.98 2.42 -0.21
C PHE A 57 -7.45 2.20 -0.63
N TRP A 58 -8.27 1.62 0.25
CA TRP A 58 -9.68 1.34 -0.04
C TRP A 58 -10.56 2.59 0.16
N LYS A 59 -10.12 3.55 0.98
CA LYS A 59 -10.78 4.87 1.12
C LYS A 59 -10.51 5.79 -0.09
N VAL A 60 -9.51 5.49 -0.91
CA VAL A 60 -9.34 6.12 -2.25
C VAL A 60 -10.37 5.58 -3.26
N GLY A 61 -11.01 4.44 -2.97
CA GLY A 61 -12.10 3.86 -3.78
C GLY A 61 -11.70 2.75 -4.75
N HIS A 62 -10.46 2.24 -4.67
CA HIS A 62 -9.99 1.10 -5.47
C HIS A 62 -10.64 -0.21 -5.03
N SER A 63 -10.81 -1.14 -5.98
CA SER A 63 -11.27 -2.51 -5.76
C SER A 63 -10.54 -3.47 -6.69
N ILE A 64 -10.08 -4.61 -6.15
CA ILE A 64 -9.03 -5.43 -6.75
C ILE A 64 -9.64 -6.77 -7.20
N ARG A 65 -9.52 -7.06 -8.50
CA ARG A 65 -10.28 -8.12 -9.18
C ARG A 65 -9.56 -9.48 -9.19
N HIS A 66 -8.24 -9.48 -9.01
CA HIS A 66 -7.38 -10.64 -8.77
C HIS A 66 -6.12 -10.20 -8.01
N PRO A 67 -6.19 -10.08 -6.65
CA PRO A 67 -5.15 -9.42 -5.87
C PRO A 67 -3.81 -10.17 -5.86
N ASP A 68 -3.80 -11.49 -5.94
CA ASP A 68 -2.56 -12.27 -6.06
C ASP A 68 -1.86 -12.11 -7.43
N VAL A 69 -2.52 -11.47 -8.40
CA VAL A 69 -1.96 -11.08 -9.70
C VAL A 69 -1.50 -9.61 -9.68
N GLU A 70 -2.32 -8.71 -9.13
CA GLU A 70 -2.12 -7.25 -9.23
C GLU A 70 -1.37 -6.61 -8.05
N VAL A 71 -1.52 -7.16 -6.84
CA VAL A 71 -0.87 -6.69 -5.62
C VAL A 71 0.50 -7.35 -5.49
N ASP A 72 1.50 -6.62 -5.95
CA ASP A 72 2.91 -6.92 -5.71
C ASP A 72 3.23 -6.88 -4.20
N GLY A 73 4.11 -7.76 -3.73
CA GLY A 73 4.45 -7.88 -2.31
C GLY A 73 3.40 -8.63 -1.47
N PHE A 74 2.30 -9.09 -2.06
CA PHE A 74 1.37 -10.04 -1.43
C PHE A 74 2.10 -11.33 -0.97
N SER A 75 3.14 -11.74 -1.69
CA SER A 75 4.04 -12.85 -1.34
C SER A 75 5.01 -12.55 -0.19
N GLU A 76 5.15 -11.28 0.22
CA GLU A 76 5.97 -10.83 1.36
C GLU A 76 5.17 -10.79 2.68
N LEU A 77 3.84 -10.91 2.62
CA LEU A 77 2.94 -11.02 3.77
C LEU A 77 2.89 -12.44 4.36
N ARG A 78 2.40 -12.55 5.61
CA ARG A 78 1.92 -13.81 6.20
C ARG A 78 0.54 -14.20 5.67
N TRP A 79 0.22 -15.49 5.79
CA TRP A 79 -1.05 -16.08 5.35
C TRP A 79 -2.30 -15.36 5.91
N ASP A 80 -2.23 -14.87 7.16
CA ASP A 80 -3.34 -14.18 7.80
C ASP A 80 -3.61 -12.78 7.22
N ASP A 81 -2.58 -12.10 6.72
CA ASP A 81 -2.70 -10.82 6.04
C ASP A 81 -3.05 -11.03 4.56
N GLN A 82 -2.53 -12.07 3.91
CA GLN A 82 -2.97 -12.48 2.57
C GLN A 82 -4.48 -12.74 2.53
N GLN A 83 -5.02 -13.58 3.43
CA GLN A 83 -6.45 -13.89 3.44
C GLN A 83 -7.33 -12.68 3.78
N LYS A 84 -6.83 -11.72 4.55
CA LYS A 84 -7.51 -10.47 4.92
C LYS A 84 -7.44 -9.48 3.77
N VAL A 85 -6.33 -9.40 3.04
CA VAL A 85 -6.23 -8.59 1.80
C VAL A 85 -7.16 -9.15 0.72
N LYS A 86 -7.21 -10.48 0.54
CA LYS A 86 -8.16 -11.12 -0.38
C LYS A 86 -9.61 -10.91 0.04
N LYS A 87 -9.95 -11.06 1.33
CA LYS A 87 -11.31 -10.78 1.82
C LYS A 87 -11.68 -9.30 1.71
N THR A 88 -10.74 -8.38 1.91
CA THR A 88 -10.94 -6.94 1.71
C THR A 88 -11.13 -6.59 0.23
N ALA A 89 -10.47 -7.30 -0.69
CA ALA A 89 -10.65 -7.14 -2.13
C ALA A 89 -12.01 -7.69 -2.60
N GLU A 90 -12.46 -8.81 -2.02
CA GLU A 90 -13.81 -9.34 -2.24
C GLU A 90 -14.90 -8.41 -1.66
N ALA A 91 -14.61 -7.78 -0.52
CA ALA A 91 -15.48 -6.84 0.18
C ALA A 91 -15.51 -5.43 -0.46
N GLY A 92 -14.53 -5.09 -1.32
CA GLY A 92 -14.37 -3.76 -1.91
C GLY A 92 -13.92 -2.68 -0.91
N GLY A 93 -13.16 -3.08 0.13
CA GLY A 93 -12.76 -2.24 1.26
C GLY A 93 -13.36 -2.67 2.59
N VAL A 94 -12.63 -2.38 3.67
CA VAL A 94 -13.05 -2.64 5.07
C VAL A 94 -12.61 -1.51 6.00
N THR A 95 -13.42 -1.22 7.02
CA THR A 95 -13.17 -0.22 8.08
C THR A 95 -13.65 -0.73 9.45
N GLY A 96 -13.08 -0.20 10.54
CA GLY A 96 -13.42 -0.59 11.92
C GLY A 96 -12.46 -0.01 12.97
N LYS A 97 -12.70 -0.35 14.24
CA LYS A 97 -11.86 0.04 15.39
C LYS A 97 -10.56 -0.78 15.45
N GLY A 98 -9.50 -0.20 16.00
CA GLY A 98 -8.19 -0.83 16.17
C GLY A 98 -7.10 0.13 16.65
N GLN A 99 -5.87 -0.37 16.76
CA GLN A 99 -4.66 0.39 17.14
C GLN A 99 -4.23 1.37 16.03
N ASP A 100 -3.45 2.39 16.40
CA ASP A 100 -2.95 3.46 15.52
C ASP A 100 -1.45 3.76 15.72
N GLY A 101 -0.84 4.41 14.72
CA GLY A 101 0.57 4.83 14.73
C GLY A 101 0.93 5.73 13.54
N ILE A 102 2.06 6.43 13.64
CA ILE A 102 2.53 7.41 12.65
C ILE A 102 4.06 7.40 12.52
N GLY A 103 4.57 7.60 11.29
CA GLY A 103 6.00 7.84 11.03
C GLY A 103 6.46 9.22 11.51
N SER A 104 7.76 9.35 11.82
CA SER A 104 8.36 10.60 12.33
C SER A 104 9.78 10.80 11.79
N LYS A 105 10.24 12.06 11.75
CA LYS A 105 11.54 12.46 11.16
C LYS A 105 12.72 11.97 12.01
N ALA A 106 12.83 12.45 13.25
CA ALA A 106 13.92 12.19 14.17
C ALA A 106 13.42 12.37 15.63
N GLU A 107 14.35 12.46 16.57
CA GLU A 107 14.10 12.74 18.00
C GLU A 107 13.64 14.19 18.25
N LYS A 108 12.93 14.41 19.36
CA LYS A 108 12.39 15.71 19.80
C LYS A 108 12.72 16.00 21.27
N MET A 1 9.71 -3.18 -25.75
CA MET A 1 10.34 -3.30 -24.40
C MET A 1 9.54 -2.47 -23.37
N ALA A 2 9.57 -2.88 -22.10
CA ALA A 2 8.87 -2.22 -20.99
C ALA A 2 9.66 -2.30 -19.66
N GLU A 3 9.31 -1.43 -18.71
CA GLU A 3 9.87 -1.41 -17.35
C GLU A 3 9.32 -2.57 -16.49
N SER A 4 10.13 -3.06 -15.53
CA SER A 4 9.76 -4.15 -14.61
C SER A 4 8.68 -3.78 -13.57
N SER A 5 8.37 -2.49 -13.41
CA SER A 5 7.25 -1.95 -12.61
C SER A 5 5.91 -2.07 -13.33
N ASP A 6 5.59 -3.28 -13.79
CA ASP A 6 4.48 -3.55 -14.73
C ASP A 6 3.12 -3.80 -14.07
N LYS A 7 3.09 -3.86 -12.73
CA LYS A 7 1.91 -3.95 -11.87
C LYS A 7 1.22 -2.60 -11.72
N LEU A 8 0.08 -2.62 -11.06
CA LEU A 8 -0.68 -1.45 -10.60
C LEU A 8 -0.57 -1.23 -9.09
N TYR A 9 -0.28 -2.28 -8.31
CA TYR A 9 -0.54 -2.28 -6.88
C TYR A 9 0.64 -2.89 -6.11
N ARG A 10 0.78 -2.50 -4.84
CA ARG A 10 1.85 -2.93 -3.93
C ARG A 10 1.27 -3.10 -2.51
N VAL A 11 1.76 -4.07 -1.75
CA VAL A 11 1.52 -4.26 -0.32
C VAL A 11 2.79 -4.72 0.40
N GLU A 12 3.01 -4.28 1.63
CA GLU A 12 4.12 -4.74 2.46
C GLU A 12 3.87 -4.61 3.97
N TYR A 13 4.59 -5.44 4.72
CA TYR A 13 4.97 -5.13 6.09
C TYR A 13 5.99 -3.97 6.06
N ALA A 14 5.64 -2.85 6.67
CA ALA A 14 6.38 -1.60 6.59
C ALA A 14 7.75 -1.70 7.27
N LYS A 15 8.82 -1.51 6.50
CA LYS A 15 10.22 -1.60 6.96
C LYS A 15 10.73 -0.31 7.60
N SER A 16 10.15 0.82 7.23
CA SER A 16 10.62 2.18 7.53
C SER A 16 9.49 3.15 7.86
N GLY A 17 9.79 4.27 8.52
CA GLY A 17 8.89 5.42 8.67
C GLY A 17 8.85 6.34 7.44
N ARG A 18 9.45 5.93 6.31
CA ARG A 18 9.87 6.82 5.20
C ARG A 18 8.73 7.18 4.23
N ALA A 19 7.77 6.29 4.03
CA ALA A 19 6.64 6.50 3.12
C ALA A 19 5.60 7.47 3.71
N SER A 20 4.92 8.21 2.85
CA SER A 20 3.88 9.18 3.22
C SER A 20 2.54 8.86 2.59
N CYS A 21 1.47 8.95 3.39
CA CYS A 21 0.12 8.55 3.00
C CYS A 21 -0.55 9.61 2.12
N LYS A 22 -0.90 9.23 0.90
CA LYS A 22 -1.48 10.13 -0.12
C LYS A 22 -2.97 10.44 0.11
N LYS A 23 -3.60 9.77 1.08
CA LYS A 23 -5.03 9.88 1.41
C LYS A 23 -5.30 10.74 2.65
N CYS A 24 -4.62 10.47 3.78
CA CYS A 24 -4.80 11.21 5.03
C CYS A 24 -3.66 12.22 5.36
N SER A 25 -2.65 12.31 4.48
CA SER A 25 -1.53 13.28 4.53
C SER A 25 -0.63 13.19 5.78
N GLU A 26 -0.66 12.06 6.49
CA GLU A 26 0.32 11.69 7.53
C GLU A 26 1.46 10.86 6.91
N SER A 27 2.44 10.43 7.71
CA SER A 27 3.49 9.50 7.27
C SER A 27 3.32 8.13 7.91
N ILE A 28 3.70 7.07 7.19
CA ILE A 28 3.30 5.69 7.50
C ILE A 28 4.39 5.02 8.38
N PRO A 29 4.06 4.48 9.57
CA PRO A 29 5.03 3.89 10.49
C PRO A 29 5.56 2.52 10.01
N LYS A 30 6.75 2.12 10.49
CA LYS A 30 7.26 0.74 10.39
C LYS A 30 6.53 -0.22 11.34
N ASP A 31 6.71 -1.53 11.11
CA ASP A 31 6.04 -2.62 11.84
C ASP A 31 4.49 -2.57 11.75
N SER A 32 3.99 -2.09 10.61
CA SER A 32 2.56 -1.97 10.25
C SER A 32 2.32 -2.52 8.84
N LEU A 33 1.08 -2.53 8.36
CA LEU A 33 0.72 -2.97 6.99
C LEU A 33 0.40 -1.73 6.12
N ARG A 34 0.99 -1.65 4.92
CA ARG A 34 0.84 -0.53 3.99
C ARG A 34 0.77 -0.99 2.53
N MET A 35 0.19 -0.16 1.68
CA MET A 35 -0.03 -0.40 0.26
C MET A 35 0.45 0.76 -0.59
N ALA A 36 0.69 0.52 -1.88
CA ALA A 36 1.09 1.53 -2.85
C ALA A 36 0.43 1.32 -4.22
N ILE A 37 0.46 2.34 -5.07
CA ILE A 37 -0.07 2.29 -6.45
C ILE A 37 0.99 2.70 -7.45
N MET A 38 1.06 2.00 -8.58
CA MET A 38 2.03 2.25 -9.64
C MET A 38 1.41 3.18 -10.69
N VAL A 39 1.80 4.45 -10.67
CA VAL A 39 1.35 5.46 -11.65
C VAL A 39 2.49 5.89 -12.56
N GLN A 40 2.19 6.07 -13.85
CA GLN A 40 3.12 6.63 -14.84
C GLN A 40 3.38 8.12 -14.54
N SER A 41 4.64 8.46 -14.27
CA SER A 41 5.02 9.78 -13.77
C SER A 41 5.08 10.86 -14.85
N PRO A 42 4.56 12.08 -14.57
CA PRO A 42 4.82 13.25 -15.41
C PRO A 42 6.25 13.80 -15.29
N MET A 43 7.01 13.40 -14.26
CA MET A 43 8.35 13.94 -13.93
C MET A 43 9.48 12.91 -14.07
N PHE A 44 9.17 11.61 -13.93
CA PHE A 44 10.10 10.49 -14.05
C PHE A 44 9.80 9.62 -15.29
N ASP A 45 10.82 8.91 -15.78
CA ASP A 45 10.79 8.15 -17.04
C ASP A 45 10.25 6.71 -16.86
N GLY A 46 9.18 6.55 -16.09
CA GLY A 46 8.62 5.26 -15.70
C GLY A 46 7.48 5.36 -14.68
N LYS A 47 7.21 4.25 -14.00
CA LYS A 47 6.13 4.08 -13.03
C LYS A 47 6.66 4.29 -11.60
N VAL A 48 5.92 5.04 -10.78
CA VAL A 48 6.32 5.43 -9.42
C VAL A 48 5.26 5.06 -8.37
N PRO A 49 5.66 4.73 -7.11
CA PRO A 49 4.72 4.27 -6.08
C PRO A 49 4.04 5.42 -5.32
N HIS A 50 2.71 5.37 -5.20
CA HIS A 50 1.89 6.23 -4.33
C HIS A 50 1.47 5.43 -3.11
N TRP A 51 2.13 5.62 -1.97
CA TRP A 51 1.89 4.86 -0.74
C TRP A 51 0.67 5.36 0.04
N TYR A 52 0.00 4.45 0.74
CA TYR A 52 -1.04 4.76 1.71
C TYR A 52 -1.06 3.71 2.83
N HIS A 53 -1.62 4.03 4.00
CA HIS A 53 -1.95 3.01 5.02
C HIS A 53 -2.83 1.90 4.42
N PHE A 54 -2.81 0.69 4.98
CA PHE A 54 -3.60 -0.43 4.43
C PHE A 54 -5.10 -0.10 4.30
N SER A 55 -5.70 0.57 5.30
CA SER A 55 -7.12 0.95 5.28
C SER A 55 -7.38 2.15 4.35
N CYS A 56 -6.48 3.14 4.37
CA CYS A 56 -6.53 4.32 3.52
C CYS A 56 -6.61 3.98 2.02
N PHE A 57 -5.89 2.94 1.58
CA PHE A 57 -5.91 2.43 0.20
C PHE A 57 -7.33 2.19 -0.31
N TRP A 58 -8.14 1.48 0.47
CA TRP A 58 -9.53 1.16 0.13
C TRP A 58 -10.47 2.37 0.36
N LYS A 59 -10.10 3.31 1.23
CA LYS A 59 -10.78 4.60 1.40
C LYS A 59 -10.59 5.55 0.20
N VAL A 60 -9.59 5.31 -0.67
CA VAL A 60 -9.52 5.97 -2.00
C VAL A 60 -10.63 5.46 -2.95
N GLY A 61 -11.25 4.31 -2.65
CA GLY A 61 -12.37 3.72 -3.40
C GLY A 61 -11.98 2.60 -4.38
N HIS A 62 -10.75 2.08 -4.30
CA HIS A 62 -10.27 0.98 -5.15
C HIS A 62 -10.91 -0.37 -4.80
N SER A 63 -11.01 -1.25 -5.80
CA SER A 63 -11.34 -2.68 -5.65
C SER A 63 -10.43 -3.50 -6.57
N ILE A 64 -9.82 -4.56 -6.06
CA ILE A 64 -8.76 -5.32 -6.75
C ILE A 64 -9.31 -6.71 -7.11
N ARG A 65 -9.34 -7.00 -8.42
CA ARG A 65 -10.05 -8.16 -9.01
C ARG A 65 -9.22 -9.46 -9.05
N HIS A 66 -7.89 -9.33 -8.98
CA HIS A 66 -6.92 -10.43 -8.92
C HIS A 66 -5.68 -10.02 -8.12
N PRO A 67 -5.78 -9.92 -6.77
CA PRO A 67 -4.73 -9.33 -5.96
C PRO A 67 -3.43 -10.13 -5.94
N ASP A 68 -3.48 -11.46 -6.08
CA ASP A 68 -2.28 -12.30 -6.18
C ASP A 68 -1.51 -12.08 -7.50
N VAL A 69 -2.14 -11.44 -8.50
CA VAL A 69 -1.57 -11.12 -9.81
C VAL A 69 -1.03 -9.69 -9.85
N GLU A 70 -1.73 -8.75 -9.23
CA GLU A 70 -1.45 -7.30 -9.36
C GLU A 70 -0.89 -6.60 -8.12
N VAL A 71 -1.12 -7.12 -6.90
CA VAL A 71 -0.50 -6.62 -5.67
C VAL A 71 0.90 -7.22 -5.52
N ASP A 72 1.91 -6.43 -5.88
CA ASP A 72 3.32 -6.71 -5.63
C ASP A 72 3.62 -6.73 -4.11
N GLY A 73 4.52 -7.61 -3.67
CA GLY A 73 4.94 -7.74 -2.26
C GLY A 73 3.99 -8.57 -1.38
N PHE A 74 2.81 -8.94 -1.89
CA PHE A 74 1.85 -9.86 -1.25
C PHE A 74 2.46 -11.22 -0.88
N SER A 75 3.48 -11.68 -1.62
CA SER A 75 4.25 -12.89 -1.34
C SER A 75 5.04 -12.83 0.00
N GLU A 76 5.29 -11.65 0.55
CA GLU A 76 6.02 -11.44 1.81
C GLU A 76 5.10 -11.51 3.05
N LEU A 77 3.80 -11.27 2.86
CA LEU A 77 2.77 -11.32 3.91
C LEU A 77 2.56 -12.76 4.41
N ARG A 78 2.19 -12.91 5.69
CA ARG A 78 1.72 -14.20 6.24
C ARG A 78 0.29 -14.51 5.82
N TRP A 79 -0.09 -15.78 5.96
CA TRP A 79 -1.31 -16.32 5.37
C TRP A 79 -2.57 -15.57 5.84
N ASP A 80 -2.65 -15.20 7.11
CA ASP A 80 -3.78 -14.43 7.68
C ASP A 80 -3.93 -13.01 7.10
N ASP A 81 -2.83 -12.40 6.67
CA ASP A 81 -2.81 -11.08 6.04
C ASP A 81 -3.09 -11.21 4.53
N GLN A 82 -2.58 -12.25 3.89
CA GLN A 82 -2.96 -12.62 2.52
C GLN A 82 -4.47 -12.84 2.40
N GLN A 83 -5.07 -13.64 3.30
CA GLN A 83 -6.53 -13.86 3.31
C GLN A 83 -7.32 -12.56 3.49
N LYS A 84 -6.82 -11.60 4.28
CA LYS A 84 -7.49 -10.35 4.60
C LYS A 84 -7.28 -9.31 3.51
N VAL A 85 -6.12 -9.27 2.85
CA VAL A 85 -5.92 -8.47 1.63
C VAL A 85 -6.82 -9.00 0.51
N LYS A 86 -6.89 -10.32 0.30
CA LYS A 86 -7.82 -10.95 -0.66
C LYS A 86 -9.28 -10.65 -0.32
N LYS A 87 -9.67 -10.72 0.96
CA LYS A 87 -11.03 -10.40 1.42
C LYS A 87 -11.36 -8.92 1.22
N THR A 88 -10.42 -8.03 1.55
CA THR A 88 -10.59 -6.58 1.41
C THR A 88 -10.61 -6.15 -0.06
N ALA A 89 -9.89 -6.86 -0.93
CA ALA A 89 -9.86 -6.65 -2.37
C ALA A 89 -11.20 -6.99 -3.03
N GLU A 90 -11.89 -8.04 -2.55
CA GLU A 90 -13.27 -8.31 -3.01
C GLU A 90 -14.34 -7.42 -2.34
N ALA A 91 -14.10 -7.02 -1.09
CA ALA A 91 -15.00 -6.18 -0.29
C ALA A 91 -14.98 -4.69 -0.69
N GLY A 92 -13.86 -4.19 -1.23
CA GLY A 92 -13.66 -2.78 -1.57
C GLY A 92 -13.53 -1.85 -0.36
N GLY A 93 -13.20 -2.38 0.82
CA GLY A 93 -13.19 -1.66 2.09
C GLY A 93 -13.05 -2.61 3.29
N VAL A 94 -12.24 -2.21 4.28
CA VAL A 94 -12.05 -2.91 5.56
C VAL A 94 -12.86 -2.25 6.68
N THR A 95 -13.42 -3.07 7.58
CA THR A 95 -14.35 -2.63 8.64
C THR A 95 -13.68 -2.27 9.96
N GLY A 96 -12.50 -2.83 10.24
CA GLY A 96 -11.71 -2.49 11.43
C GLY A 96 -10.76 -1.31 11.22
N LYS A 97 -10.31 -0.70 12.33
CA LYS A 97 -9.41 0.47 12.33
C LYS A 97 -7.94 0.13 12.03
N GLY A 98 -7.53 -1.12 12.26
CA GLY A 98 -6.15 -1.59 12.11
C GLY A 98 -5.19 -1.01 13.16
N GLN A 99 -3.88 -1.04 12.86
CA GLN A 99 -2.82 -0.48 13.71
C GLN A 99 -2.82 1.07 13.70
N ASP A 100 -2.21 1.67 14.73
CA ASP A 100 -2.08 3.12 14.91
C ASP A 100 -0.63 3.56 15.18
N GLY A 101 -0.22 4.68 14.59
CA GLY A 101 1.13 5.25 14.69
C GLY A 101 1.43 6.24 13.54
N ILE A 102 2.64 6.82 13.54
CA ILE A 102 3.11 7.75 12.50
C ILE A 102 4.58 7.51 12.15
N GLY A 103 4.91 7.68 10.87
CA GLY A 103 6.28 7.68 10.34
C GLY A 103 7.03 9.00 10.58
N SER A 104 8.08 9.23 9.78
CA SER A 104 9.08 10.31 9.97
C SER A 104 8.62 11.70 9.46
N LYS A 105 7.38 12.09 9.78
CA LYS A 105 6.80 13.39 9.37
C LYS A 105 7.50 14.57 10.07
N ALA A 106 7.82 15.60 9.30
CA ALA A 106 8.43 16.86 9.75
C ALA A 106 8.13 17.98 8.73
N GLU A 107 7.79 19.16 9.23
CA GLU A 107 7.60 20.38 8.42
C GLU A 107 8.94 20.99 8.00
N LYS A 108 9.04 21.48 6.75
CA LYS A 108 10.22 22.11 6.15
C LYS A 108 9.83 23.25 5.19
N MET A 1 10.81 3.41 -19.84
CA MET A 1 10.68 2.79 -18.49
C MET A 1 11.98 2.09 -18.12
N ALA A 2 12.53 2.40 -16.94
CA ALA A 2 13.84 1.92 -16.46
C ALA A 2 13.77 0.89 -15.33
N GLU A 3 12.57 0.44 -14.94
CA GLU A 3 12.33 -0.49 -13.81
C GLU A 3 11.23 -1.52 -14.11
N SER A 4 11.09 -2.52 -13.23
CA SER A 4 10.01 -3.52 -13.24
C SER A 4 8.71 -3.04 -12.56
N SER A 5 8.63 -1.76 -12.19
CA SER A 5 7.52 -1.13 -11.46
C SER A 5 6.34 -0.78 -12.37
N ASP A 6 5.85 -1.76 -13.14
CA ASP A 6 4.71 -1.61 -14.05
C ASP A 6 3.50 -2.48 -13.64
N LYS A 7 3.19 -2.43 -12.34
CA LYS A 7 2.06 -3.07 -11.66
C LYS A 7 0.84 -2.17 -11.75
N LEU A 8 -0.20 -2.49 -10.99
CA LEU A 8 -1.19 -1.49 -10.55
C LEU A 8 -1.03 -1.16 -9.08
N TYR A 9 -0.66 -2.15 -8.27
CA TYR A 9 -0.82 -2.14 -6.82
C TYR A 9 0.39 -2.80 -6.15
N ARG A 10 0.66 -2.40 -4.91
CA ARG A 10 1.72 -2.92 -4.03
C ARG A 10 1.17 -3.08 -2.61
N VAL A 11 1.60 -4.11 -1.88
CA VAL A 11 1.37 -4.29 -0.43
C VAL A 11 2.65 -4.82 0.24
N GLU A 12 2.94 -4.37 1.47
CA GLU A 12 4.11 -4.79 2.23
C GLU A 12 3.98 -4.40 3.70
N TYR A 13 4.78 -5.04 4.55
CA TYR A 13 5.01 -4.61 5.92
C TYR A 13 5.98 -3.43 5.98
N ALA A 14 5.69 -2.47 6.86
CA ALA A 14 6.53 -1.32 7.12
C ALA A 14 7.64 -1.66 8.13
N LYS A 15 8.89 -1.76 7.66
CA LYS A 15 10.09 -1.98 8.51
C LYS A 15 10.63 -0.67 9.12
N SER A 16 10.40 0.45 8.44
CA SER A 16 10.80 1.81 8.83
C SER A 16 9.88 2.84 8.16
N GLY A 17 9.79 4.05 8.70
CA GLY A 17 8.92 5.15 8.26
C GLY A 17 9.38 5.87 6.98
N ARG A 18 9.80 5.12 5.96
CA ARG A 18 10.36 5.63 4.68
C ARG A 18 9.30 6.08 3.65
N ALA A 19 8.01 5.90 3.95
CA ALA A 19 6.88 6.27 3.10
C ALA A 19 5.82 7.08 3.88
N SER A 20 5.06 7.90 3.15
CA SER A 20 4.03 8.81 3.70
C SER A 20 2.72 8.67 2.95
N CYS A 21 1.59 8.89 3.64
CA CYS A 21 0.27 8.64 3.10
C CYS A 21 -0.19 9.76 2.17
N LYS A 22 -0.47 9.41 0.90
CA LYS A 22 -0.96 10.35 -0.13
C LYS A 22 -2.44 10.73 0.04
N LYS A 23 -3.19 10.00 0.87
CA LYS A 23 -4.66 10.11 1.01
C LYS A 23 -5.09 10.90 2.24
N CYS A 24 -4.55 10.60 3.43
CA CYS A 24 -4.86 11.33 4.67
C CYS A 24 -3.75 12.31 5.14
N SER A 25 -2.68 12.44 4.34
CA SER A 25 -1.56 13.38 4.51
C SER A 25 -0.76 13.19 5.82
N GLU A 26 -0.82 11.99 6.40
CA GLU A 26 -0.01 11.54 7.55
C GLU A 26 1.19 10.69 7.08
N SER A 27 1.91 10.09 8.02
CA SER A 27 3.05 9.19 7.78
C SER A 27 2.69 7.75 8.09
N ILE A 28 3.40 6.80 7.49
CA ILE A 28 3.07 5.38 7.57
C ILE A 28 3.94 4.70 8.66
N PRO A 29 3.35 4.24 9.79
CA PRO A 29 4.10 3.70 10.92
C PRO A 29 4.75 2.34 10.60
N LYS A 30 5.92 2.08 11.17
CA LYS A 30 6.56 0.75 11.16
C LYS A 30 5.83 -0.25 12.08
N ASP A 31 6.10 -1.54 11.87
CA ASP A 31 5.37 -2.67 12.46
C ASP A 31 3.86 -2.63 12.15
N SER A 32 3.52 -2.21 10.92
CA SER A 32 2.17 -2.15 10.36
C SER A 32 2.17 -2.50 8.86
N LEU A 33 1.00 -2.51 8.22
CA LEU A 33 0.81 -2.87 6.82
C LEU A 33 0.53 -1.62 5.95
N ARG A 34 1.13 -1.57 4.76
CA ARG A 34 1.02 -0.46 3.80
C ARG A 34 0.74 -0.97 2.39
N MET A 35 0.22 -0.08 1.55
CA MET A 35 -0.06 -0.31 0.13
C MET A 35 0.46 0.84 -0.74
N ALA A 36 0.64 0.58 -2.03
CA ALA A 36 1.05 1.59 -3.01
C ALA A 36 0.32 1.41 -4.35
N ILE A 37 0.38 2.43 -5.21
CA ILE A 37 -0.27 2.43 -6.54
C ILE A 37 0.70 2.89 -7.62
N MET A 38 0.61 2.26 -8.80
CA MET A 38 1.39 2.61 -9.98
C MET A 38 0.78 3.81 -10.72
N VAL A 39 1.56 4.89 -10.83
CA VAL A 39 1.22 6.08 -11.66
C VAL A 39 2.44 6.55 -12.45
N GLN A 40 2.21 7.13 -13.63
CA GLN A 40 3.26 7.74 -14.46
C GLN A 40 3.78 9.05 -13.84
N SER A 41 5.10 9.20 -13.78
CA SER A 41 5.81 10.35 -13.20
C SER A 41 6.25 11.38 -14.25
N PRO A 42 6.10 12.68 -13.95
CA PRO A 42 6.74 13.73 -14.74
C PRO A 42 8.27 13.80 -14.62
N MET A 43 8.86 13.16 -13.60
CA MET A 43 10.29 13.27 -13.24
C MET A 43 11.10 11.98 -13.51
N PHE A 44 10.46 10.81 -13.51
CA PHE A 44 11.08 9.50 -13.79
C PHE A 44 10.81 9.03 -15.23
N ASP A 45 11.51 7.98 -15.67
CA ASP A 45 11.44 7.41 -17.03
C ASP A 45 10.17 6.56 -17.29
N GLY A 46 9.21 6.57 -16.37
CA GLY A 46 7.95 5.84 -16.47
C GLY A 46 7.14 5.93 -15.17
N LYS A 47 7.00 4.81 -14.46
CA LYS A 47 5.99 4.59 -13.42
C LYS A 47 6.62 4.58 -12.02
N VAL A 48 5.90 5.14 -11.04
CA VAL A 48 6.32 5.26 -9.63
C VAL A 48 5.20 4.84 -8.65
N PRO A 49 5.54 4.38 -7.43
CA PRO A 49 4.55 4.00 -6.41
C PRO A 49 4.05 5.20 -5.58
N HIS A 50 2.74 5.30 -5.39
CA HIS A 50 2.08 6.25 -4.47
C HIS A 50 1.61 5.51 -3.23
N TRP A 51 2.23 5.77 -2.08
CA TRP A 51 2.07 4.99 -0.86
C TRP A 51 0.89 5.46 -0.01
N TYR A 52 0.23 4.53 0.67
CA TYR A 52 -0.78 4.84 1.66
C TYR A 52 -0.80 3.76 2.76
N HIS A 53 -1.39 4.10 3.90
CA HIS A 53 -1.78 3.10 4.92
C HIS A 53 -2.61 1.97 4.27
N PHE A 54 -2.57 0.74 4.81
CA PHE A 54 -3.41 -0.35 4.29
C PHE A 54 -4.91 0.01 4.29
N SER A 55 -5.37 0.77 5.28
CA SER A 55 -6.75 1.26 5.40
C SER A 55 -7.08 2.27 4.29
N CYS A 56 -6.12 3.13 3.93
CA CYS A 56 -6.32 4.29 3.07
C CYS A 56 -6.44 3.96 1.57
N PHE A 57 -5.79 2.91 1.08
CA PHE A 57 -5.94 2.41 -0.30
C PHE A 57 -7.43 2.28 -0.69
N TRP A 58 -8.23 1.69 0.20
CA TRP A 58 -9.66 1.47 0.01
C TRP A 58 -10.50 2.75 0.18
N LYS A 59 -9.92 3.82 0.75
CA LYS A 59 -10.50 5.19 0.77
C LYS A 59 -10.24 5.92 -0.56
N VAL A 60 -9.15 5.59 -1.27
CA VAL A 60 -8.95 6.01 -2.67
C VAL A 60 -9.96 5.29 -3.59
N GLY A 61 -10.33 4.05 -3.24
CA GLY A 61 -11.47 3.32 -3.81
C GLY A 61 -11.16 2.46 -5.04
N HIS A 62 -9.88 2.11 -5.27
CA HIS A 62 -9.49 1.17 -6.32
C HIS A 62 -9.94 -0.26 -6.01
N SER A 63 -10.31 -1.01 -7.05
CA SER A 63 -10.82 -2.39 -6.96
C SER A 63 -9.80 -3.40 -7.49
N ILE A 64 -9.77 -4.57 -6.86
CA ILE A 64 -8.77 -5.63 -7.10
C ILE A 64 -9.52 -6.95 -7.28
N ARG A 65 -9.19 -7.71 -8.33
CA ARG A 65 -9.95 -8.88 -8.81
C ARG A 65 -9.10 -10.16 -8.94
N HIS A 66 -7.78 -10.01 -9.03
CA HIS A 66 -6.78 -11.09 -8.88
C HIS A 66 -5.60 -10.57 -8.06
N PRO A 67 -5.78 -10.31 -6.75
CA PRO A 67 -4.82 -9.57 -5.93
C PRO A 67 -3.46 -10.25 -5.79
N ASP A 68 -3.37 -11.58 -5.84
CA ASP A 68 -2.11 -12.30 -5.83
C ASP A 68 -1.30 -12.15 -7.13
N VAL A 69 -1.90 -11.54 -8.16
CA VAL A 69 -1.27 -11.13 -9.42
C VAL A 69 -1.07 -9.60 -9.47
N GLU A 70 -2.07 -8.83 -9.05
CA GLU A 70 -2.10 -7.36 -9.22
C GLU A 70 -1.37 -6.59 -8.09
N VAL A 71 -1.43 -7.11 -6.86
CA VAL A 71 -0.77 -6.57 -5.67
C VAL A 71 0.61 -7.20 -5.55
N ASP A 72 1.58 -6.46 -6.05
CA ASP A 72 2.99 -6.75 -5.90
C ASP A 72 3.40 -6.72 -4.41
N GLY A 73 4.27 -7.62 -3.99
CA GLY A 73 4.73 -7.75 -2.59
C GLY A 73 3.82 -8.58 -1.68
N PHE A 74 2.60 -8.91 -2.12
CA PHE A 74 1.68 -9.85 -1.45
C PHE A 74 2.32 -11.21 -1.16
N SER A 75 3.24 -11.66 -2.02
CA SER A 75 4.01 -12.90 -1.85
C SER A 75 4.92 -12.91 -0.61
N GLU A 76 5.20 -11.74 -0.02
CA GLU A 76 6.01 -11.59 1.20
C GLU A 76 5.18 -11.49 2.49
N LEU A 77 3.85 -11.38 2.38
CA LEU A 77 2.93 -11.37 3.52
C LEU A 77 2.73 -12.80 4.08
N ARG A 78 2.47 -12.92 5.39
CA ARG A 78 1.98 -14.16 6.01
C ARG A 78 0.55 -14.47 5.59
N TRP A 79 0.17 -15.74 5.74
CA TRP A 79 -1.13 -16.27 5.32
C TRP A 79 -2.31 -15.46 5.90
N ASP A 80 -2.26 -15.04 7.17
CA ASP A 80 -3.32 -14.26 7.81
C ASP A 80 -3.51 -12.85 7.22
N ASP A 81 -2.44 -12.25 6.68
CA ASP A 81 -2.47 -10.94 6.04
C ASP A 81 -2.86 -11.07 4.57
N GLN A 82 -2.37 -12.10 3.87
CA GLN A 82 -2.82 -12.47 2.52
C GLN A 82 -4.33 -12.69 2.51
N GLN A 83 -4.86 -13.51 3.41
CA GLN A 83 -6.29 -13.80 3.54
C GLN A 83 -7.11 -12.53 3.85
N LYS A 84 -6.56 -11.55 4.58
CA LYS A 84 -7.21 -10.30 4.95
C LYS A 84 -7.14 -9.29 3.81
N VAL A 85 -6.04 -9.24 3.04
CA VAL A 85 -5.95 -8.41 1.82
C VAL A 85 -6.92 -8.94 0.76
N LYS A 86 -6.99 -10.26 0.55
CA LYS A 86 -7.98 -10.87 -0.35
C LYS A 86 -9.42 -10.67 0.13
N LYS A 87 -9.68 -10.84 1.43
CA LYS A 87 -10.99 -10.52 2.05
C LYS A 87 -11.37 -9.05 1.86
N THR A 88 -10.42 -8.14 2.05
CA THR A 88 -10.64 -6.69 1.89
C THR A 88 -10.87 -6.30 0.43
N ALA A 89 -10.27 -7.01 -0.54
CA ALA A 89 -10.52 -6.83 -1.96
C ALA A 89 -11.92 -7.33 -2.36
N GLU A 90 -12.40 -8.40 -1.73
CA GLU A 90 -13.79 -8.86 -1.89
C GLU A 90 -14.80 -7.92 -1.19
N ALA A 91 -14.42 -7.35 -0.04
CA ALA A 91 -15.23 -6.46 0.79
C ALA A 91 -15.31 -5.02 0.25
N GLY A 92 -14.32 -4.59 -0.55
CA GLY A 92 -14.17 -3.22 -1.05
C GLY A 92 -13.68 -2.20 0.00
N GLY A 93 -13.22 -2.66 1.16
CA GLY A 93 -12.79 -1.84 2.30
C GLY A 93 -12.83 -2.61 3.63
N VAL A 94 -11.87 -2.32 4.50
CA VAL A 94 -11.70 -2.99 5.80
C VAL A 94 -12.61 -2.39 6.88
N THR A 95 -13.09 -3.22 7.80
CA THR A 95 -14.13 -2.87 8.80
C THR A 95 -13.62 -2.11 10.02
N GLY A 96 -12.30 -2.01 10.22
CA GLY A 96 -11.68 -1.33 11.36
C GLY A 96 -10.16 -1.45 11.41
N LYS A 97 -9.57 -1.19 12.59
CA LYS A 97 -8.12 -1.28 12.90
C LYS A 97 -7.21 -0.41 12.00
N GLY A 98 -7.73 0.67 11.42
CA GLY A 98 -7.00 1.56 10.54
C GLY A 98 -5.95 2.42 11.27
N GLN A 99 -4.86 2.76 10.57
CA GLN A 99 -3.73 3.55 11.08
C GLN A 99 -4.08 5.05 11.21
N ASP A 100 -3.58 5.70 12.27
CA ASP A 100 -3.85 7.10 12.60
C ASP A 100 -2.79 7.70 13.56
N GLY A 101 -2.49 9.00 13.41
CA GLY A 101 -1.91 9.84 14.47
C GLY A 101 -0.38 9.98 14.47
N ILE A 102 0.26 9.99 13.30
CA ILE A 102 1.73 10.00 13.14
C ILE A 102 2.17 10.80 11.90
N GLY A 103 3.29 11.51 12.01
CA GLY A 103 3.88 12.35 10.96
C GLY A 103 3.63 13.85 11.13
N SER A 104 4.57 14.67 10.65
CA SER A 104 4.57 16.14 10.74
C SER A 104 5.14 16.77 9.46
N LYS A 105 4.73 18.00 9.15
CA LYS A 105 5.19 18.79 7.99
C LYS A 105 6.16 19.90 8.42
N ALA A 106 7.28 20.06 7.71
CA ALA A 106 8.39 20.92 8.15
C ALA A 106 8.17 22.43 7.92
N GLU A 107 7.43 22.79 6.87
CA GLU A 107 7.01 24.16 6.53
C GLU A 107 5.56 24.16 6.03
N LYS A 108 4.84 25.28 6.15
CA LYS A 108 3.41 25.41 5.76
C LYS A 108 3.20 25.24 4.25
N MET A 1 2.48 -12.00 -23.33
CA MET A 1 3.56 -11.72 -22.34
C MET A 1 3.37 -10.32 -21.73
N ALA A 2 3.89 -10.11 -20.52
CA ALA A 2 3.84 -8.83 -19.78
C ALA A 2 5.15 -8.54 -19.02
N GLU A 3 5.41 -7.28 -18.72
CA GLU A 3 6.60 -6.82 -17.97
C GLU A 3 6.38 -6.83 -16.46
N SER A 4 7.48 -6.90 -15.68
CA SER A 4 7.45 -6.93 -14.21
C SER A 4 6.96 -5.63 -13.55
N SER A 5 6.88 -4.53 -14.31
CA SER A 5 6.29 -3.24 -13.89
C SER A 5 4.78 -3.13 -14.12
N ASP A 6 4.15 -4.14 -14.71
CA ASP A 6 2.74 -4.05 -15.15
C ASP A 6 1.71 -4.45 -14.08
N LYS A 7 1.91 -3.96 -12.84
CA LYS A 7 0.94 -3.96 -11.75
C LYS A 7 0.32 -2.57 -11.59
N LEU A 8 -0.71 -2.47 -10.75
CA LEU A 8 -1.33 -1.19 -10.37
C LEU A 8 -1.17 -0.92 -8.87
N TYR A 9 -0.80 -1.92 -8.09
CA TYR A 9 -0.90 -1.89 -6.63
C TYR A 9 0.33 -2.55 -5.99
N ARG A 10 0.59 -2.19 -4.73
CA ARG A 10 1.70 -2.66 -3.89
C ARG A 10 1.18 -2.92 -2.47
N VAL A 11 1.73 -3.90 -1.75
CA VAL A 11 1.48 -4.16 -0.32
C VAL A 11 2.75 -4.63 0.38
N GLU A 12 2.94 -4.27 1.66
CA GLU A 12 4.06 -4.70 2.49
C GLU A 12 3.84 -4.42 3.97
N TYR A 13 4.54 -5.19 4.79
CA TYR A 13 4.89 -4.79 6.15
C TYR A 13 5.94 -3.67 6.10
N ALA A 14 5.66 -2.56 6.78
CA ALA A 14 6.49 -1.37 6.76
C ALA A 14 7.78 -1.56 7.58
N LYS A 15 8.94 -1.34 6.94
CA LYS A 15 10.29 -1.53 7.54
C LYS A 15 10.89 -0.24 8.10
N SER A 16 10.49 0.92 7.57
CA SER A 16 10.97 2.26 7.94
C SER A 16 9.91 3.34 7.64
N GLY A 17 10.03 4.50 8.29
CA GLY A 17 9.10 5.64 8.18
C GLY A 17 9.20 6.50 6.93
N ARG A 18 9.85 6.01 5.86
CA ARG A 18 10.17 6.80 4.64
C ARG A 18 8.98 7.04 3.71
N ALA A 19 7.89 6.28 3.85
CA ALA A 19 6.66 6.45 3.08
C ALA A 19 5.67 7.40 3.78
N SER A 20 4.96 8.23 3.01
CA SER A 20 3.93 9.15 3.48
C SER A 20 2.57 8.83 2.86
N CYS A 21 1.51 8.96 3.65
CA CYS A 21 0.14 8.62 3.23
C CYS A 21 -0.44 9.74 2.37
N LYS A 22 -0.64 9.46 1.08
CA LYS A 22 -1.16 10.44 0.10
C LYS A 22 -2.64 10.79 0.33
N LYS A 23 -3.34 10.04 1.18
CA LYS A 23 -4.80 10.10 1.38
C LYS A 23 -5.20 10.85 2.66
N CYS A 24 -4.63 10.50 3.82
CA CYS A 24 -4.90 11.19 5.10
C CYS A 24 -3.80 12.18 5.54
N SER A 25 -2.74 12.33 4.72
CA SER A 25 -1.66 13.33 4.85
C SER A 25 -0.81 13.23 6.13
N GLU A 26 -0.77 12.05 6.75
CA GLU A 26 0.21 11.67 7.78
C GLU A 26 1.39 10.89 7.15
N SER A 27 2.38 10.48 7.95
CA SER A 27 3.45 9.58 7.50
C SER A 27 3.33 8.19 8.13
N ILE A 28 3.67 7.16 7.35
CA ILE A 28 3.29 5.77 7.64
C ILE A 28 4.38 5.13 8.52
N PRO A 29 4.05 4.60 9.71
CA PRO A 29 5.02 4.02 10.63
C PRO A 29 5.58 2.68 10.14
N LYS A 30 6.76 2.29 10.64
CA LYS A 30 7.21 0.89 10.58
C LYS A 30 6.39 -0.01 11.52
N ASP A 31 6.51 -1.33 11.37
CA ASP A 31 5.78 -2.33 12.15
C ASP A 31 4.24 -2.15 12.05
N SER A 32 3.78 -1.91 10.82
CA SER A 32 2.37 -1.89 10.41
C SER A 32 2.25 -2.33 8.94
N LEU A 33 1.03 -2.41 8.40
CA LEU A 33 0.73 -2.83 7.03
C LEU A 33 0.41 -1.62 6.16
N ARG A 34 1.00 -1.54 4.97
CA ARG A 34 0.84 -0.43 4.01
C ARG A 34 0.72 -0.93 2.58
N MET A 35 0.12 -0.10 1.75
CA MET A 35 -0.12 -0.32 0.32
C MET A 35 0.36 0.87 -0.50
N ALA A 36 0.53 0.67 -1.81
CA ALA A 36 0.87 1.73 -2.75
C ALA A 36 0.15 1.55 -4.08
N ILE A 37 0.14 2.60 -4.91
CA ILE A 37 -0.41 2.58 -6.27
C ILE A 37 0.67 2.91 -7.29
N MET A 38 0.65 2.20 -8.43
CA MET A 38 1.68 2.25 -9.45
C MET A 38 1.27 3.19 -10.58
N VAL A 39 1.85 4.40 -10.60
CA VAL A 39 1.62 5.42 -11.66
C VAL A 39 2.87 5.64 -12.50
N GLN A 40 2.70 5.81 -13.80
CA GLN A 40 3.77 6.16 -14.74
C GLN A 40 4.26 7.60 -14.49
N SER A 41 5.54 7.78 -14.21
CA SER A 41 6.06 9.06 -13.70
C SER A 41 6.34 10.10 -14.79
N PRO A 42 5.97 11.37 -14.54
CA PRO A 42 6.49 12.49 -15.31
C PRO A 42 8.01 12.75 -15.15
N MET A 43 8.65 12.17 -14.12
CA MET A 43 10.04 12.46 -13.73
C MET A 43 10.97 11.24 -13.55
N PHE A 44 10.49 10.04 -13.86
CA PHE A 44 11.23 8.78 -13.77
C PHE A 44 10.91 7.85 -14.96
N ASP A 45 11.85 6.98 -15.31
CA ASP A 45 11.81 6.12 -16.50
C ASP A 45 11.01 4.82 -16.29
N GLY A 46 9.83 4.93 -15.67
CA GLY A 46 8.99 3.80 -15.29
C GLY A 46 7.84 4.17 -14.35
N LYS A 47 7.37 3.19 -13.58
CA LYS A 47 6.24 3.27 -12.67
C LYS A 47 6.73 3.51 -11.23
N VAL A 48 6.06 4.40 -10.49
CA VAL A 48 6.44 4.83 -9.14
C VAL A 48 5.27 4.68 -8.14
N PRO A 49 5.55 4.39 -6.84
CA PRO A 49 4.51 4.12 -5.84
C PRO A 49 3.92 5.38 -5.19
N HIS A 50 2.59 5.44 -5.07
CA HIS A 50 1.86 6.35 -4.19
C HIS A 50 1.42 5.59 -2.95
N TRP A 51 2.12 5.76 -1.83
CA TRP A 51 1.90 4.97 -0.61
C TRP A 51 0.70 5.47 0.19
N TYR A 52 0.01 4.55 0.85
CA TYR A 52 -1.03 4.84 1.82
C TYR A 52 -1.03 3.76 2.91
N HIS A 53 -1.58 4.07 4.09
CA HIS A 53 -1.91 3.02 5.08
C HIS A 53 -2.76 1.92 4.43
N PHE A 54 -2.70 0.67 4.90
CA PHE A 54 -3.52 -0.43 4.36
C PHE A 54 -5.02 -0.06 4.34
N SER A 55 -5.51 0.61 5.39
CA SER A 55 -6.91 1.04 5.52
C SER A 55 -7.24 2.27 4.68
N CYS A 56 -6.22 3.06 4.28
CA CYS A 56 -6.37 4.23 3.43
C CYS A 56 -6.45 3.89 1.92
N PHE A 57 -5.77 2.83 1.47
CA PHE A 57 -5.94 2.29 0.12
C PHE A 57 -7.42 2.04 -0.19
N TRP A 58 -8.17 1.47 0.75
CA TRP A 58 -9.62 1.22 0.61
C TRP A 58 -10.50 2.48 0.77
N LYS A 59 -9.93 3.61 1.23
CA LYS A 59 -10.55 4.96 1.10
C LYS A 59 -10.40 5.49 -0.32
N VAL A 60 -9.26 5.23 -0.98
CA VAL A 60 -9.03 5.53 -2.41
C VAL A 60 -9.90 4.61 -3.28
N GLY A 61 -10.13 3.36 -2.84
CA GLY A 61 -11.22 2.50 -3.31
C GLY A 61 -11.02 1.86 -4.69
N HIS A 62 -9.78 1.75 -5.18
CA HIS A 62 -9.47 1.09 -6.45
C HIS A 62 -9.71 -0.42 -6.35
N SER A 63 -10.46 -0.98 -7.30
CA SER A 63 -10.87 -2.39 -7.31
C SER A 63 -9.75 -3.33 -7.75
N ILE A 64 -9.67 -4.49 -7.09
CA ILE A 64 -8.66 -5.51 -7.31
C ILE A 64 -9.38 -6.84 -7.57
N ARG A 65 -9.04 -7.50 -8.69
CA ARG A 65 -9.76 -8.66 -9.25
C ARG A 65 -8.89 -9.90 -9.44
N HIS A 66 -7.57 -9.73 -9.47
CA HIS A 66 -6.57 -10.80 -9.35
C HIS A 66 -5.43 -10.34 -8.44
N PRO A 67 -5.67 -10.22 -7.11
CA PRO A 67 -4.76 -9.54 -6.19
C PRO A 67 -3.37 -10.17 -6.06
N ASP A 68 -3.24 -11.48 -6.29
CA ASP A 68 -1.94 -12.17 -6.28
C ASP A 68 -1.04 -11.72 -7.46
N VAL A 69 -1.65 -11.14 -8.50
CA VAL A 69 -1.00 -10.62 -9.71
C VAL A 69 -0.89 -9.08 -9.66
N GLU A 70 -1.92 -8.40 -9.17
CA GLU A 70 -2.05 -6.93 -9.23
C GLU A 70 -1.46 -6.21 -8.02
N VAL A 71 -1.42 -6.86 -6.86
CA VAL A 71 -0.78 -6.37 -5.64
C VAL A 71 0.63 -6.94 -5.58
N ASP A 72 1.57 -6.14 -6.05
CA ASP A 72 3.00 -6.40 -5.88
C ASP A 72 3.35 -6.47 -4.38
N GLY A 73 4.17 -7.44 -3.99
CA GLY A 73 4.53 -7.69 -2.60
C GLY A 73 3.50 -8.48 -1.79
N PHE A 74 2.41 -8.96 -2.41
CA PHE A 74 1.49 -9.92 -1.78
C PHE A 74 2.22 -11.20 -1.31
N SER A 75 3.27 -11.60 -2.03
CA SER A 75 4.16 -12.72 -1.68
C SER A 75 5.11 -12.43 -0.50
N GLU A 76 5.26 -11.17 -0.08
CA GLU A 76 6.07 -10.75 1.09
C GLU A 76 5.26 -10.82 2.40
N LEU A 77 3.93 -10.96 2.32
CA LEU A 77 3.02 -11.13 3.45
C LEU A 77 2.93 -12.58 3.94
N ARG A 78 2.42 -12.77 5.18
CA ARG A 78 1.97 -14.07 5.71
C ARG A 78 0.53 -14.37 5.32
N TRP A 79 0.15 -15.64 5.46
CA TRP A 79 -1.14 -16.20 5.02
C TRP A 79 -2.35 -15.44 5.58
N ASP A 80 -2.28 -14.97 6.84
CA ASP A 80 -3.40 -14.27 7.48
C ASP A 80 -3.65 -12.85 6.94
N ASP A 81 -2.61 -12.16 6.46
CA ASP A 81 -2.73 -10.87 5.79
C ASP A 81 -3.05 -11.07 4.30
N GLN A 82 -2.54 -12.13 3.66
CA GLN A 82 -2.93 -12.52 2.31
C GLN A 82 -4.44 -12.79 2.22
N GLN A 83 -5.01 -13.63 3.09
CA GLN A 83 -6.45 -13.95 3.04
C GLN A 83 -7.33 -12.75 3.38
N LYS A 84 -6.83 -11.79 4.17
CA LYS A 84 -7.52 -10.56 4.55
C LYS A 84 -7.38 -9.47 3.50
N VAL A 85 -6.25 -9.37 2.79
CA VAL A 85 -6.12 -8.50 1.59
C VAL A 85 -7.06 -9.00 0.48
N LYS A 86 -7.09 -10.32 0.22
CA LYS A 86 -8.05 -10.93 -0.72
C LYS A 86 -9.50 -10.69 -0.30
N LYS A 87 -9.83 -10.91 0.98
CA LYS A 87 -11.19 -10.66 1.52
C LYS A 87 -11.58 -9.18 1.45
N THR A 88 -10.65 -8.28 1.76
CA THR A 88 -10.88 -6.83 1.69
C THR A 88 -11.07 -6.33 0.25
N ALA A 89 -10.43 -6.96 -0.73
CA ALA A 89 -10.65 -6.66 -2.15
C ALA A 89 -12.04 -7.11 -2.62
N GLU A 90 -12.56 -8.23 -2.06
CA GLU A 90 -13.94 -8.66 -2.31
C GLU A 90 -14.98 -7.81 -1.54
N ALA A 91 -14.63 -7.35 -0.34
CA ALA A 91 -15.48 -6.58 0.57
C ALA A 91 -15.56 -5.07 0.22
N GLY A 92 -14.53 -4.52 -0.43
CA GLY A 92 -14.41 -3.10 -0.78
C GLY A 92 -14.03 -2.17 0.39
N GLY A 93 -13.62 -2.73 1.53
CA GLY A 93 -13.30 -2.00 2.76
C GLY A 93 -13.13 -2.92 3.97
N VAL A 94 -12.17 -2.60 4.84
CA VAL A 94 -11.85 -3.32 6.08
C VAL A 94 -12.51 -2.68 7.30
N THR A 95 -12.91 -3.50 8.27
CA THR A 95 -13.63 -3.10 9.49
C THR A 95 -12.75 -2.86 10.71
N GLY A 96 -11.53 -3.43 10.72
CA GLY A 96 -10.57 -3.22 11.81
C GLY A 96 -9.77 -1.90 11.70
N LYS A 97 -9.13 -1.51 12.80
CA LYS A 97 -8.45 -0.20 12.96
C LYS A 97 -6.96 -0.20 12.58
N GLY A 98 -6.32 -1.37 12.52
CA GLY A 98 -4.88 -1.50 12.25
C GLY A 98 -3.98 -0.92 13.35
N GLN A 99 -2.78 -0.49 12.98
CA GLN A 99 -1.80 0.17 13.86
C GLN A 99 -1.22 1.42 13.17
N ASP A 100 -1.02 2.51 13.92
CA ASP A 100 -0.58 3.81 13.40
C ASP A 100 0.43 4.52 14.34
N GLY A 101 1.12 5.54 13.82
CA GLY A 101 2.23 6.26 14.44
C GLY A 101 2.68 7.43 13.57
N ILE A 102 3.99 7.57 13.34
CA ILE A 102 4.55 8.61 12.45
C ILE A 102 5.78 8.19 11.63
N GLY A 103 6.55 7.18 12.06
CA GLY A 103 7.76 6.80 11.33
C GLY A 103 8.47 5.55 11.86
N SER A 104 9.81 5.57 11.92
CA SER A 104 10.69 4.42 12.21
C SER A 104 10.70 3.97 13.69
N LYS A 105 9.59 4.11 14.41
CA LYS A 105 9.33 3.79 15.83
C LYS A 105 10.23 4.48 16.87
N ALA A 106 11.55 4.27 16.82
CA ALA A 106 12.55 4.84 17.70
C ALA A 106 13.91 4.94 16.98
N GLU A 107 14.56 6.10 17.09
CA GLU A 107 15.86 6.42 16.50
C GLU A 107 16.82 7.07 17.53
N LYS A 108 18.14 6.98 17.27
CA LYS A 108 19.22 7.49 18.13
C LYS A 108 20.21 8.36 17.32
N MET A 1 19.45 -3.50 -15.30
CA MET A 1 18.28 -4.30 -14.90
C MET A 1 17.01 -3.81 -15.61
N ALA A 2 16.11 -4.72 -15.99
CA ALA A 2 14.85 -4.41 -16.66
C ALA A 2 13.81 -3.76 -15.72
N GLU A 3 12.84 -3.04 -16.30
CA GLU A 3 11.76 -2.36 -15.57
C GLU A 3 10.86 -3.34 -14.79
N SER A 4 10.52 -3.00 -13.55
CA SER A 4 9.77 -3.86 -12.60
C SER A 4 8.37 -3.33 -12.25
N SER A 5 7.90 -2.25 -12.88
CA SER A 5 6.61 -1.60 -12.62
C SER A 5 5.42 -2.25 -13.33
N ASP A 6 5.42 -3.59 -13.41
CA ASP A 6 4.44 -4.40 -14.13
C ASP A 6 3.27 -4.87 -13.24
N LYS A 7 2.81 -3.98 -12.35
CA LYS A 7 1.65 -4.11 -11.46
C LYS A 7 0.87 -2.79 -11.45
N LEU A 8 -0.23 -2.75 -10.73
CA LEU A 8 -0.92 -1.51 -10.36
C LEU A 8 -0.78 -1.23 -8.86
N TYR A 9 -0.60 -2.28 -8.06
CA TYR A 9 -0.84 -2.25 -6.62
C TYR A 9 0.32 -2.95 -5.90
N ARG A 10 0.57 -2.50 -4.67
CA ARG A 10 1.63 -2.97 -3.78
C ARG A 10 1.01 -3.21 -2.40
N VAL A 11 1.49 -4.20 -1.66
CA VAL A 11 1.21 -4.41 -0.23
C VAL A 11 2.46 -4.94 0.48
N GLU A 12 2.74 -4.47 1.70
CA GLU A 12 3.87 -4.94 2.50
C GLU A 12 3.73 -4.62 3.99
N TYR A 13 4.47 -5.39 4.79
CA TYR A 13 4.94 -4.96 6.10
C TYR A 13 6.03 -3.90 5.90
N ALA A 14 5.77 -2.69 6.36
CA ALA A 14 6.57 -1.50 6.10
C ALA A 14 8.02 -1.63 6.62
N LYS A 15 9.01 -1.41 5.75
CA LYS A 15 10.43 -1.62 6.03
C LYS A 15 11.11 -0.42 6.71
N SER A 16 10.69 0.80 6.35
CA SER A 16 11.26 2.07 6.80
C SER A 16 10.18 3.16 6.93
N GLY A 17 10.27 3.97 7.99
CA GLY A 17 9.35 5.07 8.31
C GLY A 17 9.61 6.36 7.53
N ARG A 18 9.76 6.26 6.20
CA ARG A 18 10.04 7.39 5.27
C ARG A 18 8.87 7.74 4.34
N ALA A 19 7.89 6.84 4.20
CA ALA A 19 6.75 7.01 3.30
C ALA A 19 5.66 7.92 3.89
N SER A 20 4.92 8.61 3.02
CA SER A 20 3.81 9.51 3.39
C SER A 20 2.51 9.06 2.74
N CYS A 21 1.43 9.09 3.53
CA CYS A 21 0.12 8.57 3.12
C CYS A 21 -0.60 9.57 2.21
N LYS A 22 -0.84 9.18 0.96
CA LYS A 22 -1.36 10.09 -0.09
C LYS A 22 -2.86 10.41 0.04
N LYS A 23 -3.57 9.79 1.00
CA LYS A 23 -5.02 9.97 1.24
C LYS A 23 -5.33 10.75 2.53
N CYS A 24 -4.77 10.34 3.67
CA CYS A 24 -5.00 11.03 4.96
C CYS A 24 -3.94 12.10 5.31
N SER A 25 -2.88 12.23 4.48
CA SER A 25 -1.78 13.21 4.60
C SER A 25 -0.93 13.09 5.86
N GLU A 26 -0.99 11.95 6.55
CA GLU A 26 -0.08 11.56 7.64
C GLU A 26 1.14 10.80 7.07
N SER A 27 1.98 10.20 7.92
CA SER A 27 3.17 9.45 7.50
C SER A 27 3.19 8.02 8.06
N ILE A 28 3.70 7.07 7.28
CA ILE A 28 3.49 5.63 7.50
C ILE A 28 4.68 5.02 8.26
N PRO A 29 4.48 4.47 9.48
CA PRO A 29 5.57 3.88 10.27
C PRO A 29 6.02 2.52 9.71
N LYS A 30 7.27 2.12 10.04
CA LYS A 30 7.74 0.73 9.84
C LYS A 30 7.06 -0.26 10.80
N ASP A 31 7.11 -1.55 10.47
CA ASP A 31 6.42 -2.63 11.19
C ASP A 31 4.89 -2.43 11.29
N SER A 32 4.29 -1.91 10.22
CA SER A 32 2.86 -1.71 10.00
C SER A 32 2.48 -2.11 8.57
N LEU A 33 1.20 -2.37 8.28
CA LEU A 33 0.74 -2.83 6.96
C LEU A 33 0.42 -1.62 6.06
N ARG A 34 1.05 -1.55 4.90
CA ARG A 34 0.90 -0.47 3.92
C ARG A 34 0.70 -1.00 2.52
N MET A 35 0.07 -0.19 1.68
CA MET A 35 -0.19 -0.44 0.26
C MET A 35 0.36 0.70 -0.60
N ALA A 36 0.56 0.47 -1.88
CA ALA A 36 1.02 1.51 -2.82
C ALA A 36 0.40 1.34 -4.21
N ILE A 37 0.53 2.37 -5.05
CA ILE A 37 -0.01 2.38 -6.43
C ILE A 37 1.04 2.79 -7.45
N MET A 38 1.07 2.13 -8.60
CA MET A 38 1.95 2.51 -9.71
C MET A 38 1.37 3.66 -10.53
N VAL A 39 2.13 4.75 -10.63
CA VAL A 39 1.85 5.86 -11.56
C VAL A 39 3.12 6.35 -12.26
N GLN A 40 2.99 6.71 -13.53
CA GLN A 40 4.05 7.32 -14.34
C GLN A 40 4.33 8.77 -13.90
N SER A 41 5.60 9.08 -13.61
CA SER A 41 6.02 10.32 -12.98
C SER A 41 6.43 11.41 -13.97
N PRO A 42 6.08 12.68 -13.69
CA PRO A 42 6.62 13.84 -14.39
C PRO A 42 8.00 14.27 -13.84
N MET A 43 8.41 13.76 -12.66
CA MET A 43 9.69 14.09 -11.99
C MET A 43 10.77 13.02 -12.17
N PHE A 44 10.37 11.75 -12.27
CA PHE A 44 11.24 10.57 -12.40
C PHE A 44 11.14 9.94 -13.79
N ASP A 45 12.18 9.22 -14.22
CA ASP A 45 12.34 8.63 -15.55
C ASP A 45 11.65 7.25 -15.68
N GLY A 46 10.38 7.17 -15.26
CA GLY A 46 9.59 5.95 -15.19
C GLY A 46 8.41 6.06 -14.22
N LYS A 47 8.06 4.96 -13.57
CA LYS A 47 6.90 4.85 -12.66
C LYS A 47 7.32 4.77 -11.20
N VAL A 48 6.47 5.31 -10.33
CA VAL A 48 6.74 5.52 -8.90
C VAL A 48 5.57 5.00 -8.04
N PRO A 49 5.84 4.49 -6.82
CA PRO A 49 4.80 4.00 -5.91
C PRO A 49 4.19 5.13 -5.07
N HIS A 50 2.87 5.22 -5.04
CA HIS A 50 2.10 6.13 -4.16
C HIS A 50 1.62 5.35 -2.93
N TRP A 51 2.34 5.47 -1.81
CA TRP A 51 2.10 4.69 -0.59
C TRP A 51 0.91 5.24 0.21
N TYR A 52 0.10 4.36 0.80
CA TYR A 52 -0.93 4.69 1.76
C TYR A 52 -0.93 3.64 2.89
N HIS A 53 -1.50 3.97 4.05
CA HIS A 53 -1.86 2.94 5.05
C HIS A 53 -2.78 1.86 4.41
N PHE A 54 -2.79 0.63 4.94
CA PHE A 54 -3.62 -0.46 4.40
C PHE A 54 -5.10 -0.06 4.16
N SER A 55 -5.74 0.61 5.13
CA SER A 55 -7.14 1.02 5.03
C SER A 55 -7.35 2.24 4.14
N CYS A 56 -6.36 3.16 4.11
CA CYS A 56 -6.40 4.37 3.30
C CYS A 56 -6.48 4.08 1.78
N PHE A 57 -5.83 3.01 1.31
CA PHE A 57 -5.94 2.51 -0.08
C PHE A 57 -7.40 2.31 -0.50
N TRP A 58 -8.18 1.61 0.32
CA TRP A 58 -9.60 1.33 0.05
C TRP A 58 -10.47 2.57 0.26
N LYS A 59 -10.06 3.48 1.15
CA LYS A 59 -10.66 4.80 1.38
C LYS A 59 -10.49 5.76 0.20
N VAL A 60 -9.53 5.53 -0.71
CA VAL A 60 -9.51 6.25 -2.02
C VAL A 60 -10.67 5.80 -2.94
N GLY A 61 -11.24 4.61 -2.70
CA GLY A 61 -12.29 3.99 -3.53
C GLY A 61 -11.75 3.01 -4.58
N HIS A 62 -10.48 2.58 -4.48
CA HIS A 62 -9.88 1.60 -5.39
C HIS A 62 -10.46 0.18 -5.21
N SER A 63 -10.44 -0.60 -6.29
CA SER A 63 -10.88 -1.99 -6.36
C SER A 63 -9.82 -2.91 -6.98
N ILE A 64 -9.85 -4.19 -6.62
CA ILE A 64 -8.89 -5.22 -7.02
C ILE A 64 -9.67 -6.52 -7.29
N ARG A 65 -9.41 -7.20 -8.41
CA ARG A 65 -10.23 -8.31 -8.94
C ARG A 65 -9.47 -9.64 -9.10
N HIS A 66 -8.14 -9.58 -9.17
CA HIS A 66 -7.24 -10.73 -9.05
C HIS A 66 -6.04 -10.35 -8.16
N PRO A 67 -6.25 -10.14 -6.85
CA PRO A 67 -5.27 -9.50 -5.97
C PRO A 67 -3.96 -10.29 -5.80
N ASP A 68 -3.99 -11.60 -5.96
CA ASP A 68 -2.78 -12.45 -5.95
C ASP A 68 -1.83 -12.12 -7.13
N VAL A 69 -2.40 -11.57 -8.21
CA VAL A 69 -1.70 -11.15 -9.43
C VAL A 69 -1.40 -9.65 -9.44
N GLU A 70 -2.35 -8.84 -8.95
CA GLU A 70 -2.30 -7.37 -9.06
C GLU A 70 -1.57 -6.68 -7.91
N VAL A 71 -1.63 -7.25 -6.71
CA VAL A 71 -0.96 -6.75 -5.51
C VAL A 71 0.42 -7.40 -5.38
N ASP A 72 1.42 -6.65 -5.79
CA ASP A 72 2.83 -6.97 -5.60
C ASP A 72 3.24 -6.86 -4.12
N GLY A 73 4.14 -7.73 -3.66
CA GLY A 73 4.61 -7.78 -2.28
C GLY A 73 3.71 -8.58 -1.32
N PHE A 74 2.53 -9.00 -1.79
CA PHE A 74 1.63 -9.95 -1.12
C PHE A 74 2.32 -11.27 -0.74
N SER A 75 3.35 -11.68 -1.49
CA SER A 75 4.21 -12.84 -1.18
C SER A 75 5.07 -12.66 0.09
N GLU A 76 5.23 -11.43 0.59
CA GLU A 76 5.98 -11.10 1.82
C GLU A 76 5.09 -11.10 3.08
N LEU A 77 3.77 -11.13 2.92
CA LEU A 77 2.78 -11.19 4.01
C LEU A 77 2.68 -12.62 4.60
N ARG A 78 2.30 -12.72 5.88
CA ARG A 78 1.84 -13.98 6.51
C ARG A 78 0.47 -14.37 5.94
N TRP A 79 0.11 -15.65 6.04
CA TRP A 79 -1.18 -16.19 5.57
C TRP A 79 -2.39 -15.39 6.09
N ASP A 80 -2.32 -14.85 7.32
CA ASP A 80 -3.42 -14.10 7.93
C ASP A 80 -3.68 -12.73 7.28
N ASP A 81 -2.64 -12.07 6.75
CA ASP A 81 -2.80 -10.85 5.96
C ASP A 81 -3.05 -11.16 4.48
N GLN A 82 -2.53 -12.27 3.95
CA GLN A 82 -2.92 -12.74 2.63
C GLN A 82 -4.44 -12.98 2.56
N GLN A 83 -5.04 -13.65 3.55
CA GLN A 83 -6.48 -13.89 3.58
C GLN A 83 -7.30 -12.61 3.86
N LYS A 84 -6.79 -11.62 4.61
CA LYS A 84 -7.50 -10.36 4.87
C LYS A 84 -7.41 -9.41 3.69
N VAL A 85 -6.29 -9.39 2.96
CA VAL A 85 -6.13 -8.56 1.75
C VAL A 85 -6.97 -9.14 0.61
N LYS A 86 -6.99 -10.47 0.43
CA LYS A 86 -7.91 -11.15 -0.50
C LYS A 86 -9.38 -10.91 -0.12
N LYS A 87 -9.75 -11.10 1.15
CA LYS A 87 -11.12 -10.85 1.63
C LYS A 87 -11.53 -9.39 1.45
N THR A 88 -10.65 -8.43 1.73
CA THR A 88 -10.92 -7.00 1.56
C THR A 88 -11.09 -6.60 0.09
N ALA A 89 -10.36 -7.26 -0.83
CA ALA A 89 -10.54 -7.06 -2.26
C ALA A 89 -11.87 -7.65 -2.75
N GLU A 90 -12.27 -8.82 -2.23
CA GLU A 90 -13.58 -9.43 -2.51
C GLU A 90 -14.75 -8.62 -1.92
N ALA A 91 -14.51 -7.99 -0.77
CA ALA A 91 -15.45 -7.11 -0.06
C ALA A 91 -15.57 -5.71 -0.69
N GLY A 92 -14.71 -5.36 -1.65
CA GLY A 92 -14.70 -4.04 -2.31
C GLY A 92 -14.19 -2.90 -1.42
N GLY A 93 -13.31 -3.20 -0.46
CA GLY A 93 -12.78 -2.27 0.54
C GLY A 93 -13.30 -2.54 1.95
N VAL A 94 -12.46 -2.26 2.95
CA VAL A 94 -12.76 -2.48 4.38
C VAL A 94 -13.76 -1.46 4.93
N THR A 95 -14.58 -1.92 5.88
CA THR A 95 -15.52 -1.09 6.66
C THR A 95 -15.36 -1.39 8.16
N GLY A 96 -15.47 -0.37 9.01
CA GLY A 96 -15.32 -0.50 10.47
C GLY A 96 -13.87 -0.62 10.94
N LYS A 97 -13.20 -1.70 10.55
CA LYS A 97 -11.78 -1.96 10.83
C LYS A 97 -10.87 -1.04 10.00
N GLY A 98 -9.66 -0.77 10.49
CA GLY A 98 -8.64 0.01 9.77
C GLY A 98 -7.26 -0.05 10.42
N GLN A 99 -6.25 0.50 9.72
CA GLN A 99 -4.87 0.59 10.19
C GLN A 99 -4.66 1.80 11.12
N ASP A 100 -3.65 1.74 11.99
CA ASP A 100 -3.34 2.78 12.98
C ASP A 100 -1.81 3.05 13.09
N GLY A 101 -1.44 4.20 13.65
CA GLY A 101 -0.07 4.64 13.89
C GLY A 101 0.49 5.58 12.83
N ILE A 102 1.46 6.42 13.25
CA ILE A 102 2.18 7.40 12.43
C ILE A 102 3.69 7.24 12.59
N GLY A 103 4.46 7.53 11.55
CA GLY A 103 5.93 7.57 11.62
C GLY A 103 6.59 8.30 10.44
N SER A 104 7.58 9.13 10.74
CA SER A 104 8.36 9.92 9.79
C SER A 104 9.77 10.17 10.31
N LYS A 105 10.74 10.39 9.40
CA LYS A 105 12.07 10.93 9.73
C LYS A 105 12.53 11.90 8.63
N ALA A 106 12.43 13.19 8.93
CA ALA A 106 12.86 14.33 8.12
C ALA A 106 12.98 15.58 9.03
N GLU A 107 13.97 16.42 8.78
CA GLU A 107 14.18 17.69 9.49
C GLU A 107 13.23 18.80 8.98
N LYS A 108 12.87 19.73 9.87
CA LYS A 108 11.97 20.89 9.60
C LYS A 108 12.41 22.12 10.39
N MET A 1 18.20 -1.21 -8.10
CA MET A 1 16.98 -0.86 -8.89
C MET A 1 16.08 -2.08 -9.02
N ALA A 2 14.75 -1.88 -9.04
CA ALA A 2 13.76 -2.95 -9.19
C ALA A 2 13.73 -3.55 -10.62
N GLU A 3 13.29 -4.81 -10.73
CA GLU A 3 13.19 -5.53 -12.02
C GLU A 3 11.97 -5.13 -12.85
N SER A 4 10.93 -4.56 -12.23
CA SER A 4 9.70 -4.13 -12.89
C SER A 4 8.91 -3.13 -12.05
N SER A 5 8.13 -2.28 -12.72
CA SER A 5 7.22 -1.29 -12.12
C SER A 5 5.86 -1.22 -12.82
N ASP A 6 5.45 -2.29 -13.50
CA ASP A 6 4.17 -2.39 -14.21
C ASP A 6 3.21 -3.43 -13.57
N LYS A 7 3.16 -3.39 -12.23
CA LYS A 7 2.20 -4.10 -11.37
C LYS A 7 1.54 -3.07 -10.45
N LEU A 8 0.31 -2.72 -10.79
CA LEU A 8 -0.30 -1.44 -10.45
C LEU A 8 -0.68 -1.29 -8.97
N TYR A 9 -0.63 -2.37 -8.19
CA TYR A 9 -0.81 -2.36 -6.74
C TYR A 9 0.37 -3.04 -6.04
N ARG A 10 0.67 -2.62 -4.81
CA ARG A 10 1.68 -3.18 -3.92
C ARG A 10 1.09 -3.29 -2.51
N VAL A 11 1.47 -4.32 -1.75
CA VAL A 11 1.22 -4.48 -0.30
C VAL A 11 2.46 -5.03 0.41
N GLU A 12 2.71 -4.60 1.65
CA GLU A 12 3.84 -5.09 2.46
C GLU A 12 3.74 -4.70 3.93
N TYR A 13 4.51 -5.40 4.75
CA TYR A 13 4.96 -4.92 6.04
C TYR A 13 6.08 -3.90 5.83
N ALA A 14 5.84 -2.65 6.19
CA ALA A 14 6.71 -1.51 5.90
C ALA A 14 8.16 -1.69 6.38
N LYS A 15 9.12 -1.15 5.61
CA LYS A 15 10.56 -1.15 5.97
C LYS A 15 11.13 0.24 6.26
N SER A 16 10.28 1.27 6.19
CA SER A 16 10.58 2.65 6.60
C SER A 16 9.41 3.28 7.37
N GLY A 17 9.72 4.22 8.26
CA GLY A 17 8.76 5.12 8.91
C GLY A 17 8.57 6.45 8.17
N ARG A 18 8.95 6.49 6.87
CA ARG A 18 9.17 7.71 6.07
C ARG A 18 8.33 7.82 4.80
N ALA A 19 7.71 6.72 4.36
CA ALA A 19 6.70 6.76 3.30
C ALA A 19 5.46 7.54 3.78
N SER A 20 4.90 8.38 2.92
CA SER A 20 3.80 9.29 3.28
C SER A 20 2.48 8.84 2.66
N CYS A 21 1.40 8.98 3.43
CA CYS A 21 0.07 8.58 2.99
C CYS A 21 -0.54 9.62 2.05
N LYS A 22 -0.90 9.18 0.84
CA LYS A 22 -1.42 10.06 -0.24
C LYS A 22 -2.93 10.35 -0.12
N LYS A 23 -3.60 9.78 0.89
CA LYS A 23 -5.05 9.93 1.14
C LYS A 23 -5.36 10.73 2.42
N CYS A 24 -4.76 10.39 3.56
CA CYS A 24 -4.98 11.12 4.83
C CYS A 24 -3.85 12.12 5.20
N SER A 25 -2.81 12.22 4.36
CA SER A 25 -1.69 13.17 4.46
C SER A 25 -0.82 13.05 5.72
N GLU A 26 -0.89 11.91 6.42
CA GLU A 26 0.02 11.54 7.51
C GLU A 26 1.21 10.70 6.96
N SER A 27 1.98 10.05 7.84
CA SER A 27 3.11 9.19 7.50
C SER A 27 2.86 7.75 7.96
N ILE A 28 3.57 6.81 7.34
CA ILE A 28 3.34 5.38 7.46
C ILE A 28 4.49 4.74 8.27
N PRO A 29 4.24 4.12 9.44
CA PRO A 29 5.29 3.61 10.32
C PRO A 29 5.88 2.27 9.86
N LYS A 30 7.16 2.04 10.19
CA LYS A 30 7.89 0.78 9.92
C LYS A 30 7.24 -0.44 10.59
N ASP A 31 7.28 -1.58 9.90
CA ASP A 31 6.68 -2.87 10.26
C ASP A 31 5.19 -2.79 10.65
N SER A 32 4.45 -1.92 9.96
CA SER A 32 2.99 -1.87 9.88
C SER A 32 2.56 -2.16 8.43
N LEU A 33 1.27 -2.44 8.21
CA LEU A 33 0.78 -2.89 6.91
C LEU A 33 0.48 -1.68 6.02
N ARG A 34 1.09 -1.64 4.83
CA ARG A 34 0.96 -0.55 3.85
C ARG A 34 0.74 -1.07 2.44
N MET A 35 0.13 -0.24 1.61
CA MET A 35 -0.13 -0.47 0.20
C MET A 35 0.46 0.65 -0.67
N ALA A 36 0.71 0.37 -1.94
CA ALA A 36 1.25 1.34 -2.89
C ALA A 36 0.63 1.19 -4.28
N ILE A 37 0.81 2.19 -5.14
CA ILE A 37 0.30 2.22 -6.52
C ILE A 37 1.41 2.65 -7.48
N MET A 38 1.56 1.96 -8.62
CA MET A 38 2.52 2.38 -9.65
C MET A 38 1.89 3.41 -10.60
N VAL A 39 2.47 4.61 -10.65
CA VAL A 39 2.07 5.68 -11.60
C VAL A 39 3.28 6.32 -12.28
N GLN A 40 3.12 6.74 -13.53
CA GLN A 40 4.12 7.54 -14.27
C GLN A 40 4.22 8.96 -13.69
N SER A 41 5.44 9.38 -13.34
CA SER A 41 5.68 10.62 -12.61
C SER A 41 5.73 11.86 -13.51
N PRO A 42 5.15 12.99 -13.06
CA PRO A 42 5.39 14.30 -13.67
C PRO A 42 6.79 14.88 -13.38
N MET A 43 7.51 14.35 -12.38
CA MET A 43 8.80 14.87 -11.89
C MET A 43 9.98 13.92 -12.11
N PHE A 44 9.73 12.61 -12.22
CA PHE A 44 10.72 11.56 -12.42
C PHE A 44 10.57 10.87 -13.80
N ASP A 45 11.66 10.31 -14.30
CA ASP A 45 11.76 9.74 -15.66
C ASP A 45 11.38 8.23 -15.67
N GLY A 46 10.17 7.91 -15.19
CA GLY A 46 9.68 6.55 -15.04
C GLY A 46 8.48 6.47 -14.10
N LYS A 47 8.29 5.29 -13.51
CA LYS A 47 7.17 4.94 -12.62
C LYS A 47 7.58 5.09 -11.16
N VAL A 48 6.68 5.58 -10.32
CA VAL A 48 6.90 5.86 -8.89
C VAL A 48 5.78 5.27 -8.02
N PRO A 49 6.08 4.82 -6.78
CA PRO A 49 5.08 4.26 -5.87
C PRO A 49 4.34 5.36 -5.09
N HIS A 50 3.00 5.33 -5.12
CA HIS A 50 2.14 6.14 -4.25
C HIS A 50 1.71 5.30 -3.06
N TRP A 51 2.39 5.47 -1.93
CA TRP A 51 2.13 4.70 -0.71
C TRP A 51 0.88 5.22 0.03
N TYR A 52 0.18 4.33 0.72
CA TYR A 52 -0.87 4.69 1.67
C TYR A 52 -0.89 3.65 2.81
N HIS A 53 -1.49 4.00 3.95
CA HIS A 53 -1.87 3.01 4.98
C HIS A 53 -2.77 1.92 4.35
N PHE A 54 -2.77 0.71 4.91
CA PHE A 54 -3.56 -0.40 4.34
C PHE A 54 -5.04 -0.04 4.14
N SER A 55 -5.68 0.62 5.11
CA SER A 55 -7.10 0.98 5.03
C SER A 55 -7.33 2.16 4.08
N CYS A 56 -6.39 3.11 4.01
CA CYS A 56 -6.45 4.30 3.17
C CYS A 56 -6.52 3.98 1.66
N PHE A 57 -5.85 2.93 1.20
CA PHE A 57 -5.95 2.41 -0.17
C PHE A 57 -7.42 2.16 -0.56
N TRP A 58 -8.21 1.56 0.33
CA TRP A 58 -9.63 1.28 0.11
C TRP A 58 -10.52 2.52 0.30
N LYS A 59 -10.06 3.53 1.05
CA LYS A 59 -10.70 4.87 1.15
C LYS A 59 -10.55 5.66 -0.15
N VAL A 60 -9.55 5.35 -1.00
CA VAL A 60 -9.44 5.89 -2.37
C VAL A 60 -10.49 5.28 -3.31
N GLY A 61 -11.11 4.15 -2.94
CA GLY A 61 -12.20 3.51 -3.68
C GLY A 61 -11.77 2.47 -4.72
N HIS A 62 -10.52 1.99 -4.67
CA HIS A 62 -10.03 0.91 -5.53
C HIS A 62 -10.70 -0.44 -5.22
N SER A 63 -10.79 -1.30 -6.23
CA SER A 63 -11.26 -2.69 -6.13
C SER A 63 -10.39 -3.60 -7.00
N ILE A 64 -9.91 -4.68 -6.41
CA ILE A 64 -8.83 -5.53 -6.97
C ILE A 64 -9.44 -6.88 -7.35
N ARG A 65 -9.21 -7.30 -8.59
CA ARG A 65 -10.01 -8.34 -9.28
C ARG A 65 -9.25 -9.66 -9.48
N HIS A 66 -7.92 -9.63 -9.36
CA HIS A 66 -7.05 -10.79 -9.21
C HIS A 66 -5.86 -10.45 -8.30
N PRO A 67 -6.09 -10.26 -6.97
CA PRO A 67 -5.15 -9.58 -6.09
C PRO A 67 -3.80 -10.29 -5.91
N ASP A 68 -3.74 -11.62 -5.94
CA ASP A 68 -2.48 -12.36 -5.87
C ASP A 68 -1.63 -12.23 -7.16
N VAL A 69 -2.19 -11.65 -8.22
CA VAL A 69 -1.51 -11.26 -9.46
C VAL A 69 -1.18 -9.76 -9.47
N GLU A 70 -2.13 -8.91 -9.07
CA GLU A 70 -2.03 -7.44 -9.21
C GLU A 70 -1.32 -6.74 -8.05
N VAL A 71 -1.42 -7.29 -6.84
CA VAL A 71 -0.77 -6.80 -5.63
C VAL A 71 0.60 -7.44 -5.51
N ASP A 72 1.59 -6.71 -5.99
CA ASP A 72 3.00 -6.99 -5.76
C ASP A 72 3.33 -6.93 -4.25
N GLY A 73 4.22 -7.81 -3.77
CA GLY A 73 4.55 -7.94 -2.35
C GLY A 73 3.53 -8.72 -1.51
N PHE A 74 2.41 -9.15 -2.08
CA PHE A 74 1.45 -10.06 -1.44
C PHE A 74 2.12 -11.38 -0.99
N SER A 75 3.14 -11.83 -1.73
CA SER A 75 3.99 -12.99 -1.40
C SER A 75 4.92 -12.77 -0.20
N GLU A 76 5.12 -11.52 0.24
CA GLU A 76 5.91 -11.15 1.43
C GLU A 76 5.07 -11.11 2.73
N LEU A 77 3.74 -11.15 2.61
CA LEU A 77 2.80 -11.24 3.74
C LEU A 77 2.69 -12.66 4.30
N ARG A 78 2.26 -12.78 5.56
CA ARG A 78 1.76 -14.04 6.16
C ARG A 78 0.31 -14.33 5.78
N TRP A 79 -0.10 -15.57 5.97
CA TRP A 79 -1.42 -16.10 5.57
C TRP A 79 -2.60 -15.26 6.11
N ASP A 80 -2.51 -14.73 7.32
CA ASP A 80 -3.59 -13.95 7.95
C ASP A 80 -3.80 -12.56 7.30
N ASP A 81 -2.75 -11.95 6.76
CA ASP A 81 -2.84 -10.71 6.00
C ASP A 81 -3.15 -10.98 4.53
N GLN A 82 -2.69 -12.09 3.95
CA GLN A 82 -3.12 -12.54 2.63
C GLN A 82 -4.65 -12.75 2.58
N GLN A 83 -5.22 -13.49 3.54
CA GLN A 83 -6.67 -13.73 3.58
C GLN A 83 -7.48 -12.45 3.88
N LYS A 84 -6.91 -11.47 4.59
CA LYS A 84 -7.56 -10.19 4.93
C LYS A 84 -7.44 -9.19 3.79
N VAL A 85 -6.33 -9.16 3.05
CA VAL A 85 -6.21 -8.37 1.81
C VAL A 85 -7.15 -8.92 0.74
N LYS A 86 -7.23 -10.26 0.57
CA LYS A 86 -8.17 -10.88 -0.37
C LYS A 86 -9.64 -10.74 0.07
N LYS A 87 -9.94 -10.82 1.37
CA LYS A 87 -11.27 -10.47 1.90
C LYS A 87 -11.61 -9.01 1.59
N THR A 88 -10.67 -8.09 1.83
CA THR A 88 -10.88 -6.65 1.64
C THR A 88 -11.03 -6.28 0.16
N ALA A 89 -10.37 -7.00 -0.75
CA ALA A 89 -10.54 -6.87 -2.20
C ALA A 89 -11.93 -7.35 -2.66
N GLU A 90 -12.46 -8.40 -2.03
CA GLU A 90 -13.82 -8.88 -2.29
C GLU A 90 -14.90 -7.98 -1.64
N ALA A 91 -14.60 -7.42 -0.47
CA ALA A 91 -15.51 -6.64 0.37
C ALA A 91 -15.60 -5.14 -0.03
N GLY A 92 -14.54 -4.58 -0.61
CA GLY A 92 -14.37 -3.13 -0.82
C GLY A 92 -14.12 -2.36 0.49
N GLY A 93 -13.83 -3.05 1.60
CA GLY A 93 -13.66 -2.49 2.94
C GLY A 93 -13.43 -3.60 3.99
N VAL A 94 -12.48 -3.37 4.89
CA VAL A 94 -12.04 -4.38 5.87
C VAL A 94 -12.98 -4.52 7.06
N THR A 95 -13.67 -3.43 7.44
CA THR A 95 -14.68 -3.31 8.51
C THR A 95 -14.24 -3.54 9.95
N GLY A 96 -13.20 -4.33 10.19
CA GLY A 96 -12.67 -4.53 11.53
C GLY A 96 -11.79 -3.38 12.02
N LYS A 97 -11.64 -3.24 13.34
CA LYS A 97 -10.88 -2.17 14.01
C LYS A 97 -9.36 -2.41 13.95
N GLY A 98 -8.59 -1.32 14.09
CA GLY A 98 -7.12 -1.32 14.08
C GLY A 98 -6.53 0.06 14.40
N GLN A 99 -5.21 0.21 14.24
CA GLN A 99 -4.47 1.46 14.46
C GLN A 99 -3.47 1.74 13.31
N ASP A 100 -3.27 3.03 13.00
CA ASP A 100 -2.40 3.51 11.91
C ASP A 100 -1.94 4.97 12.14
N GLY A 101 -0.95 5.43 11.36
CA GLY A 101 -0.47 6.82 11.34
C GLY A 101 0.73 7.12 12.24
N ILE A 102 1.69 7.87 11.70
CA ILE A 102 2.81 8.52 12.40
C ILE A 102 3.11 9.90 11.78
N GLY A 103 3.92 10.72 12.46
CA GLY A 103 4.41 12.01 11.96
C GLY A 103 5.46 12.63 12.89
N SER A 104 6.50 13.24 12.31
CA SER A 104 7.64 13.81 13.04
C SER A 104 7.42 15.26 13.52
N LYS A 105 6.39 15.94 13.03
CA LYS A 105 6.00 17.32 13.39
C LYS A 105 4.48 17.50 13.30
N ALA A 106 3.91 18.30 14.20
CA ALA A 106 2.47 18.58 14.32
C ALA A 106 2.08 20.05 14.06
N GLU A 107 3.02 20.87 13.58
CA GLU A 107 2.80 22.28 13.23
C GLU A 107 2.20 22.45 11.82
N LYS A 108 1.45 23.54 11.61
CA LYS A 108 0.82 23.92 10.33
C LYS A 108 0.84 25.44 10.12
N MET A 1 17.96 -9.86 -13.43
CA MET A 1 16.63 -9.72 -12.80
C MET A 1 16.56 -8.42 -12.01
N ALA A 2 15.43 -7.70 -12.10
CA ALA A 2 15.15 -6.45 -11.37
C ALA A 2 13.65 -6.34 -10.99
N GLU A 3 13.32 -5.43 -10.07
CA GLU A 3 11.93 -5.11 -9.69
C GLU A 3 11.16 -4.50 -10.87
N SER A 4 9.97 -5.03 -11.16
CA SER A 4 9.12 -4.65 -12.30
C SER A 4 7.82 -3.94 -11.88
N SER A 5 7.32 -3.05 -12.74
CA SER A 5 6.12 -2.22 -12.50
C SER A 5 4.92 -2.60 -13.38
N ASP A 6 4.86 -3.84 -13.86
CA ASP A 6 3.74 -4.36 -14.66
C ASP A 6 2.51 -4.75 -13.82
N LYS A 7 2.20 -3.95 -12.79
CA LYS A 7 1.11 -4.07 -11.82
C LYS A 7 0.43 -2.71 -11.68
N LEU A 8 -0.62 -2.66 -10.88
CA LEU A 8 -1.27 -1.42 -10.44
C LEU A 8 -1.05 -1.14 -8.97
N TYR A 9 -0.78 -2.18 -8.18
CA TYR A 9 -0.92 -2.15 -6.73
C TYR A 9 0.27 -2.84 -6.06
N ARG A 10 0.57 -2.41 -4.83
CA ARG A 10 1.65 -2.92 -3.98
C ARG A 10 1.10 -3.10 -2.57
N VAL A 11 1.56 -4.12 -1.84
CA VAL A 11 1.33 -4.32 -0.39
C VAL A 11 2.60 -4.84 0.28
N GLU A 12 2.88 -4.41 1.51
CA GLU A 12 4.05 -4.81 2.29
C GLU A 12 3.93 -4.37 3.75
N TYR A 13 4.72 -4.99 4.60
CA TYR A 13 5.02 -4.46 5.93
C TYR A 13 6.04 -3.32 5.86
N ALA A 14 5.83 -2.27 6.66
CA ALA A 14 6.67 -1.09 6.73
C ALA A 14 7.97 -1.37 7.52
N LYS A 15 9.00 -1.88 6.84
CA LYS A 15 10.33 -2.17 7.43
C LYS A 15 10.96 -0.93 8.06
N SER A 16 10.74 0.24 7.46
CA SER A 16 10.82 1.54 8.14
C SER A 16 9.79 2.53 7.57
N GLY A 17 9.34 3.45 8.42
CA GLY A 17 8.26 4.41 8.16
C GLY A 17 8.71 5.69 7.43
N ARG A 18 9.39 5.54 6.29
CA ARG A 18 9.83 6.68 5.43
C ARG A 18 8.78 7.09 4.39
N ALA A 19 7.78 6.23 4.12
CA ALA A 19 6.70 6.50 3.19
C ALA A 19 5.65 7.47 3.77
N SER A 20 4.99 8.23 2.89
CA SER A 20 3.97 9.23 3.24
C SER A 20 2.61 8.83 2.64
N CYS A 21 1.55 8.92 3.43
CA CYS A 21 0.20 8.54 3.01
C CYS A 21 -0.42 9.63 2.12
N LYS A 22 -0.77 9.25 0.89
CA LYS A 22 -1.28 10.18 -0.16
C LYS A 22 -2.77 10.54 0.03
N LYS A 23 -3.47 9.87 0.96
CA LYS A 23 -4.91 10.03 1.21
C LYS A 23 -5.24 10.84 2.47
N CYS A 24 -4.64 10.49 3.62
CA CYS A 24 -4.85 11.21 4.89
C CYS A 24 -3.73 12.22 5.25
N SER A 25 -2.68 12.30 4.42
CA SER A 25 -1.57 13.27 4.50
C SER A 25 -0.71 13.21 5.78
N GLU A 26 -0.71 12.06 6.46
CA GLU A 26 0.25 11.71 7.54
C GLU A 26 1.38 10.83 6.98
N SER A 27 2.33 10.40 7.82
CA SER A 27 3.43 9.52 7.42
C SER A 27 3.29 8.12 8.00
N ILE A 28 3.54 7.10 7.19
CA ILE A 28 3.14 5.73 7.49
C ILE A 28 4.09 5.12 8.55
N PRO A 29 3.57 4.58 9.67
CA PRO A 29 4.41 4.11 10.77
C PRO A 29 5.20 2.84 10.44
N LYS A 30 6.41 2.75 11.02
CA LYS A 30 7.23 1.53 11.07
C LYS A 30 6.45 0.36 11.73
N ASP A 31 6.71 -0.87 11.27
CA ASP A 31 6.09 -2.12 11.76
C ASP A 31 4.55 -2.12 11.70
N SER A 32 4.01 -1.68 10.55
CA SER A 32 2.58 -1.69 10.20
C SER A 32 2.39 -2.14 8.74
N LEU A 33 1.15 -2.36 8.30
CA LEU A 33 0.82 -2.81 6.94
C LEU A 33 0.51 -1.59 6.04
N ARG A 34 1.07 -1.55 4.83
CA ARG A 34 0.93 -0.46 3.86
C ARG A 34 0.71 -0.98 2.44
N MET A 35 0.10 -0.15 1.61
CA MET A 35 -0.18 -0.38 0.20
C MET A 35 0.34 0.77 -0.66
N ALA A 36 0.53 0.53 -1.95
CA ALA A 36 0.95 1.55 -2.91
C ALA A 36 0.28 1.38 -4.27
N ILE A 37 0.35 2.41 -5.13
CA ILE A 37 -0.21 2.41 -6.49
C ILE A 37 0.84 2.76 -7.53
N MET A 38 0.82 2.07 -8.67
CA MET A 38 1.75 2.33 -9.78
C MET A 38 1.24 3.44 -10.70
N VAL A 39 2.03 4.51 -10.83
CA VAL A 39 1.81 5.59 -11.81
C VAL A 39 3.12 6.01 -12.50
N GLN A 40 3.02 6.35 -13.79
CA GLN A 40 4.11 6.91 -14.59
C GLN A 40 4.40 8.36 -14.19
N SER A 41 5.66 8.67 -13.87
CA SER A 41 6.06 9.96 -13.31
C SER A 41 6.33 11.03 -14.36
N PRO A 42 5.97 12.30 -14.07
CA PRO A 42 6.44 13.45 -14.82
C PRO A 42 7.87 13.91 -14.42
N MET A 43 8.45 13.37 -13.33
CA MET A 43 9.78 13.76 -12.82
C MET A 43 10.83 12.62 -12.79
N PHE A 44 10.38 11.36 -12.72
CA PHE A 44 11.22 10.17 -12.72
C PHE A 44 11.14 9.44 -14.09
N ASP A 45 12.20 8.73 -14.46
CA ASP A 45 12.39 8.09 -15.77
C ASP A 45 11.70 6.70 -15.87
N GLY A 46 10.47 6.61 -15.36
CA GLY A 46 9.66 5.39 -15.29
C GLY A 46 8.45 5.55 -14.37
N LYS A 47 8.07 4.46 -13.69
CA LYS A 47 6.89 4.41 -12.81
C LYS A 47 7.27 4.37 -11.34
N VAL A 48 6.42 4.95 -10.51
CA VAL A 48 6.66 5.22 -9.08
C VAL A 48 5.47 4.78 -8.22
N PRO A 49 5.71 4.34 -6.97
CA PRO A 49 4.64 3.94 -6.05
C PRO A 49 4.05 5.13 -5.27
N HIS A 50 2.72 5.23 -5.25
CA HIS A 50 1.96 6.17 -4.39
C HIS A 50 1.49 5.43 -3.14
N TRP A 51 2.16 5.64 -2.01
CA TRP A 51 1.94 4.90 -0.76
C TRP A 51 0.71 5.37 0.00
N TYR A 52 0.04 4.46 0.69
CA TYR A 52 -0.99 4.77 1.67
C TYR A 52 -1.00 3.72 2.79
N HIS A 53 -1.59 4.04 3.94
CA HIS A 53 -1.94 3.03 4.96
C HIS A 53 -2.82 1.93 4.33
N PHE A 54 -2.80 0.71 4.88
CA PHE A 54 -3.58 -0.41 4.34
C PHE A 54 -5.08 -0.08 4.18
N SER A 55 -5.70 0.60 5.16
CA SER A 55 -7.13 0.98 5.09
C SER A 55 -7.36 2.18 4.16
N CYS A 56 -6.41 3.14 4.15
CA CYS A 56 -6.48 4.33 3.31
C CYS A 56 -6.55 4.00 1.81
N PHE A 57 -5.87 2.94 1.33
CA PHE A 57 -5.94 2.44 -0.05
C PHE A 57 -7.40 2.25 -0.52
N TRP A 58 -8.21 1.55 0.29
CA TRP A 58 -9.62 1.26 -0.03
C TRP A 58 -10.50 2.51 0.12
N LYS A 59 -10.11 3.42 1.02
CA LYS A 59 -10.71 4.75 1.23
C LYS A 59 -10.46 5.71 0.07
N VAL A 60 -9.46 5.47 -0.80
CA VAL A 60 -9.35 6.17 -2.12
C VAL A 60 -10.51 5.79 -3.05
N GLY A 61 -11.12 4.62 -2.87
CA GLY A 61 -12.16 4.04 -3.74
C GLY A 61 -11.63 3.03 -4.77
N HIS A 62 -10.36 2.63 -4.68
CA HIS A 62 -9.79 1.55 -5.50
C HIS A 62 -10.32 0.17 -5.07
N SER A 63 -10.37 -0.75 -6.04
CA SER A 63 -10.83 -2.14 -5.89
C SER A 63 -9.98 -3.08 -6.76
N ILE A 64 -9.90 -4.35 -6.37
CA ILE A 64 -8.93 -5.34 -6.89
C ILE A 64 -9.68 -6.64 -7.19
N ARG A 65 -9.47 -7.22 -8.38
CA ARG A 65 -10.27 -8.34 -8.94
C ARG A 65 -9.47 -9.64 -9.13
N HIS A 66 -8.15 -9.55 -9.23
CA HIS A 66 -7.21 -10.67 -9.14
C HIS A 66 -6.00 -10.28 -8.30
N PRO A 67 -6.18 -10.05 -6.98
CA PRO A 67 -5.16 -9.46 -6.11
C PRO A 67 -3.86 -10.25 -6.00
N ASP A 68 -3.89 -11.57 -6.20
CA ASP A 68 -2.70 -12.41 -6.23
C ASP A 68 -1.77 -12.06 -7.42
N VAL A 69 -2.34 -11.45 -8.46
CA VAL A 69 -1.67 -10.97 -9.68
C VAL A 69 -1.41 -9.45 -9.62
N GLU A 70 -2.37 -8.69 -9.11
CA GLU A 70 -2.37 -7.21 -9.18
C GLU A 70 -1.62 -6.53 -8.03
N VAL A 71 -1.59 -7.16 -6.85
CA VAL A 71 -0.87 -6.68 -5.66
C VAL A 71 0.51 -7.29 -5.62
N ASP A 72 1.47 -6.49 -6.05
CA ASP A 72 2.90 -6.72 -5.92
C ASP A 72 3.33 -6.69 -4.44
N GLY A 73 4.30 -7.52 -4.03
CA GLY A 73 4.79 -7.61 -2.65
C GLY A 73 3.91 -8.45 -1.70
N PHE A 74 2.71 -8.84 -2.14
CA PHE A 74 1.81 -9.78 -1.46
C PHE A 74 2.48 -11.14 -1.14
N SER A 75 3.49 -11.54 -1.91
CA SER A 75 4.36 -12.69 -1.66
C SER A 75 5.16 -12.61 -0.35
N GLU A 76 5.37 -11.40 0.19
CA GLU A 76 6.12 -11.17 1.43
C GLU A 76 5.25 -11.26 2.70
N LEU A 77 3.92 -11.24 2.54
CA LEU A 77 2.93 -11.27 3.64
C LEU A 77 2.78 -12.69 4.23
N ARG A 78 2.43 -12.75 5.52
CA ARG A 78 1.96 -13.99 6.17
C ARG A 78 0.58 -14.41 5.67
N TRP A 79 0.25 -15.68 5.88
CA TRP A 79 -1.01 -16.29 5.44
C TRP A 79 -2.24 -15.50 5.90
N ASP A 80 -2.27 -15.02 7.15
CA ASP A 80 -3.39 -14.25 7.71
C ASP A 80 -3.59 -12.88 7.03
N ASP A 81 -2.52 -12.27 6.52
CA ASP A 81 -2.54 -10.99 5.82
C ASP A 81 -2.83 -11.19 4.33
N GLN A 82 -2.32 -12.25 3.72
CA GLN A 82 -2.74 -12.68 2.38
C GLN A 82 -4.24 -12.95 2.33
N GLN A 83 -4.78 -13.67 3.31
CA GLN A 83 -6.22 -13.91 3.46
C GLN A 83 -7.00 -12.61 3.65
N LYS A 84 -6.54 -11.67 4.48
CA LYS A 84 -7.24 -10.42 4.79
C LYS A 84 -7.14 -9.44 3.62
N VAL A 85 -6.03 -9.40 2.88
CA VAL A 85 -5.92 -8.57 1.66
C VAL A 85 -6.84 -9.13 0.58
N LYS A 86 -6.90 -10.46 0.38
CA LYS A 86 -7.85 -11.09 -0.55
C LYS A 86 -9.31 -10.89 -0.13
N LYS A 87 -9.65 -11.06 1.15
CA LYS A 87 -11.01 -10.82 1.67
C LYS A 87 -11.39 -9.34 1.62
N THR A 88 -10.45 -8.42 1.87
CA THR A 88 -10.65 -6.97 1.75
C THR A 88 -10.84 -6.52 0.30
N ALA A 89 -10.21 -7.22 -0.67
CA ALA A 89 -10.43 -7.00 -2.10
C ALA A 89 -11.82 -7.50 -2.52
N GLU A 90 -12.28 -8.64 -1.98
CA GLU A 90 -13.65 -9.12 -2.20
C GLU A 90 -14.71 -8.24 -1.54
N ALA A 91 -14.38 -7.66 -0.37
CA ALA A 91 -15.23 -6.77 0.42
C ALA A 91 -15.26 -5.31 -0.08
N GLY A 92 -14.28 -4.90 -0.89
CA GLY A 92 -14.11 -3.54 -1.37
C GLY A 92 -13.63 -2.54 -0.30
N GLY A 93 -12.92 -3.02 0.73
CA GLY A 93 -12.44 -2.23 1.88
C GLY A 93 -12.90 -2.78 3.23
N VAL A 94 -12.07 -2.52 4.25
CA VAL A 94 -12.30 -2.87 5.67
C VAL A 94 -11.80 -1.77 6.60
N THR A 95 -12.47 -1.61 7.75
CA THR A 95 -12.18 -0.62 8.81
C THR A 95 -12.31 -1.25 10.20
N GLY A 96 -11.70 -0.62 11.22
CA GLY A 96 -11.70 -1.12 12.60
C GLY A 96 -10.95 -0.23 13.59
N LYS A 97 -10.67 -0.77 14.78
CA LYS A 97 -10.03 -0.07 15.93
C LYS A 97 -8.73 -0.75 16.36
N GLY A 98 -7.80 0.01 16.94
CA GLY A 98 -6.50 -0.46 17.42
C GLY A 98 -5.54 0.67 17.79
N GLN A 99 -4.26 0.34 17.95
CA GLN A 99 -3.17 1.29 18.23
C GLN A 99 -2.90 2.25 17.06
N ASP A 100 -2.27 3.39 17.36
CA ASP A 100 -1.99 4.47 16.39
C ASP A 100 -0.53 4.97 16.51
N GLY A 101 0.04 5.46 15.40
CA GLY A 101 1.41 5.98 15.32
C GLY A 101 1.73 6.65 13.97
N ILE A 102 2.91 7.27 13.86
CA ILE A 102 3.36 8.04 12.69
C ILE A 102 4.85 7.82 12.39
N GLY A 103 5.18 7.65 11.11
CA GLY A 103 6.56 7.70 10.58
C GLY A 103 7.59 6.76 11.22
N SER A 104 8.84 7.23 11.30
CA SER A 104 9.99 6.53 11.89
C SER A 104 11.08 7.53 12.34
N LYS A 105 12.09 7.04 13.08
CA LYS A 105 13.15 7.84 13.72
C LYS A 105 14.05 8.57 12.72
N ALA A 106 14.61 9.71 13.11
CA ALA A 106 15.58 10.50 12.37
C ALA A 106 16.55 11.19 13.36
N GLU A 107 17.82 11.24 12.98
CA GLU A 107 18.93 11.77 13.81
C GLU A 107 18.85 13.30 13.99
N LYS A 108 18.42 14.03 12.96
CA LYS A 108 18.36 15.51 12.89
C LYS A 108 16.99 16.01 12.43
N MET A 1 17.67 -0.71 -6.43
CA MET A 1 18.70 -0.89 -7.49
C MET A 1 18.06 -1.52 -8.74
N ALA A 2 17.67 -2.80 -8.70
CA ALA A 2 16.79 -3.40 -9.70
C ALA A 2 15.31 -3.10 -9.37
N GLU A 3 14.53 -2.68 -10.36
CA GLU A 3 13.15 -2.17 -10.19
C GLU A 3 12.14 -2.91 -11.08
N SER A 4 10.86 -2.89 -10.70
CA SER A 4 9.74 -3.48 -11.46
C SER A 4 8.46 -2.67 -11.30
N SER A 5 7.75 -2.43 -12.41
CA SER A 5 6.65 -1.44 -12.50
C SER A 5 5.43 -1.90 -13.30
N ASP A 6 5.28 -3.21 -13.50
CA ASP A 6 4.25 -3.81 -14.35
C ASP A 6 3.03 -4.35 -13.57
N LYS A 7 2.82 -3.86 -12.34
CA LYS A 7 1.77 -4.27 -11.40
C LYS A 7 1.30 -3.06 -10.59
N LEU A 8 0.07 -2.65 -10.87
CA LEU A 8 -0.49 -1.36 -10.51
C LEU A 8 -0.86 -1.20 -9.03
N TYR A 9 -0.83 -2.28 -8.23
CA TYR A 9 -1.03 -2.27 -6.79
C TYR A 9 0.16 -2.92 -6.08
N ARG A 10 0.41 -2.48 -4.85
CA ARG A 10 1.53 -2.89 -4.00
C ARG A 10 1.02 -3.05 -2.56
N VAL A 11 1.54 -4.01 -1.81
CA VAL A 11 1.31 -4.19 -0.36
C VAL A 11 2.59 -4.68 0.33
N GLU A 12 2.87 -4.23 1.55
CA GLU A 12 4.01 -4.73 2.34
C GLU A 12 3.87 -4.46 3.85
N TYR A 13 4.57 -5.28 4.62
CA TYR A 13 5.01 -4.92 5.96
C TYR A 13 6.15 -3.90 5.87
N ALA A 14 6.01 -2.78 6.58
CA ALA A 14 6.94 -1.65 6.53
C ALA A 14 8.29 -1.99 7.18
N LYS A 15 9.35 -2.14 6.36
CA LYS A 15 10.73 -2.39 6.82
C LYS A 15 11.37 -1.16 7.51
N SER A 16 10.97 0.04 7.10
CA SER A 16 11.32 1.32 7.72
C SER A 16 10.23 2.38 7.44
N GLY A 17 10.13 3.41 8.28
CA GLY A 17 9.08 4.44 8.26
C GLY A 17 9.25 5.55 7.21
N ARG A 18 9.72 5.21 6.00
CA ARG A 18 10.11 6.18 4.96
C ARG A 18 8.95 6.71 4.10
N ALA A 19 7.82 6.00 4.07
CA ALA A 19 6.67 6.31 3.22
C ALA A 19 5.68 7.27 3.91
N SER A 20 4.99 8.09 3.10
CA SER A 20 4.02 9.11 3.54
C SER A 20 2.70 8.97 2.78
N CYS A 21 1.58 9.13 3.49
CA CYS A 21 0.24 8.87 2.97
C CYS A 21 -0.24 9.95 2.00
N LYS A 22 -0.93 9.52 0.95
CA LYS A 22 -1.42 10.37 -0.15
C LYS A 22 -2.92 10.67 -0.05
N LYS A 23 -3.62 10.05 0.90
CA LYS A 23 -5.08 10.16 1.10
C LYS A 23 -5.45 10.87 2.41
N CYS A 24 -4.82 10.50 3.53
CA CYS A 24 -5.04 11.15 4.83
C CYS A 24 -3.89 12.10 5.26
N SER A 25 -2.85 12.24 4.44
CA SER A 25 -1.72 13.17 4.60
C SER A 25 -0.91 13.01 5.90
N GLU A 26 -0.94 11.81 6.49
CA GLU A 26 -0.13 11.38 7.63
C GLU A 26 1.10 10.58 7.15
N SER A 27 1.83 9.91 8.06
CA SER A 27 3.04 9.14 7.76
C SER A 27 2.90 7.68 8.15
N ILE A 28 3.62 6.81 7.46
CA ILE A 28 3.38 5.35 7.45
C ILE A 28 4.55 4.61 8.14
N PRO A 29 4.40 4.20 9.42
CA PRO A 29 5.50 3.77 10.27
C PRO A 29 5.99 2.33 9.99
N LYS A 30 7.23 2.06 10.42
CA LYS A 30 7.83 0.72 10.50
C LYS A 30 6.95 -0.28 11.28
N ASP A 31 7.03 -1.56 10.91
CA ASP A 31 6.27 -2.67 11.53
C ASP A 31 4.74 -2.47 11.52
N SER A 32 4.24 -1.93 10.40
CA SER A 32 2.81 -1.76 10.07
C SER A 32 2.55 -2.15 8.60
N LEU A 33 1.28 -2.32 8.21
CA LEU A 33 0.88 -2.72 6.86
C LEU A 33 0.58 -1.48 6.00
N ARG A 34 1.16 -1.43 4.80
CA ARG A 34 1.00 -0.34 3.83
C ARG A 34 0.69 -0.88 2.44
N MET A 35 0.08 -0.03 1.60
CA MET A 35 -0.22 -0.30 0.19
C MET A 35 0.29 0.83 -0.71
N ALA A 36 0.49 0.57 -2.00
CA ALA A 36 0.97 1.56 -2.97
C ALA A 36 0.33 1.36 -4.35
N ILE A 37 0.47 2.36 -5.23
CA ILE A 37 -0.07 2.35 -6.59
C ILE A 37 1.00 2.80 -7.59
N MET A 38 1.08 2.16 -8.77
CA MET A 38 1.98 2.63 -9.84
C MET A 38 1.34 3.78 -10.65
N VAL A 39 2.08 4.88 -10.81
CA VAL A 39 1.74 5.98 -11.72
C VAL A 39 2.98 6.56 -12.39
N GLN A 40 2.84 7.05 -13.63
CA GLN A 40 3.87 7.78 -14.36
C GLN A 40 4.08 9.19 -13.75
N SER A 41 5.32 9.54 -13.42
CA SER A 41 5.61 10.72 -12.59
C SER A 41 5.64 12.04 -13.37
N PRO A 42 5.05 13.11 -12.81
CA PRO A 42 5.29 14.48 -13.27
C PRO A 42 6.71 15.01 -12.94
N MET A 43 7.42 14.38 -12.00
CA MET A 43 8.71 14.86 -11.45
C MET A 43 9.92 13.95 -11.79
N PHE A 44 9.67 12.68 -12.12
CA PHE A 44 10.68 11.65 -12.41
C PHE A 44 10.50 11.04 -13.81
N ASP A 45 11.58 10.47 -14.36
CA ASP A 45 11.67 9.94 -15.73
C ASP A 45 11.23 8.46 -15.80
N GLY A 46 10.04 8.16 -15.27
CA GLY A 46 9.51 6.79 -15.16
C GLY A 46 8.29 6.70 -14.24
N LYS A 47 8.07 5.49 -13.71
CA LYS A 47 6.93 5.11 -12.87
C LYS A 47 7.34 5.17 -11.39
N VAL A 48 6.43 5.67 -10.54
CA VAL A 48 6.66 5.88 -9.09
C VAL A 48 5.52 5.32 -8.24
N PRO A 49 5.80 4.79 -7.04
CA PRO A 49 4.77 4.26 -6.13
C PRO A 49 4.11 5.37 -5.30
N HIS A 50 2.78 5.40 -5.27
CA HIS A 50 2.00 6.26 -4.36
C HIS A 50 1.60 5.45 -3.14
N TRP A 51 2.33 5.58 -2.03
CA TRP A 51 2.09 4.82 -0.80
C TRP A 51 0.91 5.41 0.00
N TYR A 52 0.14 4.53 0.63
CA TYR A 52 -0.88 4.88 1.61
C TYR A 52 -0.88 3.83 2.74
N HIS A 53 -1.52 4.13 3.87
CA HIS A 53 -1.87 3.11 4.88
C HIS A 53 -2.74 2.01 4.25
N PHE A 54 -2.77 0.81 4.86
CA PHE A 54 -3.58 -0.31 4.34
C PHE A 54 -5.05 0.10 4.10
N SER A 55 -5.68 0.82 5.03
CA SER A 55 -7.09 1.21 4.93
C SER A 55 -7.30 2.36 3.94
N CYS A 56 -6.34 3.28 3.85
CA CYS A 56 -6.38 4.45 2.98
C CYS A 56 -6.47 4.11 1.48
N PHE A 57 -5.82 3.03 1.04
CA PHE A 57 -5.95 2.48 -0.31
C PHE A 57 -7.43 2.26 -0.69
N TRP A 58 -8.22 1.69 0.23
CA TRP A 58 -9.65 1.42 0.02
C TRP A 58 -10.51 2.69 0.19
N LYS A 59 -10.02 3.71 0.91
CA LYS A 59 -10.64 5.05 0.98
C LYS A 59 -10.48 5.82 -0.35
N VAL A 60 -9.50 5.47 -1.18
CA VAL A 60 -9.40 5.98 -2.58
C VAL A 60 -10.45 5.33 -3.51
N GLY A 61 -11.05 4.20 -3.10
CA GLY A 61 -12.18 3.57 -3.77
C GLY A 61 -11.81 2.51 -4.82
N HIS A 62 -10.58 2.01 -4.82
CA HIS A 62 -10.16 0.89 -5.68
C HIS A 62 -10.76 -0.45 -5.22
N SER A 63 -11.07 -1.31 -6.20
CA SER A 63 -11.49 -2.70 -6.00
C SER A 63 -10.63 -3.61 -6.87
N ILE A 64 -10.05 -4.65 -6.26
CA ILE A 64 -8.99 -5.49 -6.82
C ILE A 64 -9.61 -6.84 -7.17
N ARG A 65 -9.38 -7.30 -8.41
CA ARG A 65 -10.17 -8.35 -9.06
C ARG A 65 -9.41 -9.67 -9.26
N HIS A 66 -8.07 -9.62 -9.17
CA HIS A 66 -7.19 -10.79 -9.03
C HIS A 66 -5.99 -10.42 -8.13
N PRO A 67 -6.21 -10.22 -6.81
CA PRO A 67 -5.25 -9.55 -5.93
C PRO A 67 -3.91 -10.26 -5.76
N ASP A 68 -3.85 -11.59 -5.87
CA ASP A 68 -2.59 -12.34 -5.83
C ASP A 68 -1.70 -12.07 -7.06
N VAL A 69 -2.30 -11.55 -8.14
CA VAL A 69 -1.63 -11.18 -9.39
C VAL A 69 -1.35 -9.67 -9.43
N GLU A 70 -2.29 -8.85 -8.96
CA GLU A 70 -2.24 -7.38 -9.08
C GLU A 70 -1.51 -6.68 -7.95
N VAL A 71 -1.59 -7.23 -6.73
CA VAL A 71 -0.94 -6.68 -5.53
C VAL A 71 0.44 -7.30 -5.38
N ASP A 72 1.43 -6.57 -5.85
CA ASP A 72 2.84 -6.88 -5.66
C ASP A 72 3.23 -6.77 -4.18
N GLY A 73 4.13 -7.65 -3.73
CA GLY A 73 4.59 -7.71 -2.33
C GLY A 73 3.66 -8.46 -1.38
N PHE A 74 2.50 -8.92 -1.85
CA PHE A 74 1.60 -9.85 -1.16
C PHE A 74 2.30 -11.17 -0.77
N SER A 75 3.33 -11.56 -1.52
CA SER A 75 4.26 -12.66 -1.18
C SER A 75 5.13 -12.41 0.05
N GLU A 76 5.32 -11.15 0.46
CA GLU A 76 6.14 -10.76 1.62
C GLU A 76 5.33 -10.72 2.94
N LEU A 77 4.00 -10.74 2.85
CA LEU A 77 3.06 -10.87 3.98
C LEU A 77 3.09 -12.29 4.59
N ARG A 78 2.38 -12.49 5.71
CA ARG A 78 2.04 -13.83 6.25
C ARG A 78 0.56 -14.16 6.08
N TRP A 79 0.24 -15.42 6.30
CA TRP A 79 -1.00 -16.05 5.82
C TRP A 79 -2.27 -15.31 6.27
N ASP A 80 -2.30 -14.77 7.50
CA ASP A 80 -3.47 -14.07 8.06
C ASP A 80 -3.77 -12.73 7.37
N ASP A 81 -2.74 -12.02 6.90
CA ASP A 81 -2.91 -10.80 6.11
C ASP A 81 -3.15 -11.13 4.63
N GLN A 82 -2.59 -12.25 4.13
CA GLN A 82 -2.99 -12.78 2.83
C GLN A 82 -4.50 -13.15 2.81
N GLN A 83 -5.08 -13.61 3.93
CA GLN A 83 -6.52 -13.81 4.03
C GLN A 83 -7.29 -12.48 4.05
N LYS A 84 -6.82 -11.47 4.80
CA LYS A 84 -7.55 -10.22 5.02
C LYS A 84 -7.44 -9.29 3.84
N VAL A 85 -6.32 -9.28 3.13
CA VAL A 85 -6.15 -8.46 1.91
C VAL A 85 -6.99 -9.05 0.77
N LYS A 86 -7.05 -10.39 0.63
CA LYS A 86 -7.97 -11.04 -0.33
C LYS A 86 -9.44 -10.83 0.06
N LYS A 87 -9.79 -10.98 1.35
CA LYS A 87 -11.15 -10.71 1.86
C LYS A 87 -11.55 -9.26 1.65
N THR A 88 -10.65 -8.30 1.88
CA THR A 88 -10.92 -6.87 1.69
C THR A 88 -11.11 -6.50 0.21
N ALA A 89 -10.40 -7.19 -0.70
CA ALA A 89 -10.57 -7.03 -2.14
C ALA A 89 -11.92 -7.62 -2.61
N GLU A 90 -12.32 -8.77 -2.05
CA GLU A 90 -13.64 -9.37 -2.29
C GLU A 90 -14.79 -8.54 -1.68
N ALA A 91 -14.51 -7.86 -0.56
CA ALA A 91 -15.42 -6.95 0.14
C ALA A 91 -15.58 -5.58 -0.57
N GLY A 92 -14.73 -5.27 -1.55
CA GLY A 92 -14.70 -3.97 -2.24
C GLY A 92 -14.22 -2.81 -1.37
N GLY A 93 -13.37 -3.08 -0.38
CA GLY A 93 -12.89 -2.15 0.62
C GLY A 93 -13.28 -2.52 2.06
N VAL A 94 -12.43 -2.11 3.00
CA VAL A 94 -12.56 -2.41 4.44
C VAL A 94 -13.72 -1.64 5.09
N THR A 95 -14.42 -2.28 6.03
CA THR A 95 -15.63 -1.75 6.68
C THR A 95 -15.35 -0.56 7.60
N GLY A 96 -14.31 -0.63 8.43
CA GLY A 96 -13.93 0.46 9.31
C GLY A 96 -13.08 1.54 8.64
N LYS A 97 -13.36 2.81 8.96
CA LYS A 97 -12.64 4.02 8.49
C LYS A 97 -12.01 4.79 9.67
N GLY A 98 -11.00 5.61 9.37
CA GLY A 98 -10.29 6.44 10.35
C GLY A 98 -9.01 7.08 9.79
N GLN A 99 -8.30 7.82 10.63
CA GLN A 99 -7.01 8.47 10.35
C GLN A 99 -6.00 8.16 11.48
N ASP A 100 -4.78 7.76 11.09
CA ASP A 100 -3.68 7.41 12.01
C ASP A 100 -2.32 7.56 11.31
N GLY A 101 -1.23 7.63 12.08
CA GLY A 101 0.15 7.67 11.59
C GLY A 101 1.12 8.39 12.53
N ILE A 102 2.42 8.17 12.34
CA ILE A 102 3.49 8.84 13.10
C ILE A 102 4.75 9.07 12.23
N GLY A 103 5.39 10.22 12.44
CA GLY A 103 6.53 10.73 11.69
C GLY A 103 6.95 12.11 12.23
N SER A 104 7.08 13.11 11.36
CA SER A 104 7.32 14.52 11.77
C SER A 104 6.04 15.17 12.31
N LYS A 105 5.71 14.85 13.57
CA LYS A 105 4.48 15.26 14.29
C LYS A 105 4.75 16.20 15.49
N ALA A 106 6.03 16.47 15.81
CA ALA A 106 6.43 17.35 16.92
C ALA A 106 5.88 18.80 16.78
N GLU A 107 5.74 19.28 15.55
CA GLU A 107 4.91 20.44 15.18
C GLU A 107 4.33 20.24 13.77
N LYS A 108 3.01 20.38 13.62
CA LYS A 108 2.26 20.19 12.36
C LYS A 108 0.98 21.03 12.30
N MET A 1 17.59 3.76 -18.33
CA MET A 1 18.37 3.56 -17.10
C MET A 1 17.63 2.68 -16.09
N ALA A 2 16.47 3.11 -15.60
CA ALA A 2 15.59 2.32 -14.71
C ALA A 2 14.55 1.50 -15.50
N GLU A 3 13.64 0.82 -14.79
CA GLU A 3 12.62 -0.08 -15.35
C GLU A 3 11.20 0.28 -14.87
N SER A 4 10.19 -0.07 -15.66
CA SER A 4 8.76 0.13 -15.35
C SER A 4 8.11 -1.12 -14.74
N SER A 5 7.14 -0.90 -13.84
CA SER A 5 6.31 -1.94 -13.22
C SER A 5 5.13 -2.34 -14.11
N ASP A 6 4.83 -3.64 -14.18
CA ASP A 6 3.74 -4.21 -14.99
C ASP A 6 2.47 -4.54 -14.15
N LYS A 7 2.36 -3.95 -12.96
CA LYS A 7 1.28 -4.02 -11.98
C LYS A 7 0.99 -2.61 -11.51
N LEU A 8 -0.20 -2.42 -10.95
CA LEU A 8 -0.76 -1.12 -10.59
C LEU A 8 -0.91 -0.96 -9.07
N TYR A 9 -0.75 -2.02 -8.29
CA TYR A 9 -0.92 -2.01 -6.83
C TYR A 9 0.26 -2.69 -6.13
N ARG A 10 0.47 -2.33 -4.87
CA ARG A 10 1.56 -2.78 -4.00
C ARG A 10 1.04 -2.95 -2.57
N VAL A 11 1.56 -3.94 -1.83
CA VAL A 11 1.33 -4.17 -0.39
C VAL A 11 2.60 -4.69 0.29
N GLU A 12 2.84 -4.29 1.54
CA GLU A 12 3.97 -4.78 2.33
C GLU A 12 3.84 -4.49 3.83
N TYR A 13 4.59 -5.26 4.60
CA TYR A 13 5.03 -4.87 5.93
C TYR A 13 6.10 -3.78 5.82
N ALA A 14 5.87 -2.64 6.47
CA ALA A 14 6.71 -1.46 6.37
C ALA A 14 8.09 -1.68 7.02
N LYS A 15 9.15 -1.65 6.21
CA LYS A 15 10.54 -1.89 6.67
C LYS A 15 11.23 -0.64 7.24
N SER A 16 10.80 0.56 6.80
CA SER A 16 11.32 1.86 7.24
C SER A 16 10.25 2.95 7.10
N GLY A 17 10.22 3.91 8.03
CA GLY A 17 9.18 4.92 8.21
C GLY A 17 9.26 6.13 7.27
N ARG A 18 9.72 5.95 6.03
CA ARG A 18 9.98 7.02 5.04
C ARG A 18 8.78 7.36 4.16
N ALA A 19 7.78 6.49 4.09
CA ALA A 19 6.57 6.68 3.29
C ALA A 19 5.56 7.62 3.97
N SER A 20 4.86 8.43 3.16
CA SER A 20 3.82 9.37 3.59
C SER A 20 2.49 9.05 2.92
N CYS A 21 1.39 9.17 3.66
CA CYS A 21 0.06 8.78 3.18
C CYS A 21 -0.54 9.85 2.26
N LYS A 22 -0.86 9.45 1.02
CA LYS A 22 -1.41 10.33 -0.02
C LYS A 22 -2.90 10.64 0.16
N LYS A 23 -3.58 9.91 1.05
CA LYS A 23 -5.03 10.00 1.31
C LYS A 23 -5.36 10.85 2.54
N CYS A 24 -4.82 10.51 3.71
CA CYS A 24 -5.09 11.22 4.97
C CYS A 24 -4.00 12.26 5.36
N SER A 25 -2.96 12.40 4.54
CA SER A 25 -1.85 13.37 4.66
C SER A 25 -1.00 13.21 5.94
N GLU A 26 -1.06 12.06 6.59
CA GLU A 26 -0.18 11.67 7.71
C GLU A 26 1.02 10.84 7.22
N SER A 27 1.74 10.15 8.11
CA SER A 27 2.94 9.37 7.80
C SER A 27 2.78 7.91 8.15
N ILE A 28 3.53 7.05 7.46
CA ILE A 28 3.40 5.60 7.54
C ILE A 28 4.67 5.03 8.23
N PRO A 29 4.58 4.59 9.50
CA PRO A 29 5.73 4.10 10.27
C PRO A 29 6.13 2.68 9.86
N LYS A 30 7.36 2.28 10.18
CA LYS A 30 7.77 0.86 10.12
C LYS A 30 6.96 -0.03 11.08
N ASP A 31 6.98 -1.33 10.84
CA ASP A 31 6.17 -2.34 11.56
C ASP A 31 4.65 -2.07 11.46
N SER A 32 4.20 -1.60 10.30
CA SER A 32 2.79 -1.42 9.90
C SER A 32 2.50 -2.22 8.62
N LEU A 33 1.23 -2.37 8.27
CA LEU A 33 0.82 -2.85 6.95
C LEU A 33 0.47 -1.63 6.07
N ARG A 34 1.04 -1.55 4.87
CA ARG A 34 0.87 -0.44 3.94
C ARG A 34 0.67 -0.93 2.50
N MET A 35 0.02 -0.10 1.71
CA MET A 35 -0.25 -0.33 0.29
C MET A 35 0.27 0.84 -0.55
N ALA A 36 0.48 0.62 -1.85
CA ALA A 36 0.93 1.63 -2.79
C ALA A 36 0.27 1.46 -4.16
N ILE A 37 0.36 2.49 -5.00
CA ILE A 37 -0.13 2.49 -6.38
C ILE A 37 1.00 2.84 -7.34
N MET A 38 1.09 2.13 -8.47
CA MET A 38 2.16 2.32 -9.45
C MET A 38 1.72 3.30 -10.54
N VAL A 39 2.24 4.52 -10.51
CA VAL A 39 1.97 5.57 -11.52
C VAL A 39 3.24 5.95 -12.29
N GLN A 40 3.10 6.30 -13.56
CA GLN A 40 4.20 6.76 -14.42
C GLN A 40 4.67 8.17 -14.00
N SER A 41 5.98 8.36 -13.81
CA SER A 41 6.58 9.61 -13.36
C SER A 41 7.12 10.47 -14.51
N PRO A 42 6.93 11.81 -14.45
CA PRO A 42 7.63 12.74 -15.32
C PRO A 42 9.04 13.09 -14.81
N MET A 43 9.37 12.74 -13.55
CA MET A 43 10.68 13.02 -12.92
C MET A 43 11.62 11.81 -12.90
N PHE A 44 11.06 10.60 -12.80
CA PHE A 44 11.78 9.32 -12.72
C PHE A 44 11.60 8.49 -14.02
N ASP A 45 12.58 7.65 -14.33
CA ASP A 45 12.71 6.88 -15.57
C ASP A 45 11.89 5.57 -15.56
N GLY A 46 10.63 5.63 -15.10
CA GLY A 46 9.74 4.48 -14.94
C GLY A 46 8.50 4.80 -14.09
N LYS A 47 8.03 3.79 -13.36
CA LYS A 47 6.83 3.84 -12.49
C LYS A 47 7.25 4.03 -11.03
N VAL A 48 6.47 4.80 -10.27
CA VAL A 48 6.75 5.18 -8.87
C VAL A 48 5.56 4.87 -7.94
N PRO A 49 5.80 4.52 -6.65
CA PRO A 49 4.75 4.18 -5.70
C PRO A 49 4.09 5.41 -5.05
N HIS A 50 2.76 5.44 -5.03
CA HIS A 50 1.95 6.33 -4.18
C HIS A 50 1.50 5.53 -2.96
N TRP A 51 2.17 5.71 -1.82
CA TRP A 51 1.92 4.94 -0.61
C TRP A 51 0.70 5.45 0.16
N TYR A 52 -0.02 4.54 0.79
CA TYR A 52 -1.08 4.84 1.74
C TYR A 52 -1.11 3.77 2.86
N HIS A 53 -1.70 4.08 4.01
CA HIS A 53 -2.02 3.07 5.02
C HIS A 53 -2.90 1.95 4.41
N PHE A 54 -2.88 0.73 4.98
CA PHE A 54 -3.67 -0.40 4.46
C PHE A 54 -5.15 -0.06 4.24
N SER A 55 -5.78 0.63 5.20
CA SER A 55 -7.18 1.06 5.12
C SER A 55 -7.39 2.22 4.14
N CYS A 56 -6.44 3.17 4.11
CA CYS A 56 -6.48 4.35 3.25
C CYS A 56 -6.55 4.01 1.75
N PHE A 57 -5.88 2.95 1.29
CA PHE A 57 -6.00 2.44 -0.08
C PHE A 57 -7.48 2.22 -0.48
N TRP A 58 -8.25 1.57 0.40
CA TRP A 58 -9.67 1.30 0.16
C TRP A 58 -10.56 2.53 0.38
N LYS A 59 -10.08 3.53 1.13
CA LYS A 59 -10.73 4.84 1.30
C LYS A 59 -10.52 5.76 0.07
N VAL A 60 -9.52 5.49 -0.76
CA VAL A 60 -9.39 6.09 -2.12
C VAL A 60 -10.42 5.48 -3.09
N GLY A 61 -10.89 4.25 -2.82
CA GLY A 61 -11.98 3.59 -3.53
C GLY A 61 -11.56 2.64 -4.66
N HIS A 62 -10.28 2.24 -4.72
CA HIS A 62 -9.80 1.26 -5.71
C HIS A 62 -10.32 -0.15 -5.43
N SER A 63 -10.80 -0.81 -6.47
CA SER A 63 -11.16 -2.24 -6.49
C SER A 63 -10.03 -3.09 -7.07
N ILE A 64 -9.99 -4.35 -6.68
CA ILE A 64 -8.96 -5.33 -7.08
C ILE A 64 -9.68 -6.67 -7.36
N ARG A 65 -9.41 -7.29 -8.50
CA ARG A 65 -10.16 -8.46 -9.04
C ARG A 65 -9.34 -9.74 -9.15
N HIS A 66 -8.02 -9.62 -9.20
CA HIS A 66 -7.06 -10.73 -9.05
C HIS A 66 -5.89 -10.28 -8.16
N PRO A 67 -6.13 -10.01 -6.86
CA PRO A 67 -5.19 -9.32 -5.98
C PRO A 67 -3.83 -10.01 -5.81
N ASP A 68 -3.76 -11.34 -5.80
CA ASP A 68 -2.48 -12.08 -5.77
C ASP A 68 -1.65 -11.93 -7.05
N VAL A 69 -2.23 -11.33 -8.11
CA VAL A 69 -1.56 -10.96 -9.36
C VAL A 69 -1.32 -9.44 -9.45
N GLU A 70 -2.29 -8.62 -9.05
CA GLU A 70 -2.26 -7.15 -9.21
C GLU A 70 -1.52 -6.43 -8.07
N VAL A 71 -1.56 -6.98 -6.86
CA VAL A 71 -0.89 -6.46 -5.67
C VAL A 71 0.49 -7.08 -5.56
N ASP A 72 1.49 -6.32 -5.97
CA ASP A 72 2.90 -6.62 -5.80
C ASP A 72 3.31 -6.57 -4.32
N GLY A 73 4.20 -7.46 -3.90
CA GLY A 73 4.66 -7.60 -2.50
C GLY A 73 3.73 -8.44 -1.62
N PHE A 74 2.58 -8.87 -2.14
CA PHE A 74 1.65 -9.82 -1.49
C PHE A 74 2.34 -11.12 -1.06
N SER A 75 3.34 -11.58 -1.82
CA SER A 75 4.16 -12.76 -1.52
C SER A 75 5.02 -12.63 -0.26
N GLU A 76 5.25 -11.41 0.25
CA GLU A 76 6.02 -11.14 1.47
C GLU A 76 5.15 -11.12 2.74
N LEU A 77 3.83 -11.08 2.60
CA LEU A 77 2.86 -11.15 3.70
C LEU A 77 2.74 -12.58 4.27
N ARG A 78 2.36 -12.70 5.54
CA ARG A 78 1.92 -13.98 6.14
C ARG A 78 0.50 -14.35 5.70
N TRP A 79 0.16 -15.62 5.87
CA TRP A 79 -1.12 -16.21 5.44
C TRP A 79 -2.34 -15.42 5.95
N ASP A 80 -2.29 -14.88 7.17
CA ASP A 80 -3.41 -14.16 7.77
C ASP A 80 -3.66 -12.77 7.14
N ASP A 81 -2.60 -12.11 6.64
CA ASP A 81 -2.71 -10.86 5.89
C ASP A 81 -3.00 -11.12 4.41
N GLN A 82 -2.48 -12.23 3.84
CA GLN A 82 -2.88 -12.66 2.50
C GLN A 82 -4.38 -12.93 2.40
N GLN A 83 -4.95 -13.72 3.32
CA GLN A 83 -6.39 -14.01 3.32
C GLN A 83 -7.25 -12.77 3.63
N LYS A 84 -6.73 -11.78 4.38
CA LYS A 84 -7.44 -10.55 4.72
C LYS A 84 -7.34 -9.52 3.61
N VAL A 85 -6.21 -9.39 2.91
CA VAL A 85 -6.09 -8.53 1.71
C VAL A 85 -6.98 -9.08 0.60
N LYS A 86 -7.00 -10.41 0.37
CA LYS A 86 -7.91 -11.05 -0.61
C LYS A 86 -9.38 -10.93 -0.20
N LYS A 87 -9.71 -11.11 1.09
CA LYS A 87 -11.09 -10.90 1.61
C LYS A 87 -11.50 -9.43 1.48
N THR A 88 -10.61 -8.48 1.76
CA THR A 88 -10.86 -7.04 1.67
C THR A 88 -11.07 -6.58 0.23
N ALA A 89 -10.39 -7.20 -0.74
CA ALA A 89 -10.61 -6.96 -2.17
C ALA A 89 -11.98 -7.49 -2.63
N GLU A 90 -12.39 -8.66 -2.12
CA GLU A 90 -13.71 -9.23 -2.38
C GLU A 90 -14.84 -8.45 -1.68
N ALA A 91 -14.56 -7.90 -0.50
CA ALA A 91 -15.45 -7.08 0.32
C ALA A 91 -15.59 -5.62 -0.17
N GLY A 92 -14.69 -5.17 -1.06
CA GLY A 92 -14.65 -3.80 -1.57
C GLY A 92 -14.13 -2.75 -0.57
N GLY A 93 -13.29 -3.16 0.38
CA GLY A 93 -12.68 -2.30 1.40
C GLY A 93 -13.07 -2.64 2.85
N VAL A 94 -12.14 -2.34 3.76
CA VAL A 94 -12.30 -2.46 5.22
C VAL A 94 -11.52 -1.36 5.97
N THR A 95 -11.94 -1.05 7.20
CA THR A 95 -11.28 -0.11 8.12
C THR A 95 -11.16 -0.72 9.52
N GLY A 96 -10.11 -0.37 10.27
CA GLY A 96 -9.83 -0.95 11.59
C GLY A 96 -8.52 -0.47 12.23
N LYS A 97 -8.00 -1.25 13.17
CA LYS A 97 -6.77 -0.97 13.95
C LYS A 97 -5.52 -0.93 13.05
N GLY A 98 -4.56 -0.06 13.41
CA GLY A 98 -3.25 0.06 12.76
C GLY A 98 -2.28 0.95 13.56
N GLN A 99 -1.08 1.17 13.01
CA GLN A 99 -0.06 2.05 13.60
C GLN A 99 -0.37 3.54 13.35
N ASP A 100 0.34 4.43 14.05
CA ASP A 100 0.21 5.89 13.98
C ASP A 100 1.58 6.58 13.77
N GLY A 101 1.61 7.65 12.96
CA GLY A 101 2.82 8.43 12.68
C GLY A 101 2.55 9.75 11.95
N ILE A 102 3.37 10.76 12.24
CA ILE A 102 3.32 12.11 11.65
C ILE A 102 4.72 12.75 11.63
N GLY A 103 4.97 13.67 10.69
CA GLY A 103 6.22 14.43 10.62
C GLY A 103 6.42 15.38 11.80
N SER A 104 7.66 15.57 12.25
CA SER A 104 8.02 16.36 13.44
C SER A 104 7.72 17.87 13.33
N LYS A 105 7.51 18.38 12.11
CA LYS A 105 7.09 19.77 11.82
C LYS A 105 5.66 20.08 12.29
N ALA A 106 4.81 19.08 12.49
CA ALA A 106 3.42 19.21 12.92
C ALA A 106 3.25 19.48 14.44
N GLU A 107 4.04 20.40 14.99
CA GLU A 107 4.00 20.81 16.39
C GLU A 107 2.89 21.86 16.67
N LYS A 108 2.21 21.70 17.82
CA LYS A 108 1.12 22.57 18.33
C LYS A 108 0.01 22.86 17.30
N MET A 1 15.54 -6.05 -18.97
CA MET A 1 15.75 -6.13 -17.49
C MET A 1 14.48 -6.57 -16.78
N ALA A 2 14.60 -7.19 -15.61
CA ALA A 2 13.46 -7.57 -14.77
C ALA A 2 12.76 -6.36 -14.11
N GLU A 3 11.48 -6.50 -13.78
CA GLU A 3 10.64 -5.43 -13.20
C GLU A 3 9.57 -5.99 -12.24
N SER A 4 9.26 -5.23 -11.19
CA SER A 4 8.29 -5.57 -10.13
C SER A 4 7.29 -4.43 -9.82
N SER A 5 7.51 -3.23 -10.38
CA SER A 5 6.71 -2.01 -10.16
C SER A 5 5.92 -1.58 -11.40
N ASP A 6 5.81 -2.42 -12.43
CA ASP A 6 4.92 -2.19 -13.58
C ASP A 6 3.53 -2.85 -13.39
N LYS A 7 3.15 -3.05 -12.13
CA LYS A 7 1.79 -3.36 -11.68
C LYS A 7 0.88 -2.13 -11.79
N LEU A 8 -0.31 -2.23 -11.19
CA LEU A 8 -1.10 -1.12 -10.69
C LEU A 8 -1.00 -0.95 -9.18
N TYR A 9 -0.71 -2.02 -8.43
CA TYR A 9 -0.92 -2.11 -6.99
C TYR A 9 0.29 -2.75 -6.31
N ARG A 10 0.50 -2.43 -5.04
CA ARG A 10 1.66 -2.80 -4.22
C ARG A 10 1.22 -2.95 -2.77
N VAL A 11 1.79 -3.90 -2.03
CA VAL A 11 1.60 -4.08 -0.58
C VAL A 11 2.92 -4.46 0.08
N GLU A 12 3.15 -4.05 1.33
CA GLU A 12 4.26 -4.59 2.12
C GLU A 12 4.03 -4.51 3.63
N TYR A 13 4.75 -5.36 4.37
CA TYR A 13 5.18 -5.01 5.72
C TYR A 13 6.28 -3.93 5.61
N ALA A 14 6.12 -2.83 6.36
CA ALA A 14 6.95 -1.64 6.26
C ALA A 14 8.33 -1.78 6.92
N LYS A 15 9.41 -1.45 6.18
CA LYS A 15 10.82 -1.58 6.63
C LYS A 15 11.32 -0.34 7.38
N SER A 16 10.92 0.84 6.89
CA SER A 16 11.31 2.16 7.37
C SER A 16 10.13 3.14 7.27
N GLY A 17 9.98 4.05 8.22
CA GLY A 17 8.83 4.96 8.34
C GLY A 17 8.86 6.21 7.45
N ARG A 18 9.51 6.13 6.28
CA ARG A 18 9.73 7.27 5.35
C ARG A 18 8.58 7.53 4.37
N ALA A 19 7.68 6.56 4.16
CA ALA A 19 6.52 6.72 3.29
C ALA A 19 5.43 7.62 3.93
N SER A 20 4.71 8.38 3.12
CA SER A 20 3.69 9.34 3.56
C SER A 20 2.36 9.09 2.86
N CYS A 21 1.28 9.09 3.64
CA CYS A 21 -0.05 8.68 3.22
C CYS A 21 -0.71 9.75 2.35
N LYS A 22 -1.00 9.41 1.09
CA LYS A 22 -1.58 10.32 0.10
C LYS A 22 -3.08 10.60 0.32
N LYS A 23 -3.72 9.86 1.25
CA LYS A 23 -5.16 9.94 1.57
C LYS A 23 -5.43 10.77 2.83
N CYS A 24 -4.78 10.45 3.96
CA CYS A 24 -4.99 11.14 5.24
C CYS A 24 -3.86 12.14 5.64
N SER A 25 -2.83 12.27 4.80
CA SER A 25 -1.70 13.22 4.93
C SER A 25 -0.81 13.04 6.18
N GLU A 26 -0.91 11.89 6.85
CA GLU A 26 0.02 11.45 7.90
C GLU A 26 1.22 10.70 7.27
N SER A 27 2.13 10.15 8.08
CA SER A 27 3.23 9.29 7.62
C SER A 27 3.16 7.88 8.22
N ILE A 28 3.62 6.89 7.47
CA ILE A 28 3.29 5.48 7.64
C ILE A 28 4.45 4.74 8.34
N PRO A 29 4.31 4.30 9.61
CA PRO A 29 5.41 3.73 10.40
C PRO A 29 5.86 2.35 9.92
N LYS A 30 7.10 1.98 10.27
CA LYS A 30 7.64 0.61 10.08
C LYS A 30 6.98 -0.42 11.00
N ASP A 31 7.17 -1.71 10.69
CA ASP A 31 6.53 -2.85 11.36
C ASP A 31 4.99 -2.77 11.36
N SER A 32 4.42 -2.29 10.25
CA SER A 32 3.00 -2.14 9.97
C SER A 32 2.68 -2.46 8.50
N LEU A 33 1.41 -2.61 8.13
CA LEU A 33 0.96 -2.96 6.79
C LEU A 33 0.63 -1.70 5.98
N ARG A 34 1.16 -1.59 4.76
CA ARG A 34 0.98 -0.45 3.85
C ARG A 34 0.76 -0.92 2.41
N MET A 35 0.11 -0.10 1.60
CA MET A 35 -0.21 -0.37 0.19
C MET A 35 0.09 0.85 -0.69
N ALA A 36 0.42 0.61 -1.95
CA ALA A 36 0.77 1.65 -2.92
C ALA A 36 0.09 1.46 -4.28
N ILE A 37 -0.01 2.54 -5.05
CA ILE A 37 -0.50 2.53 -6.43
C ILE A 37 0.61 2.93 -7.39
N MET A 38 0.67 2.26 -8.54
CA MET A 38 1.74 2.41 -9.52
C MET A 38 1.32 3.34 -10.65
N VAL A 39 1.82 4.57 -10.62
CA VAL A 39 1.55 5.60 -11.64
C VAL A 39 2.79 5.91 -12.48
N GLN A 40 2.60 6.10 -13.78
CA GLN A 40 3.64 6.54 -14.72
C GLN A 40 4.03 8.00 -14.44
N SER A 41 5.30 8.23 -14.09
CA SER A 41 5.75 9.53 -13.59
C SER A 41 6.00 10.56 -14.70
N PRO A 42 5.70 11.84 -14.43
CA PRO A 42 6.17 12.94 -15.26
C PRO A 42 7.64 13.35 -14.97
N MET A 43 8.26 12.84 -13.89
CA MET A 43 9.64 13.17 -13.49
C MET A 43 10.63 12.00 -13.49
N PHE A 44 10.14 10.77 -13.35
CA PHE A 44 10.91 9.53 -13.37
C PHE A 44 10.65 8.72 -14.66
N ASP A 45 11.64 7.96 -15.10
CA ASP A 45 11.63 7.22 -16.37
C ASP A 45 10.94 5.83 -16.26
N GLY A 46 9.77 5.80 -15.62
CA GLY A 46 9.01 4.58 -15.33
C GLY A 46 7.84 4.83 -14.37
N LYS A 47 7.49 3.80 -13.61
CA LYS A 47 6.35 3.74 -12.69
C LYS A 47 6.80 3.97 -11.24
N VAL A 48 6.03 4.75 -10.47
CA VAL A 48 6.36 5.15 -9.09
C VAL A 48 5.19 4.90 -8.12
N PRO A 49 5.46 4.58 -6.83
CA PRO A 49 4.42 4.25 -5.86
C PRO A 49 3.79 5.48 -5.18
N HIS A 50 2.46 5.49 -5.08
CA HIS A 50 1.69 6.35 -4.18
C HIS A 50 1.31 5.53 -2.95
N TRP A 51 2.07 5.65 -1.86
CA TRP A 51 1.86 4.87 -0.64
C TRP A 51 0.72 5.45 0.21
N TYR A 52 -0.07 4.55 0.80
CA TYR A 52 -1.09 4.86 1.79
C TYR A 52 -1.06 3.80 2.91
N HIS A 53 -1.68 4.08 4.06
CA HIS A 53 -1.98 3.03 5.05
C HIS A 53 -2.82 1.92 4.41
N PHE A 54 -2.81 0.70 4.97
CA PHE A 54 -3.59 -0.42 4.44
C PHE A 54 -5.09 -0.07 4.25
N SER A 55 -5.72 0.60 5.23
CA SER A 55 -7.13 0.97 5.16
C SER A 55 -7.36 2.15 4.21
N CYS A 56 -6.46 3.13 4.22
CA CYS A 56 -6.49 4.32 3.37
C CYS A 56 -6.48 4.00 1.87
N PHE A 57 -5.77 2.95 1.46
CA PHE A 57 -5.78 2.42 0.09
C PHE A 57 -7.20 2.13 -0.40
N TRP A 58 -8.03 1.49 0.42
CA TRP A 58 -9.43 1.18 0.10
C TRP A 58 -10.34 2.40 0.26
N LYS A 59 -9.96 3.41 1.06
CA LYS A 59 -10.58 4.75 1.09
C LYS A 59 -10.37 5.54 -0.22
N VAL A 60 -9.40 5.16 -1.07
CA VAL A 60 -9.30 5.65 -2.47
C VAL A 60 -10.45 5.11 -3.35
N GLY A 61 -11.13 4.04 -2.94
CA GLY A 61 -12.32 3.48 -3.61
C GLY A 61 -12.03 2.39 -4.66
N HIS A 62 -10.81 1.84 -4.69
CA HIS A 62 -10.44 0.71 -5.56
C HIS A 62 -10.98 -0.63 -5.05
N SER A 63 -11.21 -1.57 -5.96
CA SER A 63 -11.41 -3.00 -5.69
C SER A 63 -10.55 -3.84 -6.65
N ILE A 64 -9.96 -4.93 -6.15
CA ILE A 64 -8.85 -5.64 -6.83
C ILE A 64 -9.30 -7.06 -7.16
N ARG A 65 -9.25 -7.40 -8.46
CA ARG A 65 -9.92 -8.56 -9.08
C ARG A 65 -9.03 -9.82 -9.19
N HIS A 66 -7.71 -9.64 -9.14
CA HIS A 66 -6.71 -10.72 -9.06
C HIS A 66 -5.51 -10.28 -8.20
N PRO A 67 -5.69 -10.15 -6.87
CA PRO A 67 -4.73 -9.48 -6.00
C PRO A 67 -3.37 -10.18 -5.90
N ASP A 68 -3.30 -11.50 -5.95
CA ASP A 68 -1.99 -12.20 -5.94
C ASP A 68 -1.23 -12.07 -7.28
N VAL A 69 -1.88 -11.53 -8.32
CA VAL A 69 -1.29 -11.23 -9.63
C VAL A 69 -0.84 -9.76 -9.71
N GLU A 70 -1.67 -8.83 -9.23
CA GLU A 70 -1.47 -7.38 -9.41
C GLU A 70 -1.04 -6.58 -8.17
N VAL A 71 -1.21 -7.10 -6.96
CA VAL A 71 -0.58 -6.54 -5.74
C VAL A 71 0.81 -7.17 -5.56
N ASP A 72 1.85 -6.48 -6.03
CA ASP A 72 3.23 -6.90 -5.76
C ASP A 72 3.57 -6.75 -4.27
N GLY A 73 4.37 -7.68 -3.73
CA GLY A 73 4.80 -7.72 -2.33
C GLY A 73 3.86 -8.51 -1.40
N PHE A 74 2.71 -8.96 -1.91
CA PHE A 74 1.76 -9.86 -1.23
C PHE A 74 2.40 -11.16 -0.75
N SER A 75 3.44 -11.63 -1.44
CA SER A 75 4.24 -12.81 -1.07
C SER A 75 5.04 -12.64 0.24
N GLU A 76 5.21 -11.41 0.75
CA GLU A 76 5.89 -11.14 2.03
C GLU A 76 4.95 -11.25 3.26
N LEU A 77 3.63 -11.26 3.04
CA LEU A 77 2.60 -11.28 4.08
C LEU A 77 2.36 -12.71 4.63
N ARG A 78 1.94 -12.83 5.89
CA ARG A 78 1.44 -14.08 6.48
C ARG A 78 0.08 -14.46 5.91
N TRP A 79 -0.29 -15.73 6.06
CA TRP A 79 -1.55 -16.28 5.54
C TRP A 79 -2.79 -15.48 6.01
N ASP A 80 -2.86 -15.10 7.29
CA ASP A 80 -3.98 -14.32 7.83
C ASP A 80 -4.11 -12.91 7.24
N ASP A 81 -2.99 -12.31 6.81
CA ASP A 81 -2.92 -10.99 6.19
C ASP A 81 -3.18 -11.08 4.70
N GLN A 82 -2.67 -12.12 4.02
CA GLN A 82 -3.06 -12.47 2.65
C GLN A 82 -4.57 -12.70 2.52
N GLN A 83 -5.18 -13.46 3.43
CA GLN A 83 -6.63 -13.70 3.46
C GLN A 83 -7.44 -12.41 3.71
N LYS A 84 -6.91 -11.46 4.48
CA LYS A 84 -7.53 -10.18 4.81
C LYS A 84 -7.37 -9.18 3.67
N VAL A 85 -6.22 -9.17 2.99
CA VAL A 85 -6.02 -8.37 1.75
C VAL A 85 -6.92 -8.91 0.64
N LYS A 86 -6.99 -10.24 0.45
CA LYS A 86 -7.91 -10.86 -0.52
C LYS A 86 -9.38 -10.59 -0.19
N LYS A 87 -9.80 -10.71 1.07
CA LYS A 87 -11.17 -10.38 1.49
C LYS A 87 -11.47 -8.91 1.27
N THR A 88 -10.53 -8.02 1.61
CA THR A 88 -10.69 -6.57 1.44
C THR A 88 -10.69 -6.14 -0.04
N ALA A 89 -9.96 -6.87 -0.89
CA ALA A 89 -9.92 -6.68 -2.34
C ALA A 89 -11.25 -7.06 -3.00
N GLU A 90 -11.92 -8.10 -2.48
CA GLU A 90 -13.28 -8.45 -2.88
C GLU A 90 -14.33 -7.47 -2.31
N ALA A 91 -14.11 -6.99 -1.09
CA ALA A 91 -15.01 -6.09 -0.37
C ALA A 91 -14.99 -4.64 -0.86
N GLY A 92 -13.85 -4.18 -1.42
CA GLY A 92 -13.62 -2.78 -1.83
C GLY A 92 -13.53 -1.78 -0.65
N GLY A 93 -13.25 -2.28 0.55
CA GLY A 93 -13.31 -1.52 1.81
C GLY A 93 -13.17 -2.42 3.02
N VAL A 94 -12.36 -2.00 4.00
CA VAL A 94 -12.18 -2.69 5.30
C VAL A 94 -13.12 -2.12 6.37
N THR A 95 -13.57 -2.98 7.29
CA THR A 95 -14.42 -2.60 8.43
C THR A 95 -13.61 -2.05 9.61
N GLY A 96 -14.24 -1.25 10.47
CA GLY A 96 -13.58 -0.59 11.61
C GLY A 96 -12.82 0.70 11.22
N LYS A 97 -12.22 1.36 12.23
CA LYS A 97 -11.48 2.62 12.12
C LYS A 97 -10.35 2.70 13.18
N GLY A 98 -9.22 3.30 12.81
CA GLY A 98 -8.09 3.53 13.71
C GLY A 98 -6.83 4.09 13.01
N GLN A 99 -5.90 4.63 13.81
CA GLN A 99 -4.58 5.12 13.37
C GLN A 99 -3.58 4.97 14.53
N ASP A 100 -2.32 4.65 14.23
CA ASP A 100 -1.23 4.53 15.20
C ASP A 100 0.14 4.83 14.56
N GLY A 101 0.97 5.63 15.23
CA GLY A 101 2.27 6.11 14.73
C GLY A 101 2.17 7.21 13.67
N ILE A 102 3.32 7.80 13.31
CA ILE A 102 3.43 8.95 12.39
C ILE A 102 4.73 8.89 11.56
N GLY A 103 5.08 7.70 11.09
CA GLY A 103 6.34 7.47 10.38
C GLY A 103 7.56 7.41 11.31
N SER A 104 8.75 7.60 10.74
CA SER A 104 10.02 7.67 11.49
C SER A 104 10.12 8.96 12.34
N LYS A 105 10.80 8.86 13.49
CA LYS A 105 10.96 9.94 14.48
C LYS A 105 12.37 9.98 15.10
N ALA A 106 12.72 11.11 15.70
CA ALA A 106 13.99 11.34 16.42
C ALA A 106 13.82 11.25 17.96
N GLU A 107 12.73 10.67 18.45
CA GLU A 107 12.35 10.58 19.86
C GLU A 107 11.98 9.14 20.27
N LYS A 108 11.88 8.89 21.59
CA LYS A 108 11.48 7.61 22.20
C LYS A 108 10.06 7.18 21.81
#